data_5HYN
#
_entry.id   5HYN
#
_cell.length_a   131.640
_cell.length_b   171.510
_cell.length_c   274.550
_cell.angle_alpha   90.00
_cell.angle_beta   90.00
_cell.angle_gamma   90.00
#
_symmetry.space_group_name_H-M   'P 21 21 21'
#
loop_
_entity.id
_entity.type
_entity.pdbx_description
1 polymer 'Histone-lysine N-methyltransferase EZH2'
2 polymer 'Polycomb protein EED'
3 polymer 'Polycomb protein SUZ12'
4 polymer H3K27M
5 polymer 'JARID2 K116me3'
6 non-polymer 'ZINC ION'
7 non-polymer S-ADENOSYL-L-HOMOCYSTEINE
#
loop_
_entity_poly.entity_id
_entity_poly.type
_entity_poly.pdbx_seq_one_letter_code
_entity_poly.pdbx_strand_id
1 'polypeptide(L)'
;MGQTGKKSEKGPVCWRKRVKSEYMRLRQLKRFRRADEVKSMFSSNRQKILERTEILNQEWKQRRIQPVHILTSVSSLRGT
RECSVTSDLDFPTQVIPLKTLNAVASVPIMYSWSPLQQNFMVEDETVLHNIPYMGDEVLDQDGTFIEELIKNYDGKVHGD
RECGFINDEIFVELVNALGQYNDDDDDDDGDDPEEREEKQKDLEDHRDDKESRPPRKFPSDKIFEAISSMFPDKGTAEEL
KEKYKELTEQQLPGALPPECTPNIDGPNAKSVQREQSLHSFHTLFCRRCFKYDCFLHPFHATPNTYKRKNTETALDNKPC
GPQCYQHLEGAKEFAAALTAERIKTPPKRPGGRRRGRLPNNSSRPSTPTINVLESKDTDSDREAGTETGGENNDKEEEEK
KDETSSSSEANSRCQTPIKMKPNIEPPENVEWSGAEASMFRVLIGTYYDNFCAIARLIGTKTCRQVYEFRVKESSIIAPA
PAEDVDTPPRKKKRKHRLWAAHCRKIQLKKDGSSNHVYNYQPCDHPRQPCDSSCPCVIAQNFCEKFCQCSSECQNRFPGC
RCKAQCNTKQCPCYLAVRECDPDLCLTCGAADHWDSKNVSCKNCSIQRGSKKHLLLAPSDVAGWGIFIKDPVQKNEFISE
YCGEIISQDEADRRGKVYDKYMCSFLFNLNNDFVVDATRKGNKIRFANHSVNPNCYAKVMMVNGDHRIGIFAKRAIQTGE
ELFFDYRYSQADALKYVGIEREMEIP
;
A,F,K,Q
2 'polypeptide(L)'
;GSKCKYSFKCVNSLKEDHNQPLFGVQFNWHSKEGDPLVFATVGSNRVTLYECHSQGEIRLLQSYVDADADENFYTCAWTY
DSNTSHPLLAVAGSRGIIRIINPITMQCIKHYVGHGNAINELKFHPRDPNLLLSVSKDHALRLWNIQTDTLVAIFGGVEG
HRDEVLSADYDLLGEKIMSCGMDHSLKLWRINSKRMMNAIKESYDYNPNKTNRPFISQKIHFPDFSTRDIHRNYVDCVRW
LGDLILSKSCENAIVCWKPGKMEDDIDKIKPSESNVTILGRFDYSQCDIWYMRFSMDFWQKMLALGNQVGKLYVWDLEVE
DPHKAKCTTLTHHKCGAAIRQTSFSRDSSILIAVCDDASIWRWDRLR
;
B,G,L,R
3 'polypeptide(L)'
;GSSGHNRLYFHSDTCLPLRPQEMEVDSEDEKDPEWLREKTITQIEEFSDVNEGEKEVMKLWNLHVMKHGFIADNQMNHAC
MLFVENYGQKIIKKNLCRNFMLHLVSMHDFNLISIMSIDKAVTKLREMQ
;
C,H,M,S
4 'polypeptide(L)' ATKAARMSAPATG D,I,O,T
5 'polypeptide(L)' RLQAQR(M3L)FAQSQ E,J,P,U
#
loop_
_chem_comp.id
_chem_comp.type
_chem_comp.name
_chem_comp.formula
SAH non-polymer S-ADENOSYL-L-HOMOCYSTEINE 'C14 H20 N6 O5 S'
ZN non-polymer 'ZINC ION' 'Zn 2'
#
# COMPACT_ATOMS: atom_id res chain seq x y z
N LYS A 10 26.93 -42.55 13.01
CA LYS A 10 25.87 -42.74 12.02
C LYS A 10 26.22 -43.83 11.02
N GLY A 11 25.31 -44.76 10.80
CA GLY A 11 25.49 -45.77 9.78
C GLY A 11 24.25 -45.98 8.93
N PRO A 12 24.45 -46.08 7.61
CA PRO A 12 23.30 -46.18 6.69
C PRO A 12 22.40 -47.36 6.99
N VAL A 13 22.99 -48.53 7.27
CA VAL A 13 22.20 -49.68 7.72
C VAL A 13 21.92 -49.61 9.21
N CYS A 14 22.66 -48.80 9.96
CA CYS A 14 22.42 -48.74 11.39
C CYS A 14 21.10 -48.01 11.70
N TRP A 15 20.72 -47.05 10.85
CA TRP A 15 19.43 -46.39 11.03
C TRP A 15 18.28 -47.37 10.80
N ARG A 16 18.32 -48.07 9.66
CA ARG A 16 17.27 -49.05 9.31
C ARG A 16 17.12 -50.12 10.39
N LYS A 17 18.22 -50.76 10.78
CA LYS A 17 18.21 -51.74 11.87
C LYS A 17 17.52 -51.19 13.12
N ARG A 18 17.90 -49.99 13.55
CA ARG A 18 17.26 -49.37 14.71
C ARG A 18 15.80 -49.04 14.40
N VAL A 19 15.53 -48.63 13.15
CA VAL A 19 14.15 -48.35 12.75
C VAL A 19 13.29 -49.61 12.81
N LYS A 20 13.80 -50.71 12.26
CA LYS A 20 13.05 -51.97 12.26
C LYS A 20 12.74 -52.43 13.67
N SER A 21 13.74 -52.39 14.55
CA SER A 21 13.53 -52.81 15.93
C SER A 21 12.55 -51.89 16.63
N GLU A 22 12.68 -50.57 16.40
CA GLU A 22 11.75 -49.61 17.00
C GLU A 22 10.33 -49.87 16.51
N TYR A 23 10.19 -50.18 15.22
CA TYR A 23 8.88 -50.50 14.65
C TYR A 23 8.29 -51.75 15.29
N MET A 24 9.10 -52.79 15.51
CA MET A 24 8.60 -53.99 16.18
C MET A 24 8.17 -53.70 17.61
N ARG A 25 8.94 -52.86 18.32
CA ARG A 25 8.61 -52.54 19.71
C ARG A 25 7.31 -51.76 19.78
N LEU A 26 7.13 -50.77 18.89
CA LEU A 26 5.89 -49.99 18.91
C LEU A 26 4.68 -50.85 18.58
N ARG A 27 4.78 -51.69 17.55
CA ARG A 27 3.66 -52.54 17.17
C ARG A 27 3.26 -53.41 18.33
N GLN A 28 4.23 -53.80 19.15
CA GLN A 28 3.89 -54.68 20.26
C GLN A 28 2.98 -53.91 21.20
N LEU A 29 3.51 -52.89 21.88
CA LEU A 29 2.77 -52.25 22.98
C LEU A 29 1.42 -51.68 22.52
N LYS A 30 1.36 -51.15 21.30
CA LYS A 30 0.09 -50.69 20.76
C LYS A 30 -0.91 -51.83 20.74
N ARG A 31 -0.47 -52.99 20.24
CA ARG A 31 -1.31 -54.19 20.23
C ARG A 31 -1.63 -54.67 21.65
N PHE A 32 -0.64 -54.66 22.57
CA PHE A 32 -0.93 -55.09 23.94
C PHE A 32 -1.94 -54.16 24.55
N ARG A 33 -1.77 -52.87 24.32
CA ARG A 33 -2.81 -51.98 24.81
C ARG A 33 -4.14 -52.13 24.08
N ARG A 34 -4.13 -52.22 22.75
CA ARG A 34 -5.38 -52.35 21.99
C ARG A 34 -6.15 -53.61 22.34
N ALA A 35 -5.45 -54.70 22.71
CA ALA A 35 -6.15 -55.94 23.04
C ALA A 35 -7.30 -55.66 24.01
N ASP A 36 -7.05 -54.79 24.99
CA ASP A 36 -8.10 -54.37 25.91
C ASP A 36 -9.27 -53.76 25.16
N GLU A 37 -8.99 -52.86 24.22
CA GLU A 37 -10.05 -52.22 23.48
C GLU A 37 -10.73 -53.17 22.51
N VAL A 38 -9.94 -53.94 21.75
CA VAL A 38 -10.50 -54.82 20.74
C VAL A 38 -11.37 -55.86 21.40
N LYS A 39 -10.97 -56.34 22.58
CA LYS A 39 -11.80 -57.30 23.29
C LYS A 39 -13.14 -56.66 23.66
N SER A 40 -13.09 -55.39 24.04
CA SER A 40 -14.31 -54.64 24.27
C SER A 40 -15.10 -54.45 22.97
N MET A 41 -14.40 -54.24 21.87
CA MET A 41 -15.10 -54.04 20.61
C MET A 41 -15.67 -55.34 20.08
N PHE A 42 -14.96 -56.45 20.27
CA PHE A 42 -15.48 -57.73 19.79
C PHE A 42 -16.83 -58.05 20.42
N SER A 43 -16.95 -57.85 21.74
CA SER A 43 -18.22 -58.12 22.41
C SER A 43 -19.33 -57.23 21.86
N SER A 44 -19.04 -55.95 21.72
CA SER A 44 -19.97 -55.00 21.13
C SER A 44 -20.40 -55.43 19.74
N ASN A 45 -19.43 -55.86 18.91
CA ASN A 45 -19.74 -56.30 17.56
C ASN A 45 -20.57 -57.58 17.59
N ARG A 46 -20.27 -58.48 18.51
CA ARG A 46 -21.05 -59.70 18.69
C ARG A 46 -22.49 -59.37 19.06
N GLN A 47 -22.68 -58.30 19.84
CA GLN A 47 -24.04 -57.86 20.15
C GLN A 47 -24.77 -57.41 18.89
N LYS A 48 -24.10 -56.63 18.03
CA LYS A 48 -24.71 -56.20 16.77
C LYS A 48 -24.99 -57.39 15.87
N ILE A 49 -24.07 -58.36 15.85
CA ILE A 49 -24.28 -59.57 15.07
C ILE A 49 -25.53 -60.28 15.53
N LEU A 50 -25.66 -60.45 16.85
CA LEU A 50 -26.79 -61.18 17.42
C LEU A 50 -28.12 -60.54 17.03
N GLU A 51 -28.22 -59.23 17.20
CA GLU A 51 -29.47 -58.54 16.89
C GLU A 51 -29.85 -58.75 15.43
N ARG A 52 -28.88 -58.51 14.53
CA ARG A 52 -29.11 -58.54 13.10
C ARG A 52 -29.28 -59.95 12.57
N THR A 53 -28.52 -60.91 13.08
CA THR A 53 -28.79 -62.29 12.70
C THR A 53 -30.22 -62.68 13.09
N GLU A 54 -30.68 -62.21 14.26
CA GLU A 54 -32.02 -62.51 14.76
C GLU A 54 -33.08 -61.93 13.84
N ILE A 55 -32.88 -60.67 13.42
CA ILE A 55 -33.81 -60.05 12.48
C ILE A 55 -33.86 -60.83 11.18
N LEU A 56 -32.70 -61.23 10.65
CA LEU A 56 -32.73 -62.05 9.45
C LEU A 56 -33.41 -63.40 9.72
N ASN A 57 -33.15 -63.97 10.89
CA ASN A 57 -33.71 -65.27 11.19
C ASN A 57 -35.22 -65.24 11.29
N GLN A 58 -35.77 -64.21 11.94
CA GLN A 58 -37.21 -64.07 12.01
C GLN A 58 -37.84 -63.98 10.63
N GLU A 59 -37.26 -63.15 9.76
CA GLU A 59 -37.76 -62.99 8.40
C GLU A 59 -37.74 -64.33 7.66
N TRP A 60 -36.80 -65.20 8.02
CA TRP A 60 -36.74 -66.53 7.41
C TRP A 60 -37.91 -67.39 7.86
N LYS A 61 -38.29 -67.26 9.13
CA LYS A 61 -39.38 -68.08 9.66
C LYS A 61 -40.68 -67.81 8.89
N GLN A 62 -40.92 -66.56 8.52
CA GLN A 62 -42.15 -66.24 7.81
C GLN A 62 -42.20 -66.87 6.43
N ARG A 63 -41.04 -67.20 5.87
CA ARG A 63 -40.97 -67.69 4.49
C ARG A 63 -41.10 -69.22 4.44
N ARG A 64 -41.82 -69.70 3.43
CA ARG A 64 -41.94 -71.12 3.08
C ARG A 64 -41.51 -71.25 1.62
N ILE A 65 -40.50 -72.09 1.33
CA ILE A 65 -39.88 -72.19 0.02
C ILE A 65 -40.05 -73.56 -0.68
N GLN A 66 -40.63 -74.58 -0.04
CA GLN A 66 -40.76 -75.90 -0.70
C GLN A 66 -39.51 -76.39 -1.41
N PRO A 67 -38.34 -76.25 -0.78
CA PRO A 67 -37.11 -76.66 -1.44
C PRO A 67 -36.96 -78.19 -1.37
N VAL A 68 -36.03 -78.68 -2.19
CA VAL A 68 -35.30 -79.97 -2.14
C VAL A 68 -35.85 -80.97 -3.14
N HIS A 69 -36.54 -80.50 -4.15
CA HIS A 69 -37.17 -81.46 -5.03
C HIS A 69 -36.17 -82.05 -6.02
N ILE A 70 -36.43 -83.29 -6.44
CA ILE A 70 -35.63 -84.04 -7.42
C ILE A 70 -36.57 -84.69 -8.42
N LEU A 71 -36.10 -84.85 -9.66
CA LEU A 71 -36.93 -85.48 -10.67
C LEU A 71 -36.13 -86.47 -11.49
N THR A 72 -36.77 -87.61 -11.77
CA THR A 72 -36.34 -88.65 -12.72
C THR A 72 -37.31 -88.85 -13.88
N SER A 73 -38.62 -88.94 -13.64
CA SER A 73 -39.63 -89.22 -14.69
C SER A 73 -39.90 -88.04 -15.63
N VAL A 74 -40.22 -88.31 -16.90
CA VAL A 74 -40.34 -89.65 -17.47
C VAL A 74 -38.96 -90.28 -17.70
N SER A 75 -38.89 -91.62 -17.76
CA SER A 75 -37.64 -92.35 -17.90
C SER A 75 -36.78 -91.73 -19.00
N SER A 76 -35.46 -91.80 -18.82
CA SER A 76 -34.55 -91.20 -19.78
C SER A 76 -34.67 -91.89 -21.14
N LEU A 77 -34.65 -91.09 -22.20
CA LEU A 77 -34.90 -91.56 -23.55
C LEU A 77 -33.64 -92.12 -24.24
N ARG A 78 -32.50 -92.18 -23.53
CA ARG A 78 -31.16 -92.55 -23.99
C ARG A 78 -30.47 -91.50 -24.89
N GLY A 79 -31.11 -90.37 -25.17
CA GLY A 79 -30.46 -89.28 -25.86
C GLY A 79 -29.90 -88.18 -24.97
N THR A 80 -29.88 -88.38 -23.65
CA THR A 80 -29.36 -87.43 -22.69
C THR A 80 -28.11 -88.00 -22.03
N ARG A 81 -27.06 -87.19 -21.93
CA ARG A 81 -25.88 -87.61 -21.18
C ARG A 81 -26.18 -87.62 -19.69
N GLU A 82 -25.32 -88.31 -18.95
CA GLU A 82 -25.54 -88.57 -17.54
C GLU A 82 -24.38 -88.03 -16.72
N CYS A 83 -24.67 -87.72 -15.46
CA CYS A 83 -23.68 -87.23 -14.51
C CYS A 83 -23.48 -88.30 -13.44
N SER A 84 -22.24 -88.69 -13.20
CA SER A 84 -21.92 -89.75 -12.25
C SER A 84 -21.08 -89.21 -11.09
N VAL A 85 -21.47 -89.56 -9.86
CA VAL A 85 -20.70 -89.17 -8.69
C VAL A 85 -20.35 -90.44 -7.91
N THR A 86 -19.08 -90.58 -7.53
CA THR A 86 -18.60 -91.76 -6.82
C THR A 86 -18.39 -91.45 -5.34
N SER A 87 -18.54 -92.45 -4.48
CA SER A 87 -18.40 -92.20 -3.04
C SER A 87 -17.37 -93.12 -2.39
N ASP A 88 -16.67 -92.57 -1.39
CA ASP A 88 -15.74 -93.34 -0.58
C ASP A 88 -16.48 -94.28 0.36
N LEU A 89 -17.73 -93.93 0.70
CA LEU A 89 -18.50 -94.64 1.69
C LEU A 89 -18.85 -96.07 1.31
N ASP A 90 -18.53 -96.52 0.09
CA ASP A 90 -18.84 -97.85 -0.42
C ASP A 90 -20.30 -97.92 -0.87
N PHE A 91 -21.08 -96.84 -0.73
CA PHE A 91 -22.40 -96.79 -1.35
C PHE A 91 -22.26 -96.85 -2.88
N PRO A 92 -23.21 -97.47 -3.58
CA PRO A 92 -23.17 -97.49 -5.05
C PRO A 92 -23.10 -96.08 -5.65
N THR A 93 -22.45 -96.00 -6.80
CA THR A 93 -22.30 -94.72 -7.46
C THR A 93 -23.64 -94.20 -7.95
N GLN A 94 -23.80 -92.88 -7.88
CA GLN A 94 -25.04 -92.21 -8.27
C GLN A 94 -24.92 -91.69 -9.68
N VAL A 95 -25.97 -91.91 -10.47
CA VAL A 95 -26.01 -91.46 -11.85
C VAL A 95 -27.32 -90.75 -12.11
N ILE A 96 -27.24 -89.57 -12.71
CA ILE A 96 -28.32 -88.64 -12.99
C ILE A 96 -28.21 -88.17 -14.44
N PRO A 97 -29.33 -87.96 -15.14
CA PRO A 97 -29.25 -87.38 -16.49
C PRO A 97 -28.83 -85.92 -16.44
N LEU A 98 -28.09 -85.49 -17.46
CA LEU A 98 -27.54 -84.13 -17.53
C LEU A 98 -28.45 -83.21 -18.34
N LYS A 99 -28.89 -82.12 -17.70
CA LYS A 99 -29.77 -81.09 -18.25
C LYS A 99 -28.91 -79.98 -18.86
N THR A 100 -29.06 -79.73 -20.16
CA THR A 100 -28.24 -78.72 -20.84
C THR A 100 -28.76 -77.32 -20.60
N LEU A 101 -27.85 -76.37 -20.40
CA LEU A 101 -28.19 -74.95 -20.36
C LEU A 101 -27.87 -74.44 -21.76
N ASN A 102 -28.85 -73.78 -22.40
CA ASN A 102 -28.76 -73.50 -23.83
C ASN A 102 -28.49 -72.05 -24.18
N ALA A 103 -27.68 -71.87 -25.22
CA ALA A 103 -27.77 -70.77 -26.20
C ALA A 103 -27.88 -69.38 -25.56
N VAL A 104 -26.82 -68.96 -24.88
CA VAL A 104 -26.67 -67.59 -24.39
C VAL A 104 -25.49 -66.97 -25.13
N ALA A 105 -25.76 -65.89 -25.86
CA ALA A 105 -24.72 -65.21 -26.63
C ALA A 105 -23.73 -64.54 -25.69
N SER A 106 -22.44 -64.59 -26.05
CA SER A 106 -21.38 -63.96 -25.27
C SER A 106 -21.03 -62.60 -25.88
N VAL A 107 -20.75 -61.64 -25.02
CA VAL A 107 -20.42 -60.26 -25.39
C VAL A 107 -18.90 -60.11 -25.45
N PRO A 108 -18.34 -59.30 -26.36
CA PRO A 108 -16.88 -59.15 -26.40
C PRO A 108 -16.32 -58.60 -25.09
N ILE A 109 -15.06 -58.97 -24.78
CA ILE A 109 -14.43 -58.56 -23.53
C ILE A 109 -14.25 -57.04 -23.50
N MET A 110 -14.47 -56.46 -22.32
CA MET A 110 -14.28 -55.04 -22.09
C MET A 110 -13.94 -54.81 -20.62
N TYR A 111 -12.85 -54.10 -20.34
CA TYR A 111 -12.56 -53.63 -18.98
C TYR A 111 -13.16 -52.24 -18.77
N SER A 112 -13.62 -51.95 -17.54
CA SER A 112 -14.42 -50.74 -17.35
C SER A 112 -13.57 -49.49 -17.44
N TRP A 113 -14.20 -48.42 -17.97
CA TRP A 113 -13.58 -47.14 -18.26
C TRP A 113 -14.55 -46.00 -18.06
N SER A 114 -14.00 -44.87 -17.54
CA SER A 114 -14.77 -43.66 -17.27
C SER A 114 -14.87 -42.78 -18.52
N PRO A 115 -15.99 -42.12 -18.74
CA PRO A 115 -16.15 -41.34 -19.96
C PRO A 115 -15.56 -39.95 -19.81
N LEU A 116 -15.12 -39.40 -20.95
CA LEU A 116 -14.48 -38.09 -21.00
C LEU A 116 -14.96 -37.28 -22.18
N GLN A 117 -15.05 -35.98 -21.96
CA GLN A 117 -15.29 -35.02 -23.04
C GLN A 117 -14.05 -34.24 -23.42
N GLN A 118 -13.06 -34.21 -22.55
CA GLN A 118 -11.83 -33.47 -22.76
C GLN A 118 -10.71 -34.26 -22.08
N ASN A 119 -9.47 -34.08 -22.52
CA ASN A 119 -8.39 -34.88 -21.96
C ASN A 119 -8.11 -34.53 -20.51
N PHE A 120 -7.50 -35.49 -19.82
CA PHE A 120 -7.29 -35.47 -18.39
C PHE A 120 -5.82 -35.68 -18.08
N MET A 121 -5.21 -34.77 -17.32
CA MET A 121 -3.78 -34.88 -16.99
C MET A 121 -3.60 -35.80 -15.79
N VAL A 122 -2.62 -36.70 -15.88
CA VAL A 122 -2.39 -37.75 -14.88
C VAL A 122 -0.91 -37.79 -14.52
N GLU A 123 -0.60 -37.68 -13.24
CA GLU A 123 0.80 -37.74 -12.82
C GLU A 123 1.34 -39.14 -13.06
N ASP A 124 2.66 -39.24 -13.19
CA ASP A 124 3.30 -40.54 -13.29
C ASP A 124 3.18 -41.28 -11.97
N GLU A 125 2.94 -42.59 -12.05
CA GLU A 125 2.92 -43.45 -10.89
C GLU A 125 4.21 -44.25 -10.86
N THR A 126 4.99 -44.07 -9.80
CA THR A 126 6.33 -44.64 -9.74
C THR A 126 6.33 -46.11 -9.33
N VAL A 127 5.38 -46.52 -8.49
CA VAL A 127 5.27 -47.91 -8.05
C VAL A 127 3.96 -48.46 -8.59
N LEU A 128 4.03 -49.58 -9.31
CA LEU A 128 2.81 -50.24 -9.74
C LEU A 128 2.26 -51.03 -8.56
N HIS A 129 0.96 -50.93 -8.35
CA HIS A 129 0.32 -51.56 -7.20
C HIS A 129 -0.35 -52.89 -7.57
N ASN A 130 0.09 -53.50 -8.64
CA ASN A 130 -0.56 -54.71 -9.09
C ASN A 130 0.37 -55.46 -10.01
N ILE A 131 0.39 -56.77 -9.89
CA ILE A 131 1.11 -57.60 -10.85
C ILE A 131 0.06 -58.22 -11.77
N PRO A 132 0.09 -57.96 -13.07
CA PRO A 132 -0.97 -58.51 -13.93
C PRO A 132 -0.94 -60.03 -13.84
N TYR A 133 -2.10 -60.61 -13.64
CA TYR A 133 -2.19 -62.06 -13.66
C TYR A 133 -2.52 -62.48 -15.08
N MET A 134 -1.53 -62.98 -15.80
CA MET A 134 -1.83 -63.61 -17.06
C MET A 134 -1.28 -65.02 -17.15
N GLY A 135 -0.66 -65.52 -16.07
CA GLY A 135 0.45 -66.41 -16.31
C GLY A 135 0.30 -67.83 -15.83
N ASP A 136 -0.81 -68.11 -15.17
CA ASP A 136 -1.00 -69.46 -14.66
C ASP A 136 -1.17 -70.45 -15.81
N GLU A 137 -2.04 -70.11 -16.77
CA GLU A 137 -2.08 -70.85 -18.02
C GLU A 137 -0.77 -70.69 -18.79
N VAL A 138 -0.15 -69.50 -18.73
CA VAL A 138 1.15 -69.26 -19.35
C VAL A 138 2.24 -70.13 -18.72
N LEU A 139 2.09 -70.48 -17.43
CA LEU A 139 3.09 -71.25 -16.67
C LEU A 139 4.44 -70.52 -16.65
N ASP A 140 4.38 -69.22 -16.42
CA ASP A 140 5.51 -68.34 -16.11
C ASP A 140 6.39 -68.07 -17.34
N GLN A 141 5.96 -68.41 -18.56
CA GLN A 141 6.89 -68.39 -19.70
C GLN A 141 6.55 -67.38 -20.78
N ASP A 142 7.47 -66.47 -21.06
CA ASP A 142 8.79 -66.45 -20.44
C ASP A 142 8.80 -65.44 -19.28
N GLY A 143 9.31 -65.88 -18.12
CA GLY A 143 9.23 -65.08 -16.93
C GLY A 143 10.02 -63.79 -16.97
N THR A 144 11.10 -63.74 -17.77
CA THR A 144 11.83 -62.47 -17.89
C THR A 144 10.91 -61.28 -18.09
N PHE A 145 9.68 -61.50 -18.57
CA PHE A 145 8.78 -60.37 -18.80
C PHE A 145 8.34 -59.74 -17.49
N ILE A 146 7.94 -60.56 -16.53
CA ILE A 146 7.63 -60.03 -15.21
C ILE A 146 8.86 -59.38 -14.59
N GLU A 147 10.03 -59.98 -14.77
CA GLU A 147 11.23 -59.38 -14.17
C GLU A 147 11.54 -58.03 -14.80
N GLU A 148 11.39 -57.93 -16.13
CA GLU A 148 11.66 -56.64 -16.78
C GLU A 148 10.55 -55.64 -16.52
N LEU A 149 9.32 -56.13 -16.35
CA LEU A 149 8.22 -55.26 -15.94
C LEU A 149 8.50 -54.61 -14.59
N ILE A 150 9.04 -55.36 -13.65
CA ILE A 150 9.37 -54.72 -12.38
C ILE A 150 10.56 -53.74 -12.54
N LYS A 151 11.44 -53.95 -13.56
CA LYS A 151 12.58 -53.05 -13.80
C LYS A 151 12.11 -51.62 -14.03
N ASN A 152 11.03 -51.49 -14.80
CA ASN A 152 10.49 -50.22 -15.17
C ASN A 152 9.98 -49.43 -13.98
N TYR A 153 9.54 -50.11 -12.93
CA TYR A 153 9.14 -49.43 -11.70
C TYR A 153 10.29 -49.34 -10.70
N ASP A 154 11.54 -49.54 -11.15
CA ASP A 154 12.70 -49.43 -10.27
C ASP A 154 12.59 -50.50 -9.19
N GLY A 155 12.00 -51.63 -9.56
CA GLY A 155 11.81 -52.69 -8.61
C GLY A 155 10.80 -52.36 -7.53
N LYS A 156 9.88 -51.43 -7.76
CA LYS A 156 8.95 -51.02 -6.71
C LYS A 156 7.54 -51.49 -7.05
N VAL A 157 7.05 -52.38 -6.20
CA VAL A 157 5.71 -52.91 -6.28
C VAL A 157 5.14 -52.78 -4.89
N HIS A 158 3.84 -52.51 -4.83
CA HIS A 158 3.09 -52.41 -3.60
C HIS A 158 2.44 -53.75 -3.29
N GLY A 159 2.72 -54.32 -2.13
CA GLY A 159 3.77 -53.84 -1.27
C GLY A 159 4.88 -54.86 -1.13
N ASP A 160 6.09 -54.54 -1.57
CA ASP A 160 7.24 -55.42 -1.45
C ASP A 160 8.11 -54.86 -0.34
N ARG A 161 8.20 -55.53 0.80
CA ARG A 161 9.13 -55.08 1.85
C ARG A 161 9.42 -56.20 2.83
N GLU A 162 10.53 -56.06 3.55
CA GLU A 162 10.84 -56.97 4.64
C GLU A 162 9.80 -56.90 5.77
N CYS A 163 9.35 -55.69 6.11
CA CYS A 163 8.38 -55.49 7.17
C CYS A 163 6.98 -55.88 6.70
N GLY A 164 6.07 -56.06 7.62
CA GLY A 164 4.77 -56.59 7.21
C GLY A 164 3.62 -55.60 7.05
N PHE A 165 3.29 -54.88 8.13
CA PHE A 165 2.20 -53.94 8.20
C PHE A 165 2.67 -52.51 8.48
N ILE A 166 1.99 -51.51 7.88
CA ILE A 166 2.18 -50.10 8.25
C ILE A 166 0.86 -49.38 8.00
N ASN A 167 0.54 -48.44 8.90
CA ASN A 167 -0.65 -47.62 8.76
C ASN A 167 -0.31 -46.23 9.26
N ASP A 168 -1.17 -45.26 8.93
CA ASP A 168 -0.94 -43.86 9.28
C ASP A 168 -0.69 -43.69 10.78
N GLU A 169 -1.50 -44.33 11.62
CA GLU A 169 -1.33 -44.17 13.06
C GLU A 169 0.02 -44.68 13.53
N ILE A 170 0.40 -45.87 13.07
CA ILE A 170 1.71 -46.43 13.42
C ILE A 170 2.84 -45.64 12.76
N PHE A 171 2.63 -45.19 11.53
CA PHE A 171 3.65 -44.42 10.81
C PHE A 171 4.04 -43.14 11.56
N VAL A 172 3.07 -42.38 12.06
CA VAL A 172 3.38 -41.15 12.79
C VAL A 172 4.21 -41.48 14.04
N GLU A 173 3.77 -42.51 14.78
CA GLU A 173 4.45 -42.91 16.02
C GLU A 173 5.88 -43.32 15.72
N LEU A 174 6.10 -43.97 14.59
CA LEU A 174 7.45 -44.36 14.21
C LEU A 174 8.31 -43.13 13.97
N VAL A 175 7.77 -42.14 13.25
CA VAL A 175 8.54 -40.93 12.99
C VAL A 175 8.84 -40.20 14.29
N ASN A 176 7.86 -40.10 15.18
CA ASN A 176 8.07 -39.50 16.48
C ASN A 176 9.10 -40.29 17.28
N ALA A 177 8.92 -41.62 17.35
CA ALA A 177 9.89 -42.46 18.04
C ALA A 177 11.27 -42.33 17.38
N LEU A 178 11.32 -42.18 16.05
CA LEU A 178 12.60 -41.93 15.37
C LEU A 178 13.20 -40.61 15.82
N GLY A 179 12.37 -39.57 15.92
CA GLY A 179 12.87 -38.27 16.34
C GLY A 179 13.44 -38.28 17.74
N GLN A 180 12.76 -38.94 18.66
CA GLN A 180 13.25 -39.02 20.04
C GLN A 180 14.48 -39.91 20.14
N TYR A 181 14.50 -41.02 19.37
CA TYR A 181 15.70 -41.84 19.33
C TYR A 181 16.90 -41.02 18.87
N ASN A 182 16.76 -40.33 17.74
CA ASN A 182 17.82 -39.53 17.15
C ASN A 182 19.06 -40.38 16.88
N GLU A 211 22.19 -36.16 18.71
CA GLU A 211 21.68 -35.02 19.48
C GLU A 211 20.53 -34.28 18.80
N SER A 212 20.07 -33.24 19.49
CA SER A 212 18.87 -32.51 19.09
C SER A 212 19.23 -31.07 18.70
N ARG A 213 18.43 -30.39 17.87
CA ARG A 213 17.21 -30.90 17.22
C ARG A 213 17.29 -30.64 15.71
N PRO A 214 16.65 -31.50 14.90
CA PRO A 214 16.56 -31.18 13.46
C PRO A 214 15.77 -29.88 13.13
N PRO A 215 14.60 -29.62 13.77
CA PRO A 215 13.74 -30.36 14.70
C PRO A 215 12.97 -31.47 13.99
N ARG A 216 12.55 -31.20 12.76
CA ARG A 216 11.93 -32.21 11.92
C ARG A 216 12.62 -32.26 10.56
N SER A 220 13.87 -36.07 11.24
CA SER A 220 15.13 -35.67 10.63
C SER A 220 15.07 -35.88 9.12
N ASP A 221 15.86 -35.13 8.36
CA ASP A 221 15.85 -35.30 6.91
C ASP A 221 16.55 -36.59 6.50
N LYS A 222 17.59 -36.99 7.23
CA LYS A 222 18.28 -38.24 6.92
C LYS A 222 17.36 -39.44 7.08
N ILE A 223 16.36 -39.37 7.98
CA ILE A 223 15.65 -40.60 8.35
C ILE A 223 14.68 -41.04 7.26
N PHE A 224 14.04 -40.08 6.57
CA PHE A 224 13.06 -40.44 5.55
C PHE A 224 13.66 -41.35 4.49
N GLU A 225 14.97 -41.24 4.29
CA GLU A 225 15.70 -42.18 3.46
C GLU A 225 15.73 -43.56 4.09
N ALA A 226 15.88 -43.63 5.42
CA ALA A 226 16.03 -44.93 6.08
C ALA A 226 14.76 -45.75 6.00
N ILE A 227 13.62 -45.15 6.36
CA ILE A 227 12.38 -45.90 6.29
C ILE A 227 11.88 -46.06 4.85
N SER A 228 12.26 -45.18 3.92
CA SER A 228 11.81 -45.38 2.53
C SER A 228 12.44 -46.63 1.93
N SER A 229 13.62 -47.00 2.44
CA SER A 229 14.25 -48.25 2.04
C SER A 229 13.50 -49.46 2.57
N MET A 230 12.90 -49.34 3.76
CA MET A 230 12.18 -50.49 4.28
C MET A 230 10.86 -50.65 3.56
N PHE A 231 10.38 -49.57 2.96
CA PHE A 231 9.07 -49.50 2.33
C PHE A 231 9.21 -48.95 0.92
N PRO A 232 9.50 -49.78 -0.08
CA PRO A 232 9.63 -49.22 -1.43
C PRO A 232 8.35 -48.57 -1.93
N ASP A 233 7.18 -49.12 -1.59
CA ASP A 233 5.91 -48.53 -2.02
C ASP A 233 5.68 -47.16 -1.40
N LYS A 234 6.14 -46.97 -0.17
CA LYS A 234 5.91 -45.69 0.46
C LYS A 234 6.84 -44.62 -0.13
N GLY A 235 8.06 -45.00 -0.47
CA GLY A 235 8.99 -44.07 -1.08
C GLY A 235 8.42 -43.45 -2.35
N THR A 236 9.00 -42.34 -2.82
CA THR A 236 10.24 -41.73 -2.30
C THR A 236 10.17 -41.12 -0.91
N ALA A 237 11.35 -40.89 -0.33
CA ALA A 237 11.43 -40.35 1.01
C ALA A 237 10.82 -38.95 1.10
N GLU A 238 10.98 -38.16 0.04
CA GLU A 238 10.37 -36.84 0.02
C GLU A 238 8.85 -36.92 0.00
N GLU A 239 8.29 -37.91 -0.72
CA GLU A 239 6.84 -38.12 -0.68
C GLU A 239 6.40 -38.43 0.74
N LEU A 240 7.20 -39.23 1.46
CA LEU A 240 6.93 -39.54 2.86
C LEU A 240 7.05 -38.28 3.71
N LYS A 241 8.03 -37.45 3.37
CA LYS A 241 8.25 -36.20 4.07
C LYS A 241 7.03 -35.28 3.92
N GLU A 242 6.51 -35.15 2.70
CA GLU A 242 5.28 -34.40 2.46
C GLU A 242 4.08 -35.07 3.16
N LYS A 243 3.97 -36.40 3.09
CA LYS A 243 2.85 -37.10 3.72
C LYS A 243 2.87 -36.95 5.24
N TYR A 244 4.05 -37.07 5.87
CA TYR A 244 4.20 -36.72 7.28
C TYR A 244 3.67 -35.30 7.57
N LYS A 245 4.09 -34.30 6.80
CA LYS A 245 3.59 -32.94 7.01
C LYS A 245 2.08 -32.88 6.81
N GLU A 246 1.54 -33.65 5.86
CA GLU A 246 0.10 -33.68 5.64
C GLU A 246 -0.64 -34.12 6.90
N LEU A 247 -0.21 -35.24 7.49
CA LEU A 247 -0.81 -35.78 8.70
C LEU A 247 -0.61 -34.87 9.91
N THR A 248 0.60 -34.31 10.09
CA THR A 248 0.81 -33.43 11.24
C THR A 248 -0.20 -32.29 11.21
N GLU A 249 -0.49 -31.75 10.01
CA GLU A 249 -1.34 -30.56 9.81
C GLU A 249 -1.80 -30.46 8.34
N PRO A 257 -4.49 -21.33 11.45
CA PRO A 257 -3.87 -22.05 10.33
C PRO A 257 -2.97 -21.21 9.42
N PRO A 258 -2.10 -20.33 9.96
CA PRO A 258 -1.28 -19.52 9.04
C PRO A 258 -0.34 -20.36 8.16
N GLU A 259 -0.07 -19.90 6.93
CA GLU A 259 -0.63 -18.65 6.43
C GLU A 259 -1.91 -18.84 5.61
N CYS A 260 -3.00 -18.25 6.11
CA CYS A 260 -4.29 -18.31 5.46
C CYS A 260 -5.00 -16.99 5.66
N THR A 261 -5.92 -16.73 4.76
CA THR A 261 -6.76 -15.55 4.87
C THR A 261 -8.17 -16.06 5.15
N PRO A 262 -8.71 -15.74 6.33
CA PRO A 262 -10.05 -16.16 6.67
C PRO A 262 -11.10 -15.56 5.74
N ASN A 263 -12.32 -16.03 5.92
CA ASN A 263 -13.38 -15.68 5.00
C ASN A 263 -13.71 -14.18 5.13
N ILE A 264 -13.76 -13.49 3.99
CA ILE A 264 -14.24 -12.12 4.02
C ILE A 264 -15.70 -12.11 4.49
N ASP A 265 -16.45 -13.11 4.06
CA ASP A 265 -17.86 -13.34 4.37
C ASP A 265 -17.96 -14.11 5.69
N GLY A 266 -17.19 -13.67 6.68
CA GLY A 266 -17.06 -14.48 7.86
C GLY A 266 -17.02 -13.77 9.20
N PRO A 267 -17.26 -14.55 10.26
CA PRO A 267 -17.18 -13.99 11.61
C PRO A 267 -15.79 -13.60 12.01
N ASN A 268 -14.76 -14.11 11.31
CA ASN A 268 -13.35 -13.82 11.58
C ASN A 268 -12.70 -12.90 10.56
N ALA A 269 -13.45 -12.16 9.75
CA ALA A 269 -12.77 -11.38 8.72
C ALA A 269 -11.76 -10.46 9.39
N LYS A 270 -10.58 -10.37 8.79
CA LYS A 270 -9.49 -9.54 9.29
C LYS A 270 -9.06 -8.61 8.17
N SER A 271 -8.50 -7.45 8.55
CA SER A 271 -7.98 -6.49 7.57
C SER A 271 -6.67 -7.00 6.96
N VAL A 272 -6.67 -7.13 5.63
CA VAL A 272 -5.62 -7.84 4.93
C VAL A 272 -5.28 -7.14 3.62
N GLN A 273 -4.02 -7.25 3.22
CA GLN A 273 -3.55 -6.66 1.97
C GLN A 273 -4.20 -7.32 0.75
N ARG A 274 -4.27 -6.54 -0.34
CA ARG A 274 -4.98 -7.01 -1.53
C ARG A 274 -4.45 -8.34 -2.03
N GLU A 275 -3.11 -8.50 -2.07
CA GLU A 275 -2.56 -9.77 -2.56
C GLU A 275 -2.99 -10.96 -1.69
N GLN A 276 -3.02 -10.78 -0.36
CA GLN A 276 -3.43 -11.90 0.49
C GLN A 276 -4.90 -12.24 0.27
N SER A 277 -5.75 -11.23 0.11
CA SER A 277 -7.17 -11.53 -0.15
C SER A 277 -7.36 -12.22 -1.49
N LEU A 278 -6.52 -11.95 -2.47
CA LEU A 278 -6.69 -12.62 -3.75
C LEU A 278 -5.70 -13.75 -3.95
N HIS A 279 -4.80 -13.97 -2.99
CA HIS A 279 -3.74 -14.97 -3.13
C HIS A 279 -4.29 -16.32 -3.56
N SER A 280 -5.47 -16.70 -3.06
CA SER A 280 -6.02 -17.99 -3.45
C SER A 280 -6.57 -18.01 -4.87
N PHE A 281 -7.25 -16.94 -5.31
CA PHE A 281 -7.83 -16.94 -6.65
C PHE A 281 -6.75 -16.86 -7.72
N HIS A 282 -5.76 -15.99 -7.53
CA HIS A 282 -4.65 -15.87 -8.45
C HIS A 282 -3.89 -17.19 -8.61
N THR A 283 -3.48 -17.76 -7.48
CA THR A 283 -2.61 -18.92 -7.42
C THR A 283 -3.28 -20.19 -7.95
N LEU A 284 -4.59 -20.32 -7.83
CA LEU A 284 -5.34 -21.51 -8.16
C LEU A 284 -6.09 -21.47 -9.50
N PHE A 285 -6.40 -20.30 -10.02
CA PHE A 285 -7.13 -20.17 -11.28
C PHE A 285 -6.28 -20.47 -12.51
N CYS A 286 -6.89 -21.10 -13.51
CA CYS A 286 -6.24 -21.37 -14.79
C CYS A 286 -6.76 -20.41 -15.85
N ARG A 287 -5.89 -19.56 -16.39
CA ARG A 287 -6.26 -18.64 -17.46
C ARG A 287 -6.72 -19.38 -18.72
N ARG A 288 -6.14 -20.55 -19.02
CA ARG A 288 -6.38 -21.21 -20.32
C ARG A 288 -7.78 -21.81 -20.46
N CYS A 289 -8.30 -22.48 -19.42
CA CYS A 289 -9.61 -23.12 -19.51
C CYS A 289 -10.62 -22.61 -18.49
N PHE A 290 -10.25 -21.61 -17.68
CA PHE A 290 -11.14 -20.76 -16.89
C PHE A 290 -11.69 -21.43 -15.64
N LYS A 291 -11.06 -22.48 -15.15
CA LYS A 291 -11.52 -23.14 -13.93
C LYS A 291 -10.42 -23.03 -12.88
N TYR A 292 -10.76 -23.41 -11.67
CA TYR A 292 -9.80 -23.43 -10.57
C TYR A 292 -9.27 -24.86 -10.40
N ASP A 293 -7.95 -24.99 -10.31
CA ASP A 293 -7.28 -26.28 -10.19
C ASP A 293 -7.72 -27.23 -11.31
N CYS A 294 -7.55 -26.77 -12.56
CA CYS A 294 -8.01 -27.52 -13.71
C CYS A 294 -7.32 -28.89 -13.83
N PHE A 295 -7.96 -29.78 -14.60
CA PHE A 295 -7.54 -31.16 -14.83
C PHE A 295 -6.58 -31.35 -15.99
N LEU A 296 -6.27 -30.30 -16.73
CA LEU A 296 -5.54 -30.44 -17.98
C LEU A 296 -4.19 -29.71 -17.98
N HIS A 297 -4.03 -28.66 -17.18
CA HIS A 297 -2.84 -27.84 -17.20
C HIS A 297 -2.16 -27.86 -15.85
N PRO A 298 -0.98 -28.47 -15.74
CA PRO A 298 -0.36 -28.67 -14.43
C PRO A 298 0.28 -27.43 -13.82
N PHE A 299 0.80 -26.50 -14.62
CA PHE A 299 1.57 -25.37 -14.10
C PHE A 299 0.67 -24.24 -13.60
N HIS A 300 1.17 -23.50 -12.60
CA HIS A 300 0.42 -22.40 -11.99
C HIS A 300 0.53 -21.09 -12.77
N ALA A 301 0.17 -19.99 -12.11
CA ALA A 301 0.22 -18.67 -12.75
C ALA A 301 1.64 -18.30 -13.11
N THR A 302 1.77 -17.49 -14.14
CA THR A 302 3.08 -17.15 -14.68
C THR A 302 4.09 -16.23 -13.91
N PRO A 303 3.63 -15.28 -13.08
CA PRO A 303 2.29 -14.85 -12.67
C PRO A 303 1.90 -13.42 -13.14
N ASN A 304 2.64 -12.94 -14.12
CA ASN A 304 2.30 -11.65 -14.69
C ASN A 304 0.95 -11.68 -15.39
N THR A 305 0.37 -12.87 -15.60
CA THR A 305 -0.92 -12.95 -16.30
C THR A 305 -2.04 -12.32 -15.50
N TYR A 306 -2.04 -12.46 -14.17
CA TYR A 306 -3.07 -11.76 -13.41
C TYR A 306 -2.82 -10.27 -13.27
N LYS A 307 -1.60 -9.77 -13.43
CA LYS A 307 -1.39 -8.33 -13.47
C LYS A 307 -2.04 -7.74 -14.71
N ARG A 308 -2.70 -6.60 -14.57
CA ARG A 308 -3.37 -5.95 -15.70
C ARG A 308 -2.73 -4.60 -15.98
N LYS A 309 -3.03 -4.06 -17.18
CA LYS A 309 -2.80 -2.64 -17.50
C LYS A 309 -3.39 -1.69 -16.46
N ASN A 310 -2.61 -0.69 -16.04
CA ASN A 310 -3.09 0.28 -15.04
C ASN A 310 -4.27 1.11 -15.57
N THR A 311 -4.24 1.45 -16.85
CA THR A 311 -5.32 2.13 -17.55
C THR A 311 -6.44 1.06 -17.80
N GLU A 312 -7.68 1.44 -18.12
CA GLU A 312 -8.14 2.79 -18.45
C GLU A 312 -9.44 3.16 -17.71
N THR A 313 -9.79 4.45 -17.66
CA THR A 313 -9.08 5.54 -18.35
C THR A 313 -8.61 6.68 -17.48
N ALA A 314 -8.64 6.49 -16.15
CA ALA A 314 -8.21 7.49 -15.16
C ALA A 314 -9.03 8.78 -15.23
N LEU A 315 -10.30 8.67 -15.62
CA LEU A 315 -11.17 9.78 -15.95
C LEU A 315 -11.72 10.52 -14.74
N ASP A 316 -12.09 11.77 -14.97
CA ASP A 316 -12.78 12.67 -14.04
C ASP A 316 -14.29 12.43 -14.14
N ASN A 317 -14.90 11.89 -13.08
CA ASN A 317 -16.35 11.64 -13.06
C ASN A 317 -16.97 12.26 -11.81
N LYS A 318 -17.94 13.17 -11.99
CA LYS A 318 -18.58 13.78 -10.82
C LYS A 318 -19.92 14.41 -11.20
N PRO A 319 -20.82 14.58 -10.21
CA PRO A 319 -20.73 14.19 -8.79
C PRO A 319 -21.02 12.68 -8.67
N CYS A 320 -20.62 12.07 -7.56
CA CYS A 320 -20.92 10.65 -7.31
C CYS A 320 -22.41 10.23 -7.53
N GLY A 321 -23.40 10.88 -6.93
CA GLY A 321 -23.34 11.91 -5.90
C GLY A 321 -24.60 11.61 -5.12
N PRO A 322 -25.01 12.51 -4.19
CA PRO A 322 -24.47 13.78 -3.71
C PRO A 322 -23.54 13.69 -2.50
N GLN A 323 -23.72 12.75 -1.56
CA GLN A 323 -22.74 12.60 -0.48
C GLN A 323 -21.46 11.95 -1.04
N CYS A 324 -20.76 12.74 -1.86
CA CYS A 324 -19.57 12.37 -2.61
C CYS A 324 -18.32 12.97 -1.95
N TYR A 325 -17.15 12.62 -2.47
CA TYR A 325 -15.89 13.16 -1.96
C TYR A 325 -15.63 14.50 -2.66
N GLN A 326 -16.13 15.58 -2.05
CA GLN A 326 -16.11 16.95 -2.58
C GLN A 326 -16.09 17.95 -1.43
N HIS A 327 -15.78 19.21 -1.70
CA HIS A 327 -15.33 19.68 -2.99
C HIS A 327 -14.15 20.56 -2.71
N LEU A 328 -13.79 20.60 -1.42
CA LEU A 328 -12.68 21.45 -1.01
C LEU A 328 -11.40 20.90 -1.61
N GLU A 329 -10.34 21.71 -1.56
CA GLU A 329 -9.06 21.25 -2.08
C GLU A 329 -8.75 19.89 -1.49
N GLY A 330 -8.21 19.02 -2.31
CA GLY A 330 -7.91 17.69 -1.89
C GLY A 330 -9.05 16.72 -2.04
N ALA A 331 -10.10 17.10 -2.73
CA ALA A 331 -11.10 16.10 -2.98
C ALA A 331 -10.53 15.31 -4.15
N LYS A 332 -10.62 15.88 -5.33
CA LYS A 332 -10.00 15.29 -6.48
C LYS A 332 -8.50 15.58 -6.50
N GLU A 333 -8.10 16.70 -5.89
CA GLU A 333 -6.73 17.20 -5.92
C GLU A 333 -5.78 16.40 -5.02
N PHE A 334 -6.12 16.19 -3.73
CA PHE A 334 -5.21 15.42 -2.86
C PHE A 334 -5.15 13.97 -3.33
N ALA A 335 -6.27 13.46 -3.82
CA ALA A 335 -6.30 12.12 -4.41
C ALA A 335 -5.33 12.03 -5.57
N ALA A 336 -5.49 12.92 -6.56
CA ALA A 336 -4.56 12.95 -7.69
C ALA A 336 -3.13 13.27 -7.25
N ALA A 337 -2.98 14.00 -6.15
CA ALA A 337 -1.63 14.29 -5.66
C ALA A 337 -1.00 13.04 -5.06
N LEU A 338 -1.76 12.34 -4.20
CA LEU A 338 -1.22 11.17 -3.51
C LEU A 338 -0.81 10.07 -4.50
N THR A 339 -1.67 9.78 -5.47
CA THR A 339 -1.33 8.77 -6.48
C THR A 339 -0.19 9.23 -7.36
N ALA A 340 -0.09 10.55 -7.60
CA ALA A 340 1.06 11.12 -8.29
C ALA A 340 2.31 11.13 -7.43
N GLU A 341 2.16 11.25 -6.10
CA GLU A 341 3.29 11.16 -5.17
C GLU A 341 3.72 9.71 -4.99
N ARG A 342 2.77 8.79 -4.94
CA ARG A 342 3.09 7.37 -4.81
C ARG A 342 3.75 6.84 -6.08
N ILE A 343 3.30 7.33 -7.24
CA ILE A 343 3.84 6.85 -8.51
C ILE A 343 5.31 7.21 -8.66
N LYS A 344 5.71 8.37 -8.12
CA LYS A 344 7.08 8.87 -8.29
C LYS A 344 8.08 7.89 -7.71
N THR A 345 9.08 7.54 -8.53
CA THR A 345 10.17 6.65 -8.12
C THR A 345 11.36 6.78 -9.08
N PRO A 422 -3.87 19.72 1.11
CA PRO A 422 -5.30 20.07 1.11
C PRO A 422 -6.14 19.22 2.10
N ASN A 423 -7.41 18.94 1.75
CA ASN A 423 -8.35 18.16 2.59
C ASN A 423 -8.60 18.87 3.93
N ILE A 424 -9.12 20.10 3.82
CA ILE A 424 -9.25 20.93 5.02
C ILE A 424 -10.40 20.46 5.89
N GLU A 425 -11.44 19.88 5.30
CA GLU A 425 -12.56 19.44 6.10
C GLU A 425 -12.15 18.22 6.93
N PRO A 426 -12.63 18.10 8.17
CA PRO A 426 -12.28 16.92 8.96
C PRO A 426 -13.04 15.71 8.46
N PRO A 427 -12.40 14.54 8.41
CA PRO A 427 -13.13 13.35 7.95
C PRO A 427 -14.17 12.87 8.95
N GLU A 428 -15.22 12.26 8.40
CA GLU A 428 -16.33 11.69 9.13
C GLU A 428 -15.88 10.51 9.96
N ASN A 429 -16.51 10.36 11.10
CA ASN A 429 -16.13 9.32 12.03
C ASN A 429 -16.98 8.07 11.80
N VAL A 430 -16.38 7.06 11.16
CA VAL A 430 -16.99 5.75 10.92
C VAL A 430 -16.03 4.65 11.38
N GLU A 431 -16.60 3.46 11.63
CA GLU A 431 -15.82 2.26 11.95
C GLU A 431 -15.78 1.31 10.75
N TRP A 432 -14.58 0.79 10.46
CA TRP A 432 -14.32 -0.01 9.27
C TRP A 432 -14.08 -1.44 9.73
N SER A 433 -14.87 -2.37 9.20
CA SER A 433 -14.67 -3.77 9.53
C SER A 433 -13.47 -4.33 8.77
N GLY A 434 -12.94 -5.44 9.31
CA GLY A 434 -11.93 -6.20 8.60
C GLY A 434 -12.27 -6.41 7.13
N ALA A 435 -13.48 -6.93 6.87
CA ALA A 435 -13.89 -7.19 5.50
C ALA A 435 -13.89 -5.91 4.67
N GLU A 436 -14.41 -4.82 5.24
CA GLU A 436 -14.51 -3.58 4.48
C GLU A 436 -13.14 -3.05 4.10
N ALA A 437 -12.17 -3.09 5.03
CA ALA A 437 -10.84 -2.58 4.72
C ALA A 437 -10.14 -3.45 3.68
N SER A 438 -10.16 -4.77 3.87
CA SER A 438 -9.55 -5.70 2.91
C SER A 438 -10.15 -5.55 1.53
N MET A 439 -11.47 -5.40 1.46
CA MET A 439 -12.16 -5.17 0.19
C MET A 439 -11.75 -3.84 -0.42
N PHE A 440 -11.63 -2.81 0.42
CA PHE A 440 -11.14 -1.54 -0.09
C PHE A 440 -9.76 -1.69 -0.69
N ARG A 441 -8.83 -2.27 0.09
CA ARG A 441 -7.47 -2.50 -0.40
C ARG A 441 -7.49 -3.30 -1.70
N VAL A 442 -8.45 -4.22 -1.84
CA VAL A 442 -8.60 -4.93 -3.11
C VAL A 442 -9.09 -3.99 -4.20
N LEU A 443 -10.16 -3.23 -3.94
CA LEU A 443 -10.80 -2.40 -4.98
C LEU A 443 -9.92 -1.27 -5.48
N ILE A 444 -9.07 -0.68 -4.63
CA ILE A 444 -8.18 0.36 -5.13
C ILE A 444 -7.18 -0.21 -6.12
N GLY A 445 -6.81 -1.48 -5.96
CA GLY A 445 -5.88 -2.10 -6.89
C GLY A 445 -6.42 -2.18 -8.31
N THR A 446 -7.72 -2.33 -8.43
CA THR A 446 -8.36 -2.48 -9.72
C THR A 446 -9.12 -1.24 -10.20
N TYR A 447 -9.57 -0.34 -9.30
CA TYR A 447 -10.23 0.92 -9.68
C TYR A 447 -9.37 2.16 -9.54
N TYR A 448 -8.28 2.09 -8.77
CA TYR A 448 -7.26 3.14 -8.75
C TYR A 448 -7.86 4.53 -8.50
N ASP A 449 -8.21 4.78 -7.25
CA ASP A 449 -8.77 6.05 -6.75
C ASP A 449 -10.14 6.49 -7.29
N ASN A 450 -10.87 5.70 -8.07
CA ASN A 450 -12.27 6.01 -8.37
C ASN A 450 -13.16 5.69 -7.16
N PHE A 451 -13.01 6.49 -6.09
CA PHE A 451 -13.74 6.17 -4.86
C PHE A 451 -15.24 6.06 -5.10
N CYS A 452 -15.75 6.83 -6.06
CA CYS A 452 -17.14 6.72 -6.51
C CYS A 452 -17.55 5.27 -6.72
N ALA A 453 -16.78 4.56 -7.54
CA ALA A 453 -17.09 3.16 -7.84
C ALA A 453 -16.77 2.24 -6.67
N ILE A 454 -15.66 2.48 -5.95
CA ILE A 454 -15.34 1.62 -4.81
C ILE A 454 -16.50 1.63 -3.81
N ALA A 455 -16.96 2.83 -3.44
CA ALA A 455 -18.05 2.94 -2.46
C ALA A 455 -19.32 2.26 -2.91
N ARG A 456 -19.66 2.38 -4.20
CA ARG A 456 -20.83 1.66 -4.65
C ARG A 456 -20.65 0.14 -4.50
N LEU A 457 -19.46 -0.39 -4.81
CA LEU A 457 -19.27 -1.85 -4.70
C LEU A 457 -19.12 -2.29 -3.24
N ILE A 458 -18.32 -1.57 -2.43
CA ILE A 458 -18.27 -1.91 -1.01
C ILE A 458 -19.69 -1.87 -0.42
N GLY A 459 -20.51 -0.94 -0.89
CA GLY A 459 -21.95 -0.92 -0.60
C GLY A 459 -22.33 -0.39 0.76
N THR A 460 -21.58 -0.74 1.78
CA THR A 460 -21.87 -0.34 3.15
C THR A 460 -21.06 0.88 3.56
N LYS A 461 -20.58 1.65 2.60
CA LYS A 461 -19.82 2.88 2.82
C LYS A 461 -20.08 3.81 1.64
N THR A 462 -19.71 5.08 1.81
CA THR A 462 -19.95 6.07 0.77
C THR A 462 -18.66 6.66 0.26
N CYS A 463 -18.82 7.31 -0.89
CA CYS A 463 -17.69 7.89 -1.60
C CYS A 463 -16.82 8.74 -0.69
N ARG A 464 -17.44 9.52 0.19
CA ARG A 464 -16.70 10.36 1.13
C ARG A 464 -15.88 9.48 2.07
N GLN A 465 -16.53 8.46 2.61
CA GLN A 465 -15.90 7.58 3.59
C GLN A 465 -14.78 6.74 3.01
N VAL A 466 -14.91 6.32 1.74
CA VAL A 466 -13.83 5.62 1.03
C VAL A 466 -12.60 6.52 0.92
N TYR A 467 -12.84 7.77 0.48
CA TYR A 467 -11.77 8.76 0.39
C TYR A 467 -11.12 8.98 1.75
N GLU A 468 -11.92 9.26 2.78
CA GLU A 468 -11.36 9.35 4.12
C GLU A 468 -10.42 8.20 4.41
N PHE A 469 -10.84 6.97 4.10
CA PHE A 469 -10.04 5.81 4.48
C PHE A 469 -8.74 5.77 3.69
N ARG A 470 -8.81 6.06 2.39
CA ARG A 470 -7.61 6.18 1.58
C ARG A 470 -6.65 7.18 2.21
N VAL A 471 -7.17 8.32 2.65
CA VAL A 471 -6.34 9.34 3.27
C VAL A 471 -5.72 8.83 4.56
N LYS A 472 -6.53 8.18 5.40
CA LYS A 472 -5.97 7.57 6.60
C LYS A 472 -4.94 6.51 6.21
N GLU A 473 -5.22 5.75 5.15
CA GLU A 473 -4.29 4.68 4.77
C GLU A 473 -2.97 5.26 4.31
N SER A 474 -3.02 6.33 3.54
CA SER A 474 -1.79 6.92 3.03
C SER A 474 -0.88 7.40 4.16
N SER A 475 -1.44 7.88 5.26
CA SER A 475 -0.66 8.40 6.38
C SER A 475 -0.20 7.35 7.40
N ILE A 476 -0.64 6.07 7.24
CA ILE A 476 -0.07 4.98 8.05
C ILE A 476 1.31 4.64 7.48
N ILE A 477 2.21 4.17 8.33
CA ILE A 477 3.58 3.83 7.95
C ILE A 477 3.74 2.31 7.94
N ALA A 478 4.13 1.74 6.79
CA ALA A 478 4.42 0.31 6.72
C ALA A 478 5.72 0.01 7.47
N PRO A 479 5.78 -1.11 8.22
CA PRO A 479 6.99 -1.42 9.02
C PRO A 479 8.24 -1.71 8.17
N HIS A 516 10.18 -32.46 -34.44
CA HIS A 516 9.40 -32.92 -33.30
C HIS A 516 8.57 -31.79 -32.69
N VAL A 517 7.44 -32.10 -32.06
CA VAL A 517 6.55 -31.10 -31.50
C VAL A 517 6.63 -31.17 -29.98
N TYR A 518 6.67 -30.01 -29.32
CA TYR A 518 6.74 -29.96 -27.88
C TYR A 518 5.44 -29.36 -27.35
N ASN A 519 5.03 -29.77 -26.15
CA ASN A 519 3.79 -29.22 -25.64
C ASN A 519 3.97 -27.72 -25.39
N TYR A 520 2.94 -26.95 -25.69
CA TYR A 520 3.02 -25.52 -25.52
C TYR A 520 2.88 -25.12 -24.04
N GLN A 521 3.65 -24.11 -23.64
CA GLN A 521 3.51 -23.43 -22.35
C GLN A 521 3.69 -21.96 -22.68
N PRO A 522 2.99 -21.08 -21.98
CA PRO A 522 3.14 -19.65 -22.16
C PRO A 522 4.49 -19.18 -21.65
N CYS A 523 4.95 -18.08 -22.24
CA CYS A 523 6.18 -17.42 -21.82
C CYS A 523 5.82 -16.07 -21.21
N ASP A 524 6.60 -15.68 -20.18
CA ASP A 524 6.45 -14.41 -19.46
C ASP A 524 7.82 -13.88 -19.03
N HIS A 525 8.47 -13.15 -19.92
CA HIS A 525 9.72 -12.44 -19.64
C HIS A 525 9.34 -10.99 -19.90
N PRO A 526 8.99 -10.24 -18.84
CA PRO A 526 8.04 -9.13 -19.04
C PRO A 526 8.49 -8.01 -19.96
N ARG A 527 9.72 -7.49 -19.81
CA ARG A 527 10.01 -6.33 -20.65
C ARG A 527 10.74 -6.73 -21.92
N GLN A 528 11.53 -7.79 -21.88
CA GLN A 528 12.37 -8.22 -22.97
C GLN A 528 11.54 -8.94 -24.03
N PRO A 529 12.04 -9.06 -25.26
CA PRO A 529 11.23 -9.61 -26.35
C PRO A 529 11.39 -11.11 -26.50
N CYS A 530 10.49 -11.68 -27.27
CA CYS A 530 10.51 -13.11 -27.57
C CYS A 530 11.57 -13.37 -28.66
N ASP A 531 12.78 -13.66 -28.23
CA ASP A 531 13.88 -13.94 -29.14
C ASP A 531 14.42 -15.33 -28.84
N SER A 532 15.62 -15.62 -29.33
CA SER A 532 16.17 -16.98 -29.24
C SER A 532 16.23 -17.54 -27.81
N SER A 533 16.25 -16.70 -26.76
CA SER A 533 16.11 -17.18 -25.38
C SER A 533 14.67 -17.47 -24.94
N CYS A 534 13.67 -16.99 -25.67
CA CYS A 534 12.29 -17.22 -25.25
C CYS A 534 11.96 -18.70 -25.36
N PRO A 535 11.38 -19.31 -24.32
CA PRO A 535 11.04 -20.74 -24.37
C PRO A 535 10.18 -21.10 -25.56
N CYS A 536 9.30 -20.18 -25.99
CA CYS A 536 8.46 -20.48 -27.14
C CYS A 536 9.28 -20.77 -28.39
N VAL A 537 10.24 -19.89 -28.73
CA VAL A 537 11.04 -20.13 -29.93
C VAL A 537 12.04 -21.23 -29.69
N ILE A 538 12.52 -21.39 -28.45
CA ILE A 538 13.41 -22.50 -28.17
C ILE A 538 12.73 -23.80 -28.56
N ALA A 539 11.49 -23.98 -28.09
CA ALA A 539 10.58 -25.08 -28.37
C ALA A 539 10.13 -25.11 -29.83
N GLN A 540 10.25 -24.00 -30.56
CA GLN A 540 9.87 -23.95 -31.98
C GLN A 540 8.36 -23.91 -32.13
N ASN A 541 7.72 -23.30 -31.13
CA ASN A 541 6.28 -23.07 -31.07
C ASN A 541 6.01 -21.56 -31.08
N PHE A 542 4.89 -21.20 -31.71
CA PHE A 542 4.39 -19.84 -31.61
C PHE A 542 4.05 -19.50 -30.18
N CYS A 543 4.17 -18.20 -29.83
CA CYS A 543 3.50 -17.64 -28.66
C CYS A 543 1.99 -17.55 -28.92
N GLU A 544 1.20 -17.64 -27.85
CA GLU A 544 -0.25 -17.65 -27.99
C GLU A 544 -0.87 -16.52 -27.17
N LYS A 545 -2.20 -16.45 -27.25
CA LYS A 545 -2.91 -15.43 -26.47
C LYS A 545 -2.52 -15.51 -24.99
N PHE A 546 -2.11 -16.68 -24.52
CA PHE A 546 -1.76 -16.89 -23.13
C PHE A 546 -0.41 -16.31 -22.77
N CYS A 547 0.41 -16.02 -23.76
CA CYS A 547 1.74 -15.48 -23.50
C CYS A 547 1.68 -14.05 -22.96
N GLN A 548 2.55 -13.75 -22.02
CA GLN A 548 2.59 -12.44 -21.41
C GLN A 548 3.58 -11.51 -22.12
N CYS A 549 3.99 -11.89 -23.32
CA CYS A 549 4.85 -11.06 -24.14
C CYS A 549 4.03 -9.98 -24.80
N SER A 550 4.70 -9.18 -25.65
CA SER A 550 4.14 -8.01 -26.32
C SER A 550 2.91 -8.33 -27.15
N SER A 551 2.04 -7.34 -27.28
CA SER A 551 0.86 -7.51 -28.08
C SER A 551 1.24 -7.84 -29.52
N GLU A 552 2.29 -7.20 -30.01
CA GLU A 552 2.77 -7.33 -31.38
C GLU A 552 4.02 -8.21 -31.46
N CYS A 553 4.16 -9.22 -30.58
CA CYS A 553 5.29 -10.13 -30.66
C CYS A 553 5.31 -10.78 -32.03
N GLN A 554 6.49 -10.84 -32.64
CA GLN A 554 6.60 -11.37 -33.99
C GLN A 554 6.36 -12.88 -34.03
N ASN A 555 6.51 -13.55 -32.89
CA ASN A 555 6.42 -15.00 -32.83
C ASN A 555 5.02 -15.48 -32.46
N ARG A 556 4.09 -14.57 -32.23
CA ARG A 556 2.70 -14.95 -32.04
C ARG A 556 2.10 -15.44 -33.35
N PHE A 557 1.12 -16.30 -33.25
CA PHE A 557 0.37 -16.70 -34.41
C PHE A 557 -0.81 -15.75 -34.61
N PRO A 558 -0.93 -15.07 -35.74
CA PRO A 558 -2.14 -14.28 -36.04
C PRO A 558 -3.30 -15.20 -36.35
N GLY A 559 -4.50 -14.69 -36.37
CA GLY A 559 -5.52 -15.68 -36.61
C GLY A 559 -5.65 -15.90 -38.10
N CYS A 560 -6.86 -16.08 -38.56
CA CYS A 560 -7.10 -16.10 -39.98
C CYS A 560 -8.16 -15.03 -40.26
N ARG A 561 -8.22 -14.55 -41.48
CA ARG A 561 -9.23 -13.57 -41.83
C ARG A 561 -10.30 -14.17 -42.72
N CYS A 562 -10.40 -15.50 -42.72
CA CYS A 562 -11.19 -16.20 -43.72
C CYS A 562 -12.64 -15.74 -43.69
N LYS A 563 -13.29 -15.86 -44.85
CA LYS A 563 -14.72 -15.56 -44.91
C LYS A 563 -15.50 -16.66 -44.22
N ALA A 564 -15.28 -17.91 -44.65
CA ALA A 564 -16.22 -18.94 -44.39
C ALA A 564 -15.34 -20.24 -43.87
N GLN A 565 -15.57 -21.36 -44.52
CA GLN A 565 -15.32 -22.63 -43.80
C GLN A 565 -13.88 -22.83 -43.37
N CYS A 566 -12.95 -22.24 -44.08
CA CYS A 566 -11.52 -22.39 -43.80
C CYS A 566 -11.18 -23.83 -43.40
N ASN A 567 -11.52 -24.73 -44.32
CA ASN A 567 -11.08 -26.11 -44.32
C ASN A 567 -10.12 -26.41 -45.48
N THR A 568 -9.46 -25.39 -46.04
CA THR A 568 -8.47 -25.55 -47.12
C THR A 568 -7.15 -24.90 -46.74
N LYS A 569 -6.13 -25.18 -47.54
CA LYS A 569 -4.80 -24.63 -47.27
C LYS A 569 -4.79 -23.09 -47.25
N GLN A 570 -5.75 -22.44 -47.92
CA GLN A 570 -5.77 -20.99 -47.89
C GLN A 570 -5.99 -20.46 -46.47
N CYS A 571 -6.58 -21.21 -45.57
CA CYS A 571 -6.64 -20.70 -44.22
C CYS A 571 -5.32 -20.90 -43.50
N PRO A 572 -4.67 -19.84 -43.04
CA PRO A 572 -3.40 -20.03 -42.33
C PRO A 572 -3.51 -20.92 -41.12
N CYS A 573 -4.67 -20.92 -40.45
CA CYS A 573 -4.88 -21.80 -39.31
C CYS A 573 -4.84 -23.25 -39.73
N TYR A 574 -5.71 -23.59 -40.67
CA TYR A 574 -5.79 -24.95 -41.17
C TYR A 574 -4.46 -25.42 -41.71
N LEU A 575 -3.73 -24.56 -42.42
CA LEU A 575 -2.46 -24.97 -43.02
C LEU A 575 -1.42 -25.26 -41.95
N ALA A 576 -1.47 -24.58 -40.80
CA ALA A 576 -0.55 -24.87 -39.72
C ALA A 576 -1.01 -26.05 -38.89
N VAL A 577 -2.05 -26.74 -39.35
CA VAL A 577 -2.65 -27.83 -38.60
C VAL A 577 -3.01 -27.30 -37.21
N ARG A 578 -3.68 -26.13 -37.19
CA ARG A 578 -4.27 -25.52 -35.99
C ARG A 578 -5.75 -25.25 -36.27
N GLU A 579 -6.58 -25.53 -35.28
CA GLU A 579 -7.96 -25.09 -35.32
C GLU A 579 -8.01 -23.59 -35.07
N CYS A 580 -9.07 -22.97 -35.55
CA CYS A 580 -9.25 -21.54 -35.40
C CYS A 580 -9.24 -21.16 -33.91
N ASP A 581 -9.09 -19.86 -33.67
CA ASP A 581 -9.10 -19.28 -32.33
C ASP A 581 -10.36 -18.46 -32.14
N PRO A 582 -11.15 -18.72 -31.11
CA PRO A 582 -12.36 -17.93 -30.90
C PRO A 582 -12.06 -16.49 -30.49
N ASP A 583 -10.85 -16.23 -29.98
CA ASP A 583 -10.34 -14.92 -29.64
C ASP A 583 -9.52 -14.25 -30.76
N LEU A 584 -9.04 -14.98 -31.77
CA LEU A 584 -8.32 -14.36 -32.89
C LEU A 584 -9.05 -14.46 -34.23
N CYS A 585 -9.67 -15.60 -34.56
CA CYS A 585 -10.29 -15.75 -35.88
C CYS A 585 -11.71 -15.18 -35.82
N LEU A 586 -11.76 -13.84 -35.81
CA LEU A 586 -12.94 -13.01 -35.65
C LEU A 586 -13.71 -12.80 -36.95
N THR A 587 -13.20 -13.22 -38.08
CA THR A 587 -13.94 -13.06 -39.31
C THR A 587 -14.66 -14.32 -39.74
N CYS A 588 -14.08 -15.49 -39.50
CA CYS A 588 -14.63 -16.72 -40.07
C CYS A 588 -15.83 -17.24 -39.31
N GLY A 589 -15.93 -16.92 -38.02
CA GLY A 589 -17.00 -17.45 -37.21
C GLY A 589 -16.58 -18.44 -36.14
N ALA A 590 -15.29 -18.67 -35.92
CA ALA A 590 -14.92 -19.46 -34.77
C ALA A 590 -15.37 -18.77 -33.48
N ALA A 591 -15.35 -17.44 -33.47
CA ALA A 591 -15.87 -16.60 -32.40
C ALA A 591 -17.39 -16.46 -32.43
N ASP A 592 -18.07 -17.02 -33.43
CA ASP A 592 -19.49 -16.75 -33.60
C ASP A 592 -20.33 -17.44 -32.52
N HIS A 593 -21.64 -17.29 -32.67
CA HIS A 593 -22.62 -17.69 -31.66
C HIS A 593 -22.40 -19.14 -31.26
N TRP A 594 -22.14 -19.33 -29.97
CA TRP A 594 -21.74 -20.57 -29.33
C TRP A 594 -22.80 -21.66 -29.32
N ASP A 595 -24.06 -21.28 -29.09
CA ASP A 595 -25.10 -22.28 -28.87
C ASP A 595 -25.48 -23.05 -30.12
N SER A 596 -25.57 -22.38 -31.26
CA SER A 596 -25.78 -23.15 -32.46
C SER A 596 -24.35 -23.54 -32.82
N LYS A 597 -23.94 -24.73 -32.39
CA LYS A 597 -22.53 -25.13 -32.47
C LYS A 597 -22.10 -25.49 -33.88
N ASN A 598 -23.02 -25.86 -34.77
CA ASN A 598 -22.66 -25.94 -36.17
C ASN A 598 -22.63 -24.51 -36.73
N VAL A 599 -21.53 -24.12 -37.40
CA VAL A 599 -21.30 -22.70 -37.72
C VAL A 599 -20.48 -22.61 -39.00
N SER A 600 -20.39 -21.40 -39.56
CA SER A 600 -19.67 -21.16 -40.82
C SER A 600 -18.24 -21.66 -40.81
N CYS A 601 -17.54 -21.54 -39.68
CA CYS A 601 -16.16 -22.02 -39.57
C CYS A 601 -16.19 -23.52 -39.29
N LYS A 602 -15.57 -24.29 -40.17
CA LYS A 602 -15.51 -25.73 -40.02
C LYS A 602 -14.15 -26.20 -39.53
N ASN A 603 -13.38 -25.29 -38.92
CA ASN A 603 -12.09 -25.59 -38.32
C ASN A 603 -12.11 -25.43 -36.81
N CYS A 604 -13.31 -25.53 -36.20
CA CYS A 604 -13.41 -25.43 -34.75
C CYS A 604 -14.18 -26.58 -34.10
N SER A 605 -14.32 -27.76 -34.77
CA SER A 605 -15.10 -28.84 -34.20
C SER A 605 -14.50 -29.39 -32.91
N ILE A 606 -13.19 -29.56 -32.84
CA ILE A 606 -12.60 -30.13 -31.63
C ILE A 606 -12.86 -29.22 -30.44
N GLN A 607 -12.68 -27.91 -30.60
CA GLN A 607 -12.89 -27.02 -29.45
C GLN A 607 -14.30 -27.17 -28.93
N ARG A 608 -15.27 -27.25 -29.83
CA ARG A 608 -16.70 -27.25 -29.55
C ARG A 608 -17.28 -28.64 -29.34
N GLY A 609 -16.48 -29.71 -29.36
CA GLY A 609 -17.03 -31.05 -29.16
C GLY A 609 -18.20 -31.37 -30.07
N SER A 610 -18.10 -31.00 -31.34
CA SER A 610 -19.17 -31.21 -32.31
C SER A 610 -19.08 -32.60 -32.92
N LYS A 611 -18.91 -33.61 -32.06
CA LYS A 611 -18.63 -34.94 -32.56
C LYS A 611 -19.93 -35.58 -33.02
N LYS A 612 -19.79 -36.50 -33.98
CA LYS A 612 -20.91 -37.24 -34.56
C LYS A 612 -21.38 -38.33 -33.61
N HIS A 613 -22.56 -38.87 -33.89
CA HIS A 613 -23.11 -39.89 -33.02
C HIS A 613 -22.52 -41.26 -33.38
N LEU A 614 -21.98 -41.95 -32.39
CA LEU A 614 -21.30 -43.22 -32.61
C LEU A 614 -22.06 -44.33 -31.90
N LEU A 615 -22.01 -45.52 -32.50
CA LEU A 615 -22.78 -46.69 -32.06
C LEU A 615 -21.84 -47.83 -31.74
N LEU A 616 -22.03 -48.43 -30.56
CA LEU A 616 -21.20 -49.53 -30.08
C LEU A 616 -21.80 -50.87 -30.45
N ALA A 617 -20.97 -51.75 -30.99
CA ALA A 617 -21.44 -53.04 -31.45
C ALA A 617 -20.24 -53.95 -31.62
N PRO A 618 -20.45 -55.26 -31.63
CA PRO A 618 -19.33 -56.17 -31.87
C PRO A 618 -18.74 -55.92 -33.25
N SER A 619 -17.42 -55.77 -33.29
CA SER A 619 -16.72 -55.51 -34.55
C SER A 619 -16.83 -56.69 -35.50
N ASP A 620 -16.88 -56.38 -36.79
CA ASP A 620 -16.71 -57.40 -37.82
C ASP A 620 -15.25 -57.83 -37.89
N VAL A 621 -14.35 -57.02 -37.35
CA VAL A 621 -12.91 -57.25 -37.40
C VAL A 621 -12.36 -57.80 -36.09
N ALA A 622 -12.58 -57.10 -34.98
CA ALA A 622 -11.94 -57.54 -33.74
C ALA A 622 -12.66 -56.99 -32.51
N GLY A 623 -13.11 -57.90 -31.64
CA GLY A 623 -13.74 -57.52 -30.40
C GLY A 623 -14.83 -56.52 -30.65
N TRP A 624 -14.87 -55.51 -29.78
CA TRP A 624 -15.80 -54.42 -29.98
C TRP A 624 -15.32 -53.51 -31.10
N GLY A 625 -16.28 -52.91 -31.81
CA GLY A 625 -16.00 -51.93 -32.84
C GLY A 625 -16.96 -50.78 -32.66
N ILE A 626 -16.75 -49.73 -33.46
CA ILE A 626 -17.63 -48.57 -33.39
C ILE A 626 -18.20 -48.24 -34.76
N PHE A 627 -19.46 -47.82 -34.76
CA PHE A 627 -20.19 -47.61 -35.99
C PHE A 627 -20.80 -46.22 -35.98
N ILE A 628 -20.85 -45.60 -37.17
CA ILE A 628 -21.41 -44.26 -37.31
C ILE A 628 -22.89 -44.37 -37.65
N LYS A 629 -23.71 -43.62 -36.93
CA LYS A 629 -25.15 -43.70 -37.09
C LYS A 629 -25.60 -43.14 -38.43
N ASP A 630 -25.29 -41.85 -38.68
CA ASP A 630 -25.67 -41.11 -39.86
C ASP A 630 -24.45 -40.82 -40.73
N PRO A 631 -24.65 -40.69 -42.03
CA PRO A 631 -23.51 -40.64 -42.94
C PRO A 631 -22.77 -39.34 -42.78
N VAL A 632 -21.52 -39.33 -43.26
CA VAL A 632 -20.65 -38.15 -43.23
C VAL A 632 -19.85 -38.09 -44.52
N GLN A 633 -19.49 -36.87 -44.92
CA GLN A 633 -18.73 -36.65 -46.14
C GLN A 633 -17.23 -36.59 -45.85
N LYS A 634 -16.45 -36.50 -46.93
CA LYS A 634 -15.00 -36.55 -46.81
C LYS A 634 -14.48 -35.39 -45.99
N ASN A 635 -13.53 -35.69 -45.12
CA ASN A 635 -12.86 -34.72 -44.23
C ASN A 635 -13.80 -34.07 -43.25
N GLU A 636 -14.95 -34.67 -43.01
CA GLU A 636 -15.85 -34.18 -41.98
C GLU A 636 -15.40 -34.69 -40.62
N PHE A 637 -15.61 -33.88 -39.59
CA PHE A 637 -15.12 -34.22 -38.27
C PHE A 637 -16.00 -35.25 -37.59
N ILE A 638 -15.39 -36.34 -37.15
CA ILE A 638 -16.16 -37.38 -36.47
C ILE A 638 -16.12 -37.23 -34.97
N SER A 639 -14.93 -37.28 -34.38
CA SER A 639 -14.88 -37.10 -32.94
C SER A 639 -13.45 -36.86 -32.49
N GLU A 640 -13.30 -36.29 -31.32
CA GLU A 640 -11.98 -36.21 -30.74
C GLU A 640 -11.63 -37.54 -30.09
N TYR A 641 -10.33 -37.87 -30.09
CA TYR A 641 -9.83 -39.07 -29.41
C TYR A 641 -9.39 -38.68 -27.99
N CYS A 642 -10.33 -38.66 -27.05
CA CYS A 642 -9.99 -38.22 -25.70
C CYS A 642 -9.40 -39.35 -24.84
N GLY A 643 -8.73 -38.96 -23.77
CA GLY A 643 -8.23 -39.93 -22.81
C GLY A 643 -7.31 -39.27 -21.82
N GLU A 644 -6.76 -40.06 -20.91
CA GLU A 644 -5.77 -39.52 -19.99
C GLU A 644 -4.55 -39.03 -20.77
N ILE A 645 -3.89 -38.00 -20.25
CA ILE A 645 -2.63 -37.50 -20.79
C ILE A 645 -1.54 -37.90 -19.80
N ILE A 646 -0.48 -38.51 -20.34
CA ILE A 646 0.59 -39.07 -19.53
C ILE A 646 1.88 -38.89 -20.31
N SER A 647 2.97 -38.85 -19.56
CA SER A 647 4.32 -38.68 -20.04
C SER A 647 4.74 -39.89 -20.89
N GLN A 648 5.82 -39.71 -21.64
CA GLN A 648 6.31 -40.81 -22.45
C GLN A 648 6.80 -41.97 -21.58
N ASP A 649 7.42 -41.68 -20.43
CA ASP A 649 7.88 -42.72 -19.51
C ASP A 649 6.71 -43.52 -18.95
N GLU A 650 5.68 -42.84 -18.45
CA GLU A 650 4.50 -43.53 -17.94
C GLU A 650 3.82 -44.35 -19.02
N ALA A 651 3.78 -43.84 -20.25
CA ALA A 651 3.17 -44.61 -21.34
C ALA A 651 3.96 -45.88 -21.63
N ASP A 652 5.27 -45.83 -21.45
CA ASP A 652 6.10 -47.02 -21.64
C ASP A 652 5.80 -48.09 -20.62
N ARG A 653 5.60 -47.70 -19.36
CA ARG A 653 5.28 -48.68 -18.34
C ARG A 653 3.90 -49.29 -18.59
N ARG A 654 2.91 -48.44 -18.79
CA ARG A 654 1.60 -48.96 -19.12
C ARG A 654 1.66 -49.76 -20.41
N GLY A 655 2.55 -49.39 -21.32
CA GLY A 655 2.63 -50.09 -22.59
C GLY A 655 3.13 -51.52 -22.49
N LYS A 656 4.08 -51.78 -21.58
CA LYS A 656 4.59 -53.13 -21.49
C LYS A 656 3.46 -54.11 -21.19
N VAL A 657 2.65 -53.76 -20.20
CA VAL A 657 1.50 -54.58 -19.84
C VAL A 657 0.45 -54.60 -20.96
N TYR A 658 0.23 -53.47 -21.64
CA TYR A 658 -0.75 -53.47 -22.72
C TYR A 658 -0.32 -54.37 -23.86
N ASP A 659 0.96 -54.33 -24.22
CA ASP A 659 1.49 -55.16 -25.30
C ASP A 659 1.38 -56.65 -24.94
N LYS A 660 1.71 -57.00 -23.71
CA LYS A 660 1.58 -58.38 -23.26
C LYS A 660 0.12 -58.82 -23.27
N TYR A 661 -0.78 -57.98 -22.77
CA TYR A 661 -2.22 -58.20 -22.83
C TYR A 661 -2.71 -58.25 -24.28
N MET A 662 -1.91 -57.74 -25.22
CA MET A 662 -2.13 -57.70 -26.69
C MET A 662 -2.96 -56.56 -27.24
N CYS A 663 -3.50 -55.65 -26.39
CA CYS A 663 -4.28 -54.50 -26.81
C CYS A 663 -3.89 -53.25 -25.99
N SER A 664 -3.74 -52.11 -26.69
CA SER A 664 -3.43 -50.78 -26.14
C SER A 664 -4.28 -49.72 -26.83
N PHE A 665 -4.75 -48.79 -26.00
CA PHE A 665 -5.47 -47.59 -26.39
C PHE A 665 -4.55 -46.38 -26.44
N LEU A 666 -3.23 -46.62 -26.50
CA LEU A 666 -2.25 -45.55 -26.51
C LEU A 666 -2.25 -44.81 -27.84
N PHE A 667 -2.16 -43.49 -27.77
CA PHE A 667 -2.12 -42.64 -28.94
C PHE A 667 -1.11 -41.53 -28.66
N ASN A 668 -0.17 -41.34 -29.58
CA ASN A 668 0.87 -40.35 -29.35
C ASN A 668 0.37 -38.94 -29.64
N LEU A 669 0.60 -38.03 -28.68
CA LEU A 669 0.18 -36.64 -28.81
C LEU A 669 1.33 -35.75 -29.33
N ASN A 670 2.44 -35.72 -28.60
CA ASN A 670 3.60 -34.95 -28.99
C ASN A 670 4.78 -35.48 -28.16
N ASN A 671 5.95 -34.87 -28.31
CA ASN A 671 7.11 -35.35 -27.57
C ASN A 671 6.87 -35.49 -26.09
N ASP A 672 6.14 -34.56 -25.50
CA ASP A 672 6.00 -34.57 -24.04
C ASP A 672 4.95 -35.58 -23.55
N PHE A 673 3.85 -35.77 -24.29
CA PHE A 673 2.70 -36.49 -23.75
C PHE A 673 2.10 -37.47 -24.77
N VAL A 674 1.42 -38.48 -24.20
CA VAL A 674 0.69 -39.49 -24.94
C VAL A 674 -0.71 -39.51 -24.36
N VAL A 675 -1.68 -39.76 -25.21
CA VAL A 675 -3.08 -39.84 -24.79
C VAL A 675 -3.45 -41.29 -24.59
N ASP A 676 -3.89 -41.65 -23.38
CA ASP A 676 -4.20 -43.04 -23.03
C ASP A 676 -5.70 -43.21 -22.78
N ALA A 677 -6.39 -43.81 -23.75
CA ALA A 677 -7.85 -43.97 -23.68
C ALA A 677 -8.27 -45.19 -22.89
N THR A 678 -7.33 -45.84 -22.22
CA THR A 678 -7.59 -47.10 -21.55
C THR A 678 -8.49 -46.93 -20.33
N ARG A 679 -8.07 -46.15 -19.33
CA ARG A 679 -8.84 -46.02 -18.10
C ARG A 679 -10.01 -45.05 -18.24
N LYS A 680 -9.84 -43.92 -18.93
CA LYS A 680 -10.96 -43.02 -19.24
C LYS A 680 -10.77 -42.50 -20.65
N GLY A 681 -11.84 -42.38 -21.39
CA GLY A 681 -11.73 -42.03 -22.79
C GLY A 681 -13.12 -41.82 -23.31
N ASN A 682 -13.30 -42.03 -24.60
CA ASN A 682 -14.60 -41.80 -25.23
C ASN A 682 -14.83 -42.84 -26.32
N LYS A 683 -16.05 -42.82 -26.86
CA LYS A 683 -16.53 -43.93 -27.67
C LYS A 683 -15.62 -44.21 -28.86
N ILE A 684 -15.02 -43.18 -29.46
CA ILE A 684 -14.17 -43.40 -30.62
C ILE A 684 -12.98 -44.31 -30.29
N ARG A 685 -12.72 -44.54 -29.01
CA ARG A 685 -11.61 -45.41 -28.63
C ARG A 685 -11.77 -46.82 -29.19
N PHE A 686 -13.01 -47.24 -29.47
CA PHE A 686 -13.30 -48.56 -30.02
C PHE A 686 -13.00 -48.67 -31.51
N ALA A 687 -12.69 -47.58 -32.21
CA ALA A 687 -12.33 -47.69 -33.62
C ALA A 687 -11.16 -48.65 -33.83
N ASN A 688 -11.29 -49.54 -34.81
CA ASN A 688 -10.25 -50.54 -35.03
C ASN A 688 -9.22 -50.05 -36.05
N HIS A 689 -8.13 -50.80 -36.19
CA HIS A 689 -7.14 -50.53 -37.22
C HIS A 689 -7.52 -51.16 -38.55
N SER A 690 -7.11 -50.50 -39.63
CA SER A 690 -7.28 -51.01 -41.00
C SER A 690 -6.23 -50.33 -41.87
N VAL A 691 -5.60 -51.09 -42.76
CA VAL A 691 -4.60 -50.49 -43.65
C VAL A 691 -5.30 -49.66 -44.72
N ASN A 692 -6.48 -50.09 -45.19
CA ASN A 692 -7.37 -49.31 -46.04
C ASN A 692 -8.50 -48.78 -45.18
N PRO A 693 -8.28 -47.71 -44.42
CA PRO A 693 -9.28 -47.27 -43.46
C PRO A 693 -10.33 -46.41 -44.14
N ASN A 694 -11.32 -45.96 -43.38
CA ASN A 694 -12.22 -44.90 -43.82
C ASN A 694 -12.09 -43.66 -42.96
N CYS A 695 -11.11 -43.60 -42.07
CA CYS A 695 -10.96 -42.41 -41.24
C CYS A 695 -9.49 -42.18 -41.01
N TYR A 696 -9.14 -40.92 -40.70
CA TYR A 696 -7.77 -40.54 -40.43
C TYR A 696 -7.69 -39.64 -39.19
N ALA A 697 -6.48 -39.49 -38.68
CA ALA A 697 -6.22 -38.75 -37.46
C ALA A 697 -5.31 -37.56 -37.73
N LYS A 698 -5.70 -36.41 -37.22
CA LYS A 698 -4.89 -35.20 -37.19
C LYS A 698 -4.62 -34.84 -35.74
N VAL A 699 -3.37 -34.66 -35.37
CA VAL A 699 -3.07 -34.02 -34.10
C VAL A 699 -3.10 -32.51 -34.35
N MET A 700 -4.24 -31.89 -34.09
CA MET A 700 -4.30 -30.44 -34.25
C MET A 700 -3.87 -29.75 -32.95
N MET A 701 -3.53 -28.48 -33.08
CA MET A 701 -3.17 -27.63 -31.94
C MET A 701 -4.35 -26.71 -31.71
N VAL A 702 -4.93 -26.77 -30.52
CA VAL A 702 -6.23 -26.15 -30.24
C VAL A 702 -6.10 -25.33 -28.95
N ASN A 703 -6.02 -24.02 -29.10
CA ASN A 703 -6.08 -23.08 -27.98
C ASN A 703 -5.07 -23.44 -26.90
N GLY A 704 -3.86 -23.74 -27.32
CA GLY A 704 -2.78 -24.05 -26.41
C GLY A 704 -2.59 -25.51 -26.14
N ASP A 705 -3.57 -26.34 -26.49
CA ASP A 705 -3.59 -27.78 -26.27
C ASP A 705 -3.48 -28.56 -27.56
N HIS A 706 -2.80 -29.69 -27.47
CA HIS A 706 -2.80 -30.66 -28.54
C HIS A 706 -3.98 -31.62 -28.35
N ARG A 707 -4.79 -31.81 -29.39
CA ARG A 707 -5.97 -32.66 -29.31
C ARG A 707 -6.01 -33.53 -30.54
N ILE A 708 -6.47 -34.76 -30.38
CA ILE A 708 -6.49 -35.70 -31.49
C ILE A 708 -7.83 -35.62 -32.16
N GLY A 709 -7.85 -35.49 -33.48
CA GLY A 709 -9.12 -35.41 -34.17
C GLY A 709 -9.34 -36.55 -35.15
N ILE A 710 -10.48 -37.22 -35.10
CA ILE A 710 -10.75 -38.33 -36.01
C ILE A 710 -11.74 -37.87 -37.07
N PHE A 711 -11.32 -37.95 -38.33
CA PHE A 711 -12.05 -37.44 -39.47
C PHE A 711 -12.28 -38.51 -40.51
N ALA A 712 -13.27 -38.29 -41.36
CA ALA A 712 -13.57 -39.22 -42.44
C ALA A 712 -12.63 -39.04 -43.63
N LYS A 713 -11.89 -40.11 -43.98
CA LYS A 713 -11.01 -40.11 -45.14
C LYS A 713 -11.80 -40.22 -46.44
N ARG A 714 -13.07 -40.57 -46.36
CA ARG A 714 -13.86 -40.80 -47.55
C ARG A 714 -15.32 -40.60 -47.16
N ALA A 715 -16.21 -40.57 -48.16
CA ALA A 715 -17.63 -40.57 -47.83
C ALA A 715 -17.99 -41.85 -47.10
N ILE A 716 -18.77 -41.72 -46.02
CA ILE A 716 -19.11 -42.85 -45.16
C ILE A 716 -20.63 -42.97 -45.05
N GLN A 717 -21.15 -44.17 -45.36
CA GLN A 717 -22.58 -44.48 -45.32
C GLN A 717 -23.03 -44.89 -43.93
N THR A 718 -24.35 -44.88 -43.75
CA THR A 718 -24.98 -45.24 -42.48
C THR A 718 -24.50 -46.60 -42.00
N GLY A 719 -24.20 -46.69 -40.70
CA GLY A 719 -23.89 -47.97 -40.08
C GLY A 719 -22.56 -48.57 -40.46
N GLU A 720 -21.70 -47.85 -41.17
CA GLU A 720 -20.39 -48.39 -41.45
C GLU A 720 -19.56 -48.44 -40.17
N GLU A 721 -18.68 -49.43 -40.09
CA GLU A 721 -17.70 -49.49 -39.01
C GLU A 721 -16.52 -48.61 -39.35
N LEU A 722 -16.07 -47.82 -38.37
CA LEU A 722 -14.99 -46.84 -38.55
C LEU A 722 -13.65 -47.46 -38.20
N PHE A 723 -12.64 -47.25 -39.06
CA PHE A 723 -11.27 -47.76 -38.90
C PHE A 723 -10.28 -46.67 -39.26
N PHE A 724 -9.12 -46.68 -38.61
CA PHE A 724 -8.08 -45.73 -38.99
C PHE A 724 -6.71 -46.39 -38.90
N ASP A 725 -5.73 -45.81 -39.58
CA ASP A 725 -4.41 -46.42 -39.68
C ASP A 725 -3.64 -46.08 -38.40
N TYR A 726 -3.31 -47.10 -37.61
CA TYR A 726 -2.59 -46.89 -36.35
C TYR A 726 -1.15 -46.38 -36.55
N ARG A 727 -0.50 -46.63 -37.68
CA ARG A 727 0.88 -46.20 -37.93
C ARG A 727 1.92 -47.06 -37.22
N TYR A 728 1.60 -48.32 -36.93
CA TYR A 728 2.52 -49.27 -36.32
C TYR A 728 3.46 -49.80 -37.41
N SER A 729 4.40 -50.72 -37.09
CA SER A 729 5.21 -51.41 -38.13
C SER A 729 4.42 -52.34 -39.13
N GLN A 730 3.60 -53.36 -38.75
CA GLN A 730 3.44 -54.08 -37.44
C GLN A 730 2.47 -55.28 -37.49
N ALA A 731 2.63 -56.22 -36.56
CA ALA A 731 1.64 -57.26 -36.31
C ALA A 731 1.50 -57.45 -34.79
N ASP A 732 1.30 -56.34 -34.08
CA ASP A 732 1.10 -56.30 -32.59
C ASP A 732 -0.27 -55.77 -32.19
N ALA A 733 -1.36 -56.41 -32.63
CA ALA A 733 -1.27 -57.67 -33.33
C ALA A 733 -2.27 -57.77 -34.48
N LEU A 734 -2.23 -56.82 -35.40
CA LEU A 734 -3.19 -56.78 -36.53
C LEU A 734 -2.52 -56.61 -37.88
N LYS A 735 -2.51 -57.60 -38.79
CA LYS A 735 -2.90 -59.03 -38.73
C LYS A 735 -4.39 -59.30 -39.01
N TYR A 736 -5.20 -58.28 -39.27
CA TYR A 736 -6.60 -58.60 -39.55
C TYR A 736 -7.27 -57.60 -40.48
N VAL A 737 -6.52 -56.98 -41.36
CA VAL A 737 -7.16 -56.05 -42.26
C VAL A 737 -7.02 -56.50 -43.71
N GLY A 738 -8.13 -56.54 -44.44
CA GLY A 738 -9.42 -56.21 -43.87
C GLY A 738 -10.45 -57.10 -44.52
N ILE A 739 -11.58 -57.24 -43.84
CA ILE A 739 -12.68 -58.04 -44.38
C ILE A 739 -13.16 -57.41 -45.68
N GLU A 740 -13.44 -58.27 -46.67
CA GLU A 740 -13.93 -57.84 -47.97
C GLU A 740 -12.98 -56.84 -48.66
N LYS B 3 -8.95 -75.45 25.64
CA LYS B 3 -8.72 -76.26 24.45
C LYS B 3 -9.24 -75.56 23.18
N CYS B 4 -9.98 -76.29 22.34
CA CYS B 4 -10.46 -75.73 21.08
C CYS B 4 -11.84 -76.27 20.75
N LYS B 5 -12.58 -75.47 19.99
CA LYS B 5 -13.87 -75.85 19.45
C LYS B 5 -13.82 -75.46 17.96
N TYR B 6 -14.56 -76.16 17.09
CA TYR B 6 -15.55 -77.23 17.41
C TYR B 6 -15.08 -78.49 16.64
N SER B 7 -15.54 -79.71 16.99
CA SER B 7 -15.02 -80.93 16.38
C SER B 7 -15.97 -81.52 15.33
N PHE B 8 -15.36 -82.00 14.24
CA PHE B 8 -16.05 -82.58 13.10
C PHE B 8 -15.40 -83.91 12.76
N LYS B 9 -16.12 -84.75 12.03
CA LYS B 9 -15.51 -85.95 11.48
C LYS B 9 -15.98 -86.13 10.05
N CYS B 10 -15.11 -86.69 9.21
CA CYS B 10 -15.38 -86.77 7.79
C CYS B 10 -16.19 -88.02 7.50
N VAL B 11 -17.49 -87.83 7.33
CA VAL B 11 -18.34 -89.00 7.13
C VAL B 11 -18.34 -89.45 5.68
N ASN B 12 -18.19 -88.55 4.71
CA ASN B 12 -18.25 -88.98 3.31
C ASN B 12 -17.40 -88.05 2.46
N SER B 13 -16.93 -88.57 1.32
CA SER B 13 -16.25 -87.80 0.29
C SER B 13 -16.71 -88.28 -1.07
N LEU B 14 -17.12 -87.36 -1.94
CA LEU B 14 -17.58 -87.76 -3.26
C LEU B 14 -16.88 -86.92 -4.33
N LYS B 15 -16.71 -87.51 -5.52
CA LYS B 15 -15.98 -86.90 -6.62
C LYS B 15 -16.81 -86.93 -7.90
N GLU B 16 -16.91 -85.77 -8.56
CA GLU B 16 -17.65 -85.58 -9.82
C GLU B 16 -16.85 -86.13 -11.00
N ASP B 17 -17.55 -86.34 -12.11
CA ASP B 17 -16.95 -87.10 -13.20
C ASP B 17 -16.06 -86.28 -14.14
N HIS B 18 -16.09 -84.94 -14.09
CA HIS B 18 -15.30 -84.16 -15.06
C HIS B 18 -13.88 -83.95 -14.60
N ASN B 19 -13.64 -84.01 -13.29
CA ASN B 19 -12.35 -83.84 -12.64
C ASN B 19 -11.82 -82.42 -12.76
N GLN B 20 -12.64 -81.48 -13.20
CA GLN B 20 -12.25 -80.07 -13.18
C GLN B 20 -12.48 -79.50 -11.78
N PRO B 21 -11.77 -78.44 -11.39
CA PRO B 21 -11.92 -77.94 -10.02
C PRO B 21 -13.34 -77.41 -9.79
N LEU B 22 -13.85 -77.68 -8.57
CA LEU B 22 -15.08 -77.09 -8.05
C LEU B 22 -14.70 -75.80 -7.35
N PHE B 23 -15.14 -74.68 -7.93
CA PHE B 23 -14.76 -73.37 -7.47
C PHE B 23 -15.78 -72.77 -6.50
N GLY B 24 -16.95 -73.40 -6.36
CA GLY B 24 -17.96 -72.86 -5.48
C GLY B 24 -18.85 -73.93 -4.90
N VAL B 25 -19.27 -73.70 -3.66
CA VAL B 25 -20.20 -74.57 -2.95
C VAL B 25 -21.04 -73.68 -2.05
N GLN B 26 -22.35 -73.95 -2.01
CA GLN B 26 -23.29 -73.09 -1.31
C GLN B 26 -24.44 -73.95 -0.80
N PHE B 27 -24.61 -74.01 0.53
CA PHE B 27 -25.82 -74.61 1.10
C PHE B 27 -27.02 -73.69 0.88
N ASN B 28 -28.18 -74.28 0.66
CA ASN B 28 -29.39 -73.48 0.46
C ASN B 28 -29.95 -73.12 1.83
N TRP B 29 -29.56 -71.96 2.33
CA TRP B 29 -30.03 -71.46 3.61
C TRP B 29 -31.46 -70.95 3.57
N HIS B 30 -32.14 -71.03 2.42
CA HIS B 30 -33.49 -70.49 2.29
C HIS B 30 -34.57 -71.48 2.69
N SER B 31 -34.25 -72.78 2.66
CA SER B 31 -35.17 -73.87 2.97
C SER B 31 -35.69 -73.75 4.41
N LYS B 32 -36.97 -74.07 4.59
CA LYS B 32 -37.58 -73.95 5.92
C LYS B 32 -37.05 -75.06 6.82
N GLU B 33 -37.05 -74.81 8.12
CA GLU B 33 -36.54 -75.80 9.05
C GLU B 33 -37.39 -77.06 8.99
N GLY B 34 -36.73 -78.20 9.14
CA GLY B 34 -37.37 -79.49 8.96
C GLY B 34 -37.31 -79.98 7.54
N ASP B 35 -36.75 -79.26 6.70
CA ASP B 35 -36.50 -79.60 5.32
C ASP B 35 -35.05 -80.03 5.16
N PRO B 36 -34.77 -80.93 4.23
CA PRO B 36 -33.41 -81.43 4.12
C PRO B 36 -32.44 -80.36 3.66
N LEU B 37 -31.19 -80.52 4.10
CA LEU B 37 -30.11 -79.59 3.83
C LEU B 37 -29.58 -79.83 2.41
N VAL B 38 -29.75 -78.83 1.54
CA VAL B 38 -29.34 -78.94 0.14
C VAL B 38 -28.11 -78.07 -0.05
N PHE B 39 -27.20 -78.48 -0.94
CA PHE B 39 -26.11 -77.63 -1.34
C PHE B 39 -25.84 -77.81 -2.84
N ALA B 40 -25.27 -76.76 -3.43
CA ALA B 40 -24.92 -76.72 -4.85
C ALA B 40 -23.41 -76.59 -4.97
N THR B 41 -22.85 -77.13 -6.07
CA THR B 41 -21.44 -77.01 -6.43
C THR B 41 -21.35 -76.55 -7.88
N VAL B 42 -20.38 -75.68 -8.17
CA VAL B 42 -20.07 -75.23 -9.53
C VAL B 42 -18.62 -75.58 -9.86
N GLY B 43 -18.42 -76.14 -11.05
CA GLY B 43 -17.10 -76.49 -11.53
C GLY B 43 -17.22 -76.84 -13.00
N SER B 44 -16.11 -76.78 -13.69
CA SER B 44 -16.15 -77.04 -15.14
C SER B 44 -17.25 -76.18 -15.74
N ASN B 45 -18.12 -76.74 -16.59
CA ASN B 45 -19.18 -75.95 -17.18
C ASN B 45 -20.54 -76.36 -16.64
N ARG B 46 -20.56 -76.95 -15.45
CA ARG B 46 -21.81 -77.44 -14.88
C ARG B 46 -21.98 -77.05 -13.42
N VAL B 47 -23.25 -77.00 -13.03
CA VAL B 47 -23.66 -76.78 -11.65
C VAL B 47 -24.48 -78.01 -11.22
N THR B 48 -24.13 -78.59 -10.08
CA THR B 48 -24.75 -79.82 -9.63
C THR B 48 -25.31 -79.63 -8.22
N LEU B 49 -26.47 -80.25 -7.95
CA LEU B 49 -27.18 -80.11 -6.68
C LEU B 49 -27.22 -81.45 -5.95
N TYR B 50 -26.94 -81.42 -4.64
CA TYR B 50 -26.91 -82.61 -3.79
C TYR B 50 -27.70 -82.34 -2.51
N GLU B 51 -28.23 -83.43 -1.93
CA GLU B 51 -29.05 -83.43 -0.70
C GLU B 51 -28.38 -84.27 0.38
N CYS B 52 -28.27 -83.70 1.57
CA CYS B 52 -27.64 -84.38 2.68
C CYS B 52 -28.66 -85.23 3.45
N HIS B 53 -28.36 -86.51 3.63
CA HIS B 53 -29.23 -87.42 4.36
C HIS B 53 -28.45 -88.16 5.43
N SER B 54 -29.06 -88.34 6.59
CA SER B 54 -28.42 -89.07 7.69
C SER B 54 -28.19 -90.55 7.32
N GLN B 55 -27.02 -91.08 7.61
CA GLN B 55 -25.88 -90.31 8.11
C GLN B 55 -24.69 -90.59 7.20
N GLY B 56 -24.11 -89.51 6.71
CA GLY B 56 -23.02 -89.54 5.77
C GLY B 56 -23.42 -89.72 4.33
N GLU B 57 -24.69 -89.93 4.05
CA GLU B 57 -25.13 -90.13 2.67
C GLU B 57 -25.43 -88.76 2.07
N ILE B 58 -24.96 -88.56 0.84
CA ILE B 58 -25.23 -87.34 0.09
C ILE B 58 -25.89 -87.81 -1.19
N ARG B 59 -27.10 -87.34 -1.46
CA ARG B 59 -27.89 -87.83 -2.58
C ARG B 59 -27.75 -86.83 -3.73
N LEU B 60 -27.31 -87.33 -4.88
CA LEU B 60 -27.14 -86.48 -6.06
C LEU B 60 -28.52 -86.14 -6.62
N LEU B 61 -28.87 -84.85 -6.60
CA LEU B 61 -30.24 -84.44 -6.92
C LEU B 61 -30.41 -83.95 -8.35
N GLN B 62 -29.55 -83.02 -8.79
CA GLN B 62 -29.66 -82.42 -10.13
C GLN B 62 -28.30 -81.93 -10.60
N SER B 63 -28.12 -81.95 -11.92
CA SER B 63 -26.89 -81.46 -12.54
C SER B 63 -27.24 -80.90 -13.92
N TYR B 64 -26.80 -79.66 -14.15
CA TYR B 64 -27.04 -78.94 -15.40
C TYR B 64 -25.70 -78.57 -16.02
N VAL B 65 -25.67 -78.52 -17.35
CA VAL B 65 -24.47 -78.18 -18.10
C VAL B 65 -24.75 -77.05 -19.09
N ASP B 66 -23.80 -76.13 -19.24
CA ASP B 66 -23.91 -75.07 -20.24
C ASP B 66 -23.66 -75.66 -21.64
N ALA B 67 -24.46 -75.22 -22.62
CA ALA B 67 -24.24 -75.68 -24.01
C ALA B 67 -22.89 -75.26 -24.55
N ASP B 68 -22.38 -74.12 -24.07
CA ASP B 68 -21.05 -73.66 -24.47
C ASP B 68 -20.01 -74.47 -23.73
N ALA B 69 -19.18 -75.19 -24.48
CA ALA B 69 -18.14 -75.99 -23.86
C ALA B 69 -17.11 -75.13 -23.16
N ASP B 70 -16.87 -73.92 -23.65
CA ASP B 70 -15.86 -73.05 -23.06
C ASP B 70 -16.30 -72.44 -21.74
N GLU B 71 -17.60 -72.31 -21.50
CA GLU B 71 -18.04 -71.73 -20.25
C GLU B 71 -17.45 -72.50 -19.07
N ASN B 72 -17.12 -71.77 -18.02
CA ASN B 72 -16.58 -72.31 -16.78
C ASN B 72 -17.16 -71.53 -15.61
N PHE B 73 -17.95 -72.19 -14.76
CA PHE B 73 -18.58 -71.51 -13.64
C PHE B 73 -17.60 -71.35 -12.49
N TYR B 74 -17.62 -70.16 -11.88
CA TYR B 74 -16.74 -69.86 -10.78
C TYR B 74 -17.47 -69.78 -9.44
N THR B 75 -18.75 -69.39 -9.46
CA THR B 75 -19.44 -69.03 -8.23
C THR B 75 -20.94 -69.23 -8.41
N CYS B 76 -21.63 -69.45 -7.29
CA CYS B 76 -23.09 -69.56 -7.29
C CYS B 76 -23.62 -68.97 -5.99
N ALA B 77 -24.92 -68.63 -5.98
CA ALA B 77 -25.58 -68.14 -4.76
C ALA B 77 -27.08 -68.37 -4.85
N TRP B 78 -27.68 -68.67 -3.69
CA TRP B 78 -29.09 -69.05 -3.56
C TRP B 78 -29.99 -67.85 -3.29
N THR B 79 -31.21 -67.91 -3.85
CA THR B 79 -32.28 -66.97 -3.56
C THR B 79 -33.62 -67.67 -3.84
N TYR B 80 -34.72 -66.93 -3.64
CA TYR B 80 -36.07 -67.43 -3.85
C TYR B 80 -36.90 -66.40 -4.61
N ASP B 81 -37.97 -66.89 -5.24
CA ASP B 81 -38.99 -66.05 -5.87
C ASP B 81 -40.09 -65.89 -4.82
N SER B 82 -40.17 -64.71 -4.20
CA SER B 82 -41.10 -64.54 -3.09
C SER B 82 -42.56 -64.75 -3.47
N ASN B 83 -42.91 -64.73 -4.76
CA ASN B 83 -44.31 -65.00 -5.13
C ASN B 83 -44.61 -66.49 -5.22
N THR B 84 -43.88 -67.23 -6.03
CA THR B 84 -44.16 -68.65 -6.10
C THR B 84 -43.44 -69.42 -5.01
N SER B 85 -42.58 -68.74 -4.25
CA SER B 85 -41.76 -69.28 -3.16
C SER B 85 -40.79 -70.37 -3.60
N HIS B 86 -40.40 -70.46 -4.87
CA HIS B 86 -39.41 -71.45 -5.30
C HIS B 86 -38.02 -71.05 -4.85
N PRO B 87 -37.12 -72.01 -4.69
CA PRO B 87 -35.71 -71.63 -4.56
C PRO B 87 -35.15 -71.34 -5.95
N LEU B 88 -34.21 -70.39 -6.00
CA LEU B 88 -33.55 -70.02 -7.24
C LEU B 88 -32.04 -70.05 -7.05
N LEU B 89 -31.31 -70.60 -8.03
CA LEU B 89 -29.86 -70.63 -7.95
C LEU B 89 -29.26 -69.91 -9.14
N ALA B 90 -28.27 -69.04 -8.87
CA ALA B 90 -27.55 -68.25 -9.87
C ALA B 90 -26.12 -68.74 -9.98
N VAL B 91 -25.64 -68.87 -11.22
CA VAL B 91 -24.28 -69.30 -11.50
C VAL B 91 -23.63 -68.31 -12.46
N ALA B 92 -22.36 -68.03 -12.23
CA ALA B 92 -21.65 -67.11 -13.08
C ALA B 92 -20.23 -67.60 -13.24
N GLY B 93 -19.62 -67.22 -14.35
CA GLY B 93 -18.25 -67.64 -14.57
C GLY B 93 -17.55 -66.96 -15.72
N SER B 94 -16.52 -67.66 -16.18
CA SER B 94 -15.48 -67.14 -17.05
C SER B 94 -16.06 -66.39 -18.23
N ARG B 95 -17.13 -66.91 -18.81
CA ARG B 95 -17.70 -66.20 -19.94
C ARG B 95 -18.40 -64.92 -19.55
N GLY B 96 -18.42 -64.56 -18.28
CA GLY B 96 -19.04 -63.31 -17.85
C GLY B 96 -20.56 -63.24 -17.94
N ILE B 97 -21.23 -64.38 -17.93
CA ILE B 97 -22.69 -64.43 -18.03
C ILE B 97 -23.25 -65.00 -16.74
N ILE B 98 -24.32 -64.39 -16.26
CA ILE B 98 -25.08 -64.91 -15.12
C ILE B 98 -26.26 -65.70 -15.65
N ARG B 99 -26.34 -66.97 -15.27
CA ARG B 99 -27.48 -67.82 -15.58
C ARG B 99 -28.22 -68.11 -14.29
N ILE B 100 -29.54 -68.14 -14.39
CA ILE B 100 -30.40 -68.45 -13.26
C ILE B 100 -31.07 -69.78 -13.52
N ILE B 101 -30.82 -70.74 -12.63
CA ILE B 101 -31.47 -72.03 -12.68
C ILE B 101 -32.60 -71.98 -11.68
N ASN B 102 -33.79 -72.42 -12.11
CA ASN B 102 -34.88 -72.66 -11.19
C ASN B 102 -34.97 -74.17 -11.01
N PRO B 103 -34.55 -74.73 -9.87
CA PRO B 103 -34.50 -76.20 -9.75
C PRO B 103 -35.86 -76.86 -9.69
N ILE B 104 -36.91 -76.15 -9.23
CA ILE B 104 -38.25 -76.72 -9.24
C ILE B 104 -38.69 -76.93 -10.68
N THR B 105 -38.46 -75.92 -11.53
CA THR B 105 -38.77 -76.09 -12.95
C THR B 105 -37.63 -76.79 -13.69
N MET B 106 -36.49 -76.96 -13.00
CA MET B 106 -35.27 -77.53 -13.56
C MET B 106 -34.95 -76.93 -14.93
N GLN B 107 -35.14 -75.62 -15.06
CA GLN B 107 -34.91 -74.90 -16.31
C GLN B 107 -34.22 -73.57 -16.02
N CYS B 108 -33.46 -73.09 -17.01
CA CYS B 108 -32.84 -71.77 -16.94
C CYS B 108 -33.84 -70.72 -17.38
N ILE B 109 -34.41 -69.99 -16.41
CA ILE B 109 -35.41 -68.97 -16.68
C ILE B 109 -34.80 -67.65 -17.14
N LYS B 110 -33.68 -67.22 -16.54
CA LYS B 110 -33.12 -65.91 -16.85
C LYS B 110 -31.62 -65.96 -17.06
N HIS B 111 -31.15 -65.02 -17.87
CA HIS B 111 -29.72 -64.85 -18.11
C HIS B 111 -29.43 -63.37 -18.25
N TYR B 112 -28.30 -62.95 -17.72
CA TYR B 112 -27.89 -61.55 -17.80
C TYR B 112 -26.47 -61.47 -18.31
N VAL B 113 -26.27 -60.77 -19.44
CA VAL B 113 -24.95 -60.64 -20.06
C VAL B 113 -24.56 -59.18 -20.24
N GLY B 114 -24.27 -58.48 -19.15
CA GLY B 114 -23.90 -57.09 -19.30
C GLY B 114 -22.43 -56.86 -19.00
N HIS B 115 -21.86 -57.80 -18.24
CA HIS B 115 -20.46 -57.77 -17.88
C HIS B 115 -19.58 -58.06 -19.06
N GLY B 116 -18.49 -57.34 -19.07
CA GLY B 116 -17.38 -57.42 -19.96
C GLY B 116 -16.49 -58.60 -19.79
N ASN B 117 -16.46 -59.21 -18.60
CA ASN B 117 -15.54 -60.33 -18.39
C ASN B 117 -16.06 -61.29 -17.32
N ALA B 118 -15.21 -62.25 -16.98
CA ALA B 118 -15.58 -63.25 -16.01
C ALA B 118 -16.09 -62.61 -14.72
N ILE B 119 -17.12 -63.26 -14.12
CA ILE B 119 -17.67 -62.90 -12.81
C ILE B 119 -17.04 -63.78 -11.74
N ASN B 120 -16.25 -63.15 -10.86
CA ASN B 120 -15.59 -63.91 -9.80
C ASN B 120 -16.49 -64.37 -8.66
N GLU B 121 -17.47 -63.56 -8.25
CA GLU B 121 -18.35 -63.89 -7.12
C GLU B 121 -19.77 -63.39 -7.39
N LEU B 122 -20.74 -64.04 -6.74
CA LEU B 122 -22.14 -63.63 -6.75
C LEU B 122 -22.63 -63.51 -5.31
N LYS B 123 -23.54 -62.58 -5.06
CA LYS B 123 -24.13 -62.42 -3.73
C LYS B 123 -25.56 -61.96 -3.89
N PHE B 124 -26.41 -62.28 -2.90
CA PHE B 124 -27.80 -61.81 -2.87
C PHE B 124 -28.02 -60.94 -1.63
N HIS B 125 -28.85 -59.90 -1.80
CA HIS B 125 -29.24 -59.01 -0.71
C HIS B 125 -29.93 -59.79 0.42
N PRO B 126 -29.51 -59.64 1.70
CA PRO B 126 -30.21 -60.38 2.78
C PRO B 126 -31.70 -60.11 2.89
N ARG B 127 -32.09 -58.85 2.78
CA ARG B 127 -33.48 -58.40 2.85
C ARG B 127 -34.19 -58.42 1.51
N ASP B 128 -33.50 -58.33 0.38
CA ASP B 128 -34.19 -58.30 -0.92
C ASP B 128 -33.74 -59.46 -1.81
N PRO B 129 -34.58 -60.48 -2.02
CA PRO B 129 -34.18 -61.65 -2.83
C PRO B 129 -34.00 -61.36 -4.31
N ASN B 130 -34.46 -60.20 -4.78
CA ASN B 130 -34.31 -59.90 -6.20
C ASN B 130 -33.04 -59.14 -6.53
N LEU B 131 -32.34 -58.63 -5.51
CA LEU B 131 -31.13 -57.81 -5.66
C LEU B 131 -29.91 -58.71 -5.63
N LEU B 132 -29.33 -58.91 -6.82
CA LEU B 132 -28.15 -59.73 -7.05
C LEU B 132 -26.95 -58.85 -7.33
N LEU B 133 -25.83 -59.12 -6.64
CA LEU B 133 -24.59 -58.35 -6.80
C LEU B 133 -23.54 -59.21 -7.49
N SER B 134 -23.05 -58.74 -8.64
CA SER B 134 -22.06 -59.46 -9.42
C SER B 134 -20.76 -58.68 -9.51
N VAL B 135 -19.66 -59.34 -9.21
CA VAL B 135 -18.35 -58.71 -9.25
C VAL B 135 -17.52 -59.39 -10.33
N SER B 136 -16.69 -58.61 -11.03
CA SER B 136 -16.07 -59.14 -12.23
C SER B 136 -14.60 -58.80 -12.36
N LYS B 137 -13.98 -59.56 -13.27
CA LYS B 137 -12.63 -59.32 -13.77
C LYS B 137 -12.54 -58.02 -14.56
N ASP B 138 -13.68 -57.50 -15.07
CA ASP B 138 -13.65 -56.22 -15.80
C ASP B 138 -13.45 -55.00 -14.89
N HIS B 139 -13.20 -55.20 -13.60
CA HIS B 139 -12.93 -54.22 -12.55
C HIS B 139 -14.19 -53.61 -11.97
N ALA B 140 -15.36 -54.18 -12.25
CA ALA B 140 -16.65 -53.61 -11.87
C ALA B 140 -17.44 -54.56 -10.97
N LEU B 141 -18.29 -53.98 -10.13
CA LEU B 141 -19.37 -54.68 -9.46
C LEU B 141 -20.69 -54.24 -10.08
N ARG B 142 -21.60 -55.16 -10.33
CA ARG B 142 -22.91 -54.78 -10.84
C ARG B 142 -24.00 -55.27 -9.91
N LEU B 143 -25.02 -54.44 -9.70
CA LEU B 143 -26.18 -54.74 -8.88
C LEU B 143 -27.41 -54.86 -9.76
N TRP B 144 -28.02 -56.04 -9.80
CA TRP B 144 -29.15 -56.32 -10.67
C TRP B 144 -30.44 -56.50 -9.88
N ASN B 145 -31.54 -56.07 -10.48
CA ASN B 145 -32.89 -56.39 -10.02
C ASN B 145 -33.41 -57.46 -10.97
N ILE B 146 -33.43 -58.71 -10.48
CA ILE B 146 -33.79 -59.85 -11.32
C ILE B 146 -35.28 -59.97 -11.53
N GLN B 147 -36.08 -59.17 -10.80
CA GLN B 147 -37.52 -59.17 -10.99
C GLN B 147 -37.89 -58.42 -12.26
N THR B 148 -37.32 -57.23 -12.43
CA THR B 148 -37.54 -56.38 -13.60
C THR B 148 -36.45 -56.55 -14.65
N ASP B 149 -35.47 -57.42 -14.41
CA ASP B 149 -34.38 -57.64 -15.36
C ASP B 149 -33.65 -56.35 -15.67
N THR B 150 -33.44 -55.53 -14.64
CA THR B 150 -32.81 -54.23 -14.77
C THR B 150 -31.46 -54.20 -14.07
N LEU B 151 -30.52 -53.47 -14.68
CA LEU B 151 -29.22 -53.22 -14.06
C LEU B 151 -29.35 -51.99 -13.19
N VAL B 152 -29.32 -52.18 -11.87
CA VAL B 152 -29.52 -51.05 -10.98
C VAL B 152 -28.33 -50.12 -11.01
N ALA B 153 -27.14 -50.66 -10.78
CA ALA B 153 -25.99 -49.80 -10.61
C ALA B 153 -24.74 -50.55 -11.03
N ILE B 154 -23.73 -49.76 -11.40
CA ILE B 154 -22.41 -50.28 -11.71
C ILE B 154 -21.45 -49.65 -10.71
N PHE B 155 -20.70 -50.45 -10.00
CA PHE B 155 -19.78 -49.93 -8.99
C PHE B 155 -18.33 -50.00 -9.50
N GLY B 156 -18.07 -49.12 -10.44
CA GLY B 156 -16.75 -48.99 -11.02
C GLY B 156 -16.68 -47.60 -11.61
N GLY B 157 -15.46 -47.16 -11.89
CA GLY B 157 -15.19 -45.82 -12.37
C GLY B 157 -13.85 -45.29 -11.87
N VAL B 158 -13.81 -43.97 -11.62
CA VAL B 158 -12.54 -43.32 -11.38
C VAL B 158 -11.85 -43.82 -10.12
N GLU B 159 -12.61 -44.03 -9.07
CA GLU B 159 -12.08 -44.58 -7.85
C GLU B 159 -12.48 -46.02 -7.68
N GLY B 160 -13.01 -46.64 -8.74
CA GLY B 160 -13.28 -48.05 -8.72
C GLY B 160 -11.99 -48.86 -8.67
N HIS B 161 -12.16 -50.17 -8.72
CA HIS B 161 -11.00 -51.08 -8.66
C HIS B 161 -10.14 -50.94 -9.89
N ARG B 162 -8.84 -51.07 -9.70
CA ARG B 162 -7.96 -50.91 -10.86
C ARG B 162 -7.76 -52.23 -11.59
N ASP B 163 -7.97 -53.34 -10.92
CA ASP B 163 -7.87 -54.62 -11.59
C ASP B 163 -9.09 -55.45 -11.19
N GLU B 164 -9.01 -56.76 -11.45
CA GLU B 164 -10.12 -57.69 -11.22
C GLU B 164 -10.70 -57.51 -9.84
N VAL B 165 -12.03 -57.49 -9.76
CA VAL B 165 -12.71 -57.57 -8.47
C VAL B 165 -12.92 -59.05 -8.13
N LEU B 166 -12.33 -59.50 -7.02
CA LEU B 166 -12.32 -60.92 -6.66
C LEU B 166 -13.45 -61.34 -5.73
N SER B 167 -13.89 -60.47 -4.82
CA SER B 167 -14.91 -60.84 -3.87
C SER B 167 -15.69 -59.60 -3.45
N ALA B 168 -16.88 -59.83 -2.90
CA ALA B 168 -17.68 -58.80 -2.28
C ALA B 168 -18.65 -59.49 -1.31
N ASP B 169 -19.17 -58.70 -0.36
CA ASP B 169 -20.09 -59.22 0.63
C ASP B 169 -20.99 -58.11 1.14
N TYR B 170 -22.28 -58.40 1.18
CA TYR B 170 -23.18 -57.49 1.84
C TYR B 170 -22.97 -57.54 3.35
N ASP B 171 -23.38 -56.48 4.03
CA ASP B 171 -23.46 -56.52 5.48
C ASP B 171 -24.73 -57.28 5.90
N LEU B 172 -24.85 -57.57 7.20
CA LEU B 172 -25.98 -58.37 7.61
C LEU B 172 -27.30 -57.70 7.23
N LEU B 173 -27.37 -56.38 7.42
CA LEU B 173 -28.62 -55.65 7.21
C LEU B 173 -28.91 -55.37 5.73
N GLY B 174 -27.93 -55.57 4.84
CA GLY B 174 -28.02 -55.22 3.43
C GLY B 174 -27.87 -53.75 3.15
N GLU B 175 -27.21 -52.99 4.03
CA GLU B 175 -27.09 -51.55 3.83
C GLU B 175 -25.82 -51.13 3.11
N LYS B 176 -24.82 -52.01 3.06
CA LYS B 176 -23.55 -51.63 2.49
C LYS B 176 -22.85 -52.88 1.97
N ILE B 177 -21.93 -52.64 1.04
CA ILE B 177 -21.13 -53.67 0.40
C ILE B 177 -19.68 -53.41 0.72
N MET B 178 -18.91 -54.48 0.93
CA MET B 178 -17.45 -54.37 0.94
C MET B 178 -16.91 -55.25 -0.19
N SER B 179 -15.92 -54.74 -0.91
CA SER B 179 -15.36 -55.48 -2.02
C SER B 179 -13.85 -55.41 -1.98
N CYS B 180 -13.23 -56.29 -2.78
CA CYS B 180 -11.78 -56.45 -2.84
C CYS B 180 -11.43 -57.05 -4.19
N GLY B 181 -10.15 -56.97 -4.52
CA GLY B 181 -9.70 -57.45 -5.83
C GLY B 181 -8.19 -57.50 -5.97
N MET B 182 -7.76 -57.63 -7.22
CA MET B 182 -6.33 -57.79 -7.46
C MET B 182 -5.56 -56.54 -7.13
N ASP B 183 -6.21 -55.38 -7.18
CA ASP B 183 -5.54 -54.11 -7.01
C ASP B 183 -5.02 -53.89 -5.59
N HIS B 184 -5.26 -54.84 -4.67
CA HIS B 184 -4.86 -54.86 -3.26
C HIS B 184 -5.77 -54.06 -2.35
N SER B 185 -6.83 -53.52 -2.93
CA SER B 185 -7.68 -52.55 -2.24
C SER B 185 -9.04 -53.14 -1.92
N LEU B 186 -9.53 -52.77 -0.75
CA LEU B 186 -10.88 -53.06 -0.28
C LEU B 186 -11.67 -51.75 -0.32
N LYS B 187 -12.83 -51.79 -0.95
CA LYS B 187 -13.60 -50.56 -1.17
C LYS B 187 -15.00 -50.74 -0.63
N LEU B 188 -15.47 -49.76 0.14
CA LEU B 188 -16.79 -49.80 0.76
C LEU B 188 -17.82 -49.07 -0.09
N TRP B 189 -18.96 -49.71 -0.36
CA TRP B 189 -20.01 -49.09 -1.17
C TRP B 189 -21.34 -49.12 -0.40
N ARG B 190 -21.76 -47.96 0.09
CA ARG B 190 -23.03 -47.86 0.80
C ARG B 190 -24.21 -47.87 -0.17
N ILE B 191 -25.25 -48.63 0.16
CA ILE B 191 -26.45 -48.64 -0.66
C ILE B 191 -27.68 -48.24 0.13
N ASN B 192 -27.49 -47.72 1.33
CA ASN B 192 -28.57 -47.12 2.07
C ASN B 192 -28.66 -45.62 1.80
N SER B 193 -27.74 -45.05 0.99
CA SER B 193 -27.80 -43.64 0.61
C SER B 193 -29.05 -43.38 -0.21
N LYS B 194 -29.50 -42.13 -0.19
CA LYS B 194 -30.72 -41.78 -0.90
C LYS B 194 -30.61 -42.15 -2.37
N ARG B 195 -29.47 -41.81 -2.98
CA ARG B 195 -29.28 -42.07 -4.39
C ARG B 195 -29.52 -43.53 -4.71
N MET B 196 -28.97 -44.42 -3.88
CA MET B 196 -29.10 -45.85 -4.14
C MET B 196 -30.51 -46.35 -3.81
N MET B 197 -31.02 -45.99 -2.62
CA MET B 197 -32.36 -46.45 -2.27
C MET B 197 -33.36 -46.04 -3.33
N ASN B 198 -33.21 -44.84 -3.87
CA ASN B 198 -34.15 -44.40 -4.90
C ASN B 198 -33.97 -45.19 -6.18
N ALA B 199 -32.73 -45.49 -6.54
CA ALA B 199 -32.44 -46.23 -7.77
C ALA B 199 -33.05 -47.63 -7.74
N ILE B 200 -32.94 -48.29 -6.59
CA ILE B 200 -33.56 -49.60 -6.46
C ILE B 200 -35.07 -49.48 -6.67
N LYS B 201 -35.69 -48.49 -6.01
CA LYS B 201 -37.14 -48.31 -6.11
C LYS B 201 -37.58 -48.08 -7.55
N GLU B 202 -36.84 -47.25 -8.29
CA GLU B 202 -37.12 -46.99 -9.69
C GLU B 202 -36.89 -48.23 -10.56
N SER B 203 -35.99 -49.14 -10.16
CA SER B 203 -35.79 -50.37 -10.91
C SER B 203 -37.04 -51.22 -10.90
N TYR B 204 -37.74 -51.21 -9.76
CA TYR B 204 -38.99 -51.97 -9.66
C TYR B 204 -40.08 -51.35 -10.53
N ASP B 205 -40.17 -50.03 -10.52
CA ASP B 205 -41.20 -49.35 -11.28
C ASP B 205 -40.98 -49.46 -12.77
N TYR B 206 -39.76 -49.81 -13.20
CA TYR B 206 -39.45 -49.83 -14.62
C TYR B 206 -40.23 -50.93 -15.31
N ASN B 207 -40.82 -50.59 -16.45
CA ASN B 207 -41.48 -51.55 -17.33
C ASN B 207 -41.15 -51.20 -18.78
N PRO B 208 -40.53 -52.12 -19.52
CA PRO B 208 -40.18 -51.83 -20.93
C PRO B 208 -41.36 -51.65 -21.88
N ASN B 209 -42.50 -52.31 -21.61
CA ASN B 209 -43.71 -52.14 -22.40
C ASN B 209 -44.33 -50.75 -22.22
N LYS B 210 -44.05 -50.09 -21.09
CA LYS B 210 -44.58 -48.76 -20.79
C LYS B 210 -43.79 -47.62 -21.43
N THR B 211 -42.46 -47.75 -21.66
CA THR B 211 -41.67 -46.62 -22.12
C THR B 211 -40.65 -46.98 -23.21
N ASN B 212 -40.41 -46.07 -24.17
CA ASN B 212 -39.36 -46.32 -25.17
C ASN B 212 -37.94 -46.18 -24.62
N ARG B 213 -37.73 -45.42 -23.54
CA ARG B 213 -36.41 -45.25 -22.94
C ARG B 213 -35.92 -46.54 -22.27
N PRO B 214 -34.60 -46.70 -22.16
CA PRO B 214 -34.04 -47.76 -21.35
C PRO B 214 -34.01 -47.35 -19.88
N PHE B 215 -33.88 -48.35 -19.02
CA PHE B 215 -33.66 -48.03 -17.62
C PHE B 215 -32.30 -47.37 -17.51
N ILE B 216 -32.23 -46.30 -16.74
CA ILE B 216 -30.98 -45.58 -16.55
C ILE B 216 -30.35 -46.18 -15.31
N SER B 217 -29.27 -46.93 -15.49
CA SER B 217 -28.57 -47.55 -14.38
C SER B 217 -27.67 -46.51 -13.73
N GLN B 218 -27.69 -46.43 -12.40
CA GLN B 218 -26.82 -45.50 -11.72
C GLN B 218 -25.38 -45.99 -11.83
N LYS B 219 -24.45 -45.07 -12.05
CA LYS B 219 -23.05 -45.42 -12.17
C LYS B 219 -22.26 -44.74 -11.08
N ILE B 220 -21.74 -45.52 -10.14
CA ILE B 220 -21.05 -44.99 -8.96
C ILE B 220 -19.56 -45.08 -9.21
N HIS B 221 -18.91 -43.94 -9.39
CA HIS B 221 -17.47 -43.97 -9.58
C HIS B 221 -16.69 -43.85 -8.28
N PHE B 222 -17.36 -43.60 -7.15
CA PHE B 222 -16.68 -43.20 -5.92
C PHE B 222 -17.13 -44.03 -4.74
N PRO B 223 -16.27 -44.83 -4.14
CA PRO B 223 -16.62 -45.59 -2.94
C PRO B 223 -16.63 -44.69 -1.72
N ASP B 224 -17.35 -45.15 -0.69
CA ASP B 224 -17.47 -44.42 0.56
C ASP B 224 -16.30 -44.65 1.50
N PHE B 225 -15.40 -45.57 1.16
CA PHE B 225 -14.14 -45.78 1.86
C PHE B 225 -13.33 -46.74 1.01
N SER B 226 -12.01 -46.62 1.11
CA SER B 226 -11.07 -47.41 0.34
C SER B 226 -9.72 -47.42 1.06
N THR B 227 -9.04 -48.55 1.00
CA THR B 227 -7.73 -48.67 1.60
C THR B 227 -6.95 -49.75 0.88
N ARG B 228 -5.63 -49.59 0.87
CA ARG B 228 -4.71 -50.62 0.42
C ARG B 228 -3.69 -50.88 1.51
N ASP B 229 -3.99 -50.48 2.74
CA ASP B 229 -3.04 -50.63 3.82
C ASP B 229 -3.23 -51.93 4.61
N ILE B 230 -4.19 -52.77 4.23
CA ILE B 230 -4.45 -54.00 4.97
C ILE B 230 -3.55 -55.12 4.48
N HIS B 231 -3.62 -55.40 3.18
CA HIS B 231 -2.96 -56.54 2.58
C HIS B 231 -1.89 -56.06 1.62
N ARG B 232 -1.01 -57.00 1.21
CA ARG B 232 0.14 -56.74 0.36
C ARG B 232 0.11 -57.52 -0.94
N ASN B 233 -1.05 -58.02 -1.36
CA ASN B 233 -1.17 -58.76 -2.62
C ASN B 233 -2.66 -58.79 -2.98
N TYR B 234 -3.02 -59.64 -3.96
CA TYR B 234 -4.43 -59.78 -4.31
C TYR B 234 -5.23 -60.14 -3.07
N VAL B 235 -6.38 -59.50 -2.91
CA VAL B 235 -7.36 -59.85 -1.88
C VAL B 235 -8.46 -60.64 -2.57
N ASP B 236 -8.68 -61.89 -2.14
CA ASP B 236 -9.61 -62.77 -2.85
C ASP B 236 -10.88 -63.13 -2.09
N CYS B 237 -10.97 -62.80 -0.80
CA CYS B 237 -12.19 -63.04 -0.05
C CYS B 237 -12.32 -61.98 1.03
N VAL B 238 -13.50 -61.37 1.08
CA VAL B 238 -13.87 -60.36 2.07
C VAL B 238 -15.26 -60.68 2.58
N ARG B 239 -15.42 -60.65 3.90
CA ARG B 239 -16.70 -60.90 4.55
C ARG B 239 -16.94 -59.87 5.64
N TRP B 240 -18.22 -59.57 5.84
CA TRP B 240 -18.65 -58.71 6.92
C TRP B 240 -18.88 -59.53 8.20
N LEU B 241 -18.11 -59.19 9.25
CA LEU B 241 -18.26 -59.72 10.60
C LEU B 241 -18.91 -58.62 11.43
N GLY B 242 -20.24 -58.59 11.45
CA GLY B 242 -20.90 -57.48 12.12
C GLY B 242 -20.53 -56.16 11.47
N ASP B 243 -19.85 -55.28 12.21
CA ASP B 243 -19.39 -53.96 11.73
C ASP B 243 -17.91 -53.96 11.35
N LEU B 244 -17.23 -55.07 11.62
CA LEU B 244 -15.84 -55.33 11.30
C LEU B 244 -15.77 -56.04 9.95
N ILE B 245 -14.58 -56.06 9.38
CA ILE B 245 -14.35 -56.66 8.08
C ILE B 245 -13.43 -57.86 8.25
N LEU B 246 -13.77 -58.99 7.62
CA LEU B 246 -12.84 -60.11 7.52
C LEU B 246 -12.41 -60.27 6.08
N SER B 247 -11.10 -60.18 5.82
CA SER B 247 -10.52 -60.35 4.49
C SER B 247 -9.20 -61.09 4.58
N LYS B 248 -8.86 -61.80 3.49
CA LYS B 248 -7.64 -62.61 3.41
C LYS B 248 -6.81 -62.28 2.18
N SER B 249 -5.51 -62.54 2.33
CA SER B 249 -4.58 -62.34 1.23
C SER B 249 -3.61 -63.52 1.23
N CYS B 250 -2.70 -63.52 0.26
CA CYS B 250 -1.73 -64.59 0.15
C CYS B 250 -0.65 -64.41 1.23
N GLU B 251 -1.08 -63.88 2.37
CA GLU B 251 -0.27 -63.56 3.55
C GLU B 251 -0.36 -64.58 4.68
N ASN B 252 -1.16 -65.63 4.50
CA ASN B 252 -1.31 -66.73 5.45
C ASN B 252 -2.13 -66.35 6.69
N ALA B 253 -3.01 -65.36 6.61
CA ALA B 253 -3.87 -65.01 7.73
C ALA B 253 -5.12 -64.30 7.20
N ILE B 254 -6.24 -64.57 7.85
CA ILE B 254 -7.45 -63.80 7.63
C ILE B 254 -7.40 -62.64 8.61
N VAL B 255 -7.48 -61.41 8.12
CA VAL B 255 -7.33 -60.24 8.97
C VAL B 255 -8.71 -59.65 9.26
N CYS B 256 -8.94 -59.37 10.54
CA CYS B 256 -10.13 -58.70 11.02
C CYS B 256 -9.75 -57.25 11.32
N TRP B 257 -10.29 -56.33 10.52
CA TRP B 257 -9.93 -54.91 10.58
C TRP B 257 -11.22 -54.10 10.43
N LYS B 258 -11.10 -52.78 10.57
CA LYS B 258 -12.22 -51.84 10.45
C LYS B 258 -11.71 -50.50 9.90
N PRO B 259 -12.55 -49.77 9.16
CA PRO B 259 -12.17 -48.43 8.72
C PRO B 259 -12.07 -47.46 9.88
N GLY B 260 -11.07 -46.61 9.83
CA GLY B 260 -10.94 -45.53 10.76
C GLY B 260 -10.04 -45.86 11.94
N LYS B 261 -10.05 -44.92 12.87
CA LYS B 261 -9.44 -45.13 14.16
C LYS B 261 -10.29 -46.09 14.96
N MET B 262 -9.76 -46.56 16.06
CA MET B 262 -10.47 -47.58 16.82
C MET B 262 -11.88 -47.13 17.17
N GLU B 263 -12.04 -45.87 17.49
CA GLU B 263 -13.30 -45.39 18.02
C GLU B 263 -14.31 -45.11 16.93
N ASP B 264 -13.86 -45.00 15.68
CA ASP B 264 -14.70 -44.46 14.62
C ASP B 264 -15.85 -45.40 14.28
N ASP B 265 -17.04 -44.84 14.21
CA ASP B 265 -18.22 -45.60 13.84
C ASP B 265 -18.22 -45.81 12.33
N ILE B 266 -18.67 -46.98 11.90
CA ILE B 266 -18.63 -47.33 10.48
C ILE B 266 -19.59 -46.45 9.69
N ASP B 267 -20.67 -45.97 10.32
CA ASP B 267 -21.64 -45.15 9.62
C ASP B 267 -21.30 -43.66 9.68
N LYS B 268 -20.22 -43.30 10.38
CA LYS B 268 -19.69 -41.95 10.45
C LYS B 268 -18.36 -41.82 9.69
N ILE B 269 -18.10 -42.74 8.75
CA ILE B 269 -16.85 -42.76 7.99
C ILE B 269 -17.02 -41.93 6.72
N LYS B 270 -16.21 -40.99 6.57
CA LYS B 270 -16.22 -40.14 5.38
C LYS B 270 -15.26 -40.70 4.32
N PRO B 271 -15.59 -40.55 3.03
CA PRO B 271 -14.73 -41.15 1.98
C PRO B 271 -13.25 -40.81 2.04
N SER B 272 -12.90 -39.60 2.49
CA SER B 272 -11.52 -39.15 2.54
C SER B 272 -10.70 -39.85 3.63
N GLU B 273 -11.33 -40.70 4.46
CA GLU B 273 -10.70 -41.26 5.65
C GLU B 273 -9.47 -42.08 5.29
N SER B 274 -8.38 -41.82 6.01
CA SER B 274 -7.08 -42.40 5.74
C SER B 274 -6.78 -43.65 6.55
N ASN B 275 -7.45 -43.82 7.70
CA ASN B 275 -7.06 -44.79 8.72
C ASN B 275 -7.83 -46.10 8.62
N VAL B 276 -7.14 -47.17 8.99
CA VAL B 276 -7.74 -48.48 9.23
C VAL B 276 -7.14 -49.00 10.52
N THR B 277 -7.92 -49.80 11.24
CA THR B 277 -7.43 -50.41 12.48
C THR B 277 -7.57 -51.92 12.39
N ILE B 278 -6.46 -52.61 12.62
CA ILE B 278 -6.43 -54.07 12.63
C ILE B 278 -6.77 -54.54 14.04
N LEU B 279 -7.81 -55.34 14.15
CA LEU B 279 -8.12 -55.83 15.49
C LEU B 279 -7.38 -57.12 15.78
N GLY B 280 -7.36 -58.03 14.82
CA GLY B 280 -6.73 -59.31 15.05
C GLY B 280 -6.60 -60.08 13.76
N ARG B 281 -5.84 -61.16 13.86
CA ARG B 281 -5.52 -62.06 12.76
C ARG B 281 -5.95 -63.49 13.04
N PHE B 282 -6.26 -64.22 11.99
CA PHE B 282 -6.52 -65.65 12.09
C PHE B 282 -5.42 -66.37 11.33
N ASP B 283 -4.45 -66.93 12.04
CA ASP B 283 -3.27 -67.52 11.41
C ASP B 283 -3.58 -68.86 10.73
N TYR B 284 -2.88 -69.13 9.64
CA TYR B 284 -2.97 -70.41 8.93
C TYR B 284 -1.67 -70.60 8.14
N SER B 285 -1.56 -71.68 7.37
CA SER B 285 -0.36 -71.98 6.60
C SER B 285 -0.72 -72.50 5.21
N GLN B 286 0.25 -72.38 4.29
CA GLN B 286 0.21 -73.05 3.00
C GLN B 286 -1.05 -72.73 2.20
N CYS B 287 -1.40 -71.45 2.18
CA CYS B 287 -2.41 -70.95 1.25
C CYS B 287 -1.76 -69.76 0.59
N ASP B 288 -1.02 -70.03 -0.48
CA ASP B 288 -0.33 -69.00 -1.25
C ASP B 288 -1.01 -68.71 -2.56
N ILE B 289 -1.96 -69.51 -2.97
CA ILE B 289 -2.58 -69.25 -4.25
C ILE B 289 -3.77 -68.34 -4.03
N TRP B 290 -4.09 -67.54 -5.01
CA TRP B 290 -5.27 -66.72 -4.81
C TRP B 290 -6.51 -67.48 -5.26
N TYR B 291 -7.68 -66.90 -4.95
CA TYR B 291 -9.00 -67.52 -5.18
C TYR B 291 -9.29 -68.66 -4.20
N MET B 292 -8.87 -68.50 -2.96
CA MET B 292 -9.19 -69.43 -1.89
C MET B 292 -10.09 -68.71 -0.90
N ARG B 293 -11.35 -69.09 -0.88
CA ARG B 293 -12.39 -68.43 -0.13
C ARG B 293 -12.59 -69.09 1.23
N PHE B 294 -13.01 -68.28 2.21
CA PHE B 294 -13.51 -68.74 3.49
C PHE B 294 -15.00 -68.40 3.62
N SER B 295 -15.68 -69.10 4.53
CA SER B 295 -17.10 -68.88 4.77
C SER B 295 -17.39 -68.89 6.27
N MET B 296 -18.62 -68.54 6.62
CA MET B 296 -19.04 -68.61 8.02
C MET B 296 -20.39 -69.30 8.06
N ASP B 297 -20.85 -69.62 9.27
CA ASP B 297 -22.21 -70.10 9.48
C ASP B 297 -23.16 -68.90 9.64
N PHE B 298 -24.46 -69.18 9.67
CA PHE B 298 -25.45 -68.11 9.67
C PHE B 298 -25.34 -67.25 10.93
N TRP B 299 -25.18 -67.89 12.08
CA TRP B 299 -25.04 -67.14 13.31
C TRP B 299 -23.64 -66.60 13.48
N GLN B 300 -22.76 -66.87 12.52
CA GLN B 300 -21.43 -66.28 12.51
C GLN B 300 -20.70 -66.63 13.81
N LYS B 301 -20.82 -67.88 14.22
CA LYS B 301 -20.05 -68.37 15.35
C LYS B 301 -18.77 -69.08 14.95
N MET B 302 -18.72 -69.62 13.74
CA MET B 302 -17.53 -70.35 13.30
C MET B 302 -17.11 -69.95 11.90
N LEU B 303 -15.80 -69.90 11.70
CA LEU B 303 -15.17 -69.47 10.46
C LEU B 303 -14.35 -70.63 9.92
N ALA B 304 -14.43 -70.84 8.60
CA ALA B 304 -13.82 -71.99 7.96
C ALA B 304 -13.06 -71.58 6.71
N LEU B 305 -11.81 -72.06 6.57
CA LEU B 305 -11.01 -71.81 5.39
C LEU B 305 -10.22 -73.07 5.06
N GLY B 306 -10.35 -73.55 3.82
CA GLY B 306 -9.50 -74.61 3.33
C GLY B 306 -8.30 -74.02 2.59
N ASN B 307 -7.14 -74.69 2.72
CA ASN B 307 -5.92 -74.24 2.06
C ASN B 307 -5.62 -75.10 0.85
N GLN B 308 -4.44 -74.90 0.25
CA GLN B 308 -4.18 -75.55 -1.01
C GLN B 308 -3.69 -76.99 -0.88
N VAL B 309 -3.39 -77.49 0.31
CA VAL B 309 -2.86 -78.84 0.44
C VAL B 309 -3.90 -79.68 1.15
N GLY B 310 -5.17 -79.34 0.93
CA GLY B 310 -6.25 -80.14 1.44
C GLY B 310 -6.48 -80.11 2.93
N LYS B 311 -6.07 -79.05 3.61
CA LYS B 311 -6.27 -78.89 5.05
C LYS B 311 -7.33 -77.83 5.28
N LEU B 312 -8.33 -78.14 6.11
CA LEU B 312 -9.36 -77.19 6.51
C LEU B 312 -9.07 -76.66 7.92
N TYR B 313 -9.28 -75.35 8.13
CA TYR B 313 -9.16 -74.67 9.41
C TYR B 313 -10.53 -74.17 9.85
N VAL B 314 -10.90 -74.38 11.12
CA VAL B 314 -12.16 -73.88 11.66
C VAL B 314 -11.87 -73.05 12.89
N TRP B 315 -12.48 -71.87 12.95
CA TRP B 315 -12.22 -70.96 14.06
C TRP B 315 -13.51 -70.63 14.77
N ASP B 316 -13.38 -70.26 16.05
CA ASP B 316 -14.49 -69.82 16.89
C ASP B 316 -14.54 -68.30 16.94
N LEU B 317 -15.64 -67.71 16.48
CA LEU B 317 -15.76 -66.26 16.39
C LEU B 317 -16.22 -65.62 17.68
N GLU B 318 -16.57 -66.42 18.69
CA GLU B 318 -16.89 -65.99 20.04
C GLU B 318 -15.66 -65.95 20.95
N VAL B 319 -14.48 -66.15 20.37
CA VAL B 319 -13.23 -66.10 21.13
C VAL B 319 -12.91 -64.66 21.52
N GLU B 320 -12.54 -64.48 22.78
CA GLU B 320 -12.04 -63.23 23.33
C GLU B 320 -10.54 -63.21 23.17
N ASP B 321 -10.01 -62.09 22.68
CA ASP B 321 -8.58 -61.87 22.47
C ASP B 321 -8.06 -62.79 21.36
N PRO B 322 -6.86 -62.51 20.81
CA PRO B 322 -6.32 -63.37 19.76
C PRO B 322 -6.19 -64.80 20.30
N HIS B 323 -6.42 -65.88 19.53
CA HIS B 323 -6.40 -65.99 18.05
C HIS B 323 -5.38 -65.05 17.31
N LYS B 324 -4.04 -65.25 17.41
CA LYS B 324 -3.28 -66.28 18.16
C LYS B 324 -3.83 -67.70 18.13
N ALA B 325 -4.31 -68.15 19.29
CA ALA B 325 -4.84 -69.49 19.52
C ALA B 325 -6.30 -69.44 20.01
N LYS B 326 -7.10 -70.44 19.66
CA LYS B 326 -6.67 -71.55 18.79
C LYS B 326 -7.74 -72.00 17.78
N CYS B 327 -7.26 -72.61 16.69
CA CYS B 327 -8.06 -73.08 15.58
C CYS B 327 -8.12 -74.60 15.60
N THR B 328 -9.25 -75.15 15.20
CA THR B 328 -9.35 -76.59 15.07
C THR B 328 -9.06 -76.94 13.61
N THR B 329 -8.06 -77.80 13.40
CA THR B 329 -7.59 -78.23 12.08
C THR B 329 -7.99 -79.67 11.84
N LEU B 330 -8.62 -79.94 10.72
CA LEU B 330 -9.03 -81.29 10.36
C LEU B 330 -8.45 -81.69 9.01
N THR B 331 -7.78 -82.85 8.98
CA THR B 331 -7.15 -83.31 7.75
C THR B 331 -7.59 -84.74 7.50
N HIS B 332 -7.53 -85.14 6.23
CA HIS B 332 -7.87 -86.49 5.81
C HIS B 332 -6.83 -87.02 4.85
N HIS B 333 -6.56 -88.31 4.90
CA HIS B 333 -5.41 -88.82 4.18
C HIS B 333 -5.64 -88.92 2.68
N LYS B 334 -6.89 -88.81 2.23
CA LYS B 334 -7.15 -88.81 0.79
C LYS B 334 -7.53 -87.44 0.27
N CYS B 335 -7.57 -86.46 1.14
CA CYS B 335 -7.88 -85.10 0.77
C CYS B 335 -6.56 -84.33 0.72
N GLY B 336 -6.02 -84.16 -0.51
CA GLY B 336 -4.73 -83.54 -0.76
C GLY B 336 -4.72 -82.34 -1.70
N ALA B 337 -5.80 -82.16 -2.46
CA ALA B 337 -5.96 -81.06 -3.41
C ALA B 337 -6.43 -79.78 -2.71
N ALA B 338 -6.37 -78.67 -3.43
CA ALA B 338 -6.70 -77.36 -2.87
C ALA B 338 -8.20 -77.25 -2.67
N ILE B 339 -8.59 -76.60 -1.59
CA ILE B 339 -9.99 -76.48 -1.21
C ILE B 339 -10.44 -75.07 -1.59
N ARG B 340 -11.21 -74.96 -2.67
CA ARG B 340 -11.61 -73.64 -3.14
C ARG B 340 -12.57 -72.95 -2.17
N GLN B 341 -13.63 -73.65 -1.73
CA GLN B 341 -14.63 -73.00 -0.89
C GLN B 341 -15.24 -73.99 0.09
N THR B 342 -15.74 -73.45 1.19
CA THR B 342 -16.48 -74.20 2.19
C THR B 342 -17.87 -73.58 2.33
N SER B 343 -18.75 -74.31 3.01
CA SER B 343 -20.14 -73.90 3.20
C SER B 343 -20.70 -74.66 4.40
N PHE B 344 -21.24 -73.95 5.37
CA PHE B 344 -21.96 -74.59 6.46
C PHE B 344 -23.43 -74.73 6.08
N SER B 345 -24.10 -75.73 6.66
CA SER B 345 -25.56 -75.76 6.56
C SER B 345 -26.14 -74.64 7.42
N ARG B 346 -27.46 -74.41 7.32
CA ARG B 346 -28.03 -73.30 8.08
C ARG B 346 -27.78 -73.51 9.57
N ASP B 347 -28.11 -74.68 10.09
CA ASP B 347 -27.58 -75.08 11.37
C ASP B 347 -26.12 -75.46 11.19
N SER B 348 -25.38 -75.34 12.23
CA SER B 348 -23.98 -75.55 11.94
C SER B 348 -23.59 -77.02 11.77
N SER B 349 -24.54 -77.95 11.69
CA SER B 349 -24.22 -79.39 11.76
C SER B 349 -23.26 -79.86 10.66
N ILE B 350 -23.42 -79.41 9.42
CA ILE B 350 -22.62 -79.93 8.31
C ILE B 350 -21.69 -78.84 7.75
N LEU B 351 -20.50 -79.26 7.30
CA LEU B 351 -19.48 -78.39 6.72
C LEU B 351 -18.97 -79.04 5.45
N ILE B 352 -19.38 -78.56 4.31
CA ILE B 352 -18.92 -79.09 3.02
C ILE B 352 -17.67 -78.32 2.61
N ALA B 353 -16.76 -78.98 1.90
CA ALA B 353 -15.58 -78.35 1.29
C ALA B 353 -15.39 -78.95 -0.10
N VAL B 354 -14.99 -78.13 -1.08
CA VAL B 354 -14.83 -78.64 -2.44
C VAL B 354 -13.44 -78.29 -2.92
N CYS B 355 -12.94 -79.06 -3.90
CA CYS B 355 -11.51 -79.13 -4.16
C CYS B 355 -11.17 -78.97 -5.64
N ASP B 356 -9.86 -78.77 -5.87
CA ASP B 356 -9.29 -78.68 -7.21
C ASP B 356 -9.44 -79.95 -8.02
N ASP B 357 -9.56 -81.10 -7.34
CA ASP B 357 -9.63 -82.41 -8.00
C ASP B 357 -11.04 -82.96 -8.11
N ALA B 358 -12.04 -82.09 -8.07
CA ALA B 358 -13.47 -82.41 -8.20
C ALA B 358 -14.02 -83.19 -7.02
N SER B 359 -13.28 -83.26 -5.90
CA SER B 359 -13.75 -83.95 -4.72
C SER B 359 -14.57 -83.03 -3.83
N ILE B 360 -15.50 -83.62 -3.09
CA ILE B 360 -16.34 -82.94 -2.12
C ILE B 360 -16.16 -83.68 -0.80
N TRP B 361 -16.14 -82.93 0.29
CA TRP B 361 -15.81 -83.50 1.60
C TRP B 361 -16.86 -83.05 2.61
N ARG B 362 -17.56 -84.02 3.21
CA ARG B 362 -18.61 -83.76 4.18
C ARG B 362 -18.08 -83.93 5.60
N TRP B 363 -18.23 -82.90 6.42
CA TRP B 363 -17.76 -82.88 7.80
C TRP B 363 -18.94 -82.58 8.71
N ASP B 364 -19.24 -83.48 9.66
CA ASP B 364 -20.34 -83.27 10.57
C ASP B 364 -19.84 -82.89 11.96
N ARG B 365 -20.67 -82.18 12.73
CA ARG B 365 -20.27 -81.70 14.06
C ARG B 365 -20.57 -82.76 15.14
N LEU B 366 -20.25 -82.42 16.38
CA LEU B 366 -20.51 -83.28 17.52
C LEU B 366 -22.00 -83.60 17.64
N ARG B 367 -22.31 -84.86 18.02
CA ARG B 367 -23.67 -85.43 18.23
C ARG B 367 -24.81 -84.42 18.44
N HIS C 5 -33.55 -54.31 -39.35
CA HIS C 5 -32.55 -54.03 -40.38
C HIS C 5 -31.54 -55.18 -40.57
N ASN C 6 -30.95 -55.77 -39.51
CA ASN C 6 -30.80 -55.21 -38.16
C ASN C 6 -29.41 -55.55 -37.64
N ARG C 7 -28.57 -54.55 -37.41
CA ARG C 7 -27.42 -54.78 -36.55
C ARG C 7 -27.84 -54.39 -35.14
N LEU C 8 -27.42 -55.17 -34.16
CA LEU C 8 -27.80 -54.91 -32.78
C LEU C 8 -26.67 -54.11 -32.12
N TYR C 9 -27.02 -52.97 -31.55
CA TYR C 9 -26.10 -52.05 -30.91
C TYR C 9 -26.27 -52.13 -29.39
N PHE C 10 -25.25 -51.66 -28.68
CA PHE C 10 -25.24 -51.75 -27.22
C PHE C 10 -24.87 -50.39 -26.63
N HIS C 11 -25.29 -50.17 -25.40
CA HIS C 11 -24.90 -48.97 -24.68
C HIS C 11 -23.43 -49.06 -24.28
N SER C 12 -22.74 -47.92 -24.27
CA SER C 12 -21.33 -47.85 -23.89
C SER C 12 -21.11 -47.86 -22.37
N ASP C 13 -21.95 -47.17 -21.61
CA ASP C 13 -21.82 -47.17 -20.15
C ASP C 13 -22.15 -48.53 -19.56
N THR C 14 -23.19 -49.15 -20.13
CA THR C 14 -23.81 -50.37 -19.63
C THR C 14 -23.92 -51.34 -20.80
N CYS C 15 -23.22 -52.46 -20.74
CA CYS C 15 -23.14 -53.15 -22.03
C CYS C 15 -24.42 -53.86 -22.49
N LEU C 16 -25.52 -53.50 -21.85
CA LEU C 16 -26.84 -54.00 -22.22
C LEU C 16 -27.18 -53.62 -23.67
N PRO C 17 -27.90 -54.48 -24.38
CA PRO C 17 -28.22 -54.21 -25.78
C PRO C 17 -29.22 -53.07 -25.90
N LEU C 18 -29.22 -52.45 -27.08
CA LEU C 18 -30.06 -51.30 -27.40
C LEU C 18 -31.31 -51.78 -28.15
N ARG C 19 -32.49 -51.68 -27.51
CA ARG C 19 -33.72 -52.06 -28.18
C ARG C 19 -34.04 -51.10 -29.33
N PRO C 20 -34.72 -51.56 -30.37
CA PRO C 20 -34.94 -50.68 -31.54
C PRO C 20 -35.74 -49.44 -31.27
N GLN C 21 -36.59 -49.44 -30.22
CA GLN C 21 -37.32 -48.23 -29.87
C GLN C 21 -36.43 -47.15 -29.29
N GLU C 22 -35.25 -47.49 -28.76
CA GLU C 22 -34.45 -46.48 -28.06
C GLU C 22 -33.61 -45.66 -29.04
N MET C 23 -33.42 -46.18 -30.26
CA MET C 23 -32.57 -45.55 -31.24
C MET C 23 -33.23 -45.12 -32.54
N GLU C 24 -33.49 -43.83 -32.78
CA GLU C 24 -33.51 -42.68 -31.84
C GLU C 24 -32.30 -42.41 -30.92
N VAL C 25 -31.08 -42.52 -31.44
CA VAL C 25 -29.90 -42.22 -30.62
C VAL C 25 -29.07 -41.09 -31.26
N ASP C 26 -28.89 -40.00 -30.50
CA ASP C 26 -29.57 -39.79 -29.23
C ASP C 26 -30.15 -38.38 -29.27
N SER C 27 -31.40 -38.26 -28.84
CA SER C 27 -32.02 -36.94 -28.70
C SER C 27 -31.23 -36.06 -27.73
N GLU C 28 -30.73 -36.66 -26.64
CA GLU C 28 -29.94 -35.94 -25.64
C GLU C 28 -28.67 -35.36 -26.24
N ASP C 29 -28.28 -34.19 -25.75
CA ASP C 29 -27.03 -33.56 -26.15
C ASP C 29 -25.92 -33.95 -25.17
N GLU C 30 -24.79 -34.36 -25.71
CA GLU C 30 -23.62 -34.70 -24.94
C GLU C 30 -22.68 -33.49 -24.77
N LYS C 31 -22.03 -33.31 -23.62
CA LYS C 31 -22.17 -34.09 -22.38
C LYS C 31 -21.38 -33.39 -21.28
N ASP C 32 -21.70 -33.73 -20.05
CA ASP C 32 -20.87 -33.35 -18.93
C ASP C 32 -20.81 -34.62 -18.09
N PRO C 33 -19.63 -35.21 -17.90
CA PRO C 33 -19.57 -36.44 -17.12
C PRO C 33 -19.83 -36.09 -15.66
N GLU C 34 -20.72 -36.85 -15.03
CA GLU C 34 -21.06 -36.52 -13.65
C GLU C 34 -19.88 -36.76 -12.73
N TRP C 35 -19.05 -37.77 -13.02
CA TRP C 35 -17.94 -38.08 -12.12
C TRP C 35 -16.96 -36.90 -12.05
N LEU C 36 -16.76 -36.21 -13.16
CA LEU C 36 -15.88 -35.06 -13.19
C LEU C 36 -16.38 -33.96 -12.25
N ARG C 37 -17.69 -33.76 -12.23
CA ARG C 37 -18.28 -32.78 -11.34
C ARG C 37 -18.04 -33.17 -9.88
N GLU C 38 -18.26 -34.44 -9.55
CA GLU C 38 -17.97 -34.89 -8.19
C GLU C 38 -16.48 -34.82 -7.86
N LYS C 39 -15.61 -35.11 -8.85
CA LYS C 39 -14.17 -35.03 -8.62
C LYS C 39 -13.77 -33.62 -8.23
N THR C 40 -14.32 -32.60 -8.93
CA THR C 40 -13.94 -31.22 -8.66
C THR C 40 -14.37 -30.77 -7.27
N ILE C 41 -15.57 -31.17 -6.87
CA ILE C 41 -16.05 -30.81 -5.55
C ILE C 41 -15.16 -31.41 -4.48
N THR C 42 -14.86 -32.70 -4.64
CA THR C 42 -14.00 -33.39 -3.69
C THR C 42 -12.56 -32.90 -3.79
N GLN C 43 -12.15 -32.38 -4.94
CA GLN C 43 -10.78 -31.91 -5.07
C GLN C 43 -10.57 -30.53 -4.50
N ILE C 44 -11.57 -29.64 -4.64
CA ILE C 44 -11.47 -28.32 -4.03
C ILE C 44 -11.45 -28.45 -2.51
N GLU C 45 -12.37 -29.24 -1.96
CA GLU C 45 -12.43 -29.42 -0.52
C GLU C 45 -11.11 -29.96 0.03
N GLU C 46 -10.42 -30.76 -0.78
CA GLU C 46 -9.15 -31.36 -0.37
C GLU C 46 -8.12 -30.30 0.01
N PHE C 47 -8.29 -29.06 -0.44
CA PHE C 47 -7.28 -28.05 -0.19
C PHE C 47 -7.15 -27.70 1.28
N SER C 48 -6.04 -28.12 1.86
CA SER C 48 -5.59 -27.47 3.08
C SER C 48 -5.22 -26.04 2.68
N ASP C 49 -5.51 -25.10 3.56
CA ASP C 49 -5.19 -23.65 3.43
C ASP C 49 -6.00 -22.90 2.35
N VAL C 50 -7.32 -23.09 2.33
CA VAL C 50 -8.19 -22.32 1.45
C VAL C 50 -9.46 -22.07 2.23
N ASN C 51 -10.03 -20.90 2.02
CA ASN C 51 -11.24 -20.45 2.69
C ASN C 51 -12.43 -21.34 2.33
N GLU C 52 -13.44 -21.37 3.20
CA GLU C 52 -14.56 -22.33 3.09
C GLU C 52 -15.51 -22.40 1.88
N GLY C 53 -16.04 -21.31 1.33
CA GLY C 53 -15.68 -19.92 1.55
C GLY C 53 -15.21 -19.51 0.17
N GLU C 54 -13.88 -19.42 0.04
CA GLU C 54 -13.30 -19.41 -1.29
C GLU C 54 -13.57 -20.74 -1.98
N LYS C 55 -13.48 -21.85 -1.25
CA LYS C 55 -13.73 -23.14 -1.88
C LYS C 55 -15.12 -23.18 -2.50
N GLU C 56 -16.14 -22.71 -1.77
CA GLU C 56 -17.51 -22.84 -2.27
C GLU C 56 -17.73 -22.00 -3.52
N VAL C 57 -17.18 -20.79 -3.53
CA VAL C 57 -17.31 -19.97 -4.73
C VAL C 57 -16.53 -20.60 -5.89
N MET C 58 -15.35 -21.16 -5.62
CA MET C 58 -14.63 -21.85 -6.69
C MET C 58 -15.44 -23.05 -7.19
N LYS C 59 -16.00 -23.83 -6.29
CA LYS C 59 -16.75 -25.00 -6.73
C LYS C 59 -17.91 -24.58 -7.63
N LEU C 60 -18.65 -23.55 -7.21
CA LEU C 60 -19.79 -23.09 -8.00
C LEU C 60 -19.33 -22.66 -9.40
N TRP C 61 -18.24 -21.88 -9.47
CA TRP C 61 -17.74 -21.45 -10.77
C TRP C 61 -17.32 -22.64 -11.61
N ASN C 62 -16.54 -23.55 -11.02
CA ASN C 62 -16.05 -24.68 -11.78
C ASN C 62 -17.21 -25.44 -12.36
N LEU C 63 -18.22 -25.70 -11.54
CA LEU C 63 -19.40 -26.38 -12.03
C LEU C 63 -20.08 -25.59 -13.14
N HIS C 64 -20.05 -24.24 -13.04
CA HIS C 64 -20.73 -23.39 -14.01
C HIS C 64 -20.04 -23.43 -15.36
N VAL C 65 -18.71 -23.30 -15.39
CA VAL C 65 -18.03 -23.34 -16.67
C VAL C 65 -18.10 -24.75 -17.26
N MET C 66 -18.00 -25.79 -16.41
CA MET C 66 -18.11 -27.16 -16.89
C MET C 66 -19.46 -27.40 -17.56
N LYS C 67 -20.52 -26.83 -17.00
CA LYS C 67 -21.88 -27.07 -17.47
C LYS C 67 -22.07 -26.49 -18.86
N HIS C 68 -21.53 -25.29 -19.14
CA HIS C 68 -21.74 -24.57 -20.39
C HIS C 68 -20.60 -24.69 -21.38
N GLY C 69 -19.43 -25.15 -20.97
CA GLY C 69 -18.34 -25.38 -21.90
C GLY C 69 -17.81 -24.15 -22.60
N PHE C 70 -17.36 -23.19 -21.79
CA PHE C 70 -16.78 -21.96 -22.27
C PHE C 70 -15.37 -22.23 -22.81
N ILE C 71 -15.12 -21.78 -24.03
CA ILE C 71 -13.87 -21.96 -24.73
C ILE C 71 -13.04 -20.67 -24.83
N ALA C 72 -13.70 -19.53 -24.98
CA ALA C 72 -13.11 -18.27 -25.43
C ALA C 72 -13.07 -17.26 -24.30
N ASP C 73 -12.24 -16.24 -24.50
CA ASP C 73 -12.19 -15.14 -23.54
C ASP C 73 -13.41 -14.22 -23.67
N ASN C 74 -13.86 -13.92 -24.90
CA ASN C 74 -15.01 -13.03 -25.03
C ASN C 74 -16.26 -13.59 -24.36
N GLN C 75 -16.31 -14.90 -24.16
CA GLN C 75 -17.41 -15.51 -23.42
C GLN C 75 -17.42 -15.13 -21.95
N MET C 76 -16.29 -14.70 -21.37
CA MET C 76 -16.22 -14.55 -19.92
C MET C 76 -17.07 -13.39 -19.38
N ASN C 77 -17.40 -12.40 -20.19
CA ASN C 77 -18.33 -11.38 -19.73
C ASN C 77 -19.71 -11.98 -19.60
N HIS C 78 -20.20 -12.61 -20.67
CA HIS C 78 -21.44 -13.36 -20.62
C HIS C 78 -21.40 -14.46 -19.55
N ALA C 79 -20.23 -15.00 -19.24
CA ALA C 79 -20.12 -16.09 -18.27
C ALA C 79 -20.34 -15.58 -16.85
N CYS C 80 -19.75 -14.44 -16.50
CA CYS C 80 -19.98 -13.88 -15.17
C CYS C 80 -21.41 -13.42 -15.00
N MET C 81 -22.07 -13.06 -16.09
CA MET C 81 -23.45 -12.63 -15.98
C MET C 81 -24.36 -13.84 -15.78
N LEU C 82 -24.08 -14.92 -16.50
CA LEU C 82 -24.85 -16.15 -16.33
C LEU C 82 -24.69 -16.71 -14.93
N PHE C 83 -23.49 -16.57 -14.37
CA PHE C 83 -23.20 -17.14 -13.07
C PHE C 83 -24.03 -16.49 -11.97
N VAL C 84 -24.56 -15.30 -12.19
CA VAL C 84 -25.44 -14.74 -11.19
C VAL C 84 -26.89 -15.10 -11.51
N GLU C 85 -27.24 -15.13 -12.80
CA GLU C 85 -28.57 -15.56 -13.23
C GLU C 85 -28.87 -16.97 -12.79
N ASN C 86 -27.86 -17.81 -12.67
CA ASN C 86 -28.09 -19.20 -12.31
C ASN C 86 -27.64 -19.51 -10.90
N TYR C 87 -26.43 -19.13 -10.52
CA TYR C 87 -25.93 -19.50 -9.20
C TYR C 87 -26.00 -18.35 -8.22
N GLY C 88 -26.55 -17.22 -8.65
CA GLY C 88 -26.59 -16.08 -7.75
C GLY C 88 -27.51 -16.30 -6.58
N GLN C 89 -28.67 -16.92 -6.83
CA GLN C 89 -29.57 -17.23 -5.74
C GLN C 89 -28.87 -18.06 -4.66
N LYS C 90 -28.11 -19.08 -5.07
CA LYS C 90 -27.38 -19.90 -4.10
C LYS C 90 -26.25 -19.11 -3.45
N ILE C 91 -25.70 -18.10 -4.13
CA ILE C 91 -24.60 -17.36 -3.53
C ILE C 91 -25.08 -16.56 -2.33
N ILE C 92 -26.30 -16.01 -2.42
CA ILE C 92 -26.83 -15.24 -1.32
C ILE C 92 -27.16 -16.12 -0.12
N LYS C 93 -27.68 -17.32 -0.37
CA LYS C 93 -27.98 -18.24 0.74
C LYS C 93 -26.75 -18.54 1.58
N LYS C 94 -25.57 -18.68 0.93
CA LYS C 94 -24.37 -19.12 1.63
C LYS C 94 -23.53 -17.96 2.12
N ASN C 95 -24.01 -16.73 1.92
CA ASN C 95 -23.22 -15.59 2.33
C ASN C 95 -21.87 -15.65 1.63
N LEU C 96 -21.93 -15.88 0.32
CA LEU C 96 -20.73 -15.83 -0.51
C LEU C 96 -20.64 -14.55 -1.34
N CYS C 97 -21.27 -13.44 -0.93
CA CYS C 97 -21.32 -12.28 -1.81
C CYS C 97 -19.96 -11.65 -2.01
N ARG C 98 -19.18 -11.50 -0.94
CA ARG C 98 -17.90 -10.80 -1.09
C ARG C 98 -16.81 -11.68 -1.72
N ASN C 99 -16.83 -12.99 -1.49
CA ASN C 99 -15.89 -13.87 -2.21
C ASN C 99 -16.21 -13.91 -3.70
N PHE C 100 -17.48 -13.86 -4.05
CA PHE C 100 -17.85 -13.73 -5.44
C PHE C 100 -17.36 -12.41 -6.00
N MET C 101 -17.30 -11.35 -5.19
CA MET C 101 -16.66 -10.11 -5.65
C MET C 101 -15.16 -10.30 -5.87
N LEU C 102 -14.47 -10.96 -4.91
CA LEU C 102 -13.06 -11.28 -5.11
C LEU C 102 -12.85 -12.06 -6.40
N HIS C 103 -13.70 -13.05 -6.66
CA HIS C 103 -13.61 -13.77 -7.93
C HIS C 103 -13.69 -12.82 -9.10
N LEU C 104 -14.65 -11.88 -9.07
CA LEU C 104 -14.78 -10.93 -10.17
C LEU C 104 -13.52 -10.09 -10.31
N VAL C 105 -12.94 -9.69 -9.18
CA VAL C 105 -11.67 -8.96 -9.22
C VAL C 105 -10.58 -9.82 -9.82
N SER C 106 -10.44 -11.06 -9.35
CA SER C 106 -9.47 -11.98 -9.95
C SER C 106 -9.67 -12.06 -11.46
N MET C 107 -10.90 -12.40 -11.88
CA MET C 107 -11.20 -12.56 -13.30
C MET C 107 -10.80 -11.33 -14.09
N HIS C 108 -10.92 -10.14 -13.50
CA HIS C 108 -10.48 -8.94 -14.17
C HIS C 108 -8.94 -8.87 -14.24
N ASP C 109 -8.27 -9.30 -13.16
CA ASP C 109 -6.82 -9.34 -13.19
C ASP C 109 -6.32 -10.27 -14.30
N PHE C 110 -6.96 -11.38 -14.48
CA PHE C 110 -6.52 -12.27 -15.54
C PHE C 110 -6.87 -11.72 -16.94
N ASN C 111 -7.44 -10.52 -17.05
CA ASN C 111 -7.71 -9.87 -18.33
C ASN C 111 -8.86 -10.50 -19.10
N LEU C 112 -9.70 -11.26 -18.40
CA LEU C 112 -10.86 -11.89 -19.02
C LEU C 112 -12.11 -11.02 -19.09
N ILE C 113 -12.41 -10.21 -18.06
CA ILE C 113 -13.67 -9.46 -18.02
C ILE C 113 -13.36 -7.97 -18.01
N SER C 114 -14.23 -7.20 -18.65
CA SER C 114 -14.16 -5.76 -18.54
C SER C 114 -14.57 -5.29 -17.16
N ILE C 115 -14.04 -4.13 -16.78
CA ILE C 115 -14.29 -3.62 -15.44
C ILE C 115 -15.73 -3.23 -15.30
N MET C 116 -16.37 -2.88 -16.43
CA MET C 116 -17.78 -2.56 -16.35
C MET C 116 -18.62 -3.78 -16.00
N SER C 117 -18.04 -4.96 -16.04
CA SER C 117 -18.78 -6.14 -15.69
C SER C 117 -18.65 -6.51 -14.22
N ILE C 118 -17.66 -5.98 -13.50
CA ILE C 118 -17.68 -6.14 -12.05
C ILE C 118 -18.89 -5.46 -11.44
N ASP C 119 -19.06 -4.17 -11.71
CA ASP C 119 -20.23 -3.45 -11.22
C ASP C 119 -21.50 -4.05 -11.75
N LYS C 120 -21.55 -4.31 -13.06
CA LYS C 120 -22.77 -4.79 -13.66
C LYS C 120 -23.22 -6.10 -13.06
N ALA C 121 -22.29 -6.89 -12.53
CA ALA C 121 -22.60 -8.19 -11.95
C ALA C 121 -23.05 -8.04 -10.49
N VAL C 122 -22.28 -7.31 -9.66
CA VAL C 122 -22.71 -7.08 -8.28
C VAL C 122 -24.04 -6.35 -8.26
N THR C 123 -24.29 -5.54 -9.27
CA THR C 123 -25.59 -4.88 -9.35
C THR C 123 -26.70 -5.90 -9.55
N LYS C 124 -26.55 -6.78 -10.51
CA LYS C 124 -27.55 -7.81 -10.72
C LYS C 124 -27.68 -8.74 -9.52
N LEU C 125 -26.57 -9.06 -8.87
CA LEU C 125 -26.64 -9.93 -7.70
C LEU C 125 -27.43 -9.25 -6.59
N ARG C 126 -27.11 -7.99 -6.33
CA ARG C 126 -27.80 -7.30 -5.25
C ARG C 126 -29.20 -6.88 -5.65
N GLU C 127 -29.51 -6.89 -6.96
CA GLU C 127 -30.84 -6.60 -7.42
C GLU C 127 -31.83 -7.72 -7.10
N MET C 128 -31.34 -8.95 -6.91
CA MET C 128 -32.13 -10.10 -6.47
C MET C 128 -32.03 -10.35 -4.96
N GLN C 129 -31.25 -9.53 -4.24
CA GLN C 129 -31.33 -9.48 -2.79
C GLN C 129 -32.68 -8.86 -2.40
N THR D 2 10.55 -51.79 -24.61
CA THR D 2 10.43 -50.50 -23.93
C THR D 2 9.65 -49.49 -24.76
N LYS D 3 9.75 -49.56 -26.10
CA LYS D 3 8.95 -48.68 -26.94
C LYS D 3 7.57 -49.30 -27.01
N ALA D 4 6.70 -48.85 -26.14
CA ALA D 4 5.38 -49.43 -26.19
C ALA D 4 4.69 -48.91 -27.43
N ALA D 5 4.00 -49.80 -28.13
CA ALA D 5 3.34 -49.40 -29.35
C ALA D 5 2.34 -48.27 -29.12
N ARG D 6 2.40 -47.28 -29.99
CA ARG D 6 1.60 -46.09 -29.93
C ARG D 6 1.08 -45.75 -31.32
N MET D 7 -0.11 -45.18 -31.35
CA MET D 7 -0.69 -44.64 -32.56
C MET D 7 -0.07 -43.30 -32.89
N SER D 8 0.01 -43.02 -34.20
CA SER D 8 0.60 -41.80 -34.73
C SER D 8 -0.24 -41.21 -35.86
N ALA D 9 0.02 -39.94 -36.15
CA ALA D 9 -0.54 -39.17 -37.25
C ALA D 9 0.58 -38.45 -37.99
N PRO D 10 0.42 -38.15 -39.30
CA PRO D 10 1.39 -37.32 -40.05
C PRO D 10 1.54 -35.87 -39.55
N ARG E 1 12.00 -61.25 -1.63
CA ARG E 1 11.12 -60.73 -2.67
C ARG E 1 9.65 -61.11 -2.43
N LEU E 2 8.79 -60.69 -3.36
CA LEU E 2 7.41 -61.13 -3.46
C LEU E 2 7.10 -61.31 -4.94
N GLN E 3 6.43 -62.39 -5.28
CA GLN E 3 6.17 -62.69 -6.68
C GLN E 3 4.67 -62.72 -6.92
N ALA E 4 4.33 -62.94 -8.20
CA ALA E 4 2.93 -62.96 -8.59
C ALA E 4 2.37 -64.25 -8.09
N GLN E 5 1.28 -64.15 -7.37
CA GLN E 5 0.73 -65.33 -6.79
C GLN E 5 -0.11 -66.02 -7.85
N ARG E 6 -0.12 -67.35 -7.80
CA ARG E 6 -0.78 -68.03 -8.90
C ARG E 6 -2.10 -68.62 -8.45
N M3L E 7 -2.93 -69.08 -9.37
CA M3L E 7 -4.20 -69.69 -9.01
CB M3L E 7 -5.23 -69.54 -10.15
CG M3L E 7 -6.65 -69.35 -9.68
CD M3L E 7 -7.61 -69.34 -10.86
CE M3L E 7 -9.01 -69.03 -10.34
NZ M3L E 7 -10.13 -68.88 -11.38
C M3L E 7 -4.17 -71.20 -8.58
O M3L E 7 -4.99 -71.71 -7.82
CM1 M3L E 7 -11.48 -69.24 -10.86
CM2 M3L E 7 -9.79 -69.50 -12.69
CM3 M3L E 7 -10.32 -67.44 -11.66
N PHE E 8 -3.16 -71.92 -9.06
CA PHE E 8 -3.05 -73.36 -8.80
C PHE E 8 -1.64 -73.77 -8.38
N ALA E 9 -1.49 -74.94 -7.73
CA ALA E 9 -0.17 -75.45 -7.35
C ALA E 9 0.56 -76.07 -8.54
N GLN E 10 1.90 -76.16 -8.40
CA GLN E 10 2.76 -76.57 -9.51
C GLN E 10 2.40 -77.95 -10.04
N SER E 11 2.19 -78.92 -9.15
CA SER E 11 1.77 -80.32 -9.46
C SER E 11 1.87 -81.26 -8.25
N LYS F 10 -53.73 7.94 58.67
CA LYS F 10 -53.93 6.88 57.69
C LYS F 10 -55.40 6.79 57.25
N GLY F 11 -55.65 7.17 56.00
CA GLY F 11 -56.99 7.14 55.46
C GLY F 11 -56.97 7.34 53.96
N PRO F 12 -58.15 7.39 53.33
CA PRO F 12 -58.18 7.64 51.88
C PRO F 12 -57.54 8.96 51.47
N VAL F 13 -57.74 10.03 52.24
CA VAL F 13 -57.14 11.30 51.85
C VAL F 13 -55.68 11.38 52.26
N CYS F 14 -55.25 10.56 53.23
CA CYS F 14 -53.86 10.57 53.68
C CYS F 14 -52.95 9.81 52.73
N TRP F 15 -53.46 8.72 52.16
CA TRP F 15 -52.70 7.99 51.15
C TRP F 15 -52.49 8.84 49.90
N ARG F 16 -53.55 9.44 49.37
CA ARG F 16 -53.41 10.21 48.14
C ARG F 16 -52.46 11.38 48.31
N LYS F 17 -52.56 12.13 49.44
CA LYS F 17 -51.68 13.26 49.68
C LYS F 17 -50.22 12.83 49.67
N ARG F 18 -49.90 11.77 50.40
CA ARG F 18 -48.54 11.26 50.42
C ARG F 18 -48.10 10.79 49.03
N VAL F 19 -48.99 10.12 48.29
CA VAL F 19 -48.65 9.67 46.93
C VAL F 19 -48.30 10.86 46.04
N LYS F 20 -49.13 11.90 46.06
CA LYS F 20 -48.86 13.08 45.25
C LYS F 20 -47.55 13.74 45.65
N SER F 21 -47.27 13.84 46.96
CA SER F 21 -46.02 14.46 47.41
C SER F 21 -44.80 13.67 46.93
N GLU F 22 -44.82 12.35 47.10
CA GLU F 22 -43.71 11.54 46.61
C GLU F 22 -43.58 11.60 45.09
N TYR F 23 -44.70 11.60 44.37
CA TYR F 23 -44.67 11.58 42.92
C TYR F 23 -43.98 12.82 42.37
N MET F 24 -44.31 13.98 42.97
CA MET F 24 -43.68 15.25 42.59
C MET F 24 -42.17 15.20 42.82
N ARG F 25 -41.69 14.57 43.90
CA ARG F 25 -40.24 14.50 44.13
C ARG F 25 -39.54 13.63 43.08
N LEU F 26 -40.10 12.45 42.79
CA LEU F 26 -39.41 11.55 41.86
C LEU F 26 -39.18 12.22 40.52
N ARG F 27 -40.19 12.92 40.00
CA ARG F 27 -40.06 13.58 38.72
C ARG F 27 -38.96 14.64 38.75
N GLN F 28 -38.84 15.34 39.89
CA GLN F 28 -37.87 16.41 40.04
C GLN F 28 -36.45 15.88 40.24
N LEU F 29 -36.27 14.81 41.01
CA LEU F 29 -34.96 14.17 41.13
C LEU F 29 -34.55 13.43 39.84
N LYS F 30 -35.51 12.81 39.13
CA LYS F 30 -35.17 12.13 37.89
C LYS F 30 -34.58 13.10 36.88
N ARG F 31 -35.22 14.24 36.70
CA ARG F 31 -34.75 15.25 35.76
C ARG F 31 -33.42 15.85 36.17
N PHE F 32 -33.17 15.94 37.48
CA PHE F 32 -31.84 16.31 37.97
C PHE F 32 -30.79 15.31 37.49
N ARG F 33 -31.06 14.01 37.69
CA ARG F 33 -30.11 12.99 37.29
C ARG F 33 -30.00 12.89 35.76
N ARG F 34 -31.14 12.84 35.07
CA ARG F 34 -31.14 12.74 33.62
C ARG F 34 -30.47 13.94 32.93
N ALA F 35 -30.41 15.11 33.59
CA ALA F 35 -29.93 16.34 32.97
C ALA F 35 -28.63 16.16 32.16
N ASP F 36 -27.62 15.53 32.77
CA ASP F 36 -26.35 15.30 32.07
C ASP F 36 -26.56 14.44 30.83
N GLU F 37 -27.34 13.37 30.97
CA GLU F 37 -27.55 12.42 29.87
C GLU F 37 -28.38 13.04 28.75
N VAL F 38 -29.45 13.76 29.10
CA VAL F 38 -30.33 14.30 28.07
C VAL F 38 -29.59 15.31 27.21
N LYS F 39 -28.79 16.19 27.81
CA LYS F 39 -28.10 17.17 26.99
C LYS F 39 -27.10 16.49 26.07
N SER F 40 -26.47 15.40 26.55
CA SER F 40 -25.61 14.61 25.68
C SER F 40 -26.39 13.99 24.54
N MET F 41 -27.64 13.57 24.81
CA MET F 41 -28.47 13.02 23.76
C MET F 41 -28.90 14.11 22.79
N PHE F 42 -29.15 15.31 23.30
CA PHE F 42 -29.46 16.43 22.42
C PHE F 42 -28.29 16.74 21.47
N SER F 43 -27.06 16.81 21.99
CA SER F 43 -25.90 17.02 21.11
C SER F 43 -25.71 15.86 20.15
N SER F 44 -25.85 14.63 20.66
CA SER F 44 -25.77 13.45 19.80
C SER F 44 -26.81 13.54 18.69
N ASN F 45 -28.03 13.96 19.05
CA ASN F 45 -29.09 14.09 18.07
C ASN F 45 -28.81 15.21 17.09
N ARG F 46 -28.22 16.31 17.57
CA ARG F 46 -27.85 17.41 16.70
C ARG F 46 -26.86 16.96 15.65
N GLN F 47 -25.95 16.04 16.00
CA GLN F 47 -25.02 15.49 15.02
C GLN F 47 -25.76 14.76 13.89
N LYS F 48 -26.78 13.95 14.23
CA LYS F 48 -27.55 13.24 13.21
C LYS F 48 -28.31 14.18 12.29
N ILE F 49 -28.89 15.23 12.89
CA ILE F 49 -29.61 16.26 12.13
C ILE F 49 -28.69 16.91 11.12
N LEU F 50 -27.49 17.28 11.56
CA LEU F 50 -26.55 17.96 10.69
C LEU F 50 -26.22 17.13 9.46
N GLU F 51 -25.88 15.85 9.67
CA GLU F 51 -25.53 14.96 8.58
C GLU F 51 -26.67 14.84 7.57
N ARG F 52 -27.89 14.57 8.09
CA ARG F 52 -29.03 14.26 7.24
C ARG F 52 -29.57 15.49 6.51
N THR F 53 -29.61 16.64 7.17
CA THR F 53 -29.92 17.88 6.45
C THR F 53 -28.89 18.14 5.36
N GLU F 54 -27.63 17.82 5.67
CA GLU F 54 -26.57 18.04 4.70
C GLU F 54 -26.78 17.15 3.47
N ILE F 55 -27.20 15.92 3.65
CA ILE F 55 -27.43 15.07 2.48
C ILE F 55 -28.54 15.68 1.62
N LEU F 56 -29.63 16.05 2.29
CA LEU F 56 -30.80 16.63 1.64
C LEU F 56 -30.44 17.93 0.93
N ASN F 57 -29.59 18.74 1.56
CA ASN F 57 -29.16 20.00 0.96
C ASN F 57 -28.34 19.76 -0.30
N GLN F 58 -27.44 18.77 -0.25
CA GLN F 58 -26.69 18.38 -1.45
C GLN F 58 -27.63 17.90 -2.55
N GLU F 59 -28.58 17.02 -2.21
CA GLU F 59 -29.50 16.58 -3.24
C GLU F 59 -30.26 17.75 -3.85
N TRP F 60 -30.52 18.80 -3.05
CA TRP F 60 -31.21 19.97 -3.56
C TRP F 60 -30.36 20.75 -4.55
N LYS F 61 -29.06 20.87 -4.29
CA LYS F 61 -28.21 21.64 -5.19
C LYS F 61 -28.25 21.06 -6.61
N GLN F 62 -28.20 19.73 -6.73
CA GLN F 62 -28.24 19.12 -8.05
C GLN F 62 -29.55 19.41 -8.78
N ARG F 63 -30.63 19.82 -8.09
CA ARG F 63 -31.86 20.02 -8.81
C ARG F 63 -32.00 21.51 -9.11
N ARG F 64 -32.39 21.79 -10.36
CA ARG F 64 -32.68 23.11 -10.86
C ARG F 64 -34.17 23.15 -11.15
N ILE F 65 -34.92 23.78 -10.24
CA ILE F 65 -36.37 23.89 -10.32
C ILE F 65 -36.79 25.24 -10.83
N GLN F 66 -37.61 25.20 -11.89
CA GLN F 66 -38.08 26.40 -12.56
C GLN F 66 -38.79 27.29 -11.55
N PRO F 67 -38.56 28.57 -11.59
CA PRO F 67 -39.20 29.45 -10.63
C PRO F 67 -40.64 29.69 -11.06
N VAL F 68 -41.51 29.88 -10.05
CA VAL F 68 -42.92 30.12 -10.28
C VAL F 68 -43.10 31.52 -10.85
N HIS F 69 -43.79 31.63 -11.97
CA HIS F 69 -44.02 32.90 -12.63
C HIS F 69 -45.51 33.04 -12.93
N ILE F 70 -46.07 34.20 -12.58
CA ILE F 70 -47.44 34.51 -12.93
C ILE F 70 -47.56 34.67 -14.44
N LEU F 71 -48.72 34.31 -14.95
CA LEU F 71 -48.97 34.25 -16.38
C LEU F 71 -50.23 35.05 -16.64
N THR F 72 -50.09 36.10 -17.46
CA THR F 72 -51.21 36.98 -17.76
C THR F 72 -52.29 36.24 -18.52
N SER F 73 -51.90 35.40 -19.48
CA SER F 73 -52.81 34.71 -20.39
C SER F 73 -53.62 33.73 -19.54
N VAL F 74 -54.89 33.51 -19.88
CA VAL F 74 -55.61 34.28 -20.89
C VAL F 74 -56.04 35.61 -20.27
N SER F 75 -56.08 36.65 -21.10
CA SER F 75 -56.63 37.94 -20.70
C SER F 75 -58.08 37.77 -20.23
N SER F 76 -58.45 38.62 -19.26
CA SER F 76 -59.79 38.57 -18.69
C SER F 76 -60.84 38.89 -19.75
N LEU F 77 -61.89 38.05 -19.82
CA LEU F 77 -62.94 38.19 -20.83
C LEU F 77 -64.15 39.02 -20.36
N ARG F 78 -64.15 39.51 -19.11
CA ARG F 78 -65.25 40.29 -18.50
C ARG F 78 -66.27 39.34 -17.84
N GLY F 79 -65.99 38.03 -17.82
CA GLY F 79 -66.87 37.11 -17.11
C GLY F 79 -66.21 36.38 -15.96
N THR F 80 -64.89 36.32 -15.99
CA THR F 80 -64.14 35.58 -14.98
C THR F 80 -64.13 36.32 -13.65
N ARG F 81 -64.24 35.57 -12.56
CA ARG F 81 -64.09 36.12 -11.23
C ARG F 81 -62.60 36.38 -10.94
N GLU F 82 -62.35 37.20 -9.92
CA GLU F 82 -61.01 37.60 -9.55
C GLU F 82 -60.85 37.60 -8.03
N CYS F 83 -59.59 37.51 -7.62
CA CYS F 83 -59.18 37.46 -6.21
C CYS F 83 -58.47 38.75 -5.85
N SER F 84 -58.85 39.33 -4.72
CA SER F 84 -58.29 40.58 -4.25
C SER F 84 -57.55 40.36 -2.93
N VAL F 85 -56.33 40.88 -2.82
CA VAL F 85 -55.58 40.86 -1.57
C VAL F 85 -55.23 42.30 -1.20
N THR F 86 -55.50 42.68 0.04
CA THR F 86 -55.23 44.02 0.52
C THR F 86 -54.00 43.97 1.43
N SER F 87 -53.23 45.04 1.42
CA SER F 87 -51.98 45.07 2.16
C SER F 87 -51.90 46.29 3.07
N ASP F 88 -51.32 46.08 4.25
CA ASP F 88 -51.10 47.17 5.19
C ASP F 88 -49.95 48.08 4.75
N LEU F 89 -49.14 47.60 3.81
CA LEU F 89 -47.96 48.34 3.38
C LEU F 89 -48.31 49.61 2.57
N ASP F 90 -49.55 49.70 2.05
CA ASP F 90 -50.09 50.84 1.27
C ASP F 90 -49.95 50.66 -0.25
N PHE F 91 -49.23 49.66 -0.73
CA PHE F 91 -49.34 49.37 -2.16
C PHE F 91 -50.79 49.06 -2.54
N PRO F 92 -51.20 49.44 -3.75
CA PRO F 92 -52.60 49.29 -4.16
C PRO F 92 -52.99 47.82 -4.16
N THR F 93 -54.18 47.56 -3.61
CA THR F 93 -54.74 46.23 -3.56
C THR F 93 -54.46 45.52 -4.87
N GLN F 94 -54.12 44.23 -4.80
CA GLN F 94 -53.73 43.42 -5.95
C GLN F 94 -54.93 42.60 -6.40
N VAL F 95 -55.12 42.57 -7.71
CA VAL F 95 -56.28 41.90 -8.27
C VAL F 95 -55.83 40.99 -9.42
N ILE F 96 -56.29 39.73 -9.35
CA ILE F 96 -55.94 38.65 -10.29
C ILE F 96 -57.18 37.84 -10.61
N PRO F 97 -57.26 37.33 -11.84
CA PRO F 97 -58.33 36.38 -12.14
C PRO F 97 -58.03 35.06 -11.43
N LEU F 98 -59.08 34.39 -11.01
CA LEU F 98 -59.01 33.14 -10.29
C LEU F 98 -59.17 31.99 -11.25
N LYS F 99 -58.21 31.09 -11.29
CA LYS F 99 -58.38 29.93 -12.13
C LYS F 99 -59.20 28.94 -11.32
N THR F 100 -60.04 28.18 -11.99
CA THR F 100 -60.88 27.26 -11.25
C THR F 100 -60.40 25.83 -11.46
N LEU F 101 -60.31 25.09 -10.36
CA LEU F 101 -59.97 23.69 -10.43
C LEU F 101 -61.23 22.98 -10.89
N ASN F 102 -61.14 22.18 -11.94
CA ASN F 102 -62.38 21.65 -12.49
C ASN F 102 -62.94 20.62 -11.53
N ALA F 103 -64.26 20.55 -11.50
CA ALA F 103 -64.92 19.65 -10.56
C ALA F 103 -64.49 18.21 -10.75
N VAL F 104 -64.32 17.54 -9.61
CA VAL F 104 -64.05 16.12 -9.47
C VAL F 104 -65.13 15.56 -8.55
N ALA F 105 -65.86 14.53 -9.00
CA ALA F 105 -66.93 13.99 -8.16
C ALA F 105 -66.38 13.38 -6.88
N SER F 106 -67.09 13.61 -5.80
CA SER F 106 -66.73 13.12 -4.47
C SER F 106 -67.29 11.72 -4.26
N VAL F 107 -66.78 11.04 -3.24
CA VAL F 107 -67.24 9.69 -2.95
C VAL F 107 -67.84 9.68 -1.54
N PRO F 108 -68.87 8.87 -1.22
CA PRO F 108 -69.49 8.94 0.11
C PRO F 108 -68.53 8.67 1.28
N ILE F 109 -68.84 9.22 2.47
CA ILE F 109 -67.95 9.07 3.63
C ILE F 109 -67.80 7.60 4.01
N MET F 110 -66.58 7.18 4.36
CA MET F 110 -66.33 5.84 4.89
C MET F 110 -65.17 5.90 5.87
N TYR F 111 -65.38 5.53 7.13
CA TYR F 111 -64.23 5.38 8.01
C TYR F 111 -63.61 4.00 7.85
N SER F 112 -62.32 3.89 8.15
CA SER F 112 -61.58 2.68 7.83
C SER F 112 -61.96 1.52 8.72
N TRP F 113 -61.92 0.32 8.14
CA TRP F 113 -62.32 -0.90 8.82
C TRP F 113 -61.52 -2.08 8.31
N SER F 114 -61.19 -3.05 9.28
CA SER F 114 -60.43 -4.22 8.88
C SER F 114 -61.39 -5.32 8.41
N PRO F 115 -60.99 -6.17 7.47
CA PRO F 115 -61.89 -7.22 6.98
C PRO F 115 -61.87 -8.49 7.86
N LEU F 116 -63.04 -9.12 7.92
CA LEU F 116 -63.25 -10.32 8.75
C LEU F 116 -64.07 -11.35 7.99
N GLN F 117 -63.70 -12.63 8.17
CA GLN F 117 -64.51 -13.72 7.65
C GLN F 117 -65.25 -14.51 8.74
N GLN F 118 -64.85 -14.34 10.00
CA GLN F 118 -65.48 -14.90 11.19
C GLN F 118 -65.47 -13.81 12.25
N ASN F 119 -66.42 -13.89 13.16
CA ASN F 119 -66.54 -12.83 14.15
C ASN F 119 -65.28 -12.80 15.03
N PHE F 120 -65.05 -11.67 15.68
CA PHE F 120 -63.90 -11.40 16.51
C PHE F 120 -64.37 -10.98 17.90
N MET F 121 -63.86 -11.65 18.94
CA MET F 121 -64.20 -11.28 20.31
C MET F 121 -63.40 -10.08 20.80
N VAL F 122 -64.08 -9.12 21.46
CA VAL F 122 -63.42 -7.90 21.95
C VAL F 122 -63.79 -7.65 23.41
N GLU F 123 -62.79 -7.53 24.29
CA GLU F 123 -63.09 -7.25 25.68
C GLU F 123 -63.71 -5.87 25.78
N ASP F 124 -64.46 -5.61 26.86
CA ASP F 124 -64.98 -4.27 27.08
C ASP F 124 -63.86 -3.28 27.32
N GLU F 125 -64.03 -2.08 26.75
CA GLU F 125 -63.10 -1.00 26.97
C GLU F 125 -63.73 -0.05 27.96
N THR F 126 -63.04 0.10 29.07
CA THR F 126 -63.54 0.71 30.30
C THR F 126 -63.42 2.24 30.29
N VAL F 127 -62.36 2.83 29.72
CA VAL F 127 -62.22 4.28 29.60
C VAL F 127 -62.20 4.60 28.10
N LEU F 128 -63.10 5.48 27.66
CA LEU F 128 -63.01 5.88 26.26
C LEU F 128 -61.81 6.79 26.15
N HIS F 129 -60.98 6.55 25.13
CA HIS F 129 -59.71 7.25 24.97
C HIS F 129 -59.81 8.38 23.98
N ASN F 130 -61.01 8.87 23.77
CA ASN F 130 -61.26 9.87 22.76
C ASN F 130 -62.58 10.50 23.12
N ILE F 131 -62.66 11.82 23.05
CA ILE F 131 -63.94 12.51 23.10
C ILE F 131 -64.27 12.87 21.67
N PRO F 132 -65.40 12.41 21.14
CA PRO F 132 -65.67 12.57 19.71
C PRO F 132 -65.83 14.04 19.36
N TYR F 133 -65.24 14.44 18.27
CA TYR F 133 -65.41 15.81 17.84
C TYR F 133 -66.52 15.84 16.80
N MET F 134 -67.65 16.37 17.21
CA MET F 134 -68.76 16.60 16.31
C MET F 134 -69.13 18.08 16.28
N GLY F 135 -68.64 18.83 17.28
CA GLY F 135 -69.38 20.02 17.70
C GLY F 135 -69.17 21.21 16.83
N ASP F 136 -67.93 21.63 16.66
CA ASP F 136 -67.73 22.76 15.79
C ASP F 136 -68.17 22.40 14.37
N GLU F 137 -68.17 23.45 13.55
CA GLU F 137 -68.83 23.45 12.27
C GLU F 137 -70.20 22.75 12.29
N VAL F 138 -71.16 23.24 13.09
CA VAL F 138 -71.03 24.37 14.04
C VAL F 138 -71.76 24.08 15.38
N LEU F 139 -71.40 24.90 16.38
CA LEU F 139 -72.02 25.07 17.71
C LEU F 139 -71.42 24.09 18.72
N ASP F 140 -72.01 24.03 19.93
CA ASP F 140 -71.67 23.01 20.96
C ASP F 140 -71.83 21.51 20.57
N GLN F 141 -72.90 21.10 19.87
CA GLN F 141 -74.03 21.93 19.39
C GLN F 141 -75.26 21.66 20.27
N ASP F 142 -75.07 20.67 21.15
CA ASP F 142 -76.08 20.15 22.07
C ASP F 142 -75.48 20.01 23.47
N GLY F 143 -76.25 20.49 24.46
CA GLY F 143 -75.88 20.37 25.86
C GLY F 143 -76.00 18.97 26.44
N THR F 144 -75.07 18.64 27.34
CA THR F 144 -75.09 17.40 28.13
C THR F 144 -74.77 16.13 27.31
N PHE F 145 -74.63 16.18 25.98
CA PHE F 145 -74.29 14.89 25.36
C PHE F 145 -72.91 14.41 25.78
N ILE F 146 -71.89 15.30 25.79
CA ILE F 146 -70.57 14.90 26.24
C ILE F 146 -70.62 14.51 27.71
N GLU F 147 -71.40 15.24 28.51
CA GLU F 147 -71.52 14.90 29.92
C GLU F 147 -72.17 13.53 30.10
N GLU F 148 -73.21 13.22 29.31
CA GLU F 148 -73.84 11.90 29.43
C GLU F 148 -72.96 10.81 28.84
N LEU F 149 -72.21 11.13 27.78
CA LEU F 149 -71.28 10.15 27.24
C LEU F 149 -70.26 9.73 28.28
N ILE F 150 -69.69 10.70 29.00
CA ILE F 150 -68.70 10.39 30.03
C ILE F 150 -69.33 9.63 31.20
N LYS F 151 -70.64 9.79 31.43
CA LYS F 151 -71.35 9.04 32.47
C LYS F 151 -71.29 7.55 32.24
N ASN F 152 -71.55 7.12 30.99
CA ASN F 152 -71.56 5.70 30.70
C ASN F 152 -70.19 5.12 30.90
N TYR F 153 -69.17 5.92 30.70
CA TYR F 153 -67.86 5.47 31.02
C TYR F 153 -67.49 5.84 32.44
N ASP F 154 -68.44 6.13 33.31
CA ASP F 154 -68.13 6.40 34.72
C ASP F 154 -67.22 7.63 34.90
N GLY F 155 -67.33 8.63 34.03
CA GLY F 155 -66.46 9.78 34.22
C GLY F 155 -64.97 9.52 34.02
N LYS F 156 -64.61 8.44 33.38
CA LYS F 156 -63.20 8.14 33.15
C LYS F 156 -62.98 8.21 31.65
N VAL F 157 -62.11 9.13 31.25
CA VAL F 157 -61.69 9.31 29.88
C VAL F 157 -60.18 9.40 29.90
N HIS F 158 -59.58 9.07 28.79
CA HIS F 158 -58.14 9.18 28.74
C HIS F 158 -57.90 10.55 28.21
N GLY F 159 -57.09 11.40 28.85
CA GLY F 159 -56.52 11.19 30.15
C GLY F 159 -56.95 12.34 31.03
N ASP F 160 -57.80 12.03 31.98
CA ASP F 160 -58.29 12.95 32.97
C ASP F 160 -57.74 12.56 34.33
N ARG F 161 -56.93 13.43 34.91
CA ARG F 161 -56.42 13.18 36.25
C ARG F 161 -55.94 14.48 36.89
N GLU F 162 -56.05 14.51 38.21
CA GLU F 162 -55.54 15.61 39.02
C GLU F 162 -54.05 15.73 38.83
N CYS F 163 -53.38 14.58 38.67
CA CYS F 163 -51.96 14.44 38.45
C CYS F 163 -51.54 14.70 37.03
N GLY F 164 -50.24 14.69 36.86
CA GLY F 164 -49.65 14.93 35.59
C GLY F 164 -49.23 13.64 34.92
N PHE F 165 -48.28 13.79 34.01
CA PHE F 165 -47.74 12.69 33.22
C PHE F 165 -47.21 11.54 34.06
N ILE F 166 -47.42 10.33 33.56
CA ILE F 166 -47.02 9.07 34.19
C ILE F 166 -46.56 8.12 33.09
N ASN F 167 -45.57 7.30 33.41
CA ASN F 167 -45.12 6.27 32.48
C ASN F 167 -44.88 4.99 33.27
N ASP F 168 -44.64 3.89 32.55
CA ASP F 168 -44.35 2.62 33.21
C ASP F 168 -43.18 2.73 34.19
N GLU F 169 -42.11 3.44 33.78
CA GLU F 169 -40.96 3.56 34.67
C GLU F 169 -41.31 4.34 35.95
N ILE F 170 -42.03 5.47 35.82
CA ILE F 170 -42.45 6.22 37.01
C ILE F 170 -43.44 5.41 37.86
N PHE F 171 -44.33 4.64 37.22
CA PHE F 171 -45.32 3.84 37.96
C PHE F 171 -44.60 2.88 38.93
N VAL F 172 -43.64 2.11 38.43
CA VAL F 172 -42.90 1.16 39.25
C VAL F 172 -42.20 1.90 40.39
N GLU F 173 -41.57 3.02 40.09
CA GLU F 173 -40.94 3.77 41.17
C GLU F 173 -41.97 4.29 42.18
N LEU F 174 -43.16 4.67 41.74
CA LEU F 174 -44.12 5.23 42.70
C LEU F 174 -44.58 4.17 43.70
N VAL F 175 -44.85 2.95 43.24
CA VAL F 175 -45.21 1.85 44.13
C VAL F 175 -44.04 1.49 45.06
N ASN F 176 -42.80 1.48 44.54
CA ASN F 176 -41.63 1.23 45.38
C ASN F 176 -41.52 2.29 46.46
N ALA F 177 -41.75 3.54 46.08
CA ALA F 177 -41.72 4.63 47.03
C ALA F 177 -42.81 4.45 48.10
N LEU F 178 -44.01 3.96 47.72
CA LEU F 178 -45.06 3.70 48.71
C LEU F 178 -44.63 2.56 49.66
N GLY F 179 -44.02 1.51 49.12
CA GLY F 179 -43.50 0.42 49.95
C GLY F 179 -42.41 0.88 50.91
N GLN F 180 -41.52 1.78 50.45
CA GLN F 180 -40.54 2.39 51.35
C GLN F 180 -41.23 3.12 52.49
N TYR F 181 -42.33 3.80 52.21
CA TYR F 181 -43.20 4.39 53.23
C TYR F 181 -44.44 3.72 53.60
N PRO F 219 -46.53 -7.02 46.58
CA PRO F 219 -46.02 -6.87 47.94
C PRO F 219 -46.72 -5.76 48.70
N SER F 220 -47.75 -5.15 48.11
CA SER F 220 -48.29 -3.89 48.62
C SER F 220 -49.81 -3.95 48.59
N ASP F 221 -50.42 -3.54 49.70
CA ASP F 221 -51.86 -3.43 49.83
C ASP F 221 -52.24 -1.97 49.91
N LYS F 222 -53.32 -1.60 49.20
CA LYS F 222 -53.97 -0.28 49.28
C LYS F 222 -53.27 0.79 48.46
N ILE F 223 -52.32 0.40 47.60
CA ILE F 223 -51.57 1.43 46.93
C ILE F 223 -52.09 1.54 45.51
N PHE F 224 -52.51 0.43 44.93
CA PHE F 224 -53.11 0.51 43.60
C PHE F 224 -54.44 1.23 43.66
N GLU F 225 -55.16 1.10 44.79
CA GLU F 225 -56.39 1.85 44.96
C GLU F 225 -56.13 3.35 45.10
N ALA F 226 -55.06 3.73 45.81
CA ALA F 226 -54.74 5.14 45.99
C ALA F 226 -54.28 5.77 44.66
N ILE F 227 -53.42 5.07 43.93
CA ILE F 227 -52.92 5.64 42.67
C ILE F 227 -54.02 5.62 41.60
N SER F 228 -55.00 4.71 41.67
CA SER F 228 -56.09 4.71 40.67
C SER F 228 -56.99 5.92 40.82
N SER F 229 -57.18 6.39 42.04
CA SER F 229 -57.92 7.63 42.22
C SER F 229 -57.17 8.81 41.67
N MET F 230 -55.84 8.75 41.69
CA MET F 230 -54.97 9.75 41.07
C MET F 230 -54.76 9.51 39.58
N PHE F 231 -54.96 8.30 39.08
CA PHE F 231 -54.84 8.01 37.66
C PHE F 231 -56.09 7.24 37.22
N PRO F 232 -57.18 7.93 36.91
CA PRO F 232 -58.42 7.23 36.58
C PRO F 232 -58.37 6.43 35.29
N ASP F 233 -57.64 6.90 34.29
CA ASP F 233 -57.45 6.10 33.09
C ASP F 233 -56.59 4.88 33.37
N LYS F 234 -55.65 5.00 34.30
CA LYS F 234 -54.88 3.81 34.65
C LYS F 234 -55.76 2.84 35.44
N GLY F 235 -56.68 3.38 36.25
CA GLY F 235 -57.65 2.58 36.97
C GLY F 235 -58.45 1.74 35.99
N THR F 236 -59.05 0.62 36.42
CA THR F 236 -59.22 0.21 37.83
C THR F 236 -57.93 -0.14 38.55
N ALA F 237 -58.00 -0.09 39.87
CA ALA F 237 -56.83 -0.32 40.70
C ALA F 237 -56.38 -1.78 40.62
N GLU F 238 -57.32 -2.69 40.50
CA GLU F 238 -57.00 -4.08 40.21
C GLU F 238 -56.20 -4.22 38.89
N GLU F 239 -56.70 -3.61 37.80
CA GLU F 239 -55.90 -3.49 36.58
C GLU F 239 -54.52 -2.92 36.83
N LEU F 240 -54.42 -1.90 37.68
CA LEU F 240 -53.13 -1.30 37.99
C LEU F 240 -52.23 -2.32 38.67
N LYS F 241 -52.81 -3.10 39.57
CA LYS F 241 -52.08 -4.14 40.27
C LYS F 241 -51.59 -5.21 39.32
N GLU F 242 -52.46 -5.63 38.41
CA GLU F 242 -52.07 -6.63 37.43
C GLU F 242 -50.96 -6.12 36.50
N LYS F 243 -51.04 -4.86 36.08
CA LYS F 243 -49.96 -4.30 35.29
C LYS F 243 -48.64 -4.32 36.07
N TYR F 244 -48.66 -3.87 37.33
CA TYR F 244 -47.44 -3.92 38.14
C TYR F 244 -46.84 -5.33 38.17
N LYS F 245 -47.68 -6.35 38.43
CA LYS F 245 -47.20 -7.74 38.40
C LYS F 245 -46.54 -8.06 37.06
N GLU F 246 -47.23 -7.81 35.94
CA GLU F 246 -46.64 -8.05 34.63
C GLU F 246 -45.39 -7.20 34.40
N LEU F 247 -45.38 -5.93 34.83
CA LEU F 247 -44.19 -5.09 34.64
C LEU F 247 -42.97 -5.65 35.40
N THR F 248 -43.17 -6.07 36.66
CA THR F 248 -42.17 -6.77 37.55
C THR F 248 -41.97 -8.24 37.10
N GLU F 259 -40.94 -19.77 31.05
CA GLU F 259 -41.28 -20.07 32.44
C GLU F 259 -42.14 -21.36 32.62
N CYS F 260 -42.47 -21.68 33.87
CA CYS F 260 -43.12 -22.94 34.20
C CYS F 260 -42.16 -24.06 33.80
N THR F 261 -42.49 -24.91 32.80
CA THR F 261 -41.61 -25.95 32.27
C THR F 261 -40.77 -25.42 31.11
N PRO F 262 -39.49 -25.81 31.03
CA PRO F 262 -38.68 -25.53 29.82
C PRO F 262 -39.16 -26.36 28.64
N ASN F 263 -38.54 -26.31 27.47
CA ASN F 263 -39.02 -27.15 26.37
C ASN F 263 -38.09 -28.33 26.15
N ILE F 264 -38.70 -29.51 25.99
CA ILE F 264 -38.00 -30.57 25.32
C ILE F 264 -37.65 -30.09 23.90
N ASP F 265 -36.65 -30.74 23.30
CA ASP F 265 -35.92 -30.32 22.11
C ASP F 265 -34.97 -29.18 22.44
N GLY F 266 -34.75 -28.91 23.73
CA GLY F 266 -33.90 -27.85 24.17
C GLY F 266 -32.92 -28.46 25.12
N PRO F 267 -31.78 -27.82 25.31
CA PRO F 267 -30.76 -28.43 26.16
C PRO F 267 -31.13 -28.46 27.63
N ASN F 268 -32.04 -27.60 28.05
CA ASN F 268 -32.35 -27.45 29.46
C ASN F 268 -33.57 -28.25 29.87
N ALA F 269 -33.99 -29.19 29.03
CA ALA F 269 -35.20 -29.97 29.24
C ALA F 269 -35.15 -30.70 30.57
N LYS F 270 -36.29 -30.80 31.22
CA LYS F 270 -36.38 -31.33 32.56
C LYS F 270 -37.30 -32.53 32.60
N SER F 271 -37.05 -33.43 33.56
CA SER F 271 -37.96 -34.52 33.83
C SER F 271 -39.14 -33.97 34.63
N VAL F 272 -40.33 -34.06 34.04
CA VAL F 272 -41.51 -33.41 34.56
C VAL F 272 -42.73 -34.31 34.35
N GLN F 273 -43.69 -34.21 35.28
CA GLN F 273 -44.92 -34.98 35.23
C GLN F 273 -45.73 -34.64 33.98
N ARG F 274 -46.54 -35.61 33.55
CA ARG F 274 -47.22 -35.53 32.26
C ARG F 274 -48.06 -34.27 32.13
N GLU F 275 -48.74 -33.90 33.21
CA GLU F 275 -49.64 -32.75 33.16
C GLU F 275 -48.91 -31.41 33.04
N GLN F 276 -47.62 -31.31 33.39
CA GLN F 276 -46.86 -30.08 33.14
C GLN F 276 -46.24 -30.04 31.75
N SER F 277 -45.78 -31.17 31.25
CA SER F 277 -45.26 -31.22 29.89
C SER F 277 -46.32 -30.83 28.88
N LEU F 278 -47.59 -31.11 29.21
CA LEU F 278 -48.74 -30.75 28.39
C LEU F 278 -49.53 -29.59 28.96
N HIS F 279 -49.15 -29.03 30.12
CA HIS F 279 -49.94 -27.98 30.75
C HIS F 279 -50.26 -26.83 29.80
N SER F 280 -49.34 -26.51 28.90
CA SER F 280 -49.53 -25.39 27.99
C SER F 280 -50.55 -25.71 26.90
N PHE F 281 -50.44 -26.90 26.30
CA PHE F 281 -51.35 -27.20 25.20
C PHE F 281 -52.78 -27.33 25.68
N HIS F 282 -52.97 -28.03 26.80
CA HIS F 282 -54.31 -28.20 27.35
C HIS F 282 -54.96 -26.86 27.66
N THR F 283 -54.27 -26.03 28.45
CA THR F 283 -54.81 -24.78 28.99
C THR F 283 -55.06 -23.74 27.90
N LEU F 284 -54.47 -23.92 26.74
CA LEU F 284 -54.50 -22.91 25.71
C LEU F 284 -55.21 -23.32 24.41
N PHE F 285 -55.42 -24.61 24.14
CA PHE F 285 -56.10 -25.06 22.93
C PHE F 285 -57.61 -24.85 23.01
N CYS F 286 -58.20 -24.48 21.88
CA CYS F 286 -59.66 -24.36 21.80
C CYS F 286 -60.21 -25.61 21.10
N ARG F 287 -61.03 -26.34 21.82
CA ARG F 287 -61.66 -27.51 21.24
C ARG F 287 -62.63 -27.12 20.10
N ARG F 288 -63.29 -25.96 20.20
CA ARG F 288 -64.36 -25.61 19.27
C ARG F 288 -63.86 -25.23 17.89
N CYS F 289 -62.81 -24.41 17.80
CA CYS F 289 -62.35 -23.96 16.50
C CYS F 289 -60.93 -24.41 16.15
N PHE F 290 -60.29 -25.19 17.01
CA PHE F 290 -59.08 -25.97 16.70
C PHE F 290 -57.84 -25.13 16.63
N LYS F 291 -57.83 -23.96 17.24
CA LYS F 291 -56.66 -23.12 17.32
C LYS F 291 -56.27 -22.89 18.78
N TYR F 292 -55.09 -22.31 18.94
CA TYR F 292 -54.57 -21.93 20.24
C TYR F 292 -54.78 -20.43 20.46
N ASP F 293 -55.25 -20.08 21.66
CA ASP F 293 -55.62 -18.72 22.02
C ASP F 293 -56.53 -18.11 20.95
N CYS F 294 -57.65 -18.79 20.66
CA CYS F 294 -58.54 -18.39 19.58
C CYS F 294 -59.13 -17.01 19.82
N PHE F 295 -59.57 -16.38 18.72
CA PHE F 295 -60.10 -15.03 18.73
C PHE F 295 -61.58 -14.94 19.03
N LEU F 296 -62.25 -16.06 19.18
CA LEU F 296 -63.69 -16.13 19.22
C LEU F 296 -64.26 -16.66 20.52
N HIS F 297 -63.52 -17.48 21.26
CA HIS F 297 -64.04 -18.13 22.47
C HIS F 297 -63.22 -17.76 23.70
N PRO F 298 -63.76 -17.01 24.65
CA PRO F 298 -62.91 -16.50 25.76
C PRO F 298 -62.49 -17.53 26.80
N PHE F 299 -63.30 -18.57 27.06
CA PHE F 299 -63.08 -19.50 28.16
C PHE F 299 -62.13 -20.65 27.80
N HIS F 300 -61.49 -21.19 28.84
CA HIS F 300 -60.55 -22.29 28.69
C HIS F 300 -61.25 -23.66 28.75
N ALA F 301 -60.44 -24.70 28.79
CA ALA F 301 -60.91 -26.09 28.84
C ALA F 301 -61.60 -26.37 30.18
N THR F 302 -62.43 -27.41 30.20
CA THR F 302 -63.31 -27.77 31.34
C THR F 302 -62.84 -28.18 32.78
N PRO F 303 -61.72 -28.92 32.90
CA PRO F 303 -60.81 -29.30 31.85
C PRO F 303 -60.87 -30.80 31.63
N ASN F 304 -61.95 -31.36 32.14
CA ASN F 304 -62.27 -32.76 31.97
C ASN F 304 -62.45 -33.09 30.49
N THR F 305 -62.63 -32.06 29.64
CA THR F 305 -62.85 -32.26 28.20
C THR F 305 -61.68 -32.95 27.53
N TYR F 306 -60.48 -32.50 27.83
CA TYR F 306 -59.34 -33.10 27.16
C TYR F 306 -59.02 -34.50 27.65
N LYS F 307 -59.46 -34.90 28.83
CA LYS F 307 -59.21 -36.30 29.23
C LYS F 307 -59.98 -37.22 28.29
N ARG F 308 -59.31 -38.28 27.81
CA ARG F 308 -59.91 -39.18 26.84
C ARG F 308 -60.25 -40.48 27.53
N LYS F 309 -61.13 -41.25 26.92
CA LYS F 309 -61.43 -42.58 27.44
C LYS F 309 -60.10 -43.33 27.63
N ASN F 310 -59.92 -43.97 28.78
CA ASN F 310 -58.72 -44.74 29.00
C ASN F 310 -58.90 -46.20 28.60
N THR F 311 -60.15 -46.61 28.35
CA THR F 311 -60.49 -47.99 27.98
C THR F 311 -60.39 -48.16 26.46
N GLU F 312 -59.15 -48.13 25.97
CA GLU F 312 -58.87 -48.32 24.55
C GLU F 312 -57.73 -49.32 24.40
N THR F 313 -58.03 -50.59 24.68
CA THR F 313 -57.01 -51.63 24.70
C THR F 313 -57.36 -52.68 23.65
N ALA F 314 -56.47 -52.78 22.63
CA ALA F 314 -56.43 -53.88 21.66
C ALA F 314 -55.02 -54.50 21.68
N LEU F 315 -54.72 -55.22 22.76
CA LEU F 315 -53.33 -55.55 23.09
C LEU F 315 -53.23 -56.98 23.65
N ASP F 316 -52.08 -57.65 23.50
CA ASP F 316 -50.88 -57.12 22.83
C ASP F 316 -50.26 -58.16 21.88
N ASN F 317 -49.91 -57.70 20.67
CA ASN F 317 -49.29 -58.54 19.65
C ASN F 317 -47.77 -58.56 19.86
N LYS F 318 -47.39 -59.15 20.97
CA LYS F 318 -45.98 -59.37 21.24
C LYS F 318 -45.54 -60.47 20.24
N PRO F 319 -44.24 -60.53 19.91
CA PRO F 319 -43.17 -59.65 20.35
C PRO F 319 -42.93 -58.43 19.47
N CYS F 320 -42.19 -57.47 20.01
CA CYS F 320 -41.87 -56.25 19.26
C CYS F 320 -40.99 -56.40 17.99
N GLY F 321 -40.01 -57.32 17.98
CA GLY F 321 -39.47 -58.01 19.15
C GLY F 321 -38.02 -58.47 19.34
N PRO F 322 -37.07 -58.00 18.54
CA PRO F 322 -35.70 -58.45 18.76
C PRO F 322 -35.15 -57.97 20.10
N GLN F 323 -35.52 -56.77 20.55
CA GLN F 323 -35.11 -56.25 21.85
C GLN F 323 -36.34 -55.89 22.67
N CYS F 324 -37.37 -56.72 22.60
CA CYS F 324 -38.68 -56.42 23.17
C CYS F 324 -38.64 -56.62 24.69
N TYR F 325 -39.77 -56.40 25.37
CA TYR F 325 -39.92 -56.79 26.78
C TYR F 325 -40.49 -58.23 26.77
N GLN F 326 -39.66 -59.21 27.16
CA GLN F 326 -39.97 -60.65 27.06
C GLN F 326 -38.91 -61.36 27.89
N HIS F 327 -39.04 -62.66 28.16
CA HIS F 327 -40.25 -63.46 27.95
C HIS F 327 -40.58 -64.01 29.33
N LEU F 328 -39.89 -63.48 30.33
CA LEU F 328 -40.08 -63.97 31.69
C LEU F 328 -41.52 -63.77 32.13
N GLU F 329 -41.99 -64.63 33.04
CA GLU F 329 -43.38 -64.60 33.45
C GLU F 329 -43.77 -63.21 33.98
N GLY F 330 -42.95 -62.65 34.87
CA GLY F 330 -43.15 -61.31 35.39
C GLY F 330 -42.79 -60.19 34.45
N ALA F 331 -43.04 -60.38 33.14
CA ALA F 331 -42.88 -59.31 32.15
C ALA F 331 -44.20 -58.69 31.73
N LYS F 332 -44.95 -59.42 30.90
CA LYS F 332 -46.28 -58.94 30.54
C LYS F 332 -47.20 -58.96 31.74
N GLU F 333 -46.95 -59.89 32.65
CA GLU F 333 -47.81 -60.02 33.84
C GLU F 333 -47.61 -58.85 34.78
N PHE F 334 -46.37 -58.63 35.20
CA PHE F 334 -46.07 -57.54 36.13
C PHE F 334 -46.36 -56.18 35.53
N ALA F 335 -46.24 -56.02 34.20
CA ALA F 335 -46.74 -54.80 33.59
C ALA F 335 -48.24 -54.66 33.81
N ALA F 336 -49.01 -55.66 33.35
CA ALA F 336 -50.45 -55.64 33.53
C ALA F 336 -50.84 -55.66 34.99
N ALA F 337 -50.01 -56.27 35.84
CA ALA F 337 -50.27 -56.26 37.27
C ALA F 337 -50.02 -54.90 37.90
N LEU F 338 -48.89 -54.24 37.57
CA LEU F 338 -48.61 -52.94 38.17
C LEU F 338 -49.72 -51.94 37.87
N THR F 339 -50.15 -51.88 36.61
CA THR F 339 -51.25 -51.01 36.29
C THR F 339 -52.55 -51.56 36.89
N ALA F 340 -52.67 -52.87 37.10
CA ALA F 340 -53.85 -53.40 37.80
C ALA F 340 -53.85 -53.04 39.30
N GLU F 341 -52.68 -52.88 39.91
CA GLU F 341 -52.47 -52.43 41.29
C GLU F 341 -52.59 -50.91 41.47
N ARG F 342 -52.44 -50.12 40.40
CA ARG F 342 -52.67 -48.69 40.43
C ARG F 342 -54.04 -48.29 39.94
N ILE F 343 -54.58 -49.02 38.95
CA ILE F 343 -55.99 -48.87 38.63
C ILE F 343 -56.77 -49.31 39.86
N LYS F 344 -57.81 -48.54 40.15
CA LYS F 344 -58.85 -48.92 41.11
C LYS F 344 -60.22 -48.81 40.44
N THR F 345 -61.01 -49.91 40.54
CA THR F 345 -62.34 -50.11 39.88
C THR F 345 -62.23 -50.70 38.46
N ILE F 424 -37.65 -61.39 36.61
CA ILE F 424 -36.58 -62.35 36.85
C ILE F 424 -35.21 -61.77 36.46
N GLU F 425 -35.16 -61.11 35.26
CA GLU F 425 -33.98 -60.59 34.60
C GLU F 425 -33.59 -59.23 35.21
N PRO F 426 -32.28 -58.93 35.33
CA PRO F 426 -31.84 -57.63 35.90
C PRO F 426 -31.95 -56.49 34.89
N PRO F 427 -32.30 -55.28 35.34
CA PRO F 427 -32.42 -54.12 34.43
C PRO F 427 -31.10 -53.75 33.71
N GLU F 428 -31.25 -53.06 32.57
CA GLU F 428 -30.10 -52.68 31.72
C GLU F 428 -29.26 -51.52 32.25
N ASN F 429 -29.88 -50.58 33.00
CA ASN F 429 -29.21 -49.40 33.60
C ASN F 429 -28.99 -48.23 32.63
N VAL F 430 -29.72 -48.17 31.51
CA VAL F 430 -29.51 -47.09 30.56
C VAL F 430 -29.94 -45.75 31.15
N GLU F 431 -29.18 -44.70 30.85
CA GLU F 431 -29.51 -43.35 31.31
C GLU F 431 -30.73 -42.80 30.57
N TRP F 432 -31.56 -42.05 31.30
CA TRP F 432 -32.77 -41.45 30.77
C TRP F 432 -32.63 -39.92 30.79
N SER F 433 -32.76 -39.29 29.63
CA SER F 433 -32.73 -37.84 29.61
C SER F 433 -34.02 -37.28 30.22
N GLY F 434 -33.88 -36.07 30.80
CA GLY F 434 -35.05 -35.24 31.13
C GLY F 434 -36.13 -35.24 30.07
N ALA F 435 -35.75 -34.97 28.82
CA ALA F 435 -36.69 -35.00 27.70
C ALA F 435 -37.30 -36.39 27.51
N GLU F 436 -36.50 -37.45 27.53
CA GLU F 436 -37.06 -38.80 27.35
C GLU F 436 -38.01 -39.19 28.48
N ALA F 437 -37.67 -38.87 29.74
CA ALA F 437 -38.51 -39.28 30.86
C ALA F 437 -39.89 -38.62 30.77
N SER F 438 -39.91 -37.30 30.55
CA SER F 438 -41.17 -36.58 30.37
C SER F 438 -41.96 -37.14 29.20
N MET F 439 -41.27 -37.42 28.09
CA MET F 439 -41.93 -38.01 26.93
C MET F 439 -42.50 -39.38 27.27
N PHE F 440 -41.70 -40.20 27.94
CA PHE F 440 -42.18 -41.50 28.36
C PHE F 440 -43.48 -41.35 29.15
N ARG F 441 -43.48 -40.47 30.15
CA ARG F 441 -44.67 -40.28 30.97
C ARG F 441 -45.88 -39.84 30.15
N VAL F 442 -45.68 -38.96 29.16
CA VAL F 442 -46.79 -38.55 28.33
C VAL F 442 -47.26 -39.74 27.50
N LEU F 443 -46.32 -40.49 26.96
CA LEU F 443 -46.68 -41.65 26.16
C LEU F 443 -47.40 -42.71 27.00
N ILE F 444 -47.01 -42.91 28.27
CA ILE F 444 -47.68 -43.95 29.06
C ILE F 444 -49.13 -43.56 29.33
N GLY F 445 -49.38 -42.26 29.51
CA GLY F 445 -50.74 -41.80 29.69
C GLY F 445 -51.58 -41.97 28.44
N THR F 446 -50.95 -41.83 27.28
CA THR F 446 -51.77 -41.93 26.08
C THR F 446 -51.78 -43.35 25.54
N TYR F 447 -50.68 -44.07 25.72
CA TYR F 447 -50.50 -45.48 25.37
C TYR F 447 -50.32 -46.36 26.62
N TYR F 448 -51.40 -46.60 27.36
CA TYR F 448 -51.37 -47.48 28.52
C TYR F 448 -50.55 -48.75 28.28
N ASP F 449 -49.46 -48.92 29.05
CA ASP F 449 -48.56 -50.08 28.92
C ASP F 449 -48.04 -50.07 27.48
N ASN F 450 -48.23 -51.13 26.70
CA ASN F 450 -47.97 -51.12 25.25
C ASN F 450 -46.61 -50.52 24.91
N PHE F 451 -45.60 -50.86 25.70
CA PHE F 451 -44.29 -50.23 25.55
C PHE F 451 -43.75 -50.38 24.14
N CYS F 452 -44.17 -51.44 23.45
CA CYS F 452 -43.92 -51.62 22.02
C CYS F 452 -44.17 -50.30 21.25
N ALA F 453 -45.36 -49.72 21.42
CA ALA F 453 -45.67 -48.47 20.72
C ALA F 453 -44.92 -47.28 21.33
N ILE F 454 -44.82 -47.24 22.66
CA ILE F 454 -44.12 -46.13 23.32
C ILE F 454 -42.67 -46.08 22.87
N ALA F 455 -41.98 -47.22 22.89
CA ALA F 455 -40.58 -47.25 22.47
C ALA F 455 -40.42 -46.77 21.03
N ARG F 456 -41.34 -47.14 20.16
CA ARG F 456 -41.26 -46.66 18.79
C ARG F 456 -41.38 -45.15 18.75
N LEU F 457 -42.31 -44.59 19.52
CA LEU F 457 -42.57 -43.15 19.45
C LEU F 457 -41.44 -42.34 20.07
N ILE F 458 -40.91 -42.78 21.20
CA ILE F 458 -39.78 -42.07 21.80
C ILE F 458 -38.55 -42.18 20.89
N GLY F 459 -38.36 -43.35 20.24
CA GLY F 459 -37.40 -43.49 19.16
C GLY F 459 -35.97 -43.77 19.57
N THR F 460 -35.53 -43.20 20.71
CA THR F 460 -34.18 -43.36 21.22
C THR F 460 -34.08 -44.38 22.35
N LYS F 461 -35.05 -45.29 22.46
CA LYS F 461 -35.07 -46.29 23.51
C LYS F 461 -35.68 -47.57 22.94
N THR F 462 -35.57 -48.65 23.72
CA THR F 462 -36.08 -49.96 23.31
C THR F 462 -37.23 -50.40 24.20
N CYS F 463 -37.97 -51.37 23.69
CA CYS F 463 -39.15 -51.87 24.38
C CYS F 463 -38.80 -52.35 25.78
N ARG F 464 -37.66 -53.03 25.91
CA ARG F 464 -37.18 -53.49 27.20
C ARG F 464 -36.86 -52.31 28.13
N GLN F 465 -36.20 -51.27 27.60
CA GLN F 465 -35.82 -50.15 28.47
C GLN F 465 -37.02 -49.37 28.97
N VAL F 466 -38.05 -49.25 28.12
CA VAL F 466 -39.29 -48.57 28.51
C VAL F 466 -39.95 -49.31 29.67
N TYR F 467 -40.06 -50.63 29.55
CA TYR F 467 -40.59 -51.43 30.65
C TYR F 467 -39.73 -51.28 31.89
N GLU F 468 -38.43 -51.37 31.72
CA GLU F 468 -37.55 -51.23 32.88
C GLU F 468 -37.75 -49.89 33.55
N PHE F 469 -37.90 -48.82 32.77
CA PHE F 469 -38.10 -47.48 33.35
C PHE F 469 -39.43 -47.43 34.09
N ARG F 470 -40.48 -47.98 33.50
CA ARG F 470 -41.77 -48.06 34.17
C ARG F 470 -41.66 -48.73 35.54
N VAL F 471 -41.00 -49.88 35.60
CA VAL F 471 -40.86 -50.60 36.86
C VAL F 471 -40.04 -49.79 37.85
N LYS F 472 -38.95 -49.18 37.37
CA LYS F 472 -38.17 -48.30 38.22
C LYS F 472 -39.01 -47.14 38.73
N GLU F 473 -39.84 -46.58 37.84
CA GLU F 473 -40.66 -45.42 38.16
C GLU F 473 -41.73 -45.76 39.19
N SER F 474 -42.38 -46.91 39.05
CA SER F 474 -43.45 -47.24 39.97
C SER F 474 -42.93 -47.33 41.40
N SER F 475 -41.66 -47.72 41.57
CA SER F 475 -41.03 -47.92 42.87
C SER F 475 -40.52 -46.63 43.51
N ILE F 476 -40.50 -45.52 42.76
CA ILE F 476 -40.07 -44.23 43.30
C ILE F 476 -41.22 -43.63 44.12
N ILE F 477 -40.87 -42.66 44.96
CA ILE F 477 -41.86 -41.91 45.73
C ILE F 477 -42.87 -41.26 44.80
N ALA F 478 -44.12 -41.17 45.26
CA ALA F 478 -45.21 -40.57 44.49
C ALA F 478 -44.87 -39.16 44.02
N HIS F 516 -85.42 -14.12 24.39
CA HIS F 516 -84.45 -14.42 25.43
C HIS F 516 -83.59 -15.67 25.09
N VAL F 517 -82.46 -15.44 24.41
CA VAL F 517 -81.53 -16.48 23.97
C VAL F 517 -80.16 -16.16 24.54
N TYR F 518 -79.46 -17.18 25.03
CA TYR F 518 -78.16 -17.02 25.67
C TYR F 518 -77.05 -17.68 24.87
N ASN F 519 -75.86 -17.15 24.95
CA ASN F 519 -74.77 -17.75 24.23
C ASN F 519 -74.44 -19.11 24.80
N TYR F 520 -74.13 -20.05 23.92
CA TYR F 520 -73.78 -21.40 24.35
C TYR F 520 -72.36 -21.47 24.90
N GLN F 521 -72.21 -22.29 25.93
CA GLN F 521 -70.96 -22.69 26.56
C GLN F 521 -71.03 -24.18 26.80
N PRO F 522 -69.92 -24.88 26.76
CA PRO F 522 -69.96 -26.30 27.11
C PRO F 522 -70.16 -26.44 28.61
N CYS F 523 -70.76 -27.57 29.01
CA CYS F 523 -70.92 -27.90 30.43
C CYS F 523 -70.00 -29.08 30.76
N ASP F 524 -69.52 -29.08 32.01
CA ASP F 524 -68.62 -30.11 32.50
C ASP F 524 -68.87 -30.49 33.96
N HIS F 525 -69.75 -31.46 34.14
CA HIS F 525 -70.01 -32.10 35.44
C HIS F 525 -69.80 -33.62 35.24
N PRO F 526 -68.66 -34.15 35.70
CA PRO F 526 -68.20 -35.49 35.25
C PRO F 526 -69.19 -36.62 35.56
N ARG F 527 -69.74 -36.68 36.77
CA ARG F 527 -70.64 -37.77 37.12
C ARG F 527 -72.13 -37.43 37.05
N GLN F 528 -72.49 -36.19 37.34
CA GLN F 528 -73.90 -35.87 37.50
C GLN F 528 -74.57 -35.65 36.16
N PRO F 529 -75.88 -35.80 36.08
CA PRO F 529 -76.57 -35.61 34.81
C PRO F 529 -76.85 -34.14 34.56
N CYS F 530 -77.26 -33.85 33.34
CA CYS F 530 -77.63 -32.48 32.95
C CYS F 530 -79.05 -32.22 33.46
N ASP F 531 -79.18 -31.95 34.75
CA ASP F 531 -80.52 -31.65 35.23
C ASP F 531 -80.74 -30.16 35.28
N SER F 532 -81.81 -29.81 35.95
CA SER F 532 -82.20 -28.42 36.00
C SER F 532 -81.08 -27.52 36.51
N SER F 533 -80.08 -28.06 37.22
CA SER F 533 -78.91 -27.26 37.61
C SER F 533 -77.88 -27.09 36.49
N CYS F 534 -77.97 -27.90 35.44
CA CYS F 534 -76.95 -27.83 34.41
C CYS F 534 -77.01 -26.48 33.70
N PRO F 535 -75.87 -25.79 33.55
CA PRO F 535 -75.91 -24.44 32.98
C PRO F 535 -76.59 -24.42 31.64
N CYS F 536 -76.41 -25.48 30.85
CA CYS F 536 -77.04 -25.54 29.55
C CYS F 536 -78.55 -25.47 29.66
N VAL F 537 -79.15 -26.32 30.51
CA VAL F 537 -80.60 -26.28 30.62
C VAL F 537 -81.02 -25.04 31.38
N ILE F 538 -80.20 -24.58 32.35
CA ILE F 538 -80.49 -23.28 32.97
C ILE F 538 -80.58 -22.23 31.88
N ALA F 539 -79.62 -22.25 30.94
CA ALA F 539 -79.57 -21.35 29.81
C ALA F 539 -80.68 -21.55 28.78
N GLN F 540 -81.29 -22.74 28.76
CA GLN F 540 -82.39 -23.09 27.85
C GLN F 540 -81.89 -23.44 26.43
N ASN F 541 -80.62 -23.84 26.28
CA ASN F 541 -80.09 -24.35 25.00
C ASN F 541 -79.51 -25.74 25.15
N PHE F 542 -79.61 -26.51 24.07
CA PHE F 542 -79.12 -27.88 24.03
C PHE F 542 -77.66 -27.99 24.41
N CYS F 543 -77.28 -29.14 24.97
CA CYS F 543 -75.87 -29.49 25.11
C CYS F 543 -75.31 -29.89 23.75
N GLU F 544 -74.00 -29.71 23.58
CA GLU F 544 -73.41 -29.98 22.29
C GLU F 544 -72.30 -30.99 22.38
N LYS F 545 -71.73 -31.29 21.22
CA LYS F 545 -70.59 -32.18 21.23
C LYS F 545 -69.50 -31.65 22.15
N PHE F 546 -69.44 -30.33 22.35
CA PHE F 546 -68.38 -29.78 23.19
C PHE F 546 -68.62 -30.10 24.65
N CYS F 547 -69.85 -30.46 24.98
CA CYS F 547 -70.16 -30.83 26.34
C CYS F 547 -69.51 -32.16 26.68
N GLN F 548 -69.04 -32.24 27.91
CA GLN F 548 -68.40 -33.42 28.42
C GLN F 548 -69.38 -34.33 29.16
N CYS F 549 -70.67 -34.03 29.03
CA CYS F 549 -71.67 -34.84 29.70
C CYS F 549 -71.85 -36.13 28.89
N SER F 550 -72.78 -36.97 29.34
CA SER F 550 -73.01 -38.29 28.76
C SER F 550 -73.27 -38.24 27.26
N SER F 551 -72.84 -39.29 26.57
CA SER F 551 -73.10 -39.36 25.15
C SER F 551 -74.60 -39.40 24.91
N GLU F 552 -75.32 -40.05 25.79
CA GLU F 552 -76.73 -40.23 25.62
C GLU F 552 -77.56 -39.20 26.39
N CYS F 553 -76.98 -38.04 26.70
CA CYS F 553 -77.70 -36.96 27.40
C CYS F 553 -78.97 -36.59 26.65
N GLN F 554 -80.04 -36.37 27.41
CA GLN F 554 -81.34 -36.10 26.80
C GLN F 554 -81.42 -34.73 26.18
N ASN F 555 -80.51 -33.84 26.60
CA ASN F 555 -80.51 -32.44 26.19
C ASN F 555 -79.56 -32.17 25.03
N ARG F 556 -78.81 -33.17 24.54
CA ARG F 556 -77.97 -32.97 23.37
C ARG F 556 -78.81 -32.82 22.11
N PHE F 557 -78.35 -32.03 21.16
CA PHE F 557 -79.13 -31.98 19.91
C PHE F 557 -78.75 -33.20 19.09
N PRO F 558 -79.72 -33.99 18.64
CA PRO F 558 -79.35 -35.22 17.97
C PRO F 558 -78.68 -35.00 16.64
N GLY F 559 -79.03 -33.94 15.92
CA GLY F 559 -78.62 -33.80 14.54
C GLY F 559 -79.76 -34.20 13.63
N CYS F 560 -79.48 -34.32 12.33
CA CYS F 560 -80.51 -34.72 11.37
C CYS F 560 -80.09 -35.94 10.54
N ARG F 561 -81.09 -36.60 10.01
CA ARG F 561 -80.89 -37.77 9.18
C ARG F 561 -81.35 -37.51 7.74
N CYS F 562 -81.47 -36.22 7.34
CA CYS F 562 -82.13 -35.88 6.07
C CYS F 562 -81.40 -36.52 4.88
N LYS F 563 -82.09 -36.61 3.74
CA LYS F 563 -81.46 -37.16 2.55
C LYS F 563 -80.74 -36.11 1.77
N ALA F 564 -81.29 -34.92 1.83
CA ALA F 564 -81.00 -33.90 0.82
C ALA F 564 -80.95 -32.59 1.53
N GLN F 565 -81.78 -31.62 1.15
CA GLN F 565 -81.43 -30.19 1.16
C GLN F 565 -81.31 -29.59 2.55
N CYS F 566 -82.21 -29.99 3.44
CA CYS F 566 -82.31 -29.47 4.81
C CYS F 566 -82.79 -28.02 4.80
N ASN F 567 -83.66 -27.66 3.85
CA ASN F 567 -84.23 -26.32 3.82
C ASN F 567 -85.71 -26.25 4.20
N THR F 568 -86.30 -27.31 4.79
CA THR F 568 -87.72 -27.27 5.18
C THR F 568 -87.89 -27.59 6.65
N LYS F 569 -89.11 -27.34 7.11
CA LYS F 569 -89.42 -27.59 8.51
C LYS F 569 -89.20 -29.06 8.92
N GLN F 570 -89.20 -30.00 7.97
CA GLN F 570 -88.95 -31.40 8.32
C GLN F 570 -87.52 -31.65 8.82
N CYS F 571 -86.56 -30.80 8.48
CA CYS F 571 -85.24 -31.01 9.03
C CYS F 571 -85.18 -30.51 10.47
N PRO F 572 -84.93 -31.37 11.44
CA PRO F 572 -84.86 -30.88 12.82
C PRO F 572 -83.79 -29.84 13.01
N CYS F 573 -82.72 -29.91 12.24
CA CYS F 573 -81.71 -28.86 12.33
C CYS F 573 -82.29 -27.53 11.88
N TYR F 574 -82.90 -27.51 10.71
CA TYR F 574 -83.50 -26.29 10.22
C TYR F 574 -84.61 -25.79 11.14
N LEU F 575 -85.43 -26.68 11.69
CA LEU F 575 -86.56 -26.18 12.47
C LEU F 575 -86.07 -25.46 13.72
N ALA F 576 -84.95 -25.92 14.27
CA ALA F 576 -84.35 -25.37 15.48
C ALA F 576 -83.54 -24.13 15.23
N VAL F 577 -83.63 -23.62 14.01
CA VAL F 577 -82.89 -22.45 13.55
C VAL F 577 -81.40 -22.71 13.81
N ARG F 578 -80.94 -23.91 13.38
CA ARG F 578 -79.54 -24.33 13.44
C ARG F 578 -79.02 -24.83 12.09
N GLU F 579 -77.78 -24.50 11.79
CA GLU F 579 -77.13 -25.13 10.66
C GLU F 579 -76.70 -26.52 11.09
N CYS F 580 -76.68 -27.45 10.13
CA CYS F 580 -76.34 -28.84 10.43
C CYS F 580 -74.95 -28.95 11.05
N ASP F 581 -74.70 -30.07 11.69
CA ASP F 581 -73.39 -30.30 12.27
C ASP F 581 -72.63 -31.26 11.39
N PRO F 582 -71.44 -30.89 10.90
CA PRO F 582 -70.66 -31.81 10.04
C PRO F 582 -70.21 -33.06 10.82
N ASP F 583 -70.36 -33.05 12.15
CA ASP F 583 -70.11 -34.21 13.02
C ASP F 583 -71.36 -35.02 13.38
N LEU F 584 -72.58 -34.47 13.30
CA LEU F 584 -73.75 -35.28 13.60
C LEU F 584 -74.56 -35.63 12.37
N CYS F 585 -74.76 -34.66 11.46
CA CYS F 585 -75.66 -34.79 10.31
C CYS F 585 -74.97 -35.51 9.16
N LEU F 586 -74.82 -36.84 9.31
CA LEU F 586 -73.95 -37.51 8.35
C LEU F 586 -74.69 -37.92 7.09
N THR F 587 -75.99 -37.80 7.09
CA THR F 587 -76.66 -38.33 5.93
C THR F 587 -76.85 -37.27 4.85
N CYS F 588 -77.09 -36.04 5.25
CA CYS F 588 -77.51 -35.04 4.29
C CYS F 588 -76.37 -34.55 3.43
N GLY F 589 -75.14 -34.70 3.89
CA GLY F 589 -74.00 -34.24 3.14
C GLY F 589 -73.36 -33.02 3.70
N ALA F 590 -73.79 -32.54 4.84
CA ALA F 590 -73.11 -31.40 5.44
C ALA F 590 -71.65 -31.72 5.71
N ALA F 591 -71.33 -32.97 6.06
CA ALA F 591 -69.92 -33.33 6.30
C ALA F 591 -69.09 -33.42 5.02
N ASP F 592 -69.65 -33.87 3.91
CA ASP F 592 -68.82 -33.94 2.70
C ASP F 592 -69.26 -33.02 1.59
N HIS F 593 -68.35 -32.26 0.96
CA HIS F 593 -66.90 -32.39 1.01
C HIS F 593 -66.30 -31.05 1.28
N TRP F 594 -65.23 -31.02 2.06
CA TRP F 594 -64.65 -29.75 2.45
C TRP F 594 -64.06 -29.00 1.26
N ASP F 595 -63.50 -29.75 0.33
CA ASP F 595 -62.79 -29.15 -0.80
C ASP F 595 -63.73 -28.34 -1.69
N SER F 596 -64.92 -28.86 -1.96
CA SER F 596 -65.95 -28.16 -2.72
C SER F 596 -66.92 -27.41 -1.80
N LYS F 597 -67.10 -26.10 -2.04
CA LYS F 597 -68.03 -25.28 -1.24
C LYS F 597 -69.48 -25.63 -1.50
N ASN F 598 -69.82 -25.99 -2.75
CA ASN F 598 -71.15 -26.49 -3.08
C ASN F 598 -71.37 -27.92 -2.60
N VAL F 599 -72.53 -28.16 -1.97
CA VAL F 599 -72.86 -29.43 -1.32
C VAL F 599 -74.38 -29.62 -1.36
N SER F 600 -74.82 -30.89 -1.20
CA SER F 600 -76.24 -31.27 -1.18
C SER F 600 -77.00 -30.64 -0.02
N CYS F 601 -76.31 -30.46 1.11
CA CYS F 601 -76.92 -29.85 2.28
C CYS F 601 -76.91 -28.35 2.10
N LYS F 602 -78.07 -27.75 2.09
CA LYS F 602 -78.14 -26.34 1.88
C LYS F 602 -78.28 -25.61 3.19
N ASN F 603 -78.06 -26.31 4.29
CA ASN F 603 -78.16 -25.74 5.62
C ASN F 603 -76.80 -25.66 6.31
N CYS F 604 -75.73 -25.58 5.54
CA CYS F 604 -74.39 -25.43 6.11
C CYS F 604 -73.61 -24.27 5.47
N SER F 605 -74.32 -23.29 4.89
CA SER F 605 -73.65 -22.19 4.19
C SER F 605 -72.81 -21.31 5.13
N ILE F 606 -73.34 -20.95 6.29
CA ILE F 606 -72.59 -20.10 7.20
C ILE F 606 -71.28 -20.77 7.62
N GLN F 607 -71.31 -22.07 7.91
CA GLN F 607 -70.08 -22.78 8.33
C GLN F 607 -69.01 -22.72 7.27
N ARG F 608 -69.38 -22.92 6.01
CA ARG F 608 -68.49 -22.99 4.88
C ARG F 608 -68.21 -21.64 4.24
N GLY F 609 -68.77 -20.56 4.77
CA GLY F 609 -68.55 -19.26 4.15
C GLY F 609 -68.90 -19.23 2.67
N SER F 610 -70.01 -19.84 2.30
CA SER F 610 -70.45 -19.95 0.91
C SER F 610 -71.16 -18.66 0.47
N LYS F 611 -70.46 -17.55 0.60
CA LYS F 611 -71.11 -16.26 0.39
C LYS F 611 -71.11 -15.86 -1.08
N LYS F 612 -72.13 -15.10 -1.48
CA LYS F 612 -72.13 -14.67 -2.86
C LYS F 612 -71.18 -13.49 -3.07
N HIS F 613 -70.85 -13.24 -4.34
CA HIS F 613 -69.95 -12.14 -4.69
C HIS F 613 -70.70 -10.79 -4.65
N LEU F 614 -70.16 -9.86 -3.88
CA LEU F 614 -70.80 -8.59 -3.64
C LEU F 614 -69.91 -7.48 -4.17
N LEU F 615 -70.58 -6.41 -4.64
CA LEU F 615 -69.94 -5.26 -5.28
C LEU F 615 -70.33 -3.99 -4.53
N LEU F 616 -69.30 -3.17 -4.24
CA LEU F 616 -69.47 -1.91 -3.53
C LEU F 616 -69.67 -0.77 -4.50
N ALA F 617 -70.65 0.09 -4.20
CA ALA F 617 -71.00 1.20 -5.06
C ALA F 617 -71.82 2.18 -4.26
N PRO F 618 -71.94 3.43 -4.72
CA PRO F 618 -72.75 4.40 -3.97
C PRO F 618 -74.20 3.92 -3.90
N SER F 619 -74.75 3.87 -2.69
CA SER F 619 -76.10 3.39 -2.53
C SER F 619 -77.04 4.38 -3.18
N ASP F 620 -78.12 3.87 -3.78
CA ASP F 620 -79.11 4.81 -4.28
C ASP F 620 -79.83 5.47 -3.13
N VAL F 621 -79.89 4.81 -1.99
CA VAL F 621 -80.65 5.39 -0.90
C VAL F 621 -79.79 6.28 -0.03
N ALA F 622 -78.64 5.78 0.38
CA ALA F 622 -77.81 6.57 1.28
C ALA F 622 -76.37 6.09 1.26
N GLY F 623 -75.47 7.03 1.02
CA GLY F 623 -74.05 6.77 1.12
C GLY F 623 -73.64 5.55 0.34
N TRP F 624 -72.80 4.73 0.95
CA TRP F 624 -72.41 3.49 0.28
C TRP F 624 -73.54 2.47 0.34
N GLY F 625 -73.59 1.63 -0.68
CA GLY F 625 -74.51 0.52 -0.74
C GLY F 625 -73.80 -0.69 -1.31
N ILE F 626 -74.46 -1.82 -1.25
CA ILE F 626 -73.86 -3.03 -1.74
C ILE F 626 -74.78 -3.73 -2.74
N PHE F 627 -74.17 -4.27 -3.78
CA PHE F 627 -74.88 -4.82 -4.91
C PHE F 627 -74.42 -6.23 -5.22
N ILE F 628 -75.37 -7.05 -5.66
CA ILE F 628 -75.06 -8.42 -5.97
C ILE F 628 -74.55 -8.53 -7.39
N LYS F 629 -73.50 -9.32 -7.57
CA LYS F 629 -72.94 -9.48 -8.90
C LYS F 629 -73.86 -10.31 -9.80
N ASP F 630 -74.18 -11.55 -9.40
CA ASP F 630 -74.96 -12.49 -10.19
C ASP F 630 -76.27 -12.86 -9.50
N PRO F 631 -77.29 -13.34 -10.23
CA PRO F 631 -78.62 -13.51 -9.61
C PRO F 631 -78.66 -14.65 -8.60
N VAL F 632 -79.67 -14.57 -7.73
CA VAL F 632 -79.92 -15.57 -6.69
C VAL F 632 -81.43 -15.77 -6.56
N GLN F 633 -81.80 -16.95 -6.05
CA GLN F 633 -83.18 -17.36 -5.87
C GLN F 633 -83.63 -17.14 -4.42
N LYS F 634 -84.92 -17.38 -4.19
CA LYS F 634 -85.50 -17.11 -2.89
C LYS F 634 -84.88 -18.02 -1.83
N ASN F 635 -84.64 -17.44 -0.65
CA ASN F 635 -84.06 -18.10 0.53
C ASN F 635 -82.65 -18.63 0.27
N GLU F 636 -81.98 -18.12 -0.76
CA GLU F 636 -80.60 -18.49 -1.00
C GLU F 636 -79.67 -17.68 -0.11
N PHE F 637 -78.57 -18.28 0.28
CA PHE F 637 -77.68 -17.63 1.21
C PHE F 637 -76.83 -16.60 0.50
N ILE F 638 -76.82 -15.38 1.03
CA ILE F 638 -76.02 -14.30 0.45
C ILE F 638 -74.70 -14.11 1.18
N SER F 639 -74.74 -13.81 2.47
CA SER F 639 -73.50 -13.72 3.24
C SER F 639 -73.82 -13.61 4.73
N GLU F 640 -72.81 -13.92 5.54
CA GLU F 640 -72.88 -13.77 7.00
C GLU F 640 -72.57 -12.33 7.38
N TYR F 641 -73.24 -11.83 8.41
CA TYR F 641 -72.96 -10.47 8.88
C TYR F 641 -71.91 -10.53 10.00
N CYS F 642 -70.62 -10.54 9.62
CA CYS F 642 -69.47 -10.66 10.54
C CYS F 642 -69.06 -9.32 11.15
N GLY F 643 -68.34 -9.40 12.25
CA GLY F 643 -67.88 -8.20 12.93
C GLY F 643 -67.28 -8.56 14.27
N GLU F 644 -66.93 -7.53 15.01
CA GLU F 644 -66.55 -7.73 16.41
C GLU F 644 -67.78 -8.18 17.18
N ILE F 645 -67.57 -9.02 18.18
CA ILE F 645 -68.62 -9.33 19.13
C ILE F 645 -68.23 -8.68 20.45
N ILE F 646 -69.20 -8.03 21.09
CA ILE F 646 -69.00 -7.25 22.31
C ILE F 646 -70.24 -7.37 23.20
N SER F 647 -70.01 -7.17 24.50
CA SER F 647 -71.05 -7.24 25.52
C SER F 647 -72.12 -6.18 25.27
N GLN F 648 -73.29 -6.40 25.86
CA GLN F 648 -74.37 -5.43 25.67
C GLN F 648 -73.98 -4.07 26.20
N ASP F 649 -73.22 -4.06 27.29
CA ASP F 649 -72.79 -2.79 27.87
C ASP F 649 -71.90 -2.05 26.88
N GLU F 650 -70.89 -2.74 26.35
CA GLU F 650 -69.98 -2.10 25.40
C GLU F 650 -70.71 -1.64 24.16
N ALA F 651 -71.72 -2.38 23.72
CA ALA F 651 -72.48 -1.92 22.56
C ALA F 651 -73.22 -0.64 22.86
N ASP F 652 -73.67 -0.47 24.09
CA ASP F 652 -74.43 0.74 24.44
C ASP F 652 -73.56 2.00 24.37
N ARG F 653 -72.31 1.88 24.80
CA ARG F 653 -71.38 2.99 24.73
C ARG F 653 -71.05 3.34 23.29
N ARG F 654 -70.68 2.34 22.52
CA ARG F 654 -70.42 2.60 21.12
C ARG F 654 -71.65 3.09 20.40
N GLY F 655 -72.81 2.53 20.75
CA GLY F 655 -74.02 2.93 20.07
C GLY F 655 -74.39 4.36 20.37
N LYS F 656 -74.08 4.83 21.58
CA LYS F 656 -74.41 6.19 21.96
C LYS F 656 -73.79 7.17 20.99
N VAL F 657 -72.48 7.01 20.79
CA VAL F 657 -71.77 7.83 19.83
C VAL F 657 -72.23 7.53 18.39
N TYR F 658 -72.56 6.27 18.07
CA TYR F 658 -73.03 6.03 16.71
C TYR F 658 -74.33 6.77 16.48
N ASP F 659 -75.23 6.69 17.47
CA ASP F 659 -76.54 7.34 17.37
C ASP F 659 -76.39 8.86 17.23
N LYS F 660 -75.44 9.45 17.95
CA LYS F 660 -75.20 10.89 17.81
C LYS F 660 -74.79 11.21 16.38
N TYR F 661 -73.90 10.40 15.84
CA TYR F 661 -73.41 10.46 14.44
C TYR F 661 -74.49 10.15 13.41
N MET F 662 -75.50 9.36 13.83
CA MET F 662 -76.64 8.95 13.03
C MET F 662 -76.39 7.68 12.23
N CYS F 663 -75.24 7.02 12.38
CA CYS F 663 -75.11 5.70 11.74
C CYS F 663 -74.40 4.69 12.64
N SER F 664 -74.95 3.44 12.67
CA SER F 664 -74.44 2.32 13.45
C SER F 664 -74.47 1.04 12.63
N PHE F 665 -73.42 0.23 12.80
CA PHE F 665 -73.29 -1.10 12.21
C PHE F 665 -73.62 -2.19 13.23
N LEU F 666 -74.39 -1.84 14.28
CA LEU F 666 -74.74 -2.76 15.37
C LEU F 666 -75.79 -3.77 14.96
N PHE F 667 -75.56 -5.00 15.38
CA PHE F 667 -76.51 -6.06 15.11
C PHE F 667 -76.56 -6.92 16.36
N ASN F 668 -77.77 -7.19 16.83
CA ASN F 668 -78.00 -7.91 18.07
C ASN F 668 -77.83 -9.39 17.76
N LEU F 669 -76.91 -10.05 18.48
CA LEU F 669 -76.66 -11.48 18.28
C LEU F 669 -77.52 -12.33 19.23
N ASN F 670 -77.45 -12.04 20.52
CA ASN F 670 -78.26 -12.74 21.48
C ASN F 670 -78.28 -11.89 22.75
N ASN F 671 -78.87 -12.43 23.81
CA ASN F 671 -78.92 -11.68 25.06
C ASN F 671 -77.53 -11.26 25.52
N ASP F 672 -76.54 -12.12 25.31
CA ASP F 672 -75.20 -11.88 25.82
C ASP F 672 -74.35 -10.95 24.95
N PHE F 673 -74.52 -10.95 23.62
CA PHE F 673 -73.58 -10.24 22.76
C PHE F 673 -74.26 -9.50 21.63
N VAL F 674 -73.53 -8.52 21.12
CA VAL F 674 -73.90 -7.78 19.92
C VAL F 674 -72.70 -7.90 19.00
N VAL F 675 -72.94 -8.02 17.71
CA VAL F 675 -71.86 -8.06 16.74
C VAL F 675 -71.79 -6.69 16.05
N ASP F 676 -70.60 -6.03 16.13
CA ASP F 676 -70.38 -4.62 15.72
C ASP F 676 -69.45 -4.60 14.52
N ALA F 677 -70.03 -4.38 13.35
CA ALA F 677 -69.28 -4.39 12.11
C ALA F 677 -68.59 -3.06 11.86
N THR F 678 -68.59 -2.18 12.85
CA THR F 678 -68.06 -0.84 12.67
C THR F 678 -66.54 -0.87 12.46
N ARG F 679 -65.82 -1.40 13.44
CA ARG F 679 -64.36 -1.39 13.34
C ARG F 679 -63.86 -2.49 12.40
N LYS F 680 -64.44 -3.69 12.45
CA LYS F 680 -64.10 -4.75 11.50
C LYS F 680 -65.32 -5.56 11.10
N GLY F 681 -65.35 -5.98 9.85
CA GLY F 681 -66.49 -6.67 9.31
C GLY F 681 -66.21 -7.18 7.91
N ASN F 682 -67.28 -7.34 7.15
CA ASN F 682 -67.21 -7.91 5.82
C ASN F 682 -68.14 -7.11 4.94
N LYS F 683 -68.14 -7.42 3.65
CA LYS F 683 -68.74 -6.49 2.70
C LYS F 683 -70.22 -6.27 3.00
N ILE F 684 -70.97 -7.31 3.41
CA ILE F 684 -72.41 -7.18 3.60
C ILE F 684 -72.79 -6.08 4.56
N ARG F 685 -71.83 -5.53 5.30
CA ARG F 685 -72.14 -4.52 6.29
C ARG F 685 -72.76 -3.27 5.68
N PHE F 686 -72.44 -2.96 4.41
CA PHE F 686 -72.98 -1.78 3.76
C PHE F 686 -74.45 -1.89 3.35
N ALA F 687 -75.04 -3.08 3.46
CA ALA F 687 -76.43 -3.25 3.09
C ALA F 687 -77.38 -2.32 3.85
N ASN F 688 -78.24 -1.66 3.11
CA ASN F 688 -79.07 -0.64 3.73
C ASN F 688 -80.36 -1.20 4.25
N HIS F 689 -81.06 -0.35 4.98
CA HIS F 689 -82.38 -0.68 5.46
C HIS F 689 -83.45 -0.34 4.42
N SER F 690 -84.50 -1.17 4.39
CA SER F 690 -85.69 -0.94 3.60
C SER F 690 -86.84 -1.68 4.25
N VAL F 691 -88.00 -1.02 4.31
CA VAL F 691 -89.18 -1.64 4.89
C VAL F 691 -89.71 -2.72 3.96
N ASN F 692 -89.66 -2.50 2.63
CA ASN F 692 -89.90 -3.59 1.69
C ASN F 692 -88.54 -4.07 1.16
N PRO F 693 -87.86 -4.93 1.90
CA PRO F 693 -86.50 -5.34 1.53
C PRO F 693 -86.50 -6.50 0.55
N ASN F 694 -85.29 -6.82 0.07
CA ASN F 694 -85.12 -8.01 -0.75
C ASN F 694 -84.26 -9.03 -0.04
N CYS F 695 -83.96 -8.81 1.24
CA CYS F 695 -83.17 -9.73 2.03
C CYS F 695 -83.71 -9.75 3.45
N TYR F 696 -83.44 -10.85 4.15
CA TYR F 696 -83.77 -10.99 5.56
C TYR F 696 -82.56 -11.56 6.29
N ALA F 697 -82.63 -11.50 7.61
CA ALA F 697 -81.56 -11.94 8.47
C ALA F 697 -82.05 -13.08 9.36
N LYS F 698 -81.27 -14.15 9.48
CA LYS F 698 -81.50 -15.18 10.49
C LYS F 698 -80.28 -15.22 11.37
N VAL F 699 -80.49 -15.13 12.68
CA VAL F 699 -79.43 -15.50 13.60
C VAL F 699 -79.52 -16.99 13.81
N MET F 700 -78.70 -17.77 13.10
CA MET F 700 -78.62 -19.22 13.30
C MET F 700 -77.57 -19.54 14.37
N MET F 701 -77.66 -20.74 14.90
CA MET F 701 -76.73 -21.25 15.89
C MET F 701 -75.89 -22.31 15.17
N VAL F 702 -74.58 -22.08 15.10
CA VAL F 702 -73.70 -22.82 14.20
C VAL F 702 -72.50 -23.33 14.99
N ASN F 703 -72.52 -24.60 15.36
CA ASN F 703 -71.38 -25.24 16.00
C ASN F 703 -70.93 -24.47 17.25
N GLY F 704 -71.93 -24.09 18.04
CA GLY F 704 -71.69 -23.43 19.30
C GLY F 704 -71.67 -21.92 19.25
N ASP F 705 -71.53 -21.34 18.05
CA ASP F 705 -71.49 -19.90 17.89
C ASP F 705 -72.81 -19.42 17.35
N HIS F 706 -73.22 -18.25 17.76
CA HIS F 706 -74.36 -17.65 17.12
C HIS F 706 -73.84 -16.85 15.92
N ARG F 707 -74.41 -17.07 14.74
CA ARG F 707 -73.88 -16.36 13.61
C ARG F 707 -75.02 -15.75 12.83
N ILE F 708 -74.80 -14.59 12.28
CA ILE F 708 -75.86 -13.92 11.55
C ILE F 708 -75.78 -14.29 10.08
N GLY F 709 -76.91 -14.65 9.50
CA GLY F 709 -76.96 -14.99 8.09
C GLY F 709 -77.86 -14.10 7.26
N ILE F 710 -77.38 -13.61 6.13
CA ILE F 710 -78.18 -12.77 5.27
C ILE F 710 -78.63 -13.58 4.07
N PHE F 711 -79.93 -13.64 3.85
CA PHE F 711 -80.51 -14.46 2.78
C PHE F 711 -81.38 -13.61 1.88
N ALA F 712 -81.56 -14.09 0.66
CA ALA F 712 -82.41 -13.41 -0.30
C ALA F 712 -83.88 -13.68 0.01
N LYS F 713 -84.65 -12.62 0.26
CA LYS F 713 -86.07 -12.78 0.57
C LYS F 713 -86.86 -13.17 -0.68
N ARG F 714 -86.34 -12.81 -1.84
CA ARG F 714 -87.00 -12.98 -3.12
C ARG F 714 -85.86 -13.15 -4.12
N ALA F 715 -86.17 -13.66 -5.30
CA ALA F 715 -85.14 -13.79 -6.31
C ALA F 715 -84.64 -12.40 -6.68
N ILE F 716 -83.32 -12.27 -6.80
CA ILE F 716 -82.68 -10.99 -7.00
C ILE F 716 -81.94 -11.00 -8.33
N GLN F 717 -82.21 -9.99 -9.15
CA GLN F 717 -81.61 -9.85 -10.46
C GLN F 717 -80.20 -9.27 -10.33
N THR F 718 -79.42 -9.47 -11.38
CA THR F 718 -78.06 -8.97 -11.39
C THR F 718 -78.00 -7.48 -11.07
N GLY F 719 -77.03 -7.13 -10.22
CA GLY F 719 -76.76 -5.74 -9.93
C GLY F 719 -77.79 -5.03 -9.09
N GLU F 720 -78.77 -5.74 -8.52
CA GLU F 720 -79.70 -5.10 -7.60
C GLU F 720 -79.00 -4.72 -6.31
N GLU F 721 -79.48 -3.67 -5.68
CA GLU F 721 -78.94 -3.28 -4.39
C GLU F 721 -79.64 -4.07 -3.31
N LEU F 722 -78.87 -4.53 -2.33
CA LEU F 722 -79.42 -5.37 -1.26
C LEU F 722 -79.87 -4.50 -0.10
N PHE F 723 -81.07 -4.79 0.41
CA PHE F 723 -81.65 -4.08 1.54
C PHE F 723 -82.29 -5.10 2.48
N PHE F 724 -82.19 -4.88 3.78
CA PHE F 724 -82.84 -5.74 4.72
C PHE F 724 -83.42 -4.92 5.87
N ASP F 725 -84.40 -5.50 6.56
CA ASP F 725 -85.15 -4.79 7.59
C ASP F 725 -84.41 -4.81 8.93
N TYR F 726 -84.02 -3.63 9.39
CA TYR F 726 -83.23 -3.53 10.62
C TYR F 726 -84.02 -3.96 11.86
N ARG F 727 -85.35 -3.76 11.84
CA ARG F 727 -86.25 -4.06 12.94
C ARG F 727 -86.08 -3.07 14.08
N TYR F 728 -85.73 -1.85 13.74
CA TYR F 728 -85.66 -0.75 14.68
C TYR F 728 -87.11 -0.29 14.95
N SER F 729 -87.27 0.76 15.78
CA SER F 729 -88.58 1.41 15.97
C SER F 729 -89.23 1.97 14.64
N GLN F 730 -88.64 2.85 13.79
CA GLN F 730 -87.51 3.82 13.99
C GLN F 730 -87.18 4.79 12.81
N ALA F 731 -86.63 5.93 13.20
CA ALA F 731 -86.02 6.95 12.34
C ALA F 731 -84.70 7.45 12.95
N ASP F 732 -83.76 6.52 13.20
CA ASP F 732 -82.46 6.89 13.82
C ASP F 732 -81.20 6.79 12.95
N ALA F 733 -81.20 7.31 11.73
CA ALA F 733 -82.40 7.76 11.01
C ALA F 733 -82.43 6.98 9.70
N LEU F 734 -83.41 6.09 9.55
CA LEU F 734 -83.50 5.21 8.39
C LEU F 734 -84.26 5.80 7.22
N LYS F 735 -84.97 6.90 7.43
CA LYS F 735 -85.39 7.87 6.41
C LYS F 735 -85.75 7.31 5.03
N TYR F 736 -84.89 7.62 4.03
CA TYR F 736 -85.18 7.36 2.62
C TYR F 736 -85.60 5.92 2.37
N VAL F 737 -86.71 5.76 1.63
CA VAL F 737 -87.10 4.46 1.11
C VAL F 737 -87.40 4.63 -0.37
N GLY F 738 -86.98 3.67 -1.17
CA GLY F 738 -87.12 3.75 -2.62
C GLY F 738 -87.67 2.45 -3.17
N ILE F 739 -88.37 2.57 -4.31
CA ILE F 739 -88.98 1.42 -4.96
C ILE F 739 -88.99 1.58 -6.47
N LYS G 3 -32.62 35.78 27.21
CA LYS G 3 -31.50 35.71 26.28
C LYS G 3 -31.86 34.86 25.07
N CYS G 4 -32.36 35.47 24.01
CA CYS G 4 -32.88 34.74 22.86
C CYS G 4 -32.20 35.25 21.60
N LYS G 5 -31.75 34.34 20.74
CA LYS G 5 -30.82 34.74 19.70
C LYS G 5 -31.54 35.36 18.52
N TYR G 6 -32.73 34.88 18.21
CA TYR G 6 -33.36 35.27 16.96
C TYR G 6 -34.35 36.42 17.15
N SER G 7 -34.20 37.46 16.34
CA SER G 7 -35.07 38.62 16.38
C SER G 7 -35.76 38.79 15.03
N PHE G 8 -37.04 39.17 15.06
CA PHE G 8 -37.81 39.38 13.85
C PHE G 8 -38.54 40.71 13.92
N LYS G 9 -38.92 41.20 12.74
CA LYS G 9 -39.72 42.40 12.55
C LYS G 9 -40.81 42.11 11.53
N CYS G 10 -41.99 42.69 11.74
CA CYS G 10 -43.16 42.42 10.89
C CYS G 10 -43.13 43.42 9.73
N VAL G 11 -42.76 42.97 8.55
CA VAL G 11 -42.58 43.91 7.44
C VAL G 11 -43.88 44.15 6.69
N ASN G 12 -44.79 43.20 6.70
CA ASN G 12 -46.03 43.36 5.95
C ASN G 12 -47.08 42.44 6.55
N SER G 13 -48.34 42.76 6.25
CA SER G 13 -49.53 41.99 6.58
C SER G 13 -50.57 42.18 5.48
N LEU G 14 -51.12 41.08 4.98
CA LEU G 14 -52.13 41.15 3.92
C LEU G 14 -53.29 40.19 4.23
N LYS G 15 -54.48 40.55 3.77
CA LYS G 15 -55.70 39.82 4.04
C LYS G 15 -56.43 39.48 2.74
N GLU G 16 -56.82 38.21 2.61
CA GLU G 16 -57.56 37.75 1.45
C GLU G 16 -59.04 38.12 1.56
N ASP G 17 -59.72 38.08 0.42
CA ASP G 17 -61.07 38.58 0.27
C ASP G 17 -62.19 37.63 0.69
N HIS G 18 -61.89 36.35 0.99
CA HIS G 18 -62.96 35.42 1.34
C HIS G 18 -63.30 35.43 2.83
N ASN G 19 -62.39 35.91 3.69
CA ASN G 19 -62.53 36.00 5.16
C ASN G 19 -62.66 34.63 5.82
N GLN G 20 -62.48 33.55 5.09
CA GLN G 20 -62.46 32.25 5.73
C GLN G 20 -61.07 31.99 6.32
N PRO G 21 -60.95 31.08 7.30
CA PRO G 21 -59.63 30.81 7.89
C PRO G 21 -58.68 30.22 6.85
N LEU G 22 -57.43 30.67 6.90
CA LEU G 22 -56.33 30.10 6.15
C LEU G 22 -55.71 29.02 7.03
N PHE G 23 -55.85 27.79 6.61
CA PHE G 23 -55.46 26.73 7.50
C PHE G 23 -54.03 26.25 7.29
N GLY G 24 -53.42 26.66 6.19
CA GLY G 24 -52.09 26.18 5.86
C GLY G 24 -51.32 27.13 4.98
N VAL G 25 -50.02 27.10 5.17
CA VAL G 25 -49.06 27.91 4.43
C VAL G 25 -47.83 27.06 4.21
N GLN G 26 -47.29 27.16 3.02
CA GLN G 26 -46.18 26.34 2.62
C GLN G 26 -45.25 27.16 1.76
N PHE G 27 -44.05 27.38 2.28
CA PHE G 27 -42.96 27.90 1.50
C PHE G 27 -42.45 26.82 0.57
N ASN G 28 -42.14 27.22 -0.66
CA ASN G 28 -41.58 26.32 -1.66
C ASN G 28 -40.07 26.23 -1.45
N TRP G 29 -39.66 25.22 -0.66
CA TRP G 29 -38.27 24.91 -0.36
C TRP G 29 -37.55 24.27 -1.55
N HIS G 30 -38.23 24.17 -2.68
CA HIS G 30 -37.57 23.60 -3.83
C HIS G 30 -36.93 24.64 -4.73
N SER G 31 -37.31 25.94 -4.67
CA SER G 31 -36.78 26.98 -5.58
C SER G 31 -35.27 27.02 -5.48
N LYS G 32 -34.62 27.23 -6.63
CA LYS G 32 -33.16 27.26 -6.68
C LYS G 32 -32.63 28.53 -6.06
N GLU G 33 -31.39 28.47 -5.58
CA GLU G 33 -30.80 29.61 -4.88
C GLU G 33 -30.67 30.77 -5.83
N GLY G 34 -30.95 31.96 -5.33
CA GLY G 34 -30.97 33.12 -6.18
C GLY G 34 -32.30 33.41 -6.84
N ASP G 35 -33.30 32.62 -6.57
CA ASP G 35 -34.65 32.82 -7.05
C ASP G 35 -35.48 33.46 -5.95
N PRO G 36 -36.56 34.14 -6.36
CA PRO G 36 -37.44 34.74 -5.38
C PRO G 36 -38.11 33.64 -4.55
N LEU G 37 -38.37 33.98 -3.29
CA LEU G 37 -38.96 33.07 -2.31
C LEU G 37 -40.48 33.03 -2.48
N VAL G 38 -41.00 31.88 -2.83
CA VAL G 38 -42.43 31.73 -3.07
C VAL G 38 -43.01 30.96 -1.90
N PHE G 39 -44.25 31.29 -1.57
CA PHE G 39 -45.03 30.54 -0.59
C PHE G 39 -46.46 30.43 -1.08
N ALA G 40 -47.12 29.36 -0.68
CA ALA G 40 -48.50 29.13 -1.05
C ALA G 40 -49.38 29.06 0.18
N THR G 41 -50.65 29.48 -0.01
CA THR G 41 -51.69 29.45 1.01
C THR G 41 -53.00 28.80 0.54
N VAL G 42 -53.56 28.01 1.46
CA VAL G 42 -54.82 27.28 1.28
C VAL G 42 -55.86 27.68 2.32
N GLY G 43 -57.03 27.99 1.79
CA GLY G 43 -58.15 28.45 2.55
C GLY G 43 -59.39 28.45 1.71
N SER G 44 -60.48 28.43 2.45
CA SER G 44 -61.78 28.40 1.86
C SER G 44 -61.81 27.26 0.86
N ASN G 45 -62.26 27.56 -0.34
CA ASN G 45 -62.20 26.59 -1.41
C ASN G 45 -61.17 27.02 -2.43
N ARG G 46 -60.13 27.76 -1.98
CA ARG G 46 -59.11 28.32 -2.89
C ARG G 46 -57.67 28.12 -2.38
N VAL G 47 -56.74 28.07 -3.33
CA VAL G 47 -55.28 28.03 -3.08
C VAL G 47 -54.65 29.25 -3.77
N THR G 48 -53.79 29.96 -3.05
CA THR G 48 -53.14 31.19 -3.52
C THR G 48 -51.63 31.09 -3.38
N LEU G 49 -50.91 31.63 -4.37
CA LEU G 49 -49.46 31.63 -4.47
C LEU G 49 -48.93 33.07 -4.35
N TYR G 50 -47.89 33.25 -3.55
CA TYR G 50 -47.31 34.55 -3.26
C TYR G 50 -45.80 34.54 -3.44
N GLU G 51 -45.22 35.69 -3.79
CA GLU G 51 -43.79 35.82 -4.00
C GLU G 51 -43.25 36.87 -3.04
N CYS G 52 -42.20 36.53 -2.31
CA CYS G 52 -41.57 37.46 -1.37
C CYS G 52 -40.54 38.33 -2.07
N HIS G 53 -40.60 39.64 -1.81
CA HIS G 53 -39.71 40.65 -2.40
C HIS G 53 -39.09 41.57 -1.33
N SER G 54 -38.11 42.36 -1.78
CA SER G 54 -37.43 43.32 -0.93
C SER G 54 -38.39 44.38 -0.39
N GLN G 55 -38.02 44.93 0.77
CA GLN G 55 -38.71 45.98 1.54
C GLN G 55 -39.94 45.46 2.28
N GLY G 56 -40.06 44.16 2.51
CA GLY G 56 -41.29 43.68 3.09
C GLY G 56 -42.42 43.48 2.12
N GLU G 57 -42.19 43.70 0.83
CA GLU G 57 -43.27 43.56 -0.14
C GLU G 57 -43.60 42.11 -0.44
N ILE G 58 -44.88 41.83 -0.64
CA ILE G 58 -45.33 40.49 -1.04
C ILE G 58 -46.18 40.61 -2.30
N ARG G 59 -45.81 39.89 -3.35
CA ARG G 59 -46.46 39.99 -4.64
C ARG G 59 -47.44 38.83 -4.77
N LEU G 60 -48.70 39.16 -5.01
CA LEU G 60 -49.67 38.13 -5.24
C LEU G 60 -49.51 37.56 -6.65
N LEU G 61 -49.21 36.25 -6.75
CA LEU G 61 -48.83 35.59 -8.00
C LEU G 61 -49.93 34.80 -8.71
N GLN G 62 -50.63 33.88 -8.04
CA GLN G 62 -51.66 33.06 -8.67
C GLN G 62 -52.67 32.61 -7.63
N SER G 63 -53.90 32.37 -8.09
CA SER G 63 -54.88 31.82 -7.15
C SER G 63 -55.91 30.97 -7.89
N TYR G 64 -56.22 29.80 -7.32
CA TYR G 64 -57.12 28.82 -7.90
C TYR G 64 -58.32 28.58 -6.97
N VAL G 65 -59.48 28.26 -7.58
CA VAL G 65 -60.74 28.07 -6.87
C VAL G 65 -61.31 26.71 -7.23
N ASP G 66 -61.80 25.98 -6.24
CA ASP G 66 -62.48 24.72 -6.58
C ASP G 66 -63.87 25.02 -7.14
N ALA G 67 -64.23 24.33 -8.24
CA ALA G 67 -65.55 24.51 -8.83
C ALA G 67 -66.64 24.13 -7.85
N ASP G 68 -66.34 23.24 -6.92
CA ASP G 68 -67.25 22.90 -5.83
C ASP G 68 -67.13 23.97 -4.76
N ALA G 69 -68.25 24.64 -4.48
CA ALA G 69 -68.28 25.67 -3.46
C ALA G 69 -68.07 25.07 -2.07
N ASP G 70 -68.46 23.80 -1.88
CA ASP G 70 -68.39 23.19 -0.55
C ASP G 70 -66.97 22.78 -0.17
N GLU G 71 -66.08 22.56 -1.11
CA GLU G 71 -64.72 22.18 -0.75
C GLU G 71 -64.12 23.17 0.24
N ASN G 72 -63.26 22.70 1.11
CA ASN G 72 -62.55 23.61 2.01
C ASN G 72 -61.15 23.03 2.22
N PHE G 73 -60.17 23.62 1.55
CA PHE G 73 -58.81 23.10 1.59
C PHE G 73 -58.17 23.34 2.96
N TYR G 74 -57.51 22.30 3.48
CA TYR G 74 -56.90 22.37 4.80
C TYR G 74 -55.39 22.41 4.79
N THR G 75 -54.75 21.86 3.76
CA THR G 75 -53.31 21.66 3.82
C THR G 75 -52.74 21.72 2.41
N CYS G 76 -51.44 22.01 2.33
CA CYS G 76 -50.77 21.96 1.04
C CYS G 76 -49.35 21.47 1.26
N ALA G 77 -48.73 21.03 0.17
CA ALA G 77 -47.35 20.59 0.23
C ALA G 77 -46.69 20.76 -1.13
N TRP G 78 -45.43 21.20 -1.12
CA TRP G 78 -44.67 21.47 -2.34
C TRP G 78 -43.89 20.23 -2.78
N THR G 79 -43.82 20.04 -4.11
CA THR G 79 -42.97 18.99 -4.68
C THR G 79 -42.60 19.41 -6.11
N TYR G 80 -41.83 18.56 -6.77
CA TYR G 80 -41.40 18.90 -8.12
C TYR G 80 -41.51 17.68 -9.02
N ASP G 81 -41.65 17.94 -10.32
CA ASP G 81 -41.61 16.89 -11.34
C ASP G 81 -40.17 16.73 -11.83
N SER G 82 -39.56 15.61 -11.51
CA SER G 82 -38.16 15.37 -11.86
C SER G 82 -37.92 15.34 -13.38
N ASN G 83 -38.99 15.12 -14.18
CA ASN G 83 -38.86 15.03 -15.63
C ASN G 83 -38.77 16.41 -16.26
N THR G 84 -39.75 17.28 -15.93
CA THR G 84 -39.83 18.65 -16.42
C THR G 84 -39.21 19.70 -15.48
N SER G 85 -38.79 19.35 -14.26
CA SER G 85 -38.28 20.28 -13.23
C SER G 85 -39.30 21.35 -12.82
N HIS G 86 -40.59 21.13 -13.11
CA HIS G 86 -41.62 22.06 -12.70
C HIS G 86 -41.80 22.00 -11.18
N PRO G 87 -42.22 23.09 -10.55
CA PRO G 87 -42.62 22.96 -9.15
C PRO G 87 -44.07 22.45 -9.13
N LEU G 88 -44.43 21.57 -8.19
CA LEU G 88 -45.78 21.04 -8.05
C LEU G 88 -46.30 21.26 -6.63
N LEU G 89 -47.56 21.65 -6.53
CA LEU G 89 -48.17 21.91 -5.23
C LEU G 89 -49.37 21.00 -5.04
N ALA G 90 -49.44 20.38 -3.87
CA ALA G 90 -50.51 19.46 -3.54
C ALA G 90 -51.41 20.09 -2.50
N VAL G 91 -52.71 20.03 -2.74
CA VAL G 91 -53.71 20.61 -1.84
C VAL G 91 -54.81 19.61 -1.58
N ALA G 92 -55.27 19.55 -0.33
CA ALA G 92 -56.34 18.65 0.05
C ALA G 92 -57.13 19.30 1.18
N GLY G 93 -58.38 18.87 1.34
CA GLY G 93 -59.25 19.47 2.34
C GLY G 93 -60.46 18.63 2.73
N SER G 94 -61.54 19.34 3.13
CA SER G 94 -62.71 18.68 3.70
C SER G 94 -63.26 17.62 2.76
N ARG G 95 -63.30 17.89 1.47
CA ARG G 95 -63.94 16.89 0.64
C ARG G 95 -63.16 15.59 0.52
N GLY G 96 -62.02 15.46 1.20
CA GLY G 96 -61.23 14.24 1.12
C GLY G 96 -60.61 13.97 -0.22
N ILE G 97 -60.47 14.98 -1.07
CA ILE G 97 -59.89 14.82 -2.41
C ILE G 97 -58.56 15.57 -2.48
N ILE G 98 -57.57 14.89 -3.03
CA ILE G 98 -56.26 15.48 -3.28
C ILE G 98 -56.22 15.99 -4.70
N ARG G 99 -55.75 17.24 -4.85
CA ARG G 99 -55.46 17.82 -6.14
C ARG G 99 -53.97 18.13 -6.22
N ILE G 100 -53.43 17.96 -7.43
CA ILE G 100 -52.06 18.35 -7.76
C ILE G 100 -52.14 19.53 -8.71
N ILE G 101 -51.55 20.66 -8.32
CA ILE G 101 -51.49 21.85 -9.17
C ILE G 101 -50.12 21.93 -9.85
N ASN G 102 -50.12 22.25 -11.15
CA ASN G 102 -48.89 22.67 -11.82
C ASN G 102 -48.95 24.18 -12.02
N PRO G 103 -48.22 24.98 -11.24
CA PRO G 103 -48.30 26.44 -11.40
C PRO G 103 -47.67 26.97 -12.68
N ILE G 104 -46.82 26.18 -13.34
CA ILE G 104 -46.24 26.58 -14.61
C ILE G 104 -47.30 26.60 -15.71
N THR G 105 -48.14 25.58 -15.79
CA THR G 105 -49.19 25.49 -16.80
C THR G 105 -50.54 26.02 -16.33
N MET G 106 -50.64 26.47 -15.09
CA MET G 106 -51.92 26.86 -14.48
C MET G 106 -52.99 25.77 -14.69
N GLN G 107 -52.62 24.52 -14.37
CA GLN G 107 -53.57 23.42 -14.46
C GLN G 107 -53.50 22.49 -13.25
N CYS G 108 -54.67 21.90 -12.98
CA CYS G 108 -54.82 20.75 -12.09
C CYS G 108 -54.58 19.53 -12.95
N ILE G 109 -53.36 18.99 -12.88
CA ILE G 109 -52.98 17.87 -13.72
C ILE G 109 -53.56 16.57 -13.19
N LYS G 110 -53.62 16.43 -11.87
CA LYS G 110 -54.03 15.19 -11.24
C LYS G 110 -54.94 15.47 -10.07
N HIS G 111 -55.83 14.50 -9.79
CA HIS G 111 -56.71 14.45 -8.63
C HIS G 111 -56.81 13.01 -8.16
N TYR G 112 -56.90 12.85 -6.84
CA TYR G 112 -56.97 11.54 -6.21
C TYR G 112 -58.18 11.46 -5.29
N VAL G 113 -59.06 10.51 -5.55
CA VAL G 113 -60.29 10.33 -4.78
C VAL G 113 -60.25 8.93 -4.18
N GLY G 114 -60.90 8.73 -3.05
CA GLY G 114 -60.86 7.41 -2.44
C GLY G 114 -60.79 7.48 -0.94
N HIS G 115 -60.30 8.61 -0.45
CA HIS G 115 -60.17 8.78 0.97
C HIS G 115 -61.56 8.80 1.60
N GLY G 116 -61.66 8.20 2.77
CA GLY G 116 -62.96 8.15 3.41
C GLY G 116 -63.45 9.51 3.83
N ASN G 117 -62.53 10.40 4.15
CA ASN G 117 -62.93 11.67 4.69
C ASN G 117 -61.83 12.72 4.48
N ALA G 118 -62.07 13.91 5.03
CA ALA G 118 -61.17 15.04 4.86
C ALA G 118 -59.72 14.68 5.16
N ILE G 119 -58.81 15.29 4.42
CA ILE G 119 -57.38 15.07 4.63
C ILE G 119 -56.84 16.20 5.49
N ASN G 120 -56.41 15.87 6.70
CA ASN G 120 -55.89 16.93 7.57
C ASN G 120 -54.49 17.39 7.14
N GLU G 121 -53.64 16.49 6.67
CA GLU G 121 -52.28 16.91 6.35
C GLU G 121 -51.75 16.23 5.10
N LEU G 122 -50.85 16.91 4.40
CA LEU G 122 -50.18 16.37 3.23
C LEU G 122 -48.68 16.50 3.47
N LYS G 123 -47.95 15.47 3.11
CA LYS G 123 -46.52 15.50 3.24
C LYS G 123 -45.93 14.79 2.04
N PHE G 124 -44.75 15.25 1.63
CA PHE G 124 -44.00 14.64 0.53
C PHE G 124 -42.68 14.08 1.06
N HIS G 125 -42.31 12.90 0.55
CA HIS G 125 -41.07 12.21 0.89
C HIS G 125 -39.88 13.12 0.59
N PRO G 126 -38.97 13.32 1.55
CA PRO G 126 -37.80 14.15 1.25
C PRO G 126 -36.95 13.62 0.11
N ARG G 127 -36.76 12.31 0.04
CA ARG G 127 -35.87 11.75 -0.97
C ARG G 127 -36.57 11.54 -2.29
N ASP G 128 -37.87 11.26 -2.27
CA ASP G 128 -38.60 10.99 -3.49
C ASP G 128 -39.70 12.01 -3.68
N PRO G 129 -39.59 12.83 -4.71
CA PRO G 129 -40.65 13.79 -4.96
C PRO G 129 -41.96 13.15 -5.38
N ASN G 130 -41.98 11.86 -5.74
CA ASN G 130 -43.25 11.29 -6.19
C ASN G 130 -44.10 10.69 -5.08
N LEU G 131 -43.54 10.56 -3.86
CA LEU G 131 -44.22 9.89 -2.75
C LEU G 131 -44.99 10.87 -1.87
N LEU G 132 -46.32 10.87 -2.02
CA LEU G 132 -47.21 11.75 -1.28
C LEU G 132 -47.97 10.99 -0.20
N LEU G 133 -47.93 11.49 1.03
CA LEU G 133 -48.60 10.87 2.17
C LEU G 133 -49.81 11.71 2.55
N SER G 134 -50.99 11.07 2.63
CA SER G 134 -52.19 11.76 3.06
C SER G 134 -52.67 11.17 4.38
N VAL G 135 -53.05 12.08 5.25
CA VAL G 135 -53.51 11.82 6.60
C VAL G 135 -54.99 12.16 6.61
N SER G 136 -55.83 11.32 7.20
CA SER G 136 -57.22 11.67 7.03
C SER G 136 -58.09 11.44 8.25
N LYS G 137 -59.26 12.05 8.22
CA LYS G 137 -60.23 11.88 9.30
C LYS G 137 -60.84 10.48 9.36
N ASP G 138 -60.73 9.65 8.23
CA ASP G 138 -61.15 8.19 8.21
C ASP G 138 -60.23 7.25 9.00
N HIS G 139 -59.30 7.85 9.74
CA HIS G 139 -58.39 7.19 10.68
C HIS G 139 -57.20 6.53 10.00
N ALA G 140 -57.01 6.80 8.71
CA ALA G 140 -56.03 6.13 7.88
C ALA G 140 -55.01 7.13 7.35
N LEU G 141 -53.79 6.63 7.14
CA LEU G 141 -52.80 7.33 6.33
C LEU G 141 -52.72 6.61 4.99
N ARG G 142 -52.61 7.37 3.90
CA ARG G 142 -52.42 6.79 2.57
C ARG G 142 -51.13 7.34 1.96
N LEU G 143 -50.35 6.43 1.33
CA LEU G 143 -49.09 6.75 0.65
C LEU G 143 -49.28 6.52 -0.84
N TRP G 144 -49.18 7.58 -1.61
CA TRP G 144 -49.47 7.53 -3.03
C TRP G 144 -48.18 7.69 -3.82
N ASN G 145 -48.13 7.05 -4.98
CA ASN G 145 -47.09 7.31 -5.96
C ASN G 145 -47.75 8.14 -7.04
N ILE G 146 -47.41 9.44 -7.11
CA ILE G 146 -48.08 10.32 -8.06
C ILE G 146 -47.57 10.18 -9.47
N GLN G 147 -46.46 9.46 -9.67
CA GLN G 147 -45.96 9.26 -11.02
C GLN G 147 -46.80 8.23 -11.77
N THR G 148 -47.06 7.08 -11.15
CA THR G 148 -47.85 6.00 -11.71
C THR G 148 -49.32 6.03 -11.32
N ASP G 149 -49.75 7.04 -10.55
CA ASP G 149 -51.14 7.15 -10.10
C ASP G 149 -51.57 5.91 -9.32
N THR G 150 -50.69 5.43 -8.46
CA THR G 150 -50.96 4.22 -7.71
C THR G 150 -51.05 4.52 -6.23
N LEU G 151 -51.88 3.74 -5.55
CA LEU G 151 -51.95 3.78 -4.09
C LEU G 151 -50.99 2.75 -3.51
N VAL G 152 -49.89 3.22 -2.91
CA VAL G 152 -48.88 2.29 -2.40
C VAL G 152 -49.35 1.61 -1.12
N ALA G 153 -49.80 2.38 -0.14
CA ALA G 153 -50.04 1.79 1.16
C ALA G 153 -51.13 2.54 1.90
N ILE G 154 -51.78 1.80 2.82
CA ILE G 154 -52.75 2.37 3.76
C ILE G 154 -52.31 2.02 5.16
N PHE G 155 -52.19 3.01 6.02
CA PHE G 155 -51.73 2.75 7.38
C PHE G 155 -52.94 2.89 8.29
N GLY G 156 -53.68 1.80 8.42
CA GLY G 156 -54.84 1.75 9.28
C GLY G 156 -55.30 0.31 9.38
N GLY G 157 -56.11 0.06 10.40
CA GLY G 157 -56.59 -1.28 10.60
C GLY G 157 -56.59 -1.60 12.07
N VAL G 158 -56.30 -2.84 12.42
CA VAL G 158 -56.55 -3.27 13.79
C VAL G 158 -55.76 -2.45 14.79
N GLU G 159 -54.53 -2.11 14.47
CA GLU G 159 -53.74 -1.25 15.32
C GLU G 159 -53.59 0.14 14.75
N GLY G 160 -54.38 0.48 13.73
CA GLY G 160 -54.36 1.81 13.22
C GLY G 160 -54.98 2.80 14.20
N HIS G 161 -55.05 4.05 13.76
CA HIS G 161 -55.67 5.05 14.61
C HIS G 161 -57.15 4.76 14.77
N ARG G 162 -57.67 5.13 15.95
CA ARG G 162 -59.07 4.97 16.32
C ARG G 162 -59.93 6.20 15.99
N ASP G 163 -59.35 7.40 15.91
CA ASP G 163 -60.12 8.56 15.45
C ASP G 163 -59.27 9.28 14.41
N GLU G 164 -59.66 10.52 14.08
CA GLU G 164 -59.00 11.28 13.02
C GLU G 164 -57.50 11.25 13.22
N VAL G 165 -56.78 11.06 12.12
CA VAL G 165 -55.35 11.29 12.09
C VAL G 165 -55.19 12.77 11.74
N LEU G 166 -54.52 13.52 12.60
CA LEU G 166 -54.40 14.97 12.47
C LEU G 166 -53.09 15.41 11.82
N SER G 167 -51.98 14.71 12.05
CA SER G 167 -50.70 15.13 11.52
C SER G 167 -49.80 13.92 11.27
N ALA G 168 -48.78 14.13 10.44
CA ALA G 168 -47.76 13.13 10.21
C ALA G 168 -46.52 13.83 9.66
N ASP G 169 -45.37 13.15 9.74
CA ASP G 169 -44.12 13.70 9.25
C ASP G 169 -43.15 12.59 8.93
N TYR G 170 -42.47 12.70 7.80
CA TYR G 170 -41.36 11.79 7.60
C TYR G 170 -40.19 12.22 8.49
N ASP G 171 -39.23 11.31 8.69
CA ASP G 171 -37.94 11.72 9.25
C ASP G 171 -37.07 12.32 8.13
N LEU G 172 -35.91 12.89 8.49
CA LEU G 172 -35.10 13.62 7.50
C LEU G 172 -34.79 12.77 6.29
N LEU G 173 -34.40 11.51 6.52
CA LEU G 173 -33.99 10.56 5.49
C LEU G 173 -35.17 9.88 4.79
N GLY G 174 -36.38 9.97 5.33
CA GLY G 174 -37.52 9.33 4.70
C GLY G 174 -37.63 7.84 4.94
N GLU G 175 -37.07 7.37 6.05
CA GLU G 175 -37.14 5.96 6.38
C GLU G 175 -38.30 5.60 7.29
N LYS G 176 -38.96 6.57 7.91
CA LYS G 176 -40.08 6.25 8.77
C LYS G 176 -41.03 7.44 8.85
N ILE G 177 -42.27 7.15 9.19
CA ILE G 177 -43.30 8.15 9.35
C ILE G 177 -43.69 8.16 10.82
N MET G 178 -43.98 9.31 11.36
CA MET G 178 -44.62 9.36 12.65
C MET G 178 -46.00 9.98 12.42
N SER G 179 -47.04 9.46 13.08
CA SER G 179 -48.37 10.02 12.89
C SER G 179 -49.03 10.27 14.25
N CYS G 180 -50.13 11.05 14.21
CA CYS G 180 -50.91 11.41 15.39
C CYS G 180 -52.33 11.78 14.99
N GLY G 181 -53.19 11.86 15.99
CA GLY G 181 -54.59 12.10 15.71
C GLY G 181 -55.41 12.30 16.96
N MET G 182 -56.73 12.27 16.77
CA MET G 182 -57.61 12.61 17.88
C MET G 182 -57.54 11.60 19.02
N ASP G 183 -57.21 10.33 18.73
CA ASP G 183 -57.23 9.25 19.68
C ASP G 183 -56.18 9.35 20.76
N HIS G 184 -55.43 10.46 20.78
CA HIS G 184 -54.41 10.79 21.78
C HIS G 184 -53.12 10.03 21.55
N SER G 185 -53.05 9.30 20.44
CA SER G 185 -51.97 8.36 20.20
C SER G 185 -51.03 8.84 19.10
N LEU G 186 -49.75 8.58 19.29
CA LEU G 186 -48.71 8.82 18.30
C LEU G 186 -48.22 7.46 17.78
N LYS G 187 -48.19 7.28 16.47
CA LYS G 187 -47.84 6.00 15.88
C LYS G 187 -46.70 6.12 14.89
N LEU G 188 -45.71 5.23 15.04
CA LEU G 188 -44.55 5.18 14.15
C LEU G 188 -44.72 4.08 13.11
N TRP G 189 -44.53 4.41 11.83
CA TRP G 189 -44.66 3.47 10.73
C TRP G 189 -43.37 3.52 9.91
N ARG G 190 -42.59 2.44 9.95
CA ARG G 190 -41.39 2.37 9.13
C ARG G 190 -41.75 2.05 7.69
N ILE G 191 -41.02 2.70 6.76
CA ILE G 191 -41.19 2.47 5.34
C ILE G 191 -39.88 2.07 4.66
N ASN G 192 -38.84 1.79 5.45
CA ASN G 192 -37.61 1.18 4.95
C ASN G 192 -37.59 -0.34 5.07
N SER G 193 -38.63 -0.97 5.62
CA SER G 193 -38.75 -2.42 5.69
C SER G 193 -38.88 -3.03 4.30
N LYS G 194 -38.50 -4.32 4.20
CA LYS G 194 -38.54 -5.01 2.91
C LYS G 194 -39.91 -4.89 2.27
N ARG G 195 -40.96 -5.19 3.04
CA ARG G 195 -42.32 -5.16 2.52
C ARG G 195 -42.63 -3.85 1.86
N MET G 196 -42.28 -2.75 2.52
CA MET G 196 -42.61 -1.43 2.00
C MET G 196 -41.66 -1.02 0.86
N MET G 197 -40.33 -1.15 1.05
CA MET G 197 -39.39 -0.78 -0.02
C MET G 197 -39.74 -1.52 -1.31
N ASN G 198 -40.17 -2.78 -1.16
CA ASN G 198 -40.64 -3.54 -2.31
C ASN G 198 -41.92 -2.94 -2.88
N ALA G 199 -42.85 -2.53 -2.00
CA ALA G 199 -44.14 -2.02 -2.45
C ALA G 199 -43.99 -0.77 -3.30
N ILE G 200 -43.12 0.13 -2.87
CA ILE G 200 -42.84 1.33 -3.65
C ILE G 200 -42.29 0.93 -5.02
N LYS G 201 -41.32 0.01 -5.04
CA LYS G 201 -40.72 -0.44 -6.28
C LYS G 201 -41.76 -1.04 -7.21
N GLU G 202 -42.67 -1.86 -6.67
CA GLU G 202 -43.70 -2.45 -7.51
C GLU G 202 -44.62 -1.37 -8.06
N SER G 203 -44.83 -0.31 -7.28
CA SER G 203 -45.72 0.79 -7.70
C SER G 203 -45.18 1.50 -8.93
N TYR G 204 -43.86 1.64 -9.01
CA TYR G 204 -43.28 2.25 -10.20
C TYR G 204 -43.47 1.38 -11.44
N ASP G 205 -43.29 0.06 -11.29
CA ASP G 205 -43.44 -0.84 -12.43
C ASP G 205 -44.88 -0.94 -12.88
N TYR G 206 -45.83 -0.56 -12.04
CA TYR G 206 -47.23 -0.74 -12.40
C TYR G 206 -47.63 0.20 -13.53
N ASN G 207 -48.32 -0.37 -14.51
CA ASN G 207 -48.92 0.27 -15.67
C ASN G 207 -50.30 -0.34 -15.91
N PRO G 208 -51.35 0.48 -15.94
CA PRO G 208 -52.71 -0.07 -16.14
C PRO G 208 -52.93 -0.69 -17.51
N ASN G 209 -52.23 -0.20 -18.54
CA ASN G 209 -52.37 -0.75 -19.88
C ASN G 209 -51.74 -2.13 -20.01
N LYS G 210 -50.74 -2.41 -19.18
CA LYS G 210 -50.01 -3.67 -19.28
C LYS G 210 -50.80 -4.84 -18.70
N THR G 211 -51.63 -4.59 -17.69
CA THR G 211 -52.34 -5.67 -17.01
C THR G 211 -53.79 -5.29 -16.70
N ASN G 212 -54.68 -6.29 -16.79
CA ASN G 212 -56.07 -6.10 -16.40
C ASN G 212 -56.27 -6.01 -14.87
N ARG G 213 -55.35 -6.55 -14.05
CA ARG G 213 -55.44 -6.48 -12.58
C ARG G 213 -55.19 -5.07 -12.08
N PRO G 214 -55.73 -4.72 -10.93
CA PRO G 214 -55.34 -3.47 -10.28
C PRO G 214 -54.05 -3.65 -9.50
N PHE G 215 -53.41 -2.54 -9.21
CA PHE G 215 -52.24 -2.57 -8.36
C PHE G 215 -52.67 -2.97 -6.95
N ILE G 216 -51.89 -3.83 -6.30
CA ILE G 216 -52.22 -4.32 -4.97
C ILE G 216 -51.52 -3.48 -3.92
N SER G 217 -52.32 -2.64 -3.26
CA SER G 217 -51.85 -1.70 -2.27
C SER G 217 -51.56 -2.43 -0.97
N GLN G 218 -50.45 -2.10 -0.34
CA GLN G 218 -50.19 -2.77 0.92
C GLN G 218 -51.09 -2.17 1.99
N LYS G 219 -51.51 -3.01 2.93
CA LYS G 219 -52.37 -2.57 4.02
C LYS G 219 -51.65 -2.84 5.32
N ILE G 220 -51.17 -1.79 5.96
CA ILE G 220 -50.43 -1.96 7.18
C ILE G 220 -51.38 -1.73 8.36
N HIS G 221 -51.71 -2.80 9.05
CA HIS G 221 -52.59 -2.69 10.19
C HIS G 221 -51.81 -2.48 11.49
N PHE G 222 -50.49 -2.62 11.45
CA PHE G 222 -49.67 -2.64 12.67
C PHE G 222 -48.51 -1.66 12.59
N PRO G 223 -48.47 -0.63 13.41
CA PRO G 223 -47.31 0.24 13.45
C PRO G 223 -46.16 -0.41 14.21
N ASP G 224 -44.97 0.10 13.94
CA ASP G 224 -43.80 -0.41 14.63
C ASP G 224 -43.64 0.18 16.02
N PHE G 225 -44.49 1.12 16.41
CA PHE G 225 -44.46 1.69 17.74
C PHE G 225 -45.73 2.49 17.89
N SER G 226 -46.18 2.63 19.13
CA SER G 226 -47.38 3.41 19.42
C SER G 226 -47.40 3.73 20.91
N THR G 227 -47.89 4.92 21.26
CA THR G 227 -47.98 5.30 22.65
C THR G 227 -49.12 6.27 22.82
N ARG G 228 -49.72 6.25 24.00
CA ARG G 228 -50.68 7.25 24.42
C ARG G 228 -50.28 7.87 25.75
N ASP G 229 -49.03 7.73 26.14
CA ASP G 229 -48.61 8.25 27.43
C ASP G 229 -47.97 9.62 27.32
N ILE G 230 -47.91 10.19 26.12
CA ILE G 230 -47.28 11.50 25.93
C ILE G 230 -48.25 12.62 26.23
N HIS G 231 -49.40 12.59 25.58
CA HIS G 231 -50.33 13.67 25.64
C HIS G 231 -51.63 13.21 26.28
N ARG G 232 -52.50 14.18 26.56
CA ARG G 232 -53.76 13.86 27.18
C ARG G 232 -54.96 14.31 26.35
N ASN G 233 -54.79 14.68 25.09
CA ASN G 233 -55.93 15.10 24.26
C ASN G 233 -55.49 15.02 22.80
N TYR G 234 -56.31 15.52 21.88
CA TYR G 234 -55.98 15.37 20.48
C TYR G 234 -54.56 15.90 20.26
N VAL G 235 -53.76 15.11 19.54
CA VAL G 235 -52.43 15.53 19.13
C VAL G 235 -52.56 15.99 17.68
N ASP G 236 -52.24 17.25 17.42
CA ASP G 236 -52.57 17.86 16.15
C ASP G 236 -51.36 18.28 15.31
N CYS G 237 -50.16 18.17 15.86
CA CYS G 237 -48.96 18.44 15.10
C CYS G 237 -47.84 17.58 15.68
N VAL G 238 -47.16 16.84 14.81
CA VAL G 238 -46.01 16.02 15.20
C VAL G 238 -44.94 16.25 14.15
N ARG G 239 -43.72 16.48 14.60
CA ARG G 239 -42.60 16.63 13.68
C ARG G 239 -41.43 15.83 14.20
N TRP G 240 -40.57 15.38 13.27
CA TRP G 240 -39.31 14.70 13.59
C TRP G 240 -38.15 15.68 13.74
N LEU G 241 -37.53 15.69 14.94
CA LEU G 241 -36.30 16.42 15.31
C LEU G 241 -35.18 15.40 15.46
N GLY G 242 -34.43 15.13 14.38
CA GLY G 242 -33.41 14.08 14.41
C GLY G 242 -34.04 12.70 14.63
N ASP G 243 -33.68 12.05 15.73
CA ASP G 243 -34.24 10.75 16.12
C ASP G 243 -35.30 10.92 17.20
N LEU G 244 -35.44 12.16 17.69
CA LEU G 244 -36.39 12.57 18.69
C LEU G 244 -37.70 13.04 18.02
N ILE G 245 -38.74 13.09 18.84
CA ILE G 245 -40.07 13.51 18.43
C ILE G 245 -40.44 14.81 19.13
N LEU G 246 -41.07 15.72 18.36
CA LEU G 246 -41.72 16.93 18.83
C LEU G 246 -43.20 16.81 18.47
N SER G 247 -44.06 16.91 19.48
CA SER G 247 -45.49 16.81 19.26
C SER G 247 -46.21 17.82 20.15
N LYS G 248 -47.37 18.31 19.67
CA LYS G 248 -48.14 19.34 20.35
C LYS G 248 -49.55 18.85 20.59
N SER G 249 -50.07 19.18 21.76
CA SER G 249 -51.44 18.91 22.15
C SER G 249 -51.83 20.11 23.00
N CYS G 250 -53.05 20.11 23.49
CA CYS G 250 -53.56 21.21 24.31
C CYS G 250 -53.03 21.14 25.74
N GLU G 251 -51.74 20.83 25.78
CA GLU G 251 -50.99 20.80 27.02
C GLU G 251 -50.22 22.08 27.30
N ASN G 252 -50.26 23.06 26.41
CA ASN G 252 -49.55 24.32 26.62
C ASN G 252 -48.04 24.08 26.56
N ALA G 253 -47.63 23.06 25.82
CA ALA G 253 -46.23 22.74 25.60
C ALA G 253 -46.09 21.87 24.35
N ILE G 254 -44.99 22.09 23.64
CA ILE G 254 -44.49 21.16 22.63
C ILE G 254 -43.55 20.21 23.37
N VAL G 255 -43.84 18.91 23.31
CA VAL G 255 -43.08 17.93 24.05
C VAL G 255 -42.08 17.27 23.11
N CYS G 256 -40.82 17.20 23.58
CA CYS G 256 -39.73 16.47 22.93
C CYS G 256 -39.52 15.16 23.68
N TRP G 257 -39.84 14.05 23.02
CA TRP G 257 -39.83 12.73 23.64
C TRP G 257 -39.20 11.73 22.71
N LYS G 258 -39.04 10.50 23.21
CA LYS G 258 -38.49 9.46 22.35
C LYS G 258 -39.07 8.12 22.75
N PRO G 259 -39.28 7.23 21.78
CA PRO G 259 -39.69 5.86 22.10
C PRO G 259 -38.59 5.12 22.84
N GLY G 260 -39.01 4.41 23.89
CA GLY G 260 -38.11 3.55 24.64
C GLY G 260 -37.57 4.24 25.87
N LYS G 261 -36.60 3.58 26.51
CA LYS G 261 -35.84 4.13 27.62
C LYS G 261 -34.85 5.20 27.13
N MET G 262 -34.20 5.85 28.11
CA MET G 262 -33.24 6.91 27.80
C MET G 262 -32.20 6.44 26.80
N GLU G 263 -31.77 5.19 26.93
CA GLU G 263 -30.67 4.68 26.12
C GLU G 263 -31.14 4.08 24.79
N ASP G 264 -32.41 3.68 24.70
CA ASP G 264 -32.86 2.83 23.59
C ASP G 264 -32.80 3.56 22.26
N ASP G 265 -32.19 2.91 21.26
CA ASP G 265 -32.08 3.37 19.89
C ASP G 265 -33.38 3.13 19.12
N ILE G 266 -33.72 4.05 18.22
CA ILE G 266 -35.02 4.07 17.54
C ILE G 266 -35.18 2.91 16.56
N ASP G 267 -34.10 2.39 15.97
CA ASP G 267 -34.19 1.32 14.98
C ASP G 267 -34.14 -0.07 15.62
N LYS G 268 -34.01 -0.13 16.95
CA LYS G 268 -34.01 -1.33 17.77
C LYS G 268 -35.29 -1.45 18.60
N ILE G 269 -36.29 -0.66 18.25
CA ILE G 269 -37.55 -0.58 18.98
C ILE G 269 -38.52 -1.60 18.39
N LYS G 270 -38.97 -2.50 19.21
CA LYS G 270 -39.95 -3.47 18.76
C LYS G 270 -41.35 -2.94 18.99
N PRO G 271 -42.30 -3.30 18.11
CA PRO G 271 -43.66 -2.77 18.26
C PRO G 271 -44.23 -2.94 19.65
N SER G 272 -43.81 -3.98 20.36
CA SER G 272 -44.28 -4.26 21.71
C SER G 272 -43.79 -3.26 22.74
N GLU G 273 -42.90 -2.32 22.39
CA GLU G 273 -42.27 -1.45 23.38
C GLU G 273 -43.33 -0.60 24.10
N SER G 274 -43.29 -0.59 25.44
CA SER G 274 -44.23 0.18 26.25
C SER G 274 -43.70 1.56 26.67
N ASN G 275 -42.38 1.73 26.71
CA ASN G 275 -41.81 2.86 27.39
C ASN G 275 -41.59 4.03 26.45
N VAL G 276 -41.76 5.23 27.02
CA VAL G 276 -41.42 6.51 26.41
C VAL G 276 -40.62 7.33 27.41
N THR G 277 -39.77 8.22 26.89
CA THR G 277 -38.97 9.13 27.69
C THR G 277 -39.17 10.56 27.21
N ILE G 278 -39.54 11.43 28.15
CA ILE G 278 -39.68 12.86 27.91
C ILE G 278 -38.34 13.53 28.16
N LEU G 279 -37.80 14.21 27.14
CA LEU G 279 -36.55 14.96 27.25
C LEU G 279 -36.79 16.41 27.67
N GLY G 280 -37.80 17.05 27.11
CA GLY G 280 -38.01 18.43 27.51
C GLY G 280 -39.32 18.92 26.94
N ARG G 281 -39.71 20.11 27.39
CA ARG G 281 -40.94 20.75 26.96
C ARG G 281 -40.67 22.16 26.48
N PHE G 282 -41.36 22.59 25.44
CA PHE G 282 -41.25 23.96 24.98
C PHE G 282 -42.57 24.59 25.38
N ASP G 283 -42.54 25.37 26.46
CA ASP G 283 -43.76 25.93 27.04
C ASP G 283 -44.29 27.11 26.22
N TYR G 284 -45.62 27.26 26.23
CA TYR G 284 -46.32 28.38 25.58
C TYR G 284 -47.63 28.59 26.32
N SER G 285 -48.45 29.52 25.82
CA SER G 285 -49.73 29.80 26.45
C SER G 285 -50.80 30.01 25.39
N GLN G 286 -52.03 29.85 25.83
CA GLN G 286 -53.20 30.25 25.05
C GLN G 286 -53.26 29.59 23.68
N CYS G 287 -52.95 28.29 23.62
CA CYS G 287 -53.25 27.48 22.44
C CYS G 287 -54.04 26.28 22.96
N ASP G 288 -55.35 26.48 23.12
CA ASP G 288 -56.31 25.52 23.66
C ASP G 288 -57.11 24.83 22.56
N ILE G 289 -57.02 25.28 21.33
CA ILE G 289 -57.75 24.69 20.25
C ILE G 289 -56.83 23.72 19.50
N TRP G 290 -57.43 22.71 18.89
CA TRP G 290 -56.66 21.77 18.08
C TRP G 290 -56.58 22.24 16.64
N TYR G 291 -55.74 21.56 15.86
CA TYR G 291 -55.46 21.94 14.47
C TYR G 291 -54.68 23.26 14.41
N MET G 292 -53.74 23.43 15.34
CA MET G 292 -52.81 24.57 15.35
C MET G 292 -51.41 24.01 15.13
N ARG G 293 -50.81 24.20 13.97
CA ARG G 293 -49.56 23.53 13.63
C ARG G 293 -48.33 24.39 13.94
N PHE G 294 -47.22 23.72 14.26
CA PHE G 294 -45.92 24.37 14.32
C PHE G 294 -45.02 23.90 13.18
N SER G 295 -43.99 24.68 12.92
CA SER G 295 -43.06 24.36 11.85
C SER G 295 -41.64 24.63 12.34
N MET G 296 -40.66 24.22 11.55
CA MET G 296 -39.26 24.54 11.79
C MET G 296 -38.66 25.02 10.49
N ASP G 297 -37.44 25.55 10.58
CA ASP G 297 -36.70 25.86 9.37
C ASP G 297 -35.98 24.61 8.86
N PHE G 298 -35.39 24.73 7.68
CA PHE G 298 -34.82 23.56 7.02
C PHE G 298 -33.71 22.93 7.85
N TRP G 299 -32.80 23.74 8.35
CA TRP G 299 -31.71 23.20 9.14
C TRP G 299 -32.14 22.84 10.56
N GLN G 300 -33.40 23.04 10.88
CA GLN G 300 -33.95 22.63 12.18
C GLN G 300 -33.20 23.30 13.34
N LYS G 301 -32.93 24.60 13.18
CA LYS G 301 -32.33 25.42 14.22
C LYS G 301 -33.34 26.29 14.96
N MET G 302 -34.47 26.63 14.32
CA MET G 302 -35.52 27.43 14.93
C MET G 302 -36.89 26.77 14.75
N LEU G 303 -37.70 26.89 15.81
CA LEU G 303 -39.04 26.30 15.91
C LEU G 303 -40.06 27.40 16.18
N ALA G 304 -41.21 27.37 15.47
CA ALA G 304 -42.19 28.45 15.51
C ALA G 304 -43.61 27.91 15.65
N LEU G 305 -44.37 28.47 16.60
CA LEU G 305 -45.76 28.09 16.84
C LEU G 305 -46.59 29.34 17.09
N GLY G 306 -47.68 29.50 16.33
CA GLY G 306 -48.64 30.55 16.62
C GLY G 306 -49.77 30.02 17.49
N ASN G 307 -50.26 30.87 18.39
CA ASN G 307 -51.37 30.48 19.24
C ASN G 307 -52.64 31.12 18.72
N GLN G 308 -53.70 30.96 19.48
CA GLN G 308 -55.05 31.33 19.07
C GLN G 308 -55.37 32.79 19.30
N VAL G 309 -54.47 33.54 19.94
CA VAL G 309 -54.68 34.96 20.18
C VAL G 309 -53.62 35.74 19.42
N GLY G 310 -53.15 35.19 18.31
CA GLY G 310 -52.24 35.90 17.42
C GLY G 310 -50.83 36.16 17.92
N LYS G 311 -50.36 35.36 18.86
CA LYS G 311 -48.99 35.49 19.37
C LYS G 311 -48.13 34.38 18.76
N LEU G 312 -46.98 34.78 18.22
CA LEU G 312 -46.00 33.90 17.57
C LEU G 312 -44.90 33.56 18.55
N TYR G 313 -44.55 32.29 18.60
CA TYR G 313 -43.51 31.81 19.48
C TYR G 313 -42.35 31.26 18.64
N VAL G 314 -41.14 31.63 19.02
CA VAL G 314 -39.96 31.15 18.35
C VAL G 314 -38.96 30.67 19.38
N TRP G 315 -38.38 29.50 19.14
CA TRP G 315 -37.42 28.88 20.03
C TRP G 315 -36.12 28.61 19.31
N ASP G 316 -35.02 28.65 20.07
CA ASP G 316 -33.72 28.27 19.54
C ASP G 316 -33.45 26.81 19.86
N LEU G 317 -33.31 26.00 18.81
CA LEU G 317 -33.17 24.55 18.95
C LEU G 317 -31.74 24.06 19.17
N GLU G 318 -30.76 24.96 19.29
CA GLU G 318 -29.50 24.63 19.97
C GLU G 318 -29.80 23.99 21.33
N VAL G 319 -28.99 23.01 21.68
CA VAL G 319 -29.51 21.95 22.53
C VAL G 319 -29.26 22.30 23.98
N GLU G 320 -29.01 23.57 24.25
CA GLU G 320 -28.46 23.89 25.57
C GLU G 320 -29.42 23.51 26.70
N ASP G 321 -30.68 23.97 26.63
CA ASP G 321 -31.46 23.90 27.86
C ASP G 321 -32.47 22.76 27.84
N PRO G 322 -33.27 22.64 26.84
CA PRO G 322 -33.94 23.52 25.89
C PRO G 322 -35.25 24.18 26.51
N HIS G 323 -35.77 23.56 27.58
CA HIS G 323 -37.14 23.78 28.10
C HIS G 323 -37.31 25.03 29.00
N LYS G 324 -36.40 25.29 29.96
CA LYS G 324 -36.57 26.42 30.88
C LYS G 324 -36.48 27.76 30.16
N ALA G 325 -35.57 27.89 29.21
CA ALA G 325 -35.30 29.18 28.55
C ALA G 325 -34.68 28.94 27.17
N LYS G 326 -34.93 29.80 26.18
CA LYS G 326 -35.81 30.98 26.23
C LYS G 326 -36.46 31.14 24.88
N CYS G 327 -37.69 31.64 24.86
CA CYS G 327 -38.39 31.81 23.60
C CYS G 327 -38.51 33.29 23.25
N THR G 328 -38.52 33.55 21.94
CA THR G 328 -38.75 34.87 21.39
C THR G 328 -40.21 34.95 20.97
N THR G 329 -40.94 35.92 21.53
CA THR G 329 -42.36 36.12 21.26
C THR G 329 -42.53 37.29 20.31
N LEU G 330 -43.30 37.07 19.25
CA LEU G 330 -43.54 38.06 18.20
C LEU G 330 -45.02 38.42 18.20
N THR G 331 -45.31 39.68 18.44
CA THR G 331 -46.68 40.12 18.56
C THR G 331 -46.88 41.38 17.76
N HIS G 332 -48.10 41.57 17.32
CA HIS G 332 -48.51 42.73 16.55
C HIS G 332 -49.84 43.23 17.10
N HIS G 333 -50.07 44.54 16.99
CA HIS G 333 -51.28 45.10 17.58
C HIS G 333 -52.51 44.92 16.68
N LYS G 334 -52.36 44.54 15.42
CA LYS G 334 -53.50 44.24 14.57
C LYS G 334 -53.66 42.75 14.29
N CYS G 335 -52.76 41.91 14.82
CA CYS G 335 -52.83 40.46 14.65
C CYS G 335 -53.43 39.86 15.90
N GLY G 336 -54.71 39.52 15.83
CA GLY G 336 -55.39 38.99 16.99
C GLY G 336 -56.07 37.66 16.79
N ALA G 337 -56.19 37.24 15.53
CA ALA G 337 -56.87 35.99 15.23
C ALA G 337 -55.94 34.82 15.51
N ALA G 338 -56.50 33.63 15.40
CA ALA G 338 -55.74 32.42 15.68
C ALA G 338 -54.79 32.14 14.52
N ILE G 339 -53.58 31.70 14.87
CA ILE G 339 -52.51 31.47 13.90
C ILE G 339 -52.45 29.98 13.58
N ARG G 340 -52.95 29.57 12.41
CA ARG G 340 -53.02 28.15 12.13
C ARG G 340 -51.64 27.54 11.90
N GLN G 341 -50.86 28.10 10.99
CA GLN G 341 -49.61 27.47 10.64
C GLN G 341 -48.57 28.53 10.33
N THR G 342 -47.32 28.18 10.53
CA THR G 342 -46.18 29.01 10.18
C THR G 342 -45.35 28.30 9.13
N SER G 343 -44.43 29.06 8.53
CA SER G 343 -43.57 28.55 7.47
C SER G 343 -42.33 29.44 7.37
N PHE G 344 -41.15 28.83 7.45
CA PHE G 344 -39.90 29.54 7.17
C PHE G 344 -39.56 29.37 5.69
N SER G 345 -38.83 30.33 5.16
CA SER G 345 -38.25 30.17 3.85
C SER G 345 -37.10 29.17 3.96
N ARG G 346 -36.50 28.78 2.83
CA ARG G 346 -35.42 27.79 2.90
C ARG G 346 -34.27 28.34 3.75
N ASP G 347 -33.81 29.54 3.42
CA ASP G 347 -32.99 30.26 4.38
C ASP G 347 -33.90 30.72 5.52
N SER G 348 -33.33 30.90 6.65
CA SER G 348 -34.31 31.26 7.67
C SER G 348 -34.75 32.79 7.63
N SER G 349 -34.56 33.47 6.50
CA SER G 349 -34.78 34.91 6.41
C SER G 349 -36.21 35.34 6.74
N ILE G 350 -37.22 34.69 6.16
CA ILE G 350 -38.62 35.11 6.27
C ILE G 350 -39.43 34.05 7.01
N LEU G 351 -40.43 34.49 7.80
CA LEU G 351 -41.30 33.59 8.57
C LEU G 351 -42.74 34.05 8.34
N ILE G 352 -43.50 33.33 7.53
CA ILE G 352 -44.89 33.65 7.24
C ILE G 352 -45.79 32.97 8.26
N ALA G 353 -46.90 33.63 8.61
CA ALA G 353 -47.92 33.06 9.49
C ALA G 353 -49.29 33.42 8.94
N VAL G 354 -50.22 32.47 8.99
CA VAL G 354 -51.56 32.67 8.45
C VAL G 354 -52.59 32.36 9.53
N CYS G 355 -53.76 32.98 9.39
CA CYS G 355 -54.66 33.17 10.51
C CYS G 355 -56.08 32.80 10.16
N ASP G 356 -56.88 32.68 11.22
CA ASP G 356 -58.27 32.36 11.09
C ASP G 356 -59.07 33.45 10.37
N ASP G 357 -58.57 34.69 10.37
CA ASP G 357 -59.26 35.83 9.77
C ASP G 357 -58.77 36.16 8.36
N ALA G 358 -58.14 35.21 7.68
CA ALA G 358 -57.66 35.33 6.31
C ALA G 358 -56.47 36.26 6.17
N SER G 359 -55.84 36.67 7.26
CA SER G 359 -54.67 37.52 7.17
C SER G 359 -53.40 36.68 7.05
N ILE G 360 -52.36 37.32 6.55
CA ILE G 360 -51.04 36.75 6.41
C ILE G 360 -50.06 37.73 7.04
N TRP G 361 -49.04 37.23 7.73
CA TRP G 361 -48.12 38.09 8.48
C TRP G 361 -46.69 37.69 8.14
N ARG G 362 -45.95 38.60 7.51
CA ARG G 362 -44.58 38.36 7.09
C ARG G 362 -43.61 38.92 8.14
N TRP G 363 -42.77 38.06 8.69
CA TRP G 363 -41.78 38.46 9.70
C TRP G 363 -40.40 38.12 9.17
N ASP G 364 -39.62 39.14 8.85
CA ASP G 364 -38.26 39.06 8.37
C ASP G 364 -37.33 39.11 9.58
N ARG G 365 -36.14 38.54 9.43
CA ARG G 365 -35.25 38.40 10.57
C ARG G 365 -34.15 39.44 10.51
N LEU G 366 -33.84 40.06 11.67
CA LEU G 366 -32.88 41.15 11.74
C LEU G 366 -31.46 40.62 11.80
N ARG G 367 -31.30 39.42 12.34
CA ARG G 367 -30.00 38.80 12.55
C ARG G 367 -29.20 39.64 13.55
N ASN H 6 -74.53 -0.88 -15.98
CA ASN H 6 -73.80 0.34 -16.33
C ASN H 6 -73.24 1.07 -15.11
N ARG H 7 -73.75 0.73 -13.92
CA ARG H 7 -73.25 1.28 -12.67
C ARG H 7 -71.75 1.08 -12.48
N LEU H 8 -71.10 2.06 -11.86
CA LEU H 8 -69.68 2.04 -11.56
C LEU H 8 -69.48 1.55 -10.13
N TYR H 9 -68.63 0.53 -9.98
CA TYR H 9 -68.30 -0.13 -8.72
C TYR H 9 -66.88 0.25 -8.28
N PHE H 10 -66.61 0.02 -7.00
CA PHE H 10 -65.37 0.41 -6.35
C PHE H 10 -64.83 -0.76 -5.54
N HIS H 11 -63.52 -0.73 -5.29
CA HIS H 11 -62.89 -1.71 -4.44
C HIS H 11 -63.32 -1.50 -3.00
N SER H 12 -63.39 -2.59 -2.23
CA SER H 12 -63.78 -2.45 -0.84
C SER H 12 -62.60 -2.03 0.02
N ASP H 13 -61.42 -2.57 -0.28
CA ASP H 13 -60.21 -2.29 0.50
C ASP H 13 -59.74 -0.87 0.30
N THR H 14 -59.85 -0.37 -0.94
CA THR H 14 -59.45 0.96 -1.39
C THR H 14 -60.62 1.58 -2.15
N CYS H 15 -60.84 2.85 -1.99
CA CYS H 15 -62.07 3.23 -2.65
C CYS H 15 -61.86 3.57 -4.11
N LEU H 16 -60.71 3.20 -4.69
CA LEU H 16 -60.49 3.43 -6.10
C LEU H 16 -61.49 2.60 -6.92
N PRO H 17 -62.03 3.15 -8.01
CA PRO H 17 -63.10 2.47 -8.75
C PRO H 17 -62.58 1.27 -9.54
N LEU H 18 -63.54 0.46 -9.97
CA LEU H 18 -63.30 -0.79 -10.70
C LEU H 18 -63.32 -0.52 -12.19
N ARG H 19 -62.20 -0.79 -12.85
CA ARG H 19 -62.19 -0.75 -14.30
C ARG H 19 -63.07 -1.91 -14.76
N PRO H 20 -63.79 -1.77 -15.88
CA PRO H 20 -64.63 -2.89 -16.33
C PRO H 20 -63.80 -4.10 -16.71
N GLN H 21 -62.53 -3.93 -17.08
CA GLN H 21 -61.64 -5.06 -17.29
C GLN H 21 -61.35 -5.83 -16.00
N GLU H 22 -61.27 -5.14 -14.86
CA GLU H 22 -61.00 -5.84 -13.59
C GLU H 22 -62.20 -6.68 -13.16
N MET H 23 -63.34 -6.52 -13.82
CA MET H 23 -64.48 -7.31 -13.39
C MET H 23 -64.99 -8.14 -14.60
N GLU H 24 -65.09 -9.47 -14.48
CA GLU H 24 -64.77 -10.33 -13.32
C GLU H 24 -65.70 -9.88 -12.11
N VAL H 25 -65.40 -10.08 -10.82
CA VAL H 25 -64.23 -10.76 -10.28
C VAL H 25 -64.51 -12.29 -10.31
N ASP H 26 -63.44 -13.07 -10.28
CA ASP H 26 -63.53 -14.52 -10.23
C ASP H 26 -64.40 -14.95 -9.04
N SER H 27 -65.19 -16.01 -9.24
CA SER H 27 -66.07 -16.52 -8.18
C SER H 27 -65.26 -17.07 -7.01
N GLU H 28 -64.15 -17.74 -7.31
CA GLU H 28 -63.30 -18.33 -6.28
C GLU H 28 -61.90 -17.72 -6.26
N ASP H 29 -61.42 -17.33 -5.08
CA ASP H 29 -62.16 -17.45 -3.82
C ASP H 29 -61.61 -16.43 -2.80
N GLU H 30 -62.40 -16.11 -1.79
CA GLU H 30 -61.95 -15.19 -0.75
C GLU H 30 -60.94 -15.90 0.15
N LYS H 31 -59.82 -15.23 0.42
CA LYS H 31 -58.81 -15.73 1.34
C LYS H 31 -58.92 -15.01 2.69
N ASP H 32 -58.62 -15.75 3.79
CA ASP H 32 -58.74 -15.23 5.17
C ASP H 32 -57.81 -14.02 5.33
N PRO H 33 -58.22 -12.96 6.02
CA PRO H 33 -57.37 -11.77 6.13
C PRO H 33 -55.98 -12.04 6.70
N GLU H 34 -55.00 -11.41 6.07
CA GLU H 34 -53.62 -11.61 6.49
C GLU H 34 -53.34 -10.93 7.83
N TRP H 35 -54.06 -9.83 8.15
CA TRP H 35 -53.86 -9.18 9.44
C TRP H 35 -54.15 -10.15 10.59
N LEU H 36 -55.13 -11.03 10.39
CA LEU H 36 -55.44 -12.10 11.33
C LEU H 36 -54.25 -13.04 11.50
N ARG H 37 -53.53 -13.32 10.41
CA ARG H 37 -52.36 -14.21 10.53
C ARG H 37 -51.24 -13.54 11.33
N GLU H 38 -50.94 -12.27 11.04
CA GLU H 38 -49.94 -11.60 11.85
C GLU H 38 -50.42 -11.43 13.28
N LYS H 39 -51.75 -11.24 13.45
CA LYS H 39 -52.31 -11.05 14.77
C LYS H 39 -52.04 -12.25 15.66
N THR H 40 -52.29 -13.45 15.15
CA THR H 40 -52.11 -14.62 16.00
C THR H 40 -50.63 -14.83 16.31
N ILE H 41 -49.75 -14.57 15.34
CA ILE H 41 -48.32 -14.74 15.56
C ILE H 41 -47.86 -13.85 16.70
N THR H 42 -48.20 -12.55 16.62
CA THR H 42 -47.82 -11.58 17.63
C THR H 42 -48.55 -11.81 18.95
N GLN H 43 -49.70 -12.50 18.93
CA GLN H 43 -50.42 -12.81 20.17
C GLN H 43 -49.89 -14.05 20.86
N ILE H 44 -49.42 -15.04 20.11
CA ILE H 44 -48.80 -16.20 20.73
C ILE H 44 -47.49 -15.80 21.41
N GLU H 45 -46.66 -15.03 20.70
CA GLU H 45 -45.37 -14.57 21.22
C GLU H 45 -45.52 -13.79 22.51
N GLU H 46 -46.63 -13.05 22.65
CA GLU H 46 -46.87 -12.20 23.82
C GLU H 46 -46.89 -13.00 25.12
N PHE H 47 -47.16 -14.32 25.05
CA PHE H 47 -47.31 -15.13 26.26
C PHE H 47 -46.02 -15.13 27.08
N SER H 48 -46.14 -14.63 28.30
CA SER H 48 -45.03 -14.61 29.23
C SER H 48 -44.59 -16.01 29.70
N ASP H 49 -45.54 -16.92 29.96
CA ASP H 49 -45.18 -18.22 30.53
C ASP H 49 -45.20 -19.41 29.57
N VAL H 50 -45.46 -19.19 28.29
CA VAL H 50 -45.46 -20.28 27.35
C VAL H 50 -44.09 -20.30 26.67
N ASN H 51 -43.51 -21.48 26.58
CA ASN H 51 -42.18 -21.64 26.00
C ASN H 51 -42.13 -21.34 24.50
N GLU H 52 -40.93 -21.05 23.99
CA GLU H 52 -40.82 -20.75 22.55
C GLU H 52 -41.08 -21.98 21.68
N GLY H 53 -40.43 -23.10 21.98
CA GLY H 53 -40.99 -24.44 21.76
C GLY H 53 -42.51 -24.52 21.68
N GLU H 54 -43.18 -24.13 22.76
CA GLU H 54 -44.62 -24.10 22.78
C GLU H 54 -45.15 -22.93 21.95
N LYS H 55 -44.53 -21.73 22.04
CA LYS H 55 -45.06 -20.66 21.21
C LYS H 55 -44.99 -21.04 19.74
N GLU H 56 -43.83 -21.53 19.29
CA GLU H 56 -43.61 -21.79 17.86
C GLU H 56 -44.50 -22.88 17.31
N VAL H 57 -44.70 -23.95 18.10
CA VAL H 57 -45.55 -25.04 17.66
C VAL H 57 -47.00 -24.57 17.55
N MET H 58 -47.46 -23.78 18.54
CA MET H 58 -48.83 -23.26 18.52
C MET H 58 -49.04 -22.38 17.31
N LYS H 59 -48.08 -21.49 17.01
CA LYS H 59 -48.22 -20.56 15.88
C LYS H 59 -48.33 -21.31 14.55
N LEU H 60 -47.51 -22.35 14.37
CA LEU H 60 -47.59 -23.14 13.16
C LEU H 60 -48.96 -23.80 13.04
N TRP H 61 -49.47 -24.38 14.15
CA TRP H 61 -50.76 -25.03 14.08
C TRP H 61 -51.86 -24.01 13.75
N ASN H 62 -51.90 -22.89 14.47
CA ASN H 62 -52.91 -21.88 14.23
C ASN H 62 -52.95 -21.43 12.76
N LEU H 63 -51.79 -21.20 12.16
CA LEU H 63 -51.75 -20.80 10.75
C LEU H 63 -52.32 -21.87 9.83
N HIS H 64 -52.12 -23.15 10.17
CA HIS H 64 -52.53 -24.20 9.25
C HIS H 64 -54.05 -24.29 9.13
N VAL H 65 -54.75 -24.31 10.28
CA VAL H 65 -56.22 -24.43 10.26
C VAL H 65 -56.87 -23.16 9.71
N MET H 66 -56.27 -21.99 9.99
CA MET H 66 -56.67 -20.71 9.38
C MET H 66 -56.57 -20.77 7.87
N LYS H 67 -55.54 -21.42 7.35
CA LYS H 67 -55.35 -21.48 5.92
C LYS H 67 -56.42 -22.33 5.25
N HIS H 68 -56.77 -23.51 5.85
CA HIS H 68 -57.70 -24.44 5.22
C HIS H 68 -59.14 -24.33 5.73
N GLY H 69 -59.37 -23.67 6.88
CA GLY H 69 -60.73 -23.50 7.40
C GLY H 69 -61.47 -24.77 7.82
N PHE H 70 -60.89 -25.50 8.76
CA PHE H 70 -61.49 -26.73 9.23
C PHE H 70 -62.68 -26.45 10.13
N ILE H 71 -63.83 -27.04 9.78
CA ILE H 71 -65.03 -26.88 10.57
C ILE H 71 -65.24 -28.10 11.47
N ALA H 72 -65.10 -29.29 10.88
CA ALA H 72 -65.58 -30.51 11.51
C ALA H 72 -64.58 -31.06 12.51
N ASP H 73 -65.08 -31.93 13.39
CA ASP H 73 -64.17 -32.72 14.22
C ASP H 73 -63.42 -33.75 13.37
N ASN H 74 -64.13 -34.40 12.44
CA ASN H 74 -63.49 -35.46 11.69
C ASN H 74 -62.36 -34.95 10.81
N GLN H 75 -62.37 -33.68 10.44
CA GLN H 75 -61.27 -33.19 9.62
C GLN H 75 -59.93 -33.27 10.32
N MET H 76 -59.91 -33.35 11.63
CA MET H 76 -58.67 -33.18 12.36
C MET H 76 -57.67 -34.30 12.12
N ASN H 77 -58.11 -35.49 11.68
CA ASN H 77 -57.15 -36.51 11.27
C ASN H 77 -56.48 -36.12 9.95
N HIS H 78 -57.30 -35.87 8.92
CA HIS H 78 -56.79 -35.34 7.65
C HIS H 78 -55.96 -34.08 7.86
N ALA H 79 -56.31 -33.28 8.85
CA ALA H 79 -55.58 -32.04 9.12
C ALA H 79 -54.21 -32.33 9.75
N CYS H 80 -54.13 -33.27 10.69
CA CYS H 80 -52.80 -33.59 11.21
C CYS H 80 -51.93 -34.21 10.14
N MET H 81 -52.54 -34.85 9.14
CA MET H 81 -51.74 -35.36 8.05
C MET H 81 -51.23 -34.22 7.19
N LEU H 82 -52.11 -33.30 6.81
CA LEU H 82 -51.68 -32.16 6.00
C LEU H 82 -50.65 -31.31 6.73
N PHE H 83 -50.78 -31.22 8.05
CA PHE H 83 -49.86 -30.38 8.80
C PHE H 83 -48.44 -30.90 8.79
N VAL H 84 -48.21 -32.17 8.47
CA VAL H 84 -46.82 -32.60 8.27
C VAL H 84 -46.45 -32.55 6.79
N GLU H 85 -47.41 -32.77 5.89
CA GLU H 85 -47.11 -32.65 4.47
C GLU H 85 -46.59 -31.27 4.11
N ASN H 86 -47.12 -30.26 4.78
CA ASN H 86 -46.90 -28.87 4.46
C ASN H 86 -45.92 -28.16 5.37
N TYR H 87 -46.16 -28.22 6.66
CA TYR H 87 -45.38 -27.51 7.63
C TYR H 87 -44.38 -28.45 8.27
N GLY H 88 -44.39 -29.72 7.88
CA GLY H 88 -43.52 -30.70 8.50
C GLY H 88 -42.06 -30.43 8.18
N GLN H 89 -41.79 -30.04 6.94
CA GLN H 89 -40.44 -29.68 6.54
C GLN H 89 -39.88 -28.60 7.48
N LYS H 90 -40.69 -27.56 7.76
CA LYS H 90 -40.26 -26.45 8.62
C LYS H 90 -40.09 -26.87 10.09
N ILE H 91 -40.82 -27.90 10.54
CA ILE H 91 -40.72 -28.33 11.93
C ILE H 91 -39.34 -28.92 12.22
N ILE H 92 -38.80 -29.69 11.27
CA ILE H 92 -37.50 -30.31 11.48
C ILE H 92 -36.41 -29.26 11.55
N LYS H 93 -36.51 -28.24 10.69
CA LYS H 93 -35.52 -27.16 10.64
C LYS H 93 -35.41 -26.47 11.99
N LYS H 94 -36.51 -26.31 12.71
CA LYS H 94 -36.46 -25.64 14.00
C LYS H 94 -36.41 -26.59 15.19
N ASN H 95 -36.31 -27.90 14.94
CA ASN H 95 -36.27 -29.00 15.94
C ASN H 95 -37.44 -28.89 16.91
N LEU H 96 -38.64 -28.81 16.34
CA LEU H 96 -39.87 -28.87 17.10
C LEU H 96 -40.51 -30.26 17.06
N CYS H 97 -39.71 -31.29 16.79
CA CYS H 97 -40.29 -32.63 16.58
C CYS H 97 -41.02 -33.16 17.81
N ARG H 98 -40.46 -32.97 19.02
CA ARG H 98 -41.14 -33.51 20.21
C ARG H 98 -42.29 -32.61 20.69
N ASN H 99 -42.15 -31.29 20.53
CA ASN H 99 -43.28 -30.42 20.80
C ASN H 99 -44.42 -30.69 19.84
N PHE H 100 -44.10 -31.02 18.59
CA PHE H 100 -45.17 -31.41 17.69
C PHE H 100 -45.84 -32.69 18.15
N MET H 101 -45.06 -33.62 18.71
CA MET H 101 -45.64 -34.81 19.32
C MET H 101 -46.52 -34.44 20.50
N LEU H 102 -46.04 -33.57 21.38
CA LEU H 102 -46.88 -33.11 22.47
C LEU H 102 -48.19 -32.56 21.93
N HIS H 103 -48.10 -31.79 20.85
CA HIS H 103 -49.31 -31.30 20.19
C HIS H 103 -50.20 -32.45 19.75
N LEU H 104 -49.61 -33.50 19.15
CA LEU H 104 -50.39 -34.66 18.73
C LEU H 104 -51.09 -35.34 19.91
N VAL H 105 -50.40 -35.46 21.04
CA VAL H 105 -51.02 -36.07 22.22
C VAL H 105 -52.16 -35.22 22.73
N SER H 106 -51.92 -33.90 22.85
CA SER H 106 -52.97 -32.97 23.24
C SER H 106 -54.17 -33.12 22.31
N MET H 107 -53.94 -33.06 20.99
CA MET H 107 -55.03 -33.26 20.05
C MET H 107 -55.75 -34.57 20.31
N HIS H 108 -55.00 -35.60 20.69
CA HIS H 108 -55.60 -36.87 21.04
C HIS H 108 -56.32 -36.75 22.37
N ASP H 109 -55.78 -36.02 23.33
CA ASP H 109 -56.56 -35.84 24.53
C ASP H 109 -57.86 -35.13 24.19
N PHE H 110 -57.80 -34.07 23.42
CA PHE H 110 -59.06 -33.37 23.15
C PHE H 110 -60.06 -34.24 22.34
N ASN H 111 -59.74 -35.52 22.05
CA ASN H 111 -60.60 -36.50 21.40
C ASN H 111 -60.76 -36.25 19.91
N LEU H 112 -59.88 -35.43 19.32
CA LEU H 112 -60.02 -35.05 17.92
C LEU H 112 -59.44 -36.09 16.95
N ILE H 113 -58.36 -36.76 17.33
CA ILE H 113 -57.68 -37.70 16.45
C ILE H 113 -57.68 -39.10 17.05
N SER H 114 -57.77 -40.08 16.18
CA SER H 114 -57.55 -41.44 16.59
C SER H 114 -56.08 -41.64 16.96
N ILE H 115 -55.82 -42.65 17.80
CA ILE H 115 -54.45 -42.92 18.22
C ILE H 115 -53.66 -43.52 17.07
N MET H 116 -54.34 -44.17 16.13
CA MET H 116 -53.69 -44.70 14.95
C MET H 116 -53.11 -43.61 14.05
N SER H 117 -53.44 -42.34 14.30
CA SER H 117 -52.87 -41.21 13.58
C SER H 117 -51.71 -40.52 14.29
N ILE H 118 -51.51 -40.70 15.59
CA ILE H 118 -50.28 -40.21 16.17
C ILE H 118 -49.08 -40.95 15.58
N ASP H 119 -49.14 -42.28 15.60
CA ASP H 119 -48.05 -43.07 15.01
C ASP H 119 -47.89 -42.77 13.54
N LYS H 120 -49.00 -42.71 12.79
CA LYS H 120 -48.95 -42.45 11.36
C LYS H 120 -48.40 -41.08 11.01
N ALA H 121 -48.50 -40.09 11.90
CA ALA H 121 -47.99 -38.75 11.66
C ALA H 121 -46.51 -38.66 12.00
N VAL H 122 -46.11 -39.14 13.17
CA VAL H 122 -44.68 -39.20 13.50
C VAL H 122 -43.93 -40.11 12.52
N THR H 123 -44.60 -41.13 11.97
CA THR H 123 -44.01 -41.97 10.94
C THR H 123 -43.72 -41.13 9.69
N LYS H 124 -44.71 -40.38 9.24
CA LYS H 124 -44.52 -39.51 8.10
C LYS H 124 -43.49 -38.41 8.38
N LEU H 125 -43.45 -37.87 9.61
CA LEU H 125 -42.49 -36.81 9.93
C LEU H 125 -41.06 -37.32 9.86
N ARG H 126 -40.80 -38.50 10.42
CA ARG H 126 -39.47 -39.08 10.40
C ARG H 126 -39.10 -39.70 9.04
N GLU H 127 -40.09 -40.00 8.18
CA GLU H 127 -39.82 -40.50 6.82
C GLU H 127 -39.25 -39.42 5.91
N MET H 128 -39.52 -38.15 6.22
CA MET H 128 -38.91 -37.03 5.53
C MET H 128 -37.68 -36.49 6.27
N GLN H 129 -37.31 -37.08 7.41
CA GLN H 129 -36.00 -36.76 8.00
C GLN H 129 -34.88 -37.36 7.16
N THR I 2 -77.04 4.06 25.86
CA THR I 2 -78.07 3.33 26.60
C THR I 2 -79.51 3.79 26.24
N LYS I 3 -80.22 3.01 25.42
CA LYS I 3 -79.73 1.79 24.79
C LYS I 3 -79.55 2.01 23.30
N ALA I 4 -78.37 1.67 22.83
CA ALA I 4 -78.01 1.93 21.46
C ALA I 4 -78.83 1.13 20.46
N ALA I 5 -79.10 1.76 19.31
CA ALA I 5 -79.83 1.12 18.22
C ALA I 5 -79.10 -0.13 17.70
N ARG I 6 -79.85 -1.22 17.52
CA ARG I 6 -79.29 -2.47 17.02
C ARG I 6 -80.25 -3.11 16.03
N MET I 7 -79.71 -3.81 15.05
CA MET I 7 -80.53 -4.63 14.17
C MET I 7 -80.88 -5.94 14.88
N SER I 8 -82.00 -6.53 14.49
CA SER I 8 -82.40 -7.82 15.07
C SER I 8 -83.03 -8.74 14.04
N ALA I 9 -83.12 -10.03 14.38
CA ALA I 9 -83.70 -11.05 13.52
C ALA I 9 -84.97 -11.63 14.15
N PRO I 10 -85.95 -12.01 13.33
CA PRO I 10 -87.23 -12.60 13.74
C PRO I 10 -87.14 -13.91 14.54
N LEU J 2 -59.61 19.10 31.42
CA LEU J 2 -60.74 18.25 31.80
C LEU J 2 -61.92 18.45 30.85
N GLN J 3 -61.65 19.12 29.71
CA GLN J 3 -62.68 19.52 28.76
C GLN J 3 -62.39 19.02 27.34
N ALA J 4 -63.47 18.95 26.54
CA ALA J 4 -63.46 18.57 25.14
C ALA J 4 -62.95 19.72 24.28
N GLN J 5 -62.12 19.36 23.31
CA GLN J 5 -61.37 20.26 22.46
C GLN J 5 -62.19 20.83 21.32
N ARG J 6 -62.03 22.15 21.10
CA ARG J 6 -62.72 22.93 20.04
C ARG J 6 -61.66 23.33 19.05
N M3L J 7 -62.00 23.32 17.76
CA M3L J 7 -61.08 23.70 16.70
CB M3L J 7 -61.52 23.36 15.27
CG M3L J 7 -60.37 23.15 14.30
CD M3L J 7 -60.96 22.83 12.93
CE M3L J 7 -59.93 22.30 11.93
NZ M3L J 7 -60.43 21.78 10.57
C M3L J 7 -60.91 25.18 16.62
O M3L J 7 -59.85 25.74 16.37
CM1 M3L J 7 -59.41 21.73 9.50
CM2 M3L J 7 -61.43 22.70 9.96
CM3 M3L J 7 -61.03 20.41 10.77
N PHE J 8 -62.03 25.85 16.80
CA PHE J 8 -62.05 27.29 16.70
C PHE J 8 -62.19 28.06 18.01
N ALA J 9 -61.76 29.32 18.02
CA ALA J 9 -61.94 30.15 19.20
C ALA J 9 -63.41 30.63 19.30
N GLN J 10 -63.83 31.02 20.52
CA GLN J 10 -65.24 31.39 20.73
C GLN J 10 -65.67 32.53 19.84
N SER J 11 -64.87 33.60 19.82
CA SER J 11 -65.09 34.82 19.04
C SER J 11 -64.11 35.94 19.45
N LYS K 10 75.17 -2.91 -58.11
CA LYS K 10 76.58 -2.55 -58.17
C LYS K 10 77.22 -2.68 -56.78
N GLY K 11 78.14 -1.76 -56.42
CA GLY K 11 78.62 -1.64 -55.03
C GLY K 11 77.73 -1.38 -53.97
N PRO K 12 76.63 -0.54 -54.06
CA PRO K 12 75.87 0.10 -52.99
C PRO K 12 75.14 -0.71 -51.82
N VAL K 13 75.05 -2.05 -52.07
CA VAL K 13 74.38 -2.85 -51.06
C VAL K 13 75.35 -3.44 -50.08
N CYS K 14 76.65 -3.27 -50.27
CA CYS K 14 77.68 -3.83 -49.40
C CYS K 14 77.66 -3.23 -47.99
N TRP K 15 77.32 -1.95 -47.87
CA TRP K 15 77.23 -1.30 -46.58
C TRP K 15 76.09 -1.83 -45.72
N ARG K 16 74.89 -1.88 -46.28
CA ARG K 16 73.74 -2.30 -45.47
C ARG K 16 73.90 -3.73 -44.95
N LYS K 17 74.43 -4.64 -45.78
CA LYS K 17 74.63 -6.02 -45.33
C LYS K 17 75.67 -6.09 -44.23
N ARG K 18 76.74 -5.30 -44.38
CA ARG K 18 77.75 -5.17 -43.32
C ARG K 18 77.12 -4.70 -42.00
N VAL K 19 76.30 -3.64 -42.05
CA VAL K 19 75.66 -3.15 -40.83
C VAL K 19 74.79 -4.24 -40.20
N LYS K 20 74.04 -4.97 -41.02
CA LYS K 20 73.16 -5.99 -40.47
C LYS K 20 73.95 -7.06 -39.73
N SER K 21 75.03 -7.58 -40.34
CA SER K 21 75.81 -8.65 -39.70
C SER K 21 76.52 -8.17 -38.44
N GLU K 22 77.08 -6.96 -38.48
CA GLU K 22 77.74 -6.38 -37.32
C GLU K 22 76.76 -6.20 -36.16
N TYR K 23 75.55 -5.76 -36.49
CA TYR K 23 74.50 -5.55 -35.50
C TYR K 23 74.10 -6.86 -34.82
N MET K 24 74.03 -7.95 -35.57
CA MET K 24 73.67 -9.23 -34.97
C MET K 24 74.68 -9.60 -33.90
N ARG K 25 75.96 -9.30 -34.16
CA ARG K 25 77.03 -9.59 -33.25
C ARG K 25 76.93 -8.74 -31.98
N LEU K 26 76.60 -7.45 -32.11
CA LEU K 26 76.52 -6.56 -30.95
C LEU K 26 75.46 -7.00 -29.94
N ARG K 27 74.26 -7.35 -30.42
CA ARG K 27 73.20 -7.81 -29.54
C ARG K 27 73.54 -9.15 -28.88
N GLN K 28 74.16 -10.07 -29.63
CA GLN K 28 74.49 -11.38 -29.08
C GLN K 28 75.61 -11.28 -28.03
N LEU K 29 76.56 -10.37 -28.26
CA LEU K 29 77.64 -10.13 -27.30
C LEU K 29 77.12 -9.53 -26.01
N LYS K 30 76.15 -8.63 -26.11
CA LYS K 30 75.54 -8.01 -24.94
C LYS K 30 74.77 -9.02 -24.08
N ARG K 31 73.99 -9.92 -24.69
CA ARG K 31 73.26 -10.90 -23.88
C ARG K 31 74.22 -11.80 -23.13
N PHE K 32 75.37 -12.11 -23.73
CA PHE K 32 76.48 -12.71 -23.00
C PHE K 32 76.93 -11.82 -21.83
N ARG K 33 77.31 -10.58 -22.12
CA ARG K 33 77.72 -9.64 -21.08
C ARG K 33 76.67 -9.52 -19.98
N ARG K 34 75.44 -9.16 -20.37
CA ARG K 34 74.41 -8.86 -19.37
C ARG K 34 73.97 -10.06 -18.58
N ALA K 35 74.02 -11.27 -19.15
CA ALA K 35 73.38 -12.45 -18.57
C ALA K 35 73.57 -12.59 -17.05
N ASP K 36 74.80 -12.35 -16.56
CA ASP K 36 75.02 -12.36 -15.11
C ASP K 36 74.20 -11.29 -14.39
N GLU K 37 74.13 -10.09 -14.97
CA GLU K 37 73.41 -8.99 -14.33
C GLU K 37 71.90 -9.21 -14.40
N VAL K 38 71.39 -9.68 -15.55
CA VAL K 38 69.94 -9.83 -15.73
C VAL K 38 69.37 -10.86 -14.77
N LYS K 39 70.04 -12.01 -14.61
CA LYS K 39 69.51 -13.02 -13.70
C LYS K 39 69.58 -12.55 -12.25
N SER K 40 70.59 -11.75 -11.91
CA SER K 40 70.64 -11.18 -10.57
C SER K 40 69.50 -10.17 -10.35
N MET K 41 69.05 -9.47 -11.39
CA MET K 41 67.90 -8.57 -11.27
C MET K 41 66.61 -9.36 -11.15
N PHE K 42 66.47 -10.44 -11.92
CA PHE K 42 65.29 -11.28 -11.82
C PHE K 42 65.10 -11.79 -10.40
N SER K 43 66.17 -12.28 -9.78
CA SER K 43 66.09 -12.69 -8.38
C SER K 43 65.81 -11.50 -7.47
N SER K 44 66.53 -10.39 -7.67
CA SER K 44 66.30 -9.21 -6.86
C SER K 44 64.86 -8.73 -6.99
N ASN K 45 64.33 -8.76 -8.21
CA ASN K 45 62.92 -8.47 -8.44
C ASN K 45 62.03 -9.53 -7.81
N ARG K 46 62.43 -10.80 -7.91
CA ARG K 46 61.62 -11.87 -7.34
C ARG K 46 61.42 -11.64 -5.85
N GLN K 47 62.45 -11.11 -5.18
CA GLN K 47 62.33 -10.82 -3.76
C GLN K 47 61.26 -9.77 -3.48
N LYS K 48 61.20 -8.74 -4.33
CA LYS K 48 60.19 -7.69 -4.14
C LYS K 48 58.79 -8.25 -4.33
N ILE K 49 58.61 -9.11 -5.33
CA ILE K 49 57.30 -9.69 -5.59
C ILE K 49 56.82 -10.45 -4.37
N LEU K 50 57.69 -11.31 -3.83
CA LEU K 50 57.31 -12.12 -2.69
C LEU K 50 56.84 -11.27 -1.52
N GLU K 51 57.61 -10.25 -1.16
CA GLU K 51 57.26 -9.38 -0.03
C GLU K 51 55.93 -8.66 -0.25
N ARG K 52 55.75 -8.08 -1.43
CA ARG K 52 54.54 -7.30 -1.65
C ARG K 52 53.34 -8.21 -1.82
N THR K 53 53.47 -9.26 -2.62
CA THR K 53 52.37 -10.19 -2.76
C THR K 53 51.95 -10.75 -1.40
N GLU K 54 52.92 -10.89 -0.47
CA GLU K 54 52.59 -11.31 0.90
C GLU K 54 51.71 -10.28 1.58
N ILE K 55 52.04 -9.00 1.41
CA ILE K 55 51.21 -7.95 2.01
C ILE K 55 49.79 -8.08 1.51
N LEU K 56 49.62 -8.26 0.21
CA LEU K 56 48.28 -8.39 -0.35
C LEU K 56 47.57 -9.60 0.23
N ASN K 57 48.30 -10.69 0.40
CA ASN K 57 47.71 -11.92 0.91
C ASN K 57 47.23 -11.76 2.35
N GLN K 58 48.02 -11.09 3.19
CA GLN K 58 47.58 -10.80 4.55
C GLN K 58 46.27 -10.02 4.55
N GLU K 59 46.21 -8.96 3.72
CA GLU K 59 45.01 -8.14 3.65
C GLU K 59 43.81 -8.96 3.22
N TRP K 60 44.03 -9.99 2.41
CA TRP K 60 42.94 -10.86 1.99
C TRP K 60 42.42 -11.70 3.14
N LYS K 61 43.33 -12.12 4.03
CA LYS K 61 42.92 -12.99 5.12
C LYS K 61 41.89 -12.32 6.03
N GLN K 62 41.98 -10.99 6.19
CA GLN K 62 41.09 -10.32 7.13
C GLN K 62 39.66 -10.27 6.60
N ARG K 63 39.52 -10.17 5.29
CA ARG K 63 38.22 -9.97 4.65
C ARG K 63 37.44 -11.27 4.49
N ARG K 64 36.12 -11.22 4.69
CA ARG K 64 35.22 -12.38 4.51
C ARG K 64 34.11 -12.03 3.52
N ILE K 65 34.17 -12.58 2.30
CA ILE K 65 33.45 -11.90 1.22
C ILE K 65 32.01 -12.39 1.02
N GLN K 66 31.67 -13.55 1.60
CA GLN K 66 30.33 -14.09 1.43
C GLN K 66 30.04 -14.59 -0.01
N PRO K 67 31.00 -14.71 -0.93
CA PRO K 67 30.48 -15.16 -2.22
C PRO K 67 30.13 -16.65 -2.20
N VAL K 68 29.20 -17.15 -3.00
CA VAL K 68 28.30 -16.58 -4.04
C VAL K 68 27.41 -17.79 -4.18
N HIS K 69 26.18 -17.63 -4.63
CA HIS K 69 25.26 -18.74 -4.74
C HIS K 69 24.45 -18.63 -6.02
N ILE K 70 23.85 -19.75 -6.43
CA ILE K 70 22.96 -19.72 -7.59
C ILE K 70 21.76 -18.84 -7.29
N LEU K 71 21.17 -18.33 -8.39
CA LEU K 71 20.16 -17.29 -8.36
C LEU K 71 18.86 -17.86 -7.86
N THR K 72 18.19 -17.11 -7.00
CA THR K 72 16.82 -17.47 -6.70
C THR K 72 15.86 -16.33 -7.17
N SER K 73 14.85 -16.54 -8.04
CA SER K 73 14.24 -17.80 -8.60
C SER K 73 13.31 -18.38 -7.54
N VAL K 74 13.05 -17.57 -6.49
CA VAL K 74 12.07 -17.94 -5.46
C VAL K 74 10.69 -18.13 -6.09
N SER K 75 10.32 -17.23 -7.00
CA SER K 75 9.01 -17.15 -7.59
C SER K 75 9.16 -16.71 -9.05
N SER K 76 8.28 -17.24 -9.90
CA SER K 76 8.17 -16.88 -11.32
C SER K 76 9.29 -17.50 -12.16
N LEU K 77 9.62 -18.75 -11.83
CA LEU K 77 10.66 -19.45 -12.55
C LEU K 77 10.23 -19.67 -13.99
N ARG K 78 8.96 -19.99 -14.20
CA ARG K 78 8.48 -20.40 -15.50
C ARG K 78 8.41 -19.20 -16.45
N GLY K 79 8.64 -19.47 -17.72
CA GLY K 79 8.29 -18.55 -18.78
C GLY K 79 9.33 -17.49 -18.99
N THR K 80 10.52 -17.68 -18.45
CA THR K 80 11.53 -16.65 -18.59
C THR K 80 12.59 -17.05 -19.61
N ARG K 81 13.24 -16.06 -20.18
CA ARG K 81 14.36 -16.32 -21.07
C ARG K 81 15.43 -17.05 -20.29
N GLU K 82 16.08 -18.02 -20.94
CA GLU K 82 17.03 -18.86 -20.23
C GLU K 82 18.34 -18.95 -20.98
N CYS K 83 19.39 -19.28 -20.24
CA CYS K 83 20.74 -19.46 -20.73
C CYS K 83 21.04 -20.96 -20.62
N SER K 84 21.53 -21.57 -21.69
CA SER K 84 21.86 -22.99 -21.69
C SER K 84 23.36 -23.18 -21.91
N VAL K 85 23.97 -24.06 -21.13
CA VAL K 85 25.40 -24.38 -21.24
C VAL K 85 25.60 -25.88 -21.44
N THR K 86 26.34 -26.25 -22.49
CA THR K 86 26.60 -27.66 -22.77
C THR K 86 28.02 -28.02 -22.38
N SER K 87 28.21 -29.29 -22.05
CA SER K 87 29.53 -29.76 -21.63
C SER K 87 29.91 -30.97 -22.46
N ASP K 88 31.21 -31.15 -22.67
CA ASP K 88 31.73 -32.33 -23.39
C ASP K 88 31.58 -33.61 -22.58
N LEU K 89 31.86 -33.56 -21.27
CA LEU K 89 31.38 -34.62 -20.39
C LEU K 89 29.84 -34.63 -20.35
N ASP K 90 29.28 -35.77 -19.93
CA ASP K 90 27.83 -35.96 -19.91
C ASP K 90 27.24 -35.43 -18.59
N PHE K 91 27.26 -34.11 -18.45
CA PHE K 91 26.63 -33.42 -17.31
C PHE K 91 25.09 -33.51 -17.17
N PRO K 92 24.34 -33.36 -18.27
CA PRO K 92 24.85 -33.13 -19.61
C PRO K 92 24.86 -31.65 -19.96
N THR K 93 23.83 -30.94 -19.49
CA THR K 93 23.62 -29.54 -19.85
C THR K 93 22.99 -28.84 -18.65
N GLN K 94 23.36 -27.59 -18.47
CA GLN K 94 22.81 -26.81 -17.39
C GLN K 94 21.98 -25.69 -18.01
N VAL K 95 20.86 -25.35 -17.35
CA VAL K 95 19.94 -24.31 -17.78
C VAL K 95 19.69 -23.33 -16.63
N ILE K 96 19.69 -22.04 -16.93
CA ILE K 96 19.48 -20.99 -15.94
C ILE K 96 18.52 -19.94 -16.50
N PRO K 97 17.66 -19.32 -15.69
CA PRO K 97 16.93 -18.18 -16.22
C PRO K 97 17.89 -17.02 -16.44
N LEU K 98 17.60 -16.26 -17.49
CA LEU K 98 18.48 -15.18 -17.89
C LEU K 98 18.02 -13.89 -17.23
N LYS K 99 18.91 -13.25 -16.49
CA LYS K 99 18.59 -12.00 -15.80
C LYS K 99 18.87 -10.83 -16.74
N THR K 100 17.84 -10.06 -17.08
CA THR K 100 18.02 -8.92 -17.96
C THR K 100 18.53 -7.70 -17.19
N LEU K 101 19.47 -6.97 -17.78
CA LEU K 101 20.03 -5.77 -17.18
C LEU K 101 19.31 -4.56 -17.73
N ASN K 102 18.81 -3.69 -16.85
CA ASN K 102 17.99 -2.58 -17.31
C ASN K 102 18.83 -1.72 -18.24
N ALA K 103 18.18 -1.25 -19.31
CA ALA K 103 18.91 -0.54 -20.34
C ALA K 103 19.53 0.75 -19.80
N VAL K 104 20.74 1.06 -20.28
CA VAL K 104 21.43 2.29 -19.94
C VAL K 104 21.55 3.14 -21.21
N ALA K 105 21.23 4.44 -21.11
CA ALA K 105 21.28 5.31 -22.27
C ALA K 105 22.71 5.50 -22.72
N SER K 106 22.89 5.50 -24.02
CA SER K 106 24.18 5.62 -24.66
C SER K 106 24.54 7.09 -24.85
N VAL K 107 25.83 7.35 -24.99
CA VAL K 107 26.35 8.70 -25.22
C VAL K 107 27.09 8.68 -26.56
N PRO K 108 27.02 9.77 -27.33
CA PRO K 108 27.67 9.80 -28.63
C PRO K 108 29.17 9.62 -28.52
N ILE K 109 29.76 9.03 -29.54
CA ILE K 109 31.18 8.73 -29.47
C ILE K 109 32.04 10.00 -29.40
N MET K 110 33.09 9.98 -28.58
CA MET K 110 33.98 11.13 -28.57
C MET K 110 35.40 10.64 -28.26
N TYR K 111 36.31 10.80 -29.21
CA TYR K 111 37.69 10.48 -28.92
C TYR K 111 38.32 11.64 -28.16
N SER K 112 39.24 11.32 -27.28
CA SER K 112 39.63 12.33 -26.33
C SER K 112 40.47 13.42 -27.01
N TRP K 113 40.35 14.65 -26.47
CA TRP K 113 40.98 15.84 -27.04
C TRP K 113 41.35 16.77 -25.90
N SER K 114 42.54 17.53 -26.07
CA SER K 114 43.04 18.52 -25.11
C SER K 114 42.45 19.90 -25.39
N PRO K 115 42.26 20.72 -24.39
CA PRO K 115 41.64 22.02 -24.63
C PRO K 115 42.68 23.07 -24.99
N LEU K 116 42.29 24.00 -25.87
CA LEU K 116 43.16 25.07 -26.33
C LEU K 116 42.40 26.38 -26.38
N GLN K 117 43.07 27.44 -25.97
CA GLN K 117 42.51 28.77 -26.09
C GLN K 117 43.02 29.54 -27.28
N GLN K 118 44.13 29.12 -27.85
CA GLN K 118 44.64 29.71 -29.05
C GLN K 118 45.33 28.60 -29.80
N ASN K 119 45.52 28.80 -31.10
CA ASN K 119 46.08 27.79 -31.97
C ASN K 119 47.48 27.39 -31.54
N PHE K 120 47.91 26.24 -32.05
CA PHE K 120 49.14 25.54 -31.69
C PHE K 120 49.88 25.07 -32.96
N MET K 121 51.15 25.43 -33.11
CA MET K 121 51.91 24.92 -34.27
C MET K 121 52.36 23.49 -34.03
N VAL K 122 52.22 22.65 -35.04
CA VAL K 122 52.62 21.26 -34.92
C VAL K 122 53.45 20.90 -36.16
N GLU K 123 54.68 20.41 -35.97
CA GLU K 123 55.44 20.04 -37.15
C GLU K 123 54.86 18.76 -37.78
N ASP K 124 55.05 18.65 -39.09
CA ASP K 124 54.64 17.49 -39.86
C ASP K 124 55.16 16.21 -39.24
N GLU K 125 54.35 15.16 -39.32
CA GLU K 125 54.82 13.82 -38.99
C GLU K 125 54.96 13.06 -40.31
N THR K 126 56.20 12.60 -40.57
CA THR K 126 56.58 11.89 -41.79
C THR K 126 56.38 10.36 -41.71
N VAL K 127 56.36 9.76 -40.52
CA VAL K 127 56.08 8.32 -40.37
C VAL K 127 54.79 8.20 -39.55
N LEU K 128 53.74 7.57 -40.10
CA LEU K 128 52.57 7.38 -39.24
C LEU K 128 52.90 6.26 -38.27
N HIS K 129 52.62 6.46 -36.98
CA HIS K 129 53.04 5.44 -36.02
C HIS K 129 51.94 4.48 -35.66
N ASN K 130 50.97 4.32 -36.54
CA ASN K 130 49.82 3.51 -36.23
C ASN K 130 49.16 3.20 -37.53
N ILE K 131 48.61 2.00 -37.65
CA ILE K 131 47.73 1.74 -38.78
C ILE K 131 46.31 1.80 -38.24
N PRO K 132 45.45 2.64 -38.76
CA PRO K 132 44.11 2.70 -38.18
C PRO K 132 43.48 1.32 -38.29
N TYR K 133 42.90 0.84 -37.18
CA TYR K 133 42.24 -0.45 -37.22
C TYR K 133 40.92 -0.21 -37.95
N MET K 134 41.02 -0.25 -39.27
CA MET K 134 39.82 -0.21 -40.06
C MET K 134 39.16 -1.56 -39.83
N GLY K 135 37.85 -1.55 -39.64
CA GLY K 135 37.19 -2.80 -39.32
C GLY K 135 37.46 -3.87 -40.36
N ASP K 136 37.95 -5.03 -39.93
CA ASP K 136 38.09 -6.14 -40.87
C ASP K 136 36.73 -6.74 -41.22
N GLU K 137 35.66 -6.26 -40.55
CA GLU K 137 34.35 -6.90 -40.61
C GLU K 137 33.69 -6.71 -41.97
N VAL K 138 33.82 -5.51 -42.53
CA VAL K 138 33.34 -5.27 -43.87
C VAL K 138 34.51 -5.18 -44.87
N LEU K 139 35.14 -6.33 -45.19
CA LEU K 139 36.07 -6.45 -46.33
C LEU K 139 37.36 -5.65 -46.13
N ASP K 140 37.82 -5.56 -44.88
CA ASP K 140 39.16 -5.03 -44.50
C ASP K 140 39.53 -3.51 -44.40
N GLN K 141 38.65 -2.50 -44.48
CA GLN K 141 37.26 -2.53 -44.93
C GLN K 141 37.20 -2.35 -46.44
N ASP K 142 38.26 -1.71 -46.97
CA ASP K 142 38.46 -1.48 -48.40
C ASP K 142 39.92 -1.84 -48.72
N GLY K 143 40.11 -2.61 -49.81
CA GLY K 143 41.35 -3.35 -49.99
C GLY K 143 42.59 -2.51 -50.22
N THR K 144 42.48 -1.50 -51.07
CA THR K 144 43.63 -0.66 -51.36
C THR K 144 43.76 0.55 -50.44
N PHE K 145 42.81 0.79 -49.55
CA PHE K 145 42.89 2.00 -48.74
C PHE K 145 44.13 2.01 -47.84
N ILE K 146 44.43 0.87 -47.21
CA ILE K 146 45.65 0.79 -46.39
C ILE K 146 46.90 1.01 -47.26
N GLU K 147 46.86 0.47 -48.49
CA GLU K 147 47.98 0.63 -49.41
C GLU K 147 48.19 2.08 -49.79
N GLU K 148 47.10 2.82 -49.96
CA GLU K 148 47.19 4.23 -50.32
C GLU K 148 47.72 5.08 -49.19
N LEU K 149 47.31 4.77 -47.96
CA LEU K 149 47.69 5.57 -46.81
C LEU K 149 49.20 5.48 -46.56
N ILE K 150 49.77 4.29 -46.72
CA ILE K 150 51.21 4.14 -46.55
C ILE K 150 51.96 4.86 -47.65
N LYS K 151 51.38 4.91 -48.86
CA LYS K 151 51.99 5.69 -49.94
C LYS K 151 52.15 7.16 -49.56
N ASN K 152 51.11 7.74 -48.92
CA ASN K 152 51.18 9.15 -48.52
C ASN K 152 52.23 9.40 -47.47
N TYR K 153 52.47 8.41 -46.61
CA TYR K 153 53.56 8.52 -45.67
C TYR K 153 54.86 8.01 -46.27
N ASP K 154 54.86 7.74 -47.58
CA ASP K 154 56.04 7.31 -48.30
C ASP K 154 56.58 5.97 -47.78
N GLY K 155 55.69 5.08 -47.40
CA GLY K 155 56.12 3.76 -46.96
C GLY K 155 56.81 3.74 -45.63
N LYS K 156 56.55 4.74 -44.79
CA LYS K 156 57.19 4.82 -43.49
C LYS K 156 56.14 4.67 -42.39
N VAL K 157 56.21 3.59 -41.60
CA VAL K 157 55.36 3.37 -40.45
C VAL K 157 56.22 2.92 -39.26
N HIS K 158 55.80 3.30 -38.06
CA HIS K 158 56.51 2.87 -36.86
C HIS K 158 55.83 1.64 -36.39
N GLY K 159 56.51 0.52 -36.18
CA GLY K 159 57.90 0.30 -36.53
C GLY K 159 58.03 -0.78 -37.58
N ASP K 160 58.36 -0.38 -38.81
CA ASP K 160 58.62 -1.34 -39.88
C ASP K 160 60.11 -1.23 -40.19
N ARG K 161 60.84 -2.32 -39.95
CA ARG K 161 62.27 -2.28 -40.15
C ARG K 161 62.83 -3.68 -40.37
N GLU K 162 63.98 -3.71 -41.07
CA GLU K 162 64.75 -4.93 -41.28
C GLU K 162 65.24 -5.52 -39.97
N CYS K 163 65.66 -4.68 -39.01
CA CYS K 163 66.12 -5.17 -37.73
C CYS K 163 65.03 -4.94 -36.70
N GLY K 164 64.81 -5.90 -35.81
CA GLY K 164 63.58 -5.86 -35.05
C GLY K 164 63.64 -4.87 -33.90
N PHE K 165 64.79 -4.74 -33.29
CA PHE K 165 64.86 -3.91 -32.10
C PHE K 165 66.14 -3.11 -32.10
N ILE K 166 66.02 -1.87 -31.60
CA ILE K 166 67.13 -0.95 -31.36
C ILE K 166 66.74 0.01 -30.23
N ASN K 167 67.71 0.51 -29.47
CA ASN K 167 67.46 1.63 -28.57
C ASN K 167 68.64 2.58 -28.58
N ASP K 168 68.49 3.67 -27.82
CA ASP K 168 69.44 4.77 -27.93
C ASP K 168 70.84 4.30 -27.64
N GLU K 169 71.02 3.52 -26.58
CA GLU K 169 72.37 3.04 -26.24
C GLU K 169 72.92 2.04 -27.26
N ILE K 170 72.11 1.05 -27.67
CA ILE K 170 72.58 0.13 -28.70
C ILE K 170 72.77 0.90 -30.00
N PHE K 171 71.90 1.87 -30.27
CA PHE K 171 72.14 2.75 -31.41
C PHE K 171 73.54 3.33 -31.32
N VAL K 172 73.88 3.90 -30.15
CA VAL K 172 75.21 4.45 -29.95
C VAL K 172 76.29 3.38 -30.10
N GLU K 173 76.08 2.21 -29.51
CA GLU K 173 77.06 1.16 -29.66
C GLU K 173 77.17 0.72 -31.11
N LEU K 174 76.04 0.63 -31.82
CA LEU K 174 76.08 0.22 -33.21
C LEU K 174 76.76 1.26 -34.09
N VAL K 175 76.45 2.55 -33.92
CA VAL K 175 77.13 3.55 -34.74
C VAL K 175 78.63 3.53 -34.43
N ASN K 176 78.99 3.35 -33.15
CA ASN K 176 80.40 3.24 -32.80
C ASN K 176 81.05 2.05 -33.53
N ALA K 177 80.40 0.87 -33.50
CA ALA K 177 80.94 -0.28 -34.20
C ALA K 177 81.07 -0.02 -35.71
N LEU K 178 80.08 0.68 -36.29
CA LEU K 178 80.19 1.01 -37.71
C LEU K 178 81.37 1.95 -37.94
N GLY K 179 81.56 2.93 -37.05
CA GLY K 179 82.66 3.89 -37.20
C GLY K 179 84.05 3.31 -37.08
N GLN K 180 84.22 2.30 -36.21
CA GLN K 180 85.51 1.67 -35.90
C GLN K 180 86.39 1.48 -37.13
N TYR K 181 85.77 1.21 -38.29
CA TYR K 181 86.45 1.00 -39.56
C TYR K 181 85.96 2.03 -40.60
N PRO K 219 82.68 10.73 -43.83
CA PRO K 219 82.15 9.37 -43.90
C PRO K 219 81.04 9.11 -42.89
N SER K 220 80.92 9.99 -41.89
CA SER K 220 79.84 9.87 -40.93
C SER K 220 78.48 9.92 -41.61
N ASP K 221 78.28 10.86 -42.54
CA ASP K 221 76.95 10.96 -43.16
C ASP K 221 76.57 9.70 -43.92
N LYS K 222 77.56 9.01 -44.52
CA LYS K 222 77.28 7.81 -45.31
C LYS K 222 76.66 6.67 -44.49
N ILE K 223 77.18 6.47 -43.27
CA ILE K 223 76.64 5.42 -42.42
C ILE K 223 75.20 5.74 -42.01
N PHE K 224 74.86 7.02 -41.80
CA PHE K 224 73.48 7.35 -41.44
C PHE K 224 72.49 6.97 -42.53
N GLU K 225 72.92 6.99 -43.79
CA GLU K 225 72.14 6.55 -44.94
C GLU K 225 71.91 5.05 -44.96
N ALA K 226 72.92 4.26 -44.62
CA ALA K 226 72.78 2.79 -44.63
C ALA K 226 71.86 2.31 -43.52
N ILE K 227 72.04 2.85 -42.31
CA ILE K 227 71.24 2.36 -41.20
C ILE K 227 69.80 2.84 -41.31
N SER K 228 69.56 3.96 -42.01
CA SER K 228 68.20 4.43 -42.22
C SER K 228 67.43 3.51 -43.15
N SER K 229 68.12 2.86 -44.08
CA SER K 229 67.45 1.86 -44.93
C SER K 229 67.04 0.64 -44.12
N MET K 230 67.81 0.34 -43.07
CA MET K 230 67.55 -0.71 -42.11
C MET K 230 66.58 -0.30 -41.00
N PHE K 231 66.44 0.99 -40.70
CA PHE K 231 65.49 1.48 -39.69
C PHE K 231 64.66 2.65 -40.24
N PRO K 232 63.68 2.37 -41.08
CA PRO K 232 62.85 3.44 -41.64
C PRO K 232 61.99 4.14 -40.61
N ASP K 233 61.51 3.37 -39.63
CA ASP K 233 60.63 3.89 -38.61
C ASP K 233 61.31 4.95 -37.75
N LYS K 234 62.60 4.76 -37.44
CA LYS K 234 63.35 5.81 -36.74
C LYS K 234 63.31 7.09 -37.57
N GLY K 235 63.34 6.95 -38.91
CA GLY K 235 63.10 8.02 -39.87
C GLY K 235 64.39 8.49 -40.55
N THR K 236 64.65 8.15 -41.83
CA THR K 236 65.65 8.90 -42.60
C THR K 236 67.07 8.68 -42.11
N ALA K 237 68.03 9.02 -42.98
CA ALA K 237 69.47 9.12 -42.81
C ALA K 237 69.83 10.34 -41.99
N GLU K 238 69.27 11.47 -42.39
CA GLU K 238 69.60 12.76 -41.80
C GLU K 238 69.10 12.86 -40.37
N GLU K 239 67.91 12.34 -40.11
CA GLU K 239 67.36 12.44 -38.77
C GLU K 239 68.19 11.64 -37.77
N LEU K 240 68.69 10.46 -38.19
CA LEU K 240 69.49 9.63 -37.29
C LEU K 240 70.80 10.33 -36.91
N LYS K 241 71.40 11.07 -37.85
CA LYS K 241 72.59 11.88 -37.52
C LYS K 241 72.29 12.92 -36.45
N GLU K 242 71.14 13.59 -36.55
CA GLU K 242 70.72 14.52 -35.50
C GLU K 242 70.64 13.82 -34.15
N LYS K 243 70.11 12.60 -34.12
CA LYS K 243 69.96 11.88 -32.86
C LYS K 243 71.31 11.50 -32.27
N TYR K 244 72.24 11.07 -33.13
CA TYR K 244 73.56 10.70 -32.65
C TYR K 244 74.28 11.91 -32.05
N LYS K 245 74.19 13.06 -32.72
CA LYS K 245 74.92 14.24 -32.26
C LYS K 245 74.40 14.72 -30.91
N GLU K 246 73.08 14.78 -30.74
CA GLU K 246 72.49 15.14 -29.44
C GLU K 246 72.92 14.18 -28.33
N LEU K 247 72.98 12.89 -28.65
CA LEU K 247 73.42 11.88 -27.69
C LEU K 247 74.90 12.04 -27.31
N CYS K 260 77.47 27.10 -25.18
CA CYS K 260 76.79 28.05 -24.31
C CYS K 260 77.67 28.53 -23.15
N THR K 261 77.51 29.78 -22.82
CA THR K 261 78.24 30.30 -21.68
C THR K 261 77.55 29.86 -20.38
N PRO K 262 78.33 29.60 -19.32
CA PRO K 262 77.70 29.30 -18.03
C PRO K 262 77.02 30.56 -17.49
N ASN K 263 76.13 30.38 -16.52
CA ASN K 263 75.33 31.52 -16.09
C ASN K 263 76.17 32.55 -15.34
N ILE K 264 75.88 33.81 -15.66
CA ILE K 264 76.52 34.93 -15.02
C ILE K 264 76.28 34.92 -13.52
N ASP K 265 75.02 34.83 -13.10
CA ASP K 265 74.68 34.32 -11.76
C ASP K 265 75.08 32.85 -11.62
N GLY K 266 76.38 32.59 -11.79
CA GLY K 266 76.98 31.27 -11.63
C GLY K 266 78.40 31.30 -11.06
N PRO K 267 78.80 30.19 -10.45
CA PRO K 267 80.18 30.00 -9.98
C PRO K 267 81.21 29.76 -11.08
N ASN K 268 80.80 29.37 -12.30
CA ASN K 268 81.73 29.12 -13.40
C ASN K 268 81.70 30.24 -14.45
N ALA K 269 81.19 31.42 -14.08
CA ALA K 269 80.95 32.52 -15.02
C ALA K 269 82.20 32.96 -15.78
N LYS K 270 82.00 33.34 -17.04
CA LYS K 270 83.09 33.75 -17.91
C LYS K 270 82.83 35.15 -18.44
N SER K 271 83.90 35.91 -18.64
CA SER K 271 83.80 37.22 -19.29
C SER K 271 83.66 37.00 -20.78
N VAL K 272 82.57 37.49 -21.36
CA VAL K 272 82.25 37.16 -22.73
C VAL K 272 81.68 38.39 -23.43
N GLN K 273 81.85 38.42 -24.74
CA GLN K 273 81.27 39.49 -25.51
C GLN K 273 79.76 39.48 -25.35
N ARG K 274 79.17 40.67 -25.49
CA ARG K 274 77.76 40.87 -25.19
C ARG K 274 76.90 39.91 -25.99
N GLU K 275 77.09 39.87 -27.31
CA GLU K 275 76.21 39.10 -28.19
C GLU K 275 76.13 37.63 -27.79
N GLN K 276 77.09 37.11 -27.02
CA GLN K 276 76.96 35.77 -26.48
C GLN K 276 76.30 35.77 -25.12
N SER K 277 76.53 36.80 -24.32
CA SER K 277 75.87 36.90 -23.02
C SER K 277 74.36 36.88 -23.19
N LEU K 278 73.88 37.44 -24.30
CA LEU K 278 72.47 37.51 -24.64
C LEU K 278 72.06 36.56 -25.74
N HIS K 279 72.99 35.84 -26.37
CA HIS K 279 72.66 35.03 -27.54
C HIS K 279 71.47 34.12 -27.31
N SER K 280 71.41 33.54 -26.12
CA SER K 280 70.34 32.61 -25.82
C SER K 280 68.97 33.31 -25.80
N PHE K 281 68.90 34.48 -25.20
CA PHE K 281 67.65 35.21 -25.18
C PHE K 281 67.29 35.71 -26.58
N HIS K 282 68.24 36.31 -27.28
CA HIS K 282 67.94 36.88 -28.60
C HIS K 282 67.38 35.83 -29.55
N THR K 283 68.02 34.66 -29.63
CA THR K 283 67.55 33.64 -30.55
C THR K 283 66.21 33.03 -30.15
N LEU K 284 65.95 32.89 -28.85
CA LEU K 284 64.79 32.08 -28.51
C LEU K 284 63.52 32.89 -28.37
N PHE K 285 63.65 34.16 -28.01
CA PHE K 285 62.51 35.01 -27.72
C PHE K 285 61.71 35.33 -28.98
N CYS K 286 60.39 35.30 -28.82
CA CYS K 286 59.43 35.61 -29.86
C CYS K 286 58.93 37.03 -29.67
N ARG K 287 59.19 37.87 -30.66
CA ARG K 287 58.72 39.25 -30.61
C ARG K 287 57.19 39.33 -30.63
N ARG K 288 56.53 38.45 -31.38
CA ARG K 288 55.09 38.58 -31.60
C ARG K 288 54.24 38.24 -30.37
N CYS K 289 54.61 37.21 -29.61
CA CYS K 289 53.79 36.81 -28.46
C CYS K 289 54.52 36.90 -27.12
N PHE K 290 55.76 37.35 -27.09
CA PHE K 290 56.41 37.77 -25.85
C PHE K 290 56.81 36.59 -24.98
N LYS K 291 56.96 35.39 -25.55
CA LYS K 291 57.42 34.19 -24.84
C LYS K 291 58.69 33.64 -25.48
N TYR K 292 59.33 32.70 -24.81
CA TYR K 292 60.48 31.99 -25.34
C TYR K 292 60.04 30.62 -25.89
N ASP K 293 60.51 30.27 -27.10
CA ASP K 293 60.12 29.03 -27.75
C ASP K 293 58.60 28.90 -27.78
N CYS K 294 57.95 29.91 -28.34
CA CYS K 294 56.50 29.93 -28.36
C CYS K 294 55.96 28.75 -29.15
N PHE K 295 54.68 28.44 -28.91
CA PHE K 295 53.96 27.33 -29.49
C PHE K 295 53.32 27.68 -30.83
N LEU K 296 53.46 28.92 -31.30
CA LEU K 296 52.67 29.37 -32.44
C LEU K 296 53.48 29.86 -33.64
N HIS K 297 54.68 30.36 -33.40
CA HIS K 297 55.48 31.01 -34.44
C HIS K 297 56.78 30.27 -34.68
N PRO K 298 56.97 29.65 -35.84
CA PRO K 298 58.14 28.75 -35.97
C PRO K 298 59.46 29.47 -36.17
N PHE K 299 59.45 30.59 -36.89
CA PHE K 299 60.69 31.21 -37.32
C PHE K 299 61.31 32.05 -36.22
N HIS K 300 62.63 32.15 -36.27
CA HIS K 300 63.45 32.79 -35.24
C HIS K 300 63.53 34.29 -35.49
N ALA K 301 64.53 34.93 -34.90
CA ALA K 301 64.77 36.36 -35.04
C ALA K 301 65.13 36.75 -36.48
N THR K 302 64.86 38.00 -36.83
CA THR K 302 65.07 38.55 -38.19
C THR K 302 66.49 38.73 -38.82
N PRO K 303 67.51 39.11 -38.03
CA PRO K 303 67.50 39.35 -36.61
C PRO K 303 67.65 40.81 -36.30
N ASN K 304 67.37 41.68 -37.28
CA ASN K 304 67.45 43.10 -36.99
C ASN K 304 66.45 43.51 -35.89
N THR K 305 65.55 42.60 -35.47
CA THR K 305 64.53 42.95 -34.49
C THR K 305 65.11 43.33 -33.11
N TYR K 306 66.13 42.60 -32.64
CA TYR K 306 66.71 42.95 -31.36
C TYR K 306 67.56 44.23 -31.41
N LYS K 307 68.16 44.59 -32.53
CA LYS K 307 68.87 45.89 -32.52
C LYS K 307 67.89 47.04 -32.31
N ARG K 308 68.32 48.02 -31.49
CA ARG K 308 67.53 49.20 -31.10
C ARG K 308 68.08 50.47 -31.75
N LYS K 309 67.32 51.55 -31.60
CA LYS K 309 67.71 52.86 -32.12
C LYS K 309 68.91 53.43 -31.35
N ASN K 310 69.85 53.99 -32.11
CA ASN K 310 71.02 54.65 -31.55
C ASN K 310 70.89 56.19 -31.59
N THR K 311 69.70 56.72 -31.86
CA THR K 311 69.59 58.14 -32.18
C THR K 311 69.75 59.01 -30.93
N GLU K 312 69.35 58.48 -29.77
CA GLU K 312 69.30 59.26 -28.53
C GLU K 312 70.70 59.56 -28.04
N THR K 313 70.91 60.78 -27.58
CA THR K 313 72.23 61.21 -27.14
C THR K 313 72.15 61.82 -25.75
N ALA K 314 73.18 61.60 -24.95
CA ALA K 314 73.10 61.90 -23.53
C ALA K 314 74.51 61.83 -22.94
N LEU K 315 74.81 62.49 -21.81
CA LEU K 315 73.96 63.41 -21.04
C LEU K 315 74.83 64.40 -20.24
N ASP K 316 74.15 65.41 -19.71
CA ASP K 316 74.77 66.35 -18.78
C ASP K 316 75.23 65.63 -17.51
N ASN K 317 76.42 66.00 -17.02
CA ASN K 317 77.06 65.28 -15.92
C ASN K 317 76.32 65.51 -14.62
N LYS K 318 76.40 64.52 -13.74
CA LYS K 318 75.72 64.62 -12.49
C LYS K 318 76.47 63.75 -11.50
N PRO K 319 76.63 64.21 -10.25
CA PRO K 319 77.14 63.25 -9.27
C PRO K 319 76.05 62.51 -8.49
N CYS K 320 76.19 61.25 -8.06
CA CYS K 320 77.27 60.32 -8.39
C CYS K 320 78.67 60.84 -7.95
N GLY K 321 78.83 61.30 -6.73
CA GLY K 321 80.10 61.85 -6.29
C GLY K 321 80.03 61.30 -4.91
N PRO K 322 81.19 61.07 -4.30
CA PRO K 322 82.49 61.07 -4.95
C PRO K 322 82.49 59.71 -5.64
N GLN K 323 83.58 59.50 -6.34
CA GLN K 323 83.95 58.32 -7.07
C GLN K 323 83.37 58.35 -8.47
N CYS K 324 82.71 59.43 -8.92
CA CYS K 324 82.29 59.51 -10.31
C CYS K 324 83.50 59.66 -11.21
N TYR K 325 83.24 59.56 -12.51
CA TYR K 325 84.26 59.78 -13.53
C TYR K 325 84.35 61.30 -13.74
N GLN K 326 85.28 61.92 -13.03
CA GLN K 326 85.53 63.36 -13.01
C GLN K 326 87.00 63.51 -12.68
N HIS K 327 87.59 64.68 -12.86
CA HIS K 327 87.04 65.79 -13.62
C HIS K 327 88.23 66.19 -14.46
N LEU K 328 89.02 65.18 -14.83
CA LEU K 328 90.25 65.38 -15.57
C LEU K 328 89.96 65.67 -17.05
N GLU K 329 90.99 66.16 -17.74
CA GLU K 329 90.82 66.70 -19.09
C GLU K 329 90.06 65.75 -20.00
N GLY K 330 90.27 64.44 -19.85
CA GLY K 330 89.53 63.50 -20.65
C GLY K 330 88.64 62.59 -19.84
N ALA K 331 88.13 63.11 -18.72
CA ALA K 331 87.12 62.40 -17.96
C ALA K 331 85.87 62.22 -18.81
N LYS K 332 85.20 63.33 -19.10
CA LYS K 332 84.08 63.34 -20.04
C LYS K 332 84.51 63.37 -21.51
N GLU K 333 85.63 64.02 -21.83
CA GLU K 333 86.04 64.27 -23.22
C GLU K 333 86.54 63.01 -23.91
N PHE K 334 87.47 62.30 -23.27
CA PHE K 334 88.02 61.08 -23.89
C PHE K 334 86.95 60.01 -24.04
N ALA K 335 85.99 59.95 -23.12
CA ALA K 335 84.86 59.04 -23.32
C ALA K 335 84.10 59.41 -24.59
N ALA K 336 83.62 60.65 -24.68
CA ALA K 336 82.93 61.11 -25.88
C ALA K 336 83.83 61.05 -27.11
N ALA K 337 85.14 61.18 -26.92
CA ALA K 337 86.09 61.03 -28.01
C ALA K 337 86.19 59.59 -28.45
N LEU K 338 86.23 58.66 -27.50
CA LEU K 338 86.36 57.24 -27.84
C LEU K 338 85.24 56.79 -28.76
N THR K 339 84.01 57.23 -28.50
CA THR K 339 82.87 56.86 -29.32
C THR K 339 82.96 57.45 -30.74
N ALA K 340 83.51 58.66 -30.87
CA ALA K 340 83.62 59.25 -32.21
C ALA K 340 84.70 58.57 -33.04
N GLU K 341 85.79 58.15 -32.40
CA GLU K 341 86.77 57.38 -33.14
C GLU K 341 86.22 55.97 -33.37
N ARG K 342 85.37 55.51 -32.44
CA ARG K 342 84.71 54.21 -32.51
C ARG K 342 83.69 54.10 -33.63
N ILE K 343 83.10 55.21 -34.08
CA ILE K 343 82.31 55.16 -35.32
C ILE K 343 83.08 54.41 -36.39
N LYS K 344 84.38 54.71 -36.55
CA LYS K 344 85.30 53.94 -37.41
C LYS K 344 84.92 54.05 -38.89
N THR K 345 84.48 55.24 -39.29
CA THR K 345 84.25 55.56 -40.69
C THR K 345 84.33 57.06 -40.93
N ASN K 423 92.74 59.75 -17.43
CA ASN K 423 93.83 59.99 -18.37
C ASN K 423 95.15 60.15 -17.61
N ILE K 424 95.40 61.33 -17.03
CA ILE K 424 96.64 61.55 -16.29
C ILE K 424 96.69 60.65 -15.07
N GLU K 425 95.60 60.54 -14.33
CA GLU K 425 95.66 59.73 -13.12
C GLU K 425 95.92 58.27 -13.46
N PRO K 426 96.69 57.55 -12.64
CA PRO K 426 96.80 56.11 -12.78
C PRO K 426 95.52 55.45 -12.31
N PRO K 427 95.00 54.46 -13.03
CA PRO K 427 93.77 53.83 -12.59
C PRO K 427 93.91 53.01 -11.32
N GLU K 428 92.79 52.94 -10.60
CA GLU K 428 92.73 52.13 -9.41
C GLU K 428 92.78 50.68 -9.86
N ASN K 429 93.66 49.91 -9.24
CA ASN K 429 93.80 48.50 -9.59
C ASN K 429 92.66 47.71 -8.96
N VAL K 430 91.78 47.14 -9.79
CA VAL K 430 90.61 46.39 -9.32
C VAL K 430 90.61 44.99 -9.94
N GLU K 431 89.87 44.08 -9.28
CA GLU K 431 89.48 42.77 -9.80
C GLU K 431 88.16 42.90 -10.57
N TRP K 432 88.10 42.34 -11.78
CA TRP K 432 86.86 42.31 -12.58
C TRP K 432 86.43 40.87 -12.85
N SER K 433 85.37 40.43 -12.16
CA SER K 433 84.85 39.07 -12.29
C SER K 433 84.33 38.81 -13.72
N GLY K 434 84.41 37.54 -14.14
CA GLY K 434 83.75 37.09 -15.36
C GLY K 434 82.36 37.66 -15.54
N ALA K 435 81.55 37.56 -14.48
CA ALA K 435 80.20 38.12 -14.46
C ALA K 435 80.20 39.62 -14.65
N GLU K 436 81.02 40.33 -13.87
CA GLU K 436 81.04 41.79 -13.92
C GLU K 436 81.44 42.28 -15.29
N ALA K 437 82.40 41.59 -15.88
CA ALA K 437 82.92 41.98 -17.19
C ALA K 437 81.87 41.77 -18.28
N SER K 438 81.23 40.59 -18.33
CA SER K 438 80.19 40.37 -19.33
C SER K 438 79.02 41.33 -19.15
N MET K 439 78.66 41.60 -17.89
CA MET K 439 77.58 42.54 -17.64
C MET K 439 77.92 43.91 -18.19
N PHE K 440 79.12 44.40 -17.89
CA PHE K 440 79.58 45.66 -18.47
C PHE K 440 79.49 45.62 -19.98
N ARG K 441 80.06 44.58 -20.60
CA ARG K 441 80.01 44.47 -22.04
C ARG K 441 78.58 44.51 -22.57
N VAL K 442 77.64 43.93 -21.82
CA VAL K 442 76.23 44.01 -22.20
C VAL K 442 75.67 45.42 -22.00
N LEU K 443 75.95 46.01 -20.84
CA LEU K 443 75.32 47.29 -20.52
C LEU K 443 75.76 48.41 -21.44
N ILE K 444 77.02 48.40 -21.87
CA ILE K 444 77.51 49.49 -22.74
C ILE K 444 76.79 49.46 -24.08
N GLY K 445 76.39 48.29 -24.56
CA GLY K 445 75.66 48.22 -25.81
C GLY K 445 74.31 48.90 -25.72
N THR K 446 73.66 48.83 -24.57
CA THR K 446 72.34 49.42 -24.39
C THR K 446 72.37 50.76 -23.64
N TYR K 447 73.34 50.98 -22.73
CA TYR K 447 73.60 52.27 -22.08
C TYR K 447 74.94 52.75 -22.66
N TYR K 448 74.89 53.56 -23.71
CA TYR K 448 76.08 54.04 -24.38
C TYR K 448 76.85 55.05 -23.52
N ASP K 449 78.10 54.71 -23.16
CA ASP K 449 78.91 55.57 -22.29
C ASP K 449 78.11 55.71 -21.00
N ASN K 450 77.85 56.92 -20.49
CA ASN K 450 76.88 57.11 -19.39
C ASN K 450 77.13 56.16 -18.21
N PHE K 451 78.41 56.01 -17.85
CA PHE K 451 78.80 54.99 -16.88
C PHE K 451 78.06 55.13 -15.56
N CYS K 452 77.60 56.35 -15.23
CA CYS K 452 76.76 56.63 -14.08
C CYS K 452 75.69 55.57 -13.93
N ALA K 453 74.94 55.34 -15.01
CA ALA K 453 73.87 54.35 -14.96
C ALA K 453 74.44 52.93 -14.95
N ILE K 454 75.50 52.67 -15.72
CA ILE K 454 76.08 51.33 -15.80
C ILE K 454 76.59 50.86 -14.44
N ALA K 455 77.32 51.72 -13.74
CA ALA K 455 77.80 51.38 -12.41
C ALA K 455 76.64 51.08 -11.48
N ARG K 456 75.55 51.86 -11.60
CA ARG K 456 74.40 51.65 -10.74
C ARG K 456 73.83 50.26 -10.94
N LEU K 457 73.70 49.84 -12.20
CA LEU K 457 73.07 48.56 -12.51
C LEU K 457 73.99 47.39 -12.20
N ILE K 458 75.29 47.50 -12.53
CA ILE K 458 76.24 46.45 -12.19
C ILE K 458 76.28 46.26 -10.68
N GLY K 459 76.17 47.36 -9.94
CA GLY K 459 75.95 47.38 -8.50
C GLY K 459 77.14 47.21 -7.60
N THR K 460 78.12 46.39 -8.00
CA THR K 460 79.30 46.08 -7.22
C THR K 460 80.52 46.89 -7.62
N LYS K 461 80.30 48.01 -8.30
CA LYS K 461 81.33 48.95 -8.72
C LYS K 461 80.73 50.35 -8.74
N THR K 462 81.60 51.34 -8.95
CA THR K 462 81.23 52.74 -9.03
C THR K 462 81.58 53.29 -10.41
N CYS K 463 81.05 54.48 -10.68
CA CYS K 463 81.23 55.12 -11.99
C CYS K 463 82.68 55.20 -12.37
N ARG K 464 83.56 55.47 -11.42
CA ARG K 464 84.97 55.56 -11.78
C ARG K 464 85.51 54.21 -12.28
N GLN K 465 85.20 53.11 -11.59
CA GLN K 465 85.73 51.82 -12.05
C GLN K 465 85.16 51.44 -13.41
N VAL K 466 83.90 51.80 -13.67
CA VAL K 466 83.32 51.52 -14.99
C VAL K 466 84.06 52.28 -16.07
N TYR K 467 84.36 53.57 -15.84
CA TYR K 467 85.14 54.32 -16.79
C TYR K 467 86.51 53.69 -17.01
N GLU K 468 87.24 53.48 -15.92
CA GLU K 468 88.51 52.76 -15.94
C GLU K 468 88.48 51.56 -16.88
N PHE K 469 87.47 50.70 -16.73
CA PHE K 469 87.46 49.44 -17.46
C PHE K 469 87.21 49.67 -18.95
N ARG K 470 86.28 50.57 -19.28
CA ARG K 470 86.07 50.94 -20.67
C ARG K 470 87.37 51.39 -21.31
N VAL K 471 88.13 52.24 -20.61
CA VAL K 471 89.42 52.71 -21.13
C VAL K 471 90.38 51.54 -21.33
N LYS K 472 90.48 50.66 -20.34
CA LYS K 472 91.29 49.45 -20.50
C LYS K 472 90.77 48.60 -21.63
N GLU K 473 89.44 48.51 -21.77
CA GLU K 473 88.87 47.63 -22.78
C GLU K 473 89.15 48.13 -24.20
N SER K 474 89.04 49.45 -24.44
CA SER K 474 89.27 49.98 -25.78
C SER K 474 90.71 49.75 -26.25
N SER K 475 91.66 49.74 -25.32
CA SER K 475 93.07 49.59 -25.67
C SER K 475 93.51 48.15 -25.88
N ILE K 476 92.68 47.16 -25.54
CA ILE K 476 93.03 45.77 -25.83
C ILE K 476 92.81 45.54 -27.33
N ILE K 477 93.65 44.68 -27.91
CA ILE K 477 93.56 44.44 -29.35
C ILE K 477 92.45 43.42 -29.62
N ALA K 478 91.48 43.80 -30.46
CA ALA K 478 90.38 42.88 -30.82
C ALA K 478 90.89 41.83 -31.80
N PRO K 479 90.61 40.51 -31.55
CA PRO K 479 91.17 39.41 -32.35
C PRO K 479 90.53 39.28 -33.74
N ASN K 515 45.11 30.44 -53.24
CA ASN K 515 46.27 31.27 -53.59
C ASN K 515 45.97 32.68 -53.14
N HIS K 516 44.75 32.85 -52.65
CA HIS K 516 44.31 34.19 -52.30
C HIS K 516 45.07 34.75 -51.10
N VAL K 517 45.35 33.95 -50.07
CA VAL K 517 45.89 34.51 -48.84
C VAL K 517 47.03 33.67 -48.33
N TYR K 518 48.11 34.32 -47.89
CA TYR K 518 49.30 33.63 -47.36
C TYR K 518 49.55 34.02 -45.92
N ASN K 519 50.18 33.12 -45.19
CA ASN K 519 50.48 33.40 -43.79
C ASN K 519 51.51 34.51 -43.72
N TYR K 520 51.33 35.42 -42.78
CA TYR K 520 52.21 36.56 -42.61
C TYR K 520 53.52 36.14 -41.94
N GLN K 521 54.61 36.77 -42.35
CA GLN K 521 55.89 36.70 -41.67
C GLN K 521 56.50 38.08 -41.69
N PRO K 522 57.26 38.47 -40.66
CA PRO K 522 57.93 39.78 -40.70
C PRO K 522 58.98 39.79 -41.80
N CYS K 523 59.18 40.96 -42.39
CA CYS K 523 60.18 41.13 -43.42
C CYS K 523 61.33 41.95 -42.88
N ASP K 524 62.54 41.60 -43.29
CA ASP K 524 63.72 42.30 -42.78
C ASP K 524 64.79 42.33 -43.86
N HIS K 525 64.77 43.37 -44.69
CA HIS K 525 65.83 43.64 -45.67
C HIS K 525 66.38 45.02 -45.33
N PRO K 526 67.54 45.12 -44.68
CA PRO K 526 67.82 46.30 -43.83
C PRO K 526 67.82 47.65 -44.52
N ARG K 527 68.45 47.78 -45.69
CA ARG K 527 68.62 49.07 -46.35
C ARG K 527 67.57 49.36 -47.43
N GLN K 528 67.34 48.40 -48.32
CA GLN K 528 66.42 48.55 -49.44
C GLN K 528 64.97 48.59 -48.95
N PRO K 529 64.02 49.03 -49.80
CA PRO K 529 62.66 49.29 -49.32
C PRO K 529 61.70 48.12 -49.52
N CYS K 530 60.45 48.21 -49.04
CA CYS K 530 59.45 47.16 -49.28
C CYS K 530 58.82 47.32 -50.66
N ASP K 531 59.60 46.93 -51.66
CA ASP K 531 59.27 46.97 -53.08
C ASP K 531 58.79 45.59 -53.48
N SER K 532 58.55 45.32 -54.77
CA SER K 532 58.07 43.98 -55.13
C SER K 532 59.00 42.87 -54.64
N SER K 533 60.24 43.22 -54.29
CA SER K 533 61.16 42.19 -53.83
C SER K 533 60.83 41.75 -52.42
N CYS K 534 60.13 42.59 -51.66
CA CYS K 534 59.78 42.30 -50.26
C CYS K 534 58.83 41.10 -50.20
N PRO K 535 59.07 40.14 -49.32
CA PRO K 535 58.17 38.99 -49.21
C PRO K 535 56.74 39.38 -48.94
N CYS K 536 56.50 40.41 -48.11
CA CYS K 536 55.14 40.81 -47.78
C CYS K 536 54.35 41.19 -49.02
N VAL K 537 54.94 42.02 -49.87
CA VAL K 537 54.18 42.42 -51.05
C VAL K 537 53.97 41.21 -51.96
N ILE K 538 54.96 40.31 -52.00
CA ILE K 538 54.80 39.09 -52.76
C ILE K 538 53.63 38.29 -52.19
N ALA K 539 53.58 38.18 -50.87
CA ALA K 539 52.50 37.45 -50.23
C ALA K 539 51.16 38.16 -50.44
N GLN K 540 51.21 39.48 -50.65
CA GLN K 540 50.06 40.35 -50.86
C GLN K 540 49.41 40.73 -49.54
N ASN K 541 50.13 40.63 -48.43
CA ASN K 541 49.58 41.10 -47.16
C ASN K 541 50.50 42.18 -46.60
N PHE K 542 49.89 43.21 -45.97
CA PHE K 542 50.61 44.40 -45.51
C PHE K 542 51.71 44.05 -44.51
N CYS K 543 52.74 44.89 -44.51
CA CYS K 543 53.69 44.84 -43.42
C CYS K 543 52.93 45.26 -42.16
N GLU K 544 53.43 44.78 -41.04
CA GLU K 544 52.84 44.96 -39.72
C GLU K 544 53.88 45.58 -38.80
N LYS K 545 53.46 45.79 -37.56
CA LYS K 545 54.34 46.36 -36.56
C LYS K 545 55.60 45.52 -36.36
N PHE K 546 55.54 44.22 -36.65
CA PHE K 546 56.68 43.34 -36.45
C PHE K 546 57.73 43.48 -37.53
N CYS K 547 57.37 44.04 -38.67
CA CYS K 547 58.34 44.15 -39.75
C CYS K 547 59.48 45.10 -39.38
N GLN K 548 60.67 44.82 -39.89
CA GLN K 548 61.78 45.72 -39.62
C GLN K 548 61.98 46.80 -40.64
N CYS K 549 61.04 46.94 -41.54
CA CYS K 549 61.21 47.95 -42.54
C CYS K 549 60.94 49.32 -41.94
N SER K 550 61.03 50.35 -42.77
CA SER K 550 60.88 51.71 -42.27
C SER K 550 59.49 51.97 -41.70
N SER K 551 59.44 52.85 -40.69
CA SER K 551 58.16 53.28 -40.16
C SER K 551 57.32 53.90 -41.26
N GLU K 552 57.96 54.54 -42.22
CA GLU K 552 57.22 55.17 -43.29
C GLU K 552 57.00 54.22 -44.47
N CYS K 553 57.15 52.93 -44.24
CA CYS K 553 56.85 52.00 -45.32
C CYS K 553 55.40 52.16 -45.74
N GLN K 554 55.18 52.25 -47.05
CA GLN K 554 53.88 52.40 -47.67
C GLN K 554 53.02 51.14 -47.55
N ASN K 555 53.61 49.99 -47.22
CA ASN K 555 52.87 48.74 -47.12
C ASN K 555 52.44 48.40 -45.69
N ARG K 556 52.73 49.24 -44.70
CA ARG K 556 52.22 48.95 -43.36
C ARG K 556 50.72 49.21 -43.30
N PHE K 557 50.05 48.49 -42.41
CA PHE K 557 48.65 48.81 -42.21
C PHE K 557 48.55 49.98 -41.24
N PRO K 558 47.84 51.03 -41.61
CA PRO K 558 47.80 52.23 -40.76
C PRO K 558 47.06 52.04 -39.43
N GLY K 559 45.99 51.27 -39.40
CA GLY K 559 45.17 51.19 -38.20
C GLY K 559 43.89 51.98 -38.35
N CYS K 560 43.20 52.20 -37.23
CA CYS K 560 41.99 52.98 -37.24
C CYS K 560 42.01 54.02 -36.12
N ARG K 561 41.31 55.14 -36.39
CA ARG K 561 41.10 56.22 -35.44
C ARG K 561 39.66 56.22 -34.96
N CYS K 562 38.93 55.12 -35.16
CA CYS K 562 37.49 55.13 -34.89
C CYS K 562 37.30 55.57 -33.44
N LYS K 563 36.11 56.10 -33.10
CA LYS K 563 35.98 56.49 -31.70
C LYS K 563 35.42 55.38 -30.85
N ALA K 564 34.57 54.56 -31.40
CA ALA K 564 33.91 53.60 -30.54
C ALA K 564 33.73 52.27 -31.21
N GLN K 565 32.53 52.10 -31.78
CA GLN K 565 32.19 50.85 -32.41
C GLN K 565 33.15 50.63 -33.57
N CYS K 566 33.52 49.37 -33.84
CA CYS K 566 34.42 49.11 -34.96
C CYS K 566 33.84 48.04 -35.88
N ASN K 567 32.54 47.99 -36.01
CA ASN K 567 31.96 46.88 -36.75
C ASN K 567 31.30 47.30 -38.06
N THR K 568 31.79 48.34 -38.72
CA THR K 568 31.25 48.63 -40.05
C THR K 568 32.35 48.89 -41.06
N LYS K 569 31.96 48.95 -42.33
CA LYS K 569 32.96 49.12 -43.37
C LYS K 569 33.78 50.40 -43.18
N GLN K 570 33.23 51.41 -42.50
CA GLN K 570 33.97 52.66 -42.33
C GLN K 570 35.22 52.48 -41.51
N CYS K 571 35.26 51.49 -40.63
CA CYS K 571 36.50 51.21 -39.91
C CYS K 571 37.43 50.49 -40.89
N PRO K 572 38.60 51.05 -41.22
CA PRO K 572 39.46 50.38 -42.23
C PRO K 572 39.95 49.00 -41.79
N CYS K 573 40.03 48.75 -40.48
CA CYS K 573 40.37 47.42 -39.96
C CYS K 573 39.28 46.42 -40.30
N TYR K 574 38.06 46.70 -39.87
CA TYR K 574 36.96 45.80 -40.15
C TYR K 574 36.81 45.58 -41.65
N LEU K 575 37.10 46.58 -42.47
CA LEU K 575 36.96 46.43 -43.92
C LEU K 575 37.98 45.45 -44.50
N ALA K 576 39.19 45.45 -43.95
CA ALA K 576 40.27 44.55 -44.34
C ALA K 576 40.18 43.20 -43.65
N VAL K 577 39.05 42.92 -43.00
CA VAL K 577 38.89 41.67 -42.28
C VAL K 577 40.09 41.53 -41.35
N ARG K 578 40.35 42.58 -40.57
CA ARG K 578 41.36 42.54 -39.53
C ARG K 578 40.75 43.00 -38.21
N GLU K 579 41.09 42.31 -37.12
CA GLU K 579 40.76 42.88 -35.82
C GLU K 579 41.67 44.07 -35.52
N CYS K 580 41.23 44.96 -34.64
CA CYS K 580 42.06 46.13 -34.38
C CYS K 580 43.37 45.72 -33.71
N ASP K 581 44.30 46.59 -33.74
CA ASP K 581 45.61 46.38 -33.16
C ASP K 581 45.73 47.16 -31.87
N PRO K 582 45.99 46.48 -30.77
CA PRO K 582 46.07 47.21 -29.50
C PRO K 582 47.25 48.19 -29.46
N ASP K 583 48.17 48.07 -30.39
CA ASP K 583 49.30 49.01 -30.44
C ASP K 583 49.08 50.14 -31.44
N LEU K 584 48.16 49.94 -32.37
CA LEU K 584 47.90 50.97 -33.37
C LEU K 584 46.53 51.60 -33.25
N CYS K 585 45.48 50.81 -32.99
CA CYS K 585 44.12 51.39 -32.93
C CYS K 585 43.93 52.01 -31.54
N LEU K 586 44.56 53.18 -31.35
CA LEU K 586 44.57 53.90 -30.07
C LEU K 586 43.36 54.77 -29.79
N THR K 587 42.45 54.95 -30.75
CA THR K 587 41.25 55.74 -30.51
C THR K 587 39.98 54.94 -30.21
N CYS K 588 39.83 53.70 -30.73
CA CYS K 588 38.57 52.94 -30.58
C CYS K 588 38.37 52.27 -29.22
N GLY K 589 39.44 52.04 -28.46
CA GLY K 589 39.34 51.35 -27.19
C GLY K 589 39.91 49.95 -27.21
N ALA K 590 40.50 49.52 -28.33
CA ALA K 590 41.17 48.24 -28.38
C ALA K 590 42.38 48.20 -27.45
N ALA K 591 43.03 49.35 -27.22
CA ALA K 591 44.19 49.44 -26.32
C ALA K 591 43.81 49.35 -24.84
N ASP K 592 42.68 49.88 -24.43
CA ASP K 592 42.37 49.85 -22.99
C ASP K 592 40.92 49.67 -22.80
N HIS K 593 40.46 49.14 -21.66
CA HIS K 593 41.23 48.55 -20.51
C HIS K 593 41.64 47.09 -20.64
N TRP K 594 42.90 46.74 -20.33
CA TRP K 594 43.33 45.36 -20.50
C TRP K 594 42.65 44.38 -19.55
N ASP K 595 42.46 44.75 -18.29
CA ASP K 595 41.87 43.80 -17.34
C ASP K 595 40.43 43.48 -17.70
N SER K 596 39.68 44.48 -18.12
CA SER K 596 38.30 44.31 -18.57
C SER K 596 38.30 43.84 -20.01
N LYS K 597 37.42 42.90 -20.33
CA LYS K 597 37.42 42.36 -21.68
C LYS K 597 36.05 42.41 -22.34
N ASN K 598 35.22 43.34 -21.88
CA ASN K 598 34.16 43.88 -22.72
C ASN K 598 34.43 45.37 -22.85
N VAL K 599 34.48 45.87 -24.08
CA VAL K 599 35.03 47.20 -24.30
C VAL K 599 34.39 47.85 -25.53
N SER K 600 34.67 49.15 -25.68
CA SER K 600 34.08 49.96 -26.76
C SER K 600 34.38 49.41 -28.15
N CYS K 601 35.55 48.81 -28.36
CA CYS K 601 35.91 48.24 -29.65
C CYS K 601 35.29 46.84 -29.78
N LYS K 602 34.45 46.67 -30.78
CA LYS K 602 33.80 45.39 -31.01
C LYS K 602 34.45 44.65 -32.18
N ASN K 603 35.70 45.06 -32.42
CA ASN K 603 36.52 44.36 -33.38
C ASN K 603 37.79 43.82 -32.72
N CYS K 604 37.75 43.52 -31.41
CA CYS K 604 38.93 42.90 -30.82
C CYS K 604 38.56 41.64 -30.03
N SER K 605 37.47 40.97 -30.39
CA SER K 605 37.01 39.82 -29.60
C SER K 605 38.00 38.67 -29.61
N ILE K 606 38.48 38.26 -30.78
CA ILE K 606 39.36 37.10 -30.88
C ILE K 606 40.63 37.30 -30.07
N GLN K 607 41.22 38.50 -30.13
CA GLN K 607 42.44 38.75 -29.38
C GLN K 607 42.25 38.47 -27.91
N ARG K 608 41.11 38.89 -27.36
CA ARG K 608 40.88 38.87 -25.93
C ARG K 608 40.23 37.60 -25.44
N GLY K 609 39.94 36.67 -26.34
CA GLY K 609 39.20 35.48 -25.95
C GLY K 609 37.87 35.79 -25.27
N SER K 610 37.18 36.84 -25.71
CA SER K 610 35.86 37.19 -25.16
C SER K 610 34.81 36.36 -25.90
N LYS K 611 34.85 35.04 -25.64
CA LYS K 611 33.94 34.09 -26.27
C LYS K 611 32.76 33.83 -25.38
N LYS K 612 31.68 33.36 -26.00
CA LYS K 612 30.46 33.09 -25.24
C LYS K 612 30.54 31.76 -24.48
N HIS K 613 29.65 31.63 -23.50
CA HIS K 613 29.55 30.39 -22.75
C HIS K 613 28.85 29.39 -23.64
N LEU K 614 29.44 28.21 -23.83
CA LEU K 614 28.88 27.20 -24.72
C LEU K 614 28.57 25.94 -23.92
N LEU K 615 27.54 25.19 -24.36
CA LEU K 615 27.07 24.00 -23.63
C LEU K 615 27.13 22.76 -24.51
N LEU K 616 27.71 21.66 -23.99
CA LEU K 616 27.87 20.43 -24.76
C LEU K 616 26.71 19.47 -24.55
N ALA K 617 26.15 18.94 -25.64
CA ALA K 617 25.01 18.04 -25.51
C ALA K 617 24.83 17.28 -26.82
N PRO K 618 24.12 16.15 -26.79
CA PRO K 618 23.92 15.39 -28.03
C PRO K 618 23.15 16.22 -29.05
N SER K 619 23.70 16.24 -30.25
CA SER K 619 23.04 17.00 -31.30
C SER K 619 21.70 16.39 -31.65
N ASP K 620 20.77 17.24 -32.04
CA ASP K 620 19.53 16.83 -32.67
C ASP K 620 19.77 16.30 -34.08
N VAL K 621 21.02 16.47 -34.60
CA VAL K 621 21.37 16.20 -35.98
C VAL K 621 22.40 15.09 -36.12
N ALA K 622 23.53 15.21 -35.42
CA ALA K 622 24.60 14.23 -35.60
C ALA K 622 25.52 14.24 -34.40
N GLY K 623 25.65 13.09 -33.75
CA GLY K 623 26.59 12.90 -32.66
C GLY K 623 26.49 13.99 -31.63
N TRP K 624 27.65 14.44 -31.16
CA TRP K 624 27.67 15.57 -30.24
C TRP K 624 27.43 16.87 -31.01
N GLY K 625 26.79 17.82 -30.31
CA GLY K 625 26.59 19.15 -30.84
C GLY K 625 26.91 20.15 -29.74
N ILE K 626 26.88 21.42 -30.11
CA ILE K 626 27.09 22.47 -29.15
C ILE K 626 25.97 23.48 -29.22
N PHE K 627 25.62 24.00 -28.05
CA PHE K 627 24.50 24.87 -27.80
C PHE K 627 24.95 26.10 -27.05
N ILE K 628 24.23 27.19 -27.27
CA ILE K 628 24.56 28.47 -26.67
C ILE K 628 23.72 28.64 -25.39
N LYS K 629 24.37 29.10 -24.31
CA LYS K 629 23.71 29.26 -23.03
C LYS K 629 22.74 30.44 -23.03
N ASP K 630 23.24 31.64 -23.30
CA ASP K 630 22.47 32.89 -23.32
C ASP K 630 22.39 33.43 -24.75
N PRO K 631 21.37 34.24 -25.08
CA PRO K 631 21.16 34.63 -26.49
C PRO K 631 22.23 35.60 -26.98
N VAL K 632 22.37 35.66 -28.30
CA VAL K 632 23.32 36.56 -28.96
C VAL K 632 22.66 37.21 -30.17
N GLN K 633 23.09 38.43 -30.47
CA GLN K 633 22.50 39.17 -31.57
C GLN K 633 23.29 38.93 -32.85
N LYS K 634 22.78 39.48 -33.96
CA LYS K 634 23.38 39.22 -35.25
C LYS K 634 24.82 39.73 -35.33
N ASN K 635 25.67 38.91 -35.94
CA ASN K 635 27.08 39.21 -36.14
C ASN K 635 27.84 39.35 -34.84
N GLU K 636 27.31 38.82 -33.75
CA GLU K 636 28.06 38.85 -32.51
C GLU K 636 29.13 37.76 -32.50
N PHE K 637 30.20 38.00 -31.77
CA PHE K 637 31.28 37.02 -31.70
C PHE K 637 30.92 35.95 -30.69
N ILE K 638 31.02 34.70 -31.13
CA ILE K 638 30.67 33.56 -30.30
C ILE K 638 31.91 32.94 -29.69
N SER K 639 32.83 32.48 -30.54
CA SER K 639 34.08 31.88 -30.11
C SER K 639 35.00 31.71 -31.31
N GLU K 640 36.31 31.63 -31.01
CA GLU K 640 37.33 31.30 -32.00
C GLU K 640 37.41 29.80 -32.22
N TYR K 641 37.60 29.38 -33.48
CA TYR K 641 37.75 27.96 -33.78
C TYR K 641 39.21 27.62 -33.63
N CYS K 642 39.60 27.27 -32.42
CA CYS K 642 40.98 26.98 -32.14
C CYS K 642 41.32 25.56 -32.52
N GLY K 643 42.62 25.30 -32.64
CA GLY K 643 43.11 23.96 -32.90
C GLY K 643 44.58 23.97 -33.19
N GLU K 644 45.11 22.77 -33.50
CA GLU K 644 46.45 22.63 -34.05
C GLU K 644 46.50 23.24 -35.43
N ILE K 645 47.60 23.88 -35.75
CA ILE K 645 47.81 24.38 -37.10
C ILE K 645 48.92 23.54 -37.74
N ILE K 646 48.68 23.10 -38.97
CA ILE K 646 49.51 22.11 -39.64
C ILE K 646 49.53 22.44 -41.12
N SER K 647 50.60 22.00 -41.78
CA SER K 647 50.81 22.29 -43.19
C SER K 647 49.71 21.64 -44.05
N GLN K 648 49.57 22.12 -45.26
CA GLN K 648 48.61 21.52 -46.17
C GLN K 648 48.95 20.06 -46.43
N ASP K 649 50.24 19.75 -46.53
CA ASP K 649 50.64 18.36 -46.72
C ASP K 649 50.17 17.50 -45.55
N GLU K 650 50.43 17.95 -44.32
CA GLU K 650 50.03 17.16 -43.14
C GLU K 650 48.53 16.97 -43.09
N ALA K 651 47.78 17.98 -43.51
CA ALA K 651 46.33 17.94 -43.49
C ALA K 651 45.77 16.86 -44.39
N ASP K 652 46.46 16.60 -45.52
CA ASP K 652 46.07 15.54 -46.45
C ASP K 652 46.33 14.16 -45.88
N ARG K 653 47.41 13.98 -45.11
CA ARG K 653 47.65 12.70 -44.49
C ARG K 653 46.61 12.40 -43.43
N ARG K 654 46.35 13.37 -42.54
CA ARG K 654 45.30 13.19 -41.56
C ARG K 654 43.95 13.08 -42.23
N GLY K 655 43.79 13.78 -43.34
CA GLY K 655 42.52 13.79 -44.02
C GLY K 655 42.11 12.44 -44.55
N LYS K 656 43.06 11.65 -45.06
CA LYS K 656 42.70 10.38 -45.64
C LYS K 656 42.06 9.49 -44.58
N VAL K 657 42.70 9.40 -43.42
CA VAL K 657 42.15 8.65 -42.31
C VAL K 657 40.86 9.31 -41.83
N TYR K 658 40.80 10.65 -41.75
CA TYR K 658 39.55 11.27 -41.30
C TYR K 658 38.41 11.01 -42.29
N ASP K 659 38.67 11.10 -43.59
CA ASP K 659 37.61 10.84 -44.57
C ASP K 659 37.10 9.41 -44.41
N LYS K 660 38.02 8.45 -44.19
CA LYS K 660 37.59 7.08 -43.98
C LYS K 660 36.73 6.99 -42.72
N TYR K 661 37.16 7.65 -41.64
CA TYR K 661 36.35 7.69 -40.41
C TYR K 661 35.03 8.40 -40.59
N MET K 662 34.94 9.32 -41.56
CA MET K 662 33.76 10.09 -41.94
C MET K 662 33.56 11.29 -41.00
N CYS K 663 34.47 11.51 -40.06
CA CYS K 663 34.39 12.64 -39.16
C CYS K 663 35.69 13.41 -39.32
N SER K 664 35.57 14.72 -39.57
CA SER K 664 36.72 15.60 -39.77
C SER K 664 36.51 16.88 -38.99
N PHE K 665 37.53 17.26 -38.24
CA PHE K 665 37.61 18.55 -37.58
C PHE K 665 38.54 19.53 -38.32
N LEU K 666 38.86 19.26 -39.58
CA LEU K 666 39.78 20.14 -40.31
C LEU K 666 39.10 21.42 -40.75
N PHE K 667 39.83 22.52 -40.64
CA PHE K 667 39.35 23.83 -41.06
C PHE K 667 40.49 24.56 -41.78
N ASN K 668 40.18 25.04 -42.99
CA ASN K 668 41.19 25.67 -43.84
C ASN K 668 41.44 27.09 -43.38
N LEU K 669 42.70 27.39 -43.03
CA LEU K 669 43.05 28.72 -42.53
C LEU K 669 43.50 29.66 -43.65
N ASN K 670 44.45 29.21 -44.42
CA ASN K 670 44.97 29.97 -45.54
C ASN K 670 45.73 28.95 -46.37
N ASN K 671 46.41 29.44 -47.38
CA ASN K 671 47.22 28.55 -48.20
C ASN K 671 48.28 27.79 -47.43
N ASP K 672 48.97 28.46 -46.53
CA ASP K 672 50.09 27.79 -45.89
C ASP K 672 49.68 26.80 -44.80
N PHE K 673 48.57 27.05 -44.11
CA PHE K 673 48.23 26.23 -42.96
C PHE K 673 46.76 25.86 -42.92
N VAL K 674 46.47 24.80 -42.17
CA VAL K 674 45.13 24.28 -41.87
C VAL K 674 45.02 24.18 -40.34
N VAL K 675 43.84 24.47 -39.81
CA VAL K 675 43.59 24.37 -38.39
C VAL K 675 42.86 23.06 -38.17
N ASP K 676 43.43 22.20 -37.33
CA ASP K 676 42.89 20.88 -37.03
C ASP K 676 42.54 20.81 -35.55
N ALA K 677 41.24 20.83 -35.24
CA ALA K 677 40.76 20.75 -33.88
C ALA K 677 40.61 19.32 -33.38
N THR K 678 41.07 18.33 -34.14
CA THR K 678 40.85 16.94 -33.78
C THR K 678 41.57 16.60 -32.47
N ARG K 679 42.89 16.80 -32.44
CA ARG K 679 43.68 16.42 -31.28
C ARG K 679 43.54 17.43 -30.15
N LYS K 680 43.55 18.71 -30.47
CA LYS K 680 43.30 19.69 -29.44
C LYS K 680 42.49 20.83 -30.07
N GLY K 681 41.59 21.43 -29.31
CA GLY K 681 40.71 22.41 -29.89
C GLY K 681 39.90 23.08 -28.81
N ASN K 682 38.69 23.52 -29.14
CA ASN K 682 37.83 24.14 -28.12
C ASN K 682 36.38 23.79 -28.41
N LYS K 683 35.51 24.16 -27.48
CA LYS K 683 34.15 23.64 -27.49
C LYS K 683 33.42 23.94 -28.78
N ILE K 684 33.72 25.07 -29.42
CA ILE K 684 33.01 25.33 -30.66
C ILE K 684 33.26 24.26 -31.72
N ARG K 685 34.24 23.38 -31.52
CA ARG K 685 34.53 22.32 -32.49
C ARG K 685 33.36 21.37 -32.72
N PHE K 686 32.47 21.20 -31.73
CA PHE K 686 31.31 20.32 -31.84
C PHE K 686 30.19 20.90 -32.70
N ALA K 687 30.26 22.18 -33.09
CA ALA K 687 29.21 22.75 -33.93
C ALA K 687 29.07 21.96 -35.23
N ASN K 688 27.83 21.66 -35.58
CA ASN K 688 27.57 20.79 -36.71
C ASN K 688 27.40 21.59 -38.00
N HIS K 689 27.37 20.89 -39.12
CA HIS K 689 27.12 21.52 -40.40
C HIS K 689 25.62 21.68 -40.64
N SER K 690 25.26 22.74 -41.37
CA SER K 690 23.89 22.95 -41.83
C SER K 690 23.91 23.90 -43.03
N VAL K 691 23.08 23.62 -44.02
CA VAL K 691 23.07 24.51 -45.17
C VAL K 691 22.37 25.82 -44.81
N ASN K 692 21.33 25.78 -43.94
CA ASN K 692 20.70 26.98 -43.40
C ASN K 692 21.19 27.21 -41.98
N PRO K 693 22.43 27.62 -41.78
CA PRO K 693 22.98 27.65 -40.42
C PRO K 693 22.52 28.90 -39.69
N ASN K 694 22.87 28.94 -38.41
CA ASN K 694 22.68 30.13 -37.62
C ASN K 694 24.00 30.77 -37.26
N CYS K 695 25.10 30.33 -37.87
CA CYS K 695 26.43 30.89 -37.61
C CYS K 695 27.26 30.89 -38.90
N TYR K 696 28.25 31.79 -38.94
CA TYR K 696 29.18 31.89 -40.04
C TYR K 696 30.60 32.05 -39.52
N ALA K 697 31.57 31.82 -40.41
CA ALA K 697 32.97 31.83 -40.05
C ALA K 697 33.73 32.89 -40.84
N LYS K 698 34.54 33.66 -40.13
CA LYS K 698 35.47 34.62 -40.73
C LYS K 698 36.90 34.23 -40.38
N VAL K 699 37.75 34.12 -41.39
CA VAL K 699 39.16 34.01 -41.09
C VAL K 699 39.69 35.43 -41.02
N MET K 700 39.81 35.94 -39.81
CA MET K 700 40.34 37.28 -39.68
C MET K 700 41.85 37.25 -39.50
N MET K 701 42.46 38.40 -39.70
CA MET K 701 43.89 38.56 -39.48
C MET K 701 44.08 39.38 -38.22
N VAL K 702 44.74 38.79 -37.23
CA VAL K 702 44.78 39.31 -35.87
C VAL K 702 46.20 39.41 -35.33
N ASN K 703 46.82 40.58 -35.43
CA ASN K 703 48.16 40.80 -34.84
C ASN K 703 49.19 39.79 -35.33
N GLY K 704 49.20 39.57 -36.64
CA GLY K 704 50.13 38.69 -37.31
C GLY K 704 49.65 37.28 -37.53
N ASP K 705 48.62 36.84 -36.82
CA ASP K 705 48.16 35.49 -36.95
C ASP K 705 46.78 35.48 -37.59
N HIS K 706 46.53 34.48 -38.43
CA HIS K 706 45.22 34.27 -38.99
C HIS K 706 44.42 33.43 -38.00
N ARG K 707 43.22 33.88 -37.67
CA ARG K 707 42.41 33.18 -36.69
C ARG K 707 40.98 33.09 -37.18
N ILE K 708 40.33 31.97 -36.86
CA ILE K 708 38.96 31.72 -37.32
C ILE K 708 37.99 32.19 -36.26
N GLY K 709 37.05 33.00 -36.66
CA GLY K 709 36.08 33.49 -35.71
C GLY K 709 34.70 33.05 -36.12
N ILE K 710 33.93 32.50 -35.16
CA ILE K 710 32.58 32.05 -35.41
C ILE K 710 31.61 33.08 -34.85
N PHE K 711 30.74 33.60 -35.72
CA PHE K 711 29.81 34.67 -35.41
C PHE K 711 28.39 34.22 -35.66
N ALA K 712 27.46 34.92 -35.02
CA ALA K 712 26.04 34.63 -35.19
C ALA K 712 25.53 35.22 -36.49
N LYS K 713 24.96 34.37 -37.35
CA LYS K 713 24.37 34.80 -38.61
C LYS K 713 22.99 35.47 -38.44
N ARG K 714 22.39 35.37 -37.27
CA ARG K 714 21.06 35.91 -36.99
C ARG K 714 20.90 35.99 -35.48
N ALA K 715 19.76 36.48 -35.03
CA ALA K 715 19.45 36.38 -33.61
C ALA K 715 19.34 34.91 -33.21
N ILE K 716 19.94 34.54 -32.06
CA ILE K 716 19.94 33.17 -31.57
C ILE K 716 19.34 33.12 -30.18
N GLN K 717 18.35 32.23 -29.97
CA GLN K 717 17.71 32.10 -28.66
C GLN K 717 18.55 31.22 -27.71
N THR K 718 18.24 31.30 -26.43
CA THR K 718 18.89 30.44 -25.44
C THR K 718 18.76 28.96 -25.83
N GLY K 719 19.85 28.22 -25.67
CA GLY K 719 19.76 26.79 -25.86
C GLY K 719 19.61 26.32 -27.28
N GLU K 720 19.76 27.21 -28.27
CA GLU K 720 19.77 26.78 -29.67
C GLU K 720 21.06 26.03 -29.96
N GLU K 721 20.96 25.06 -30.87
CA GLU K 721 22.12 24.36 -31.37
C GLU K 721 22.78 25.18 -32.46
N LEU K 722 24.09 25.32 -32.38
CA LEU K 722 24.80 26.15 -33.35
C LEU K 722 25.20 25.32 -34.56
N PHE K 723 25.08 25.92 -35.73
CA PHE K 723 25.50 25.28 -36.96
C PHE K 723 26.23 26.28 -37.83
N PHE K 724 27.20 25.79 -38.61
CA PHE K 724 27.78 26.63 -39.63
C PHE K 724 28.01 25.80 -40.89
N ASP K 725 28.15 26.52 -42.02
CA ASP K 725 28.29 25.90 -43.33
C ASP K 725 29.73 25.49 -43.57
N TYR K 726 29.92 24.18 -43.72
CA TYR K 726 31.25 23.61 -43.88
C TYR K 726 31.87 23.95 -45.21
N ARG K 727 31.05 24.11 -46.26
CA ARG K 727 31.53 24.44 -47.62
C ARG K 727 32.10 23.23 -48.34
N TYR K 728 31.64 22.04 -48.01
CA TYR K 728 32.12 20.88 -48.72
C TYR K 728 31.45 20.88 -50.12
N SER K 729 31.85 19.95 -50.98
CA SER K 729 31.26 19.91 -52.33
C SER K 729 29.71 19.67 -52.28
N GLN K 730 29.11 18.67 -51.60
CA GLN K 730 29.68 17.43 -51.02
C GLN K 730 28.52 16.70 -50.38
N ALA K 731 28.76 15.46 -50.04
CA ALA K 731 28.22 15.03 -48.77
C ALA K 731 29.28 14.13 -48.12
N ASP K 732 29.90 14.61 -47.03
CA ASP K 732 30.92 13.81 -46.35
C ASP K 732 30.86 14.07 -44.84
N LYS L 3 62.80 -30.71 -15.92
CA LYS L 3 63.14 -29.29 -15.96
C LYS L 3 62.04 -28.41 -16.60
N CYS L 4 60.84 -28.98 -16.75
CA CYS L 4 59.74 -28.39 -17.50
C CYS L 4 58.55 -28.24 -16.58
N LYS L 5 58.09 -27.02 -16.42
CA LYS L 5 56.90 -26.85 -15.61
C LYS L 5 56.02 -25.84 -16.32
N TYR L 6 54.71 -25.86 -16.03
CA TYR L 6 54.00 -26.80 -15.12
C TYR L 6 53.10 -27.77 -15.87
N SER L 7 52.65 -28.85 -15.26
CA SER L 7 51.80 -29.80 -15.98
C SER L 7 50.36 -29.61 -15.57
N PHE L 8 49.46 -29.67 -16.57
CA PHE L 8 48.02 -29.55 -16.35
C PHE L 8 47.32 -30.61 -17.18
N LYS L 9 46.06 -30.92 -16.84
CA LYS L 9 45.24 -31.79 -17.68
C LYS L 9 43.82 -31.21 -17.77
N CYS L 10 43.17 -31.44 -18.93
CA CYS L 10 41.89 -30.81 -19.27
C CYS L 10 40.74 -31.65 -18.71
N VAL L 11 40.19 -31.19 -17.58
CA VAL L 11 39.13 -31.93 -16.89
C VAL L 11 37.72 -31.67 -17.49
N ASN L 12 37.46 -30.49 -18.04
CA ASN L 12 36.13 -30.21 -18.57
C ASN L 12 36.23 -29.07 -19.58
N SER L 13 35.26 -29.00 -20.51
CA SER L 13 35.10 -27.90 -21.48
C SER L 13 33.61 -27.55 -21.55
N LEU L 14 33.29 -26.25 -21.56
CA LEU L 14 31.91 -25.77 -21.59
C LEU L 14 31.75 -24.81 -22.75
N LYS L 15 30.58 -24.82 -23.35
CA LYS L 15 30.27 -23.92 -24.44
C LYS L 15 28.92 -23.24 -24.19
N GLU L 16 28.91 -21.91 -24.27
CA GLU L 16 27.73 -21.09 -24.13
C GLU L 16 26.88 -21.11 -25.41
N ASP L 17 25.59 -20.81 -25.23
CA ASP L 17 24.55 -20.98 -26.23
C ASP L 17 24.50 -19.88 -27.29
N HIS L 18 25.33 -18.84 -27.19
CA HIS L 18 25.28 -17.73 -28.13
C HIS L 18 26.23 -17.82 -29.33
N ASN L 19 27.35 -18.57 -29.24
CA ASN L 19 28.34 -18.79 -30.32
C ASN L 19 29.10 -17.51 -30.71
N GLN L 20 29.01 -16.50 -29.91
CA GLN L 20 29.91 -15.38 -30.00
C GLN L 20 31.14 -15.60 -29.13
N PRO L 21 32.26 -14.96 -29.43
CA PRO L 21 33.48 -15.15 -28.64
C PRO L 21 33.32 -14.70 -27.19
N LEU L 22 33.97 -15.42 -26.29
CA LEU L 22 34.15 -14.96 -24.92
C LEU L 22 35.46 -14.19 -24.86
N PHE L 23 35.38 -12.89 -24.63
CA PHE L 23 36.54 -12.00 -24.67
C PHE L 23 37.24 -11.82 -23.34
N GLY L 24 36.66 -12.30 -22.24
CA GLY L 24 37.25 -12.08 -20.94
C GLY L 24 36.89 -13.17 -19.96
N VAL L 25 37.80 -13.42 -19.02
CA VAL L 25 37.54 -14.39 -17.96
C VAL L 25 38.29 -13.95 -16.71
N GLN L 26 37.66 -14.14 -15.56
CA GLN L 26 38.22 -13.66 -14.30
C GLN L 26 37.77 -14.61 -13.19
N PHE L 27 38.72 -15.24 -12.50
CA PHE L 27 38.40 -15.92 -11.24
C PHE L 27 38.18 -14.89 -10.16
N ASN L 28 37.31 -15.20 -9.21
CA ASN L 28 37.04 -14.27 -8.10
C ASN L 28 38.11 -14.47 -7.04
N TRP L 29 39.20 -13.68 -7.09
CA TRP L 29 40.25 -13.89 -6.11
C TRP L 29 39.91 -13.35 -4.74
N HIS L 30 38.69 -12.89 -4.51
CA HIS L 30 38.38 -12.33 -3.20
C HIS L 30 37.74 -13.36 -2.26
N SER L 31 37.14 -14.42 -2.78
CA SER L 31 36.44 -15.39 -1.95
C SER L 31 37.36 -16.00 -0.89
N LYS L 32 36.80 -16.23 0.29
CA LYS L 32 37.58 -16.70 1.44
C LYS L 32 37.99 -18.18 1.29
N GLU L 33 39.08 -18.53 1.97
CA GLU L 33 39.66 -19.86 1.80
C GLU L 33 38.69 -20.94 2.28
N GLY L 34 38.53 -21.97 1.44
CA GLY L 34 37.53 -23.01 1.58
C GLY L 34 36.19 -22.70 0.90
N ASP L 35 35.95 -21.46 0.51
CA ASP L 35 34.74 -21.23 -0.25
C ASP L 35 35.03 -21.63 -1.70
N PRO L 36 34.04 -22.11 -2.45
CA PRO L 36 34.34 -22.62 -3.80
C PRO L 36 34.93 -21.57 -4.73
N LEU L 37 35.67 -22.07 -5.73
CA LEU L 37 36.33 -21.21 -6.69
C LEU L 37 35.32 -20.79 -7.76
N VAL L 38 34.96 -19.49 -7.79
CA VAL L 38 33.99 -18.95 -8.73
C VAL L 38 34.71 -18.11 -9.77
N PHE L 39 34.24 -18.18 -11.02
CA PHE L 39 34.81 -17.32 -12.05
C PHE L 39 33.69 -16.77 -12.94
N ALA L 40 33.96 -15.62 -13.56
CA ALA L 40 33.04 -14.94 -14.46
C ALA L 40 33.59 -14.96 -15.88
N THR L 41 32.68 -14.98 -16.87
CA THR L 41 33.03 -14.86 -18.29
C THR L 41 32.16 -13.78 -18.91
N VAL L 42 32.75 -12.95 -19.76
CA VAL L 42 32.02 -11.95 -20.49
C VAL L 42 32.15 -12.26 -21.97
N GLY L 43 31.05 -12.23 -22.68
CA GLY L 43 31.08 -12.50 -24.09
C GLY L 43 29.71 -12.19 -24.64
N SER L 44 29.63 -11.87 -25.93
CA SER L 44 28.39 -11.41 -26.60
C SER L 44 27.83 -10.29 -25.72
N ASN L 45 26.54 -10.26 -25.40
CA ASN L 45 26.06 -9.19 -24.52
C ASN L 45 25.70 -9.69 -23.16
N ARG L 46 26.34 -10.79 -22.72
CA ARG L 46 26.06 -11.51 -21.49
C ARG L 46 27.28 -11.70 -20.60
N VAL L 47 27.01 -11.80 -19.31
CA VAL L 47 27.98 -12.09 -18.27
C VAL L 47 27.51 -13.36 -17.57
N THR L 48 28.40 -14.34 -17.43
CA THR L 48 28.01 -15.57 -16.79
C THR L 48 28.99 -15.96 -15.69
N LEU L 49 28.44 -16.48 -14.60
CA LEU L 49 29.18 -16.89 -13.42
C LEU L 49 29.14 -18.40 -13.32
N TYR L 50 30.30 -18.99 -12.99
CA TYR L 50 30.48 -20.43 -12.85
C TYR L 50 31.18 -20.76 -11.55
N GLU L 51 30.90 -21.95 -11.04
CA GLU L 51 31.46 -22.45 -9.79
C GLU L 51 32.21 -23.73 -10.09
N CYS L 52 33.47 -23.78 -9.66
CA CYS L 52 34.36 -24.91 -9.89
C CYS L 52 34.20 -25.95 -8.77
N HIS L 53 34.02 -27.22 -9.16
CA HIS L 53 33.84 -28.27 -8.17
C HIS L 53 34.82 -29.41 -8.43
N SER L 54 34.92 -30.25 -7.40
CA SER L 54 35.90 -31.34 -7.35
C SER L 54 35.72 -32.37 -8.46
N GLN L 55 36.89 -32.82 -8.97
CA GLN L 55 37.10 -33.95 -9.87
C GLN L 55 36.78 -33.55 -11.30
N GLY L 56 35.53 -33.25 -11.57
CA GLY L 56 35.23 -33.01 -12.96
C GLY L 56 34.21 -31.94 -13.35
N GLU L 57 33.73 -31.12 -12.43
CA GLU L 57 32.54 -30.35 -12.79
C GLU L 57 32.66 -28.87 -12.51
N ILE L 58 32.03 -28.11 -13.39
CA ILE L 58 31.88 -26.67 -13.32
C ILE L 58 30.39 -26.35 -13.29
N ARG L 59 29.93 -25.67 -12.26
CA ARG L 59 28.51 -25.44 -12.05
C ARG L 59 28.14 -24.03 -12.48
N LEU L 60 27.12 -23.93 -13.34
CA LEU L 60 26.60 -22.66 -13.85
C LEU L 60 25.73 -21.99 -12.80
N LEU L 61 26.15 -20.82 -12.33
CA LEU L 61 25.49 -20.17 -11.21
C LEU L 61 24.50 -19.07 -11.61
N GLN L 62 24.92 -18.16 -12.48
CA GLN L 62 24.13 -17.00 -12.88
C GLN L 62 24.54 -16.58 -14.28
N SER L 63 23.63 -15.95 -15.00
CA SER L 63 23.98 -15.36 -16.28
C SER L 63 23.07 -14.15 -16.52
N TYR L 64 23.66 -13.01 -16.84
CA TYR L 64 23.00 -11.74 -17.01
C TYR L 64 23.11 -11.27 -18.46
N VAL L 65 22.07 -10.61 -18.96
CA VAL L 65 22.06 -10.11 -20.32
C VAL L 65 21.75 -8.64 -20.30
N ASP L 66 22.41 -7.90 -21.19
CA ASP L 66 22.09 -6.49 -21.35
C ASP L 66 20.80 -6.35 -22.13
N ALA L 67 19.98 -5.39 -21.72
CA ALA L 67 18.78 -5.11 -22.48
C ALA L 67 19.12 -4.68 -23.89
N ASP L 68 20.32 -4.13 -24.08
CA ASP L 68 20.74 -3.73 -25.40
C ASP L 68 21.25 -4.94 -26.15
N ALA L 69 20.64 -5.26 -27.29
CA ALA L 69 21.14 -6.38 -28.08
C ALA L 69 22.51 -6.08 -28.67
N ASP L 70 22.78 -4.81 -28.95
CA ASP L 70 24.01 -4.37 -29.59
C ASP L 70 25.20 -4.34 -28.64
N GLU L 71 25.00 -4.25 -27.33
CA GLU L 71 26.12 -4.25 -26.40
C GLU L 71 26.97 -5.49 -26.63
N ASN L 72 28.26 -5.34 -26.42
CA ASN L 72 29.15 -6.49 -26.53
C ASN L 72 30.18 -6.36 -25.41
N PHE L 73 30.07 -7.19 -24.39
CA PHE L 73 30.97 -7.05 -23.27
C PHE L 73 32.33 -7.61 -23.63
N TYR L 74 33.35 -6.87 -23.23
CA TYR L 74 34.72 -7.22 -23.53
C TYR L 74 35.52 -7.64 -22.31
N THR L 75 35.22 -7.09 -21.15
CA THR L 75 36.11 -7.21 -20.01
C THR L 75 35.31 -7.15 -18.73
N CYS L 76 35.88 -7.79 -17.69
CA CYS L 76 35.27 -7.77 -16.37
C CYS L 76 36.35 -7.86 -15.28
N ALA L 77 36.01 -7.41 -14.08
CA ALA L 77 36.96 -7.43 -12.97
C ALA L 77 36.21 -7.43 -11.65
N TRP L 78 36.69 -8.23 -10.69
CA TRP L 78 36.02 -8.45 -9.41
C TRP L 78 36.48 -7.47 -8.33
N THR L 79 35.56 -7.13 -7.43
CA THR L 79 35.93 -6.39 -6.23
C THR L 79 34.85 -6.68 -5.19
N TYR L 80 34.94 -6.02 -4.06
CA TYR L 80 33.98 -6.20 -2.98
C TYR L 80 33.53 -4.83 -2.44
N ASP L 81 32.40 -4.85 -1.76
CA ASP L 81 31.90 -3.73 -1.00
C ASP L 81 32.33 -3.94 0.46
N SER L 82 33.34 -3.20 0.93
CA SER L 82 33.94 -3.55 2.22
C SER L 82 32.95 -3.49 3.38
N ASN L 83 31.83 -2.80 3.23
CA ASN L 83 30.86 -2.68 4.31
C ASN L 83 29.92 -3.88 4.34
N THR L 84 29.23 -4.12 3.23
CA THR L 84 28.35 -5.27 3.20
C THR L 84 29.15 -6.52 2.91
N SER L 85 30.42 -6.35 2.56
CA SER L 85 31.30 -7.48 2.32
C SER L 85 30.81 -8.35 1.18
N HIS L 86 29.97 -7.85 0.32
CA HIS L 86 29.50 -8.54 -0.89
C HIS L 86 30.56 -8.49 -1.99
N PRO L 87 30.57 -9.52 -2.85
CA PRO L 87 31.43 -9.49 -4.03
C PRO L 87 30.77 -8.65 -5.10
N LEU L 88 31.56 -7.92 -5.85
CA LEU L 88 31.05 -7.10 -6.94
C LEU L 88 31.81 -7.44 -8.21
N LEU L 89 31.08 -7.51 -9.33
CA LEU L 89 31.65 -7.78 -10.65
C LEU L 89 31.36 -6.61 -11.60
N ALA L 90 32.41 -6.10 -12.24
CA ALA L 90 32.32 -4.95 -13.15
C ALA L 90 32.43 -5.45 -14.58
N VAL L 91 31.55 -4.98 -15.46
CA VAL L 91 31.60 -5.38 -16.87
C VAL L 91 31.53 -4.14 -17.76
N ALA L 92 32.28 -4.19 -18.86
CA ALA L 92 32.34 -3.09 -19.82
C ALA L 92 32.55 -3.70 -21.21
N GLY L 93 32.19 -2.91 -22.23
CA GLY L 93 32.27 -3.42 -23.60
C GLY L 93 32.22 -2.42 -24.73
N SER L 94 31.65 -2.87 -25.84
CA SER L 94 31.69 -2.07 -27.05
C SER L 94 31.02 -0.72 -26.83
N ARG L 95 29.90 -0.71 -26.10
CA ARG L 95 29.19 0.53 -25.86
C ARG L 95 29.95 1.46 -24.92
N GLY L 96 31.11 1.03 -24.42
CA GLY L 96 31.87 1.90 -23.55
C GLY L 96 31.20 2.25 -22.24
N ILE L 97 30.27 1.42 -21.78
CA ILE L 97 29.55 1.68 -20.55
C ILE L 97 30.02 0.63 -19.53
N ILE L 98 30.24 1.08 -18.29
CA ILE L 98 30.56 0.25 -17.14
C ILE L 98 29.28 -0.04 -16.38
N ARG L 99 29.07 -1.30 -16.05
CA ARG L 99 28.03 -1.77 -15.13
C ARG L 99 28.69 -2.43 -13.93
N ILE L 100 28.07 -2.29 -12.78
CA ILE L 100 28.49 -3.01 -11.59
C ILE L 100 27.36 -3.97 -11.24
N ILE L 101 27.65 -5.28 -11.25
CA ILE L 101 26.71 -6.32 -10.84
C ILE L 101 27.04 -6.72 -9.40
N ASN L 102 26.00 -6.85 -8.56
CA ASN L 102 26.09 -7.51 -7.25
C ASN L 102 25.48 -8.89 -7.37
N PRO L 103 26.28 -9.94 -7.50
CA PRO L 103 25.71 -11.29 -7.67
C PRO L 103 25.02 -11.84 -6.43
N ILE L 104 25.13 -11.18 -5.28
CA ILE L 104 24.31 -11.57 -4.12
C ILE L 104 22.84 -11.20 -4.36
N THR L 105 22.58 -9.96 -4.71
CA THR L 105 21.21 -9.54 -4.94
C THR L 105 20.76 -9.69 -6.38
N MET L 106 21.68 -10.08 -7.26
CA MET L 106 21.36 -10.21 -8.67
C MET L 106 20.80 -8.95 -9.27
N GLN L 107 21.41 -7.82 -8.96
CA GLN L 107 20.93 -6.56 -9.45
C GLN L 107 22.11 -5.72 -9.91
N CYS L 108 21.90 -4.97 -10.98
CA CYS L 108 22.93 -4.07 -11.48
C CYS L 108 22.77 -2.80 -10.66
N ILE L 109 23.66 -2.63 -9.66
CA ILE L 109 23.53 -1.49 -8.75
C ILE L 109 24.05 -0.21 -9.38
N LYS L 110 25.12 -0.27 -10.17
CA LYS L 110 25.71 0.96 -10.68
C LYS L 110 26.04 0.81 -12.17
N HIS L 111 26.07 1.95 -12.86
CA HIS L 111 26.50 2.09 -14.25
C HIS L 111 27.22 3.45 -14.39
N TYR L 112 28.21 3.53 -15.30
CA TYR L 112 29.00 4.73 -15.60
C TYR L 112 29.10 4.96 -17.11
N VAL L 113 28.72 6.14 -17.58
CA VAL L 113 28.64 6.37 -19.01
C VAL L 113 29.51 7.50 -19.50
N GLY L 114 30.71 7.65 -18.93
CA GLY L 114 31.55 8.75 -19.39
C GLY L 114 32.44 8.49 -20.60
N HIS L 115 32.78 7.23 -20.90
CA HIS L 115 33.79 6.98 -21.93
C HIS L 115 33.33 7.34 -23.34
N GLY L 116 34.29 7.79 -24.13
CA GLY L 116 34.02 8.15 -25.52
C GLY L 116 33.78 6.96 -26.43
N ASN L 117 34.41 5.83 -26.17
CA ASN L 117 34.22 4.68 -27.05
C ASN L 117 34.39 3.42 -26.20
N ALA L 118 34.45 2.27 -26.86
CA ALA L 118 34.53 0.94 -26.25
C ALA L 118 35.60 0.88 -25.15
N ILE L 119 35.32 0.11 -24.09
CA ILE L 119 36.22 -0.09 -22.97
C ILE L 119 36.88 -1.46 -23.14
N ASN L 120 38.16 -1.48 -23.46
CA ASN L 120 38.91 -2.70 -23.71
C ASN L 120 39.30 -3.44 -22.44
N GLU L 121 39.58 -2.74 -21.34
CA GLU L 121 40.01 -3.44 -20.14
C GLU L 121 39.49 -2.76 -18.88
N LEU L 122 39.27 -3.55 -17.84
CA LEU L 122 38.88 -3.06 -16.52
C LEU L 122 39.86 -3.64 -15.50
N LYS L 123 40.23 -2.84 -14.51
CA LYS L 123 41.13 -3.25 -13.44
C LYS L 123 40.74 -2.55 -12.14
N PHE L 124 40.95 -3.22 -11.02
CA PHE L 124 40.63 -2.67 -9.72
C PHE L 124 41.91 -2.44 -8.92
N HIS L 125 41.91 -1.35 -8.16
CA HIS L 125 43.04 -1.06 -7.30
C HIS L 125 43.25 -2.21 -6.32
N PRO L 126 44.46 -2.75 -6.21
CA PRO L 126 44.68 -3.83 -5.24
C PRO L 126 44.39 -3.44 -3.80
N ARG L 127 44.77 -2.24 -3.38
CA ARG L 127 44.53 -1.89 -1.97
C ARG L 127 43.14 -1.30 -1.74
N ASP L 128 42.61 -0.57 -2.72
CA ASP L 128 41.34 0.12 -2.55
C ASP L 128 40.30 -0.50 -3.48
N PRO L 129 39.31 -1.22 -2.95
CA PRO L 129 38.36 -1.92 -3.82
C PRO L 129 37.47 -1.00 -4.60
N ASN L 130 37.40 0.28 -4.23
CA ASN L 130 36.52 1.27 -4.84
C ASN L 130 37.16 2.01 -6.03
N LEU L 131 38.46 1.88 -6.25
CA LEU L 131 39.11 2.59 -7.32
C LEU L 131 39.15 1.67 -8.54
N LEU L 132 38.28 1.95 -9.51
CA LEU L 132 38.16 1.14 -10.72
C LEU L 132 38.80 1.88 -11.88
N LEU L 133 39.70 1.20 -12.61
CA LEU L 133 40.44 1.77 -13.73
C LEU L 133 39.92 1.18 -15.01
N SER L 134 39.44 2.05 -15.89
CA SER L 134 38.89 1.68 -17.19
C SER L 134 39.74 2.28 -18.28
N VAL L 135 39.90 1.46 -19.29
CA VAL L 135 40.78 1.69 -20.43
C VAL L 135 39.90 1.74 -21.67
N SER L 136 40.11 2.73 -22.53
CA SER L 136 39.14 2.81 -23.62
C SER L 136 39.72 3.04 -25.01
N LYS L 137 38.87 2.82 -26.00
CA LYS L 137 39.15 3.13 -27.40
C LYS L 137 39.33 4.62 -27.64
N ASP L 138 38.81 5.46 -26.75
CA ASP L 138 38.84 6.91 -26.86
C ASP L 138 40.21 7.50 -26.57
N HIS L 139 41.22 6.67 -26.41
CA HIS L 139 42.59 7.06 -26.16
C HIS L 139 42.83 7.46 -24.70
N ALA L 140 41.87 7.18 -23.80
CA ALA L 140 41.96 7.58 -22.41
C ALA L 140 41.81 6.42 -21.44
N LEU L 141 42.47 6.56 -20.29
CA LEU L 141 42.18 5.77 -19.10
C LEU L 141 41.48 6.67 -18.10
N ARG L 142 40.44 6.16 -17.47
CA ARG L 142 39.70 6.88 -16.45
C ARG L 142 39.78 6.11 -15.14
N LEU L 143 39.99 6.81 -14.03
CA LEU L 143 40.05 6.20 -12.70
C LEU L 143 38.81 6.61 -11.90
N TRP L 144 37.95 5.64 -11.56
CA TRP L 144 36.66 5.90 -10.92
C TRP L 144 36.64 5.46 -9.46
N ASN L 145 36.00 6.25 -8.62
CA ASN L 145 35.71 5.88 -7.25
C ASN L 145 34.25 5.45 -7.21
N ILE L 146 34.04 4.13 -7.20
CA ILE L 146 32.68 3.60 -7.30
C ILE L 146 31.92 3.70 -6.00
N GLN L 147 32.56 4.17 -4.94
CA GLN L 147 31.83 4.42 -3.70
C GLN L 147 31.04 5.72 -3.77
N THR L 148 31.68 6.82 -4.18
CA THR L 148 31.03 8.13 -4.30
C THR L 148 30.55 8.44 -5.72
N ASP L 149 30.66 7.49 -6.64
CA ASP L 149 30.28 7.70 -8.03
C ASP L 149 31.00 8.90 -8.64
N THR L 150 32.29 9.04 -8.33
CA THR L 150 33.09 10.15 -8.84
C THR L 150 34.16 9.66 -9.81
N LEU L 151 34.39 10.46 -10.85
CA LEU L 151 35.47 10.22 -11.79
C LEU L 151 36.71 10.91 -11.22
N VAL L 152 37.66 10.14 -10.71
CA VAL L 152 38.80 10.76 -10.03
C VAL L 152 39.72 11.41 -11.02
N ALA L 153 40.09 10.70 -12.07
CA ALA L 153 41.11 11.22 -12.97
C ALA L 153 40.89 10.67 -14.36
N ILE L 154 41.41 11.42 -15.32
CA ILE L 154 41.50 10.99 -16.71
C ILE L 154 42.96 11.04 -17.13
N PHE L 155 43.44 9.90 -17.67
CA PHE L 155 44.82 9.69 -18.10
C PHE L 155 44.79 9.71 -19.62
N GLY L 156 44.91 10.90 -20.17
CA GLY L 156 44.94 11.06 -21.60
C GLY L 156 45.24 12.51 -21.87
N GLY L 157 45.55 12.80 -23.13
CA GLY L 157 45.74 14.17 -23.55
C GLY L 157 46.91 14.31 -24.53
N VAL L 158 47.60 15.47 -24.35
CA VAL L 158 48.65 15.86 -25.26
C VAL L 158 49.79 14.84 -25.27
N GLU L 159 50.12 14.21 -24.12
CA GLU L 159 51.09 13.10 -24.08
C GLU L 159 50.47 11.73 -23.77
N GLY L 160 49.15 11.61 -23.81
CA GLY L 160 48.42 10.36 -23.70
C GLY L 160 48.54 9.53 -24.98
N HIS L 161 47.81 8.44 -25.01
CA HIS L 161 47.85 7.58 -26.19
C HIS L 161 47.25 8.29 -27.39
N ARG L 162 47.75 7.98 -28.57
CA ARG L 162 47.20 8.53 -29.79
C ARG L 162 46.10 7.67 -30.38
N ASP L 163 46.05 6.39 -30.02
CA ASP L 163 44.97 5.53 -30.49
C ASP L 163 44.45 4.68 -29.35
N GLU L 164 43.62 3.66 -29.65
CA GLU L 164 42.92 2.92 -28.59
C GLU L 164 43.91 2.56 -27.50
N VAL L 165 43.51 2.68 -26.25
CA VAL L 165 44.28 2.07 -25.18
C VAL L 165 43.71 0.67 -25.00
N LEU L 166 44.55 -0.36 -25.11
CA LEU L 166 44.08 -1.73 -25.10
C LEU L 166 44.15 -2.39 -23.75
N SER L 167 45.11 -2.02 -22.90
CA SER L 167 45.20 -2.71 -21.62
C SER L 167 45.89 -1.82 -20.61
N ALA L 168 45.73 -2.18 -19.33
CA ALA L 168 46.47 -1.53 -18.26
C ALA L 168 46.53 -2.49 -17.08
N ASP L 169 47.42 -2.20 -16.14
CA ASP L 169 47.53 -3.01 -14.94
C ASP L 169 48.11 -2.18 -13.83
N TYR L 170 47.55 -2.32 -12.63
CA TYR L 170 48.15 -1.67 -11.48
C TYR L 170 49.47 -2.37 -11.10
N ASP L 171 50.30 -1.69 -10.32
CA ASP L 171 51.38 -2.46 -9.72
C ASP L 171 50.83 -3.18 -8.49
N LEU L 172 51.65 -4.07 -7.93
CA LEU L 172 51.21 -4.90 -6.82
C LEU L 172 50.72 -4.09 -5.62
N LEU L 173 51.45 -3.04 -5.23
CA LEU L 173 51.01 -2.20 -4.12
C LEU L 173 50.01 -1.10 -4.52
N GLY L 174 49.71 -0.92 -5.79
CA GLY L 174 48.81 0.16 -6.14
C GLY L 174 49.38 1.57 -6.17
N GLU L 175 50.68 1.71 -6.42
CA GLU L 175 51.32 3.02 -6.52
C GLU L 175 51.48 3.54 -7.96
N LYS L 176 51.27 2.73 -8.99
CA LYS L 176 51.45 3.24 -10.33
C LYS L 176 50.68 2.38 -11.32
N ILE L 177 50.41 2.95 -12.49
CA ILE L 177 49.72 2.25 -13.56
C ILE L 177 50.65 2.17 -14.76
N MET L 178 50.59 1.06 -15.48
CA MET L 178 51.22 0.96 -16.79
C MET L 178 50.15 0.65 -17.81
N SER L 179 50.20 1.33 -18.95
CA SER L 179 49.19 1.15 -19.99
C SER L 179 49.85 0.97 -21.33
N CYS L 180 49.08 0.51 -22.30
CA CYS L 180 49.56 0.24 -23.64
C CYS L 180 48.38 0.24 -24.59
N GLY L 181 48.67 0.35 -25.86
CA GLY L 181 47.58 0.40 -26.82
C GLY L 181 48.06 0.29 -28.24
N MET L 182 47.16 0.67 -29.14
CA MET L 182 47.39 0.55 -30.57
C MET L 182 48.51 1.45 -31.06
N ASP L 183 48.79 2.56 -30.36
CA ASP L 183 49.85 3.48 -30.82
C ASP L 183 51.26 2.95 -30.64
N HIS L 184 51.45 1.70 -30.25
CA HIS L 184 52.76 1.07 -30.12
C HIS L 184 53.51 1.51 -28.88
N SER L 185 52.83 2.23 -27.99
CA SER L 185 53.44 2.85 -26.83
C SER L 185 53.04 2.15 -25.54
N LEU L 186 53.90 2.31 -24.55
CA LEU L 186 53.63 1.91 -23.19
C LEU L 186 53.84 3.13 -22.31
N LYS L 187 52.86 3.43 -21.45
CA LYS L 187 52.91 4.65 -20.67
C LYS L 187 52.74 4.34 -19.19
N LEU L 188 53.62 4.89 -18.37
CA LEU L 188 53.54 4.73 -16.92
C LEU L 188 52.90 5.98 -16.31
N TRP L 189 51.91 5.80 -15.46
CA TRP L 189 51.22 6.92 -14.81
C TRP L 189 51.31 6.68 -13.31
N ARG L 190 52.10 7.46 -12.57
CA ARG L 190 52.16 7.24 -11.14
C ARG L 190 50.89 7.77 -10.47
N ILE L 191 50.41 7.06 -9.44
CA ILE L 191 49.25 7.55 -8.72
C ILE L 191 49.55 7.64 -7.23
N ASN L 192 50.83 7.58 -6.87
CA ASN L 192 51.26 7.88 -5.52
C ASN L 192 51.72 9.32 -5.34
N SER L 193 51.72 10.13 -6.40
CA SER L 193 52.07 11.54 -6.33
C SER L 193 51.05 12.31 -5.50
N LYS L 194 51.48 13.44 -4.90
CA LYS L 194 50.57 14.21 -4.05
C LYS L 194 49.31 14.58 -4.81
N ARG L 195 49.48 14.96 -6.07
CA ARG L 195 48.33 15.34 -6.89
C ARG L 195 47.29 14.22 -6.92
N MET L 196 47.74 12.98 -7.15
CA MET L 196 46.79 11.88 -7.29
C MET L 196 46.27 11.37 -5.96
N MET L 197 47.16 11.14 -5.01
CA MET L 197 46.69 10.70 -3.70
C MET L 197 45.68 11.67 -3.12
N ASN L 198 45.96 12.97 -3.27
CA ASN L 198 45.01 13.97 -2.79
C ASN L 198 43.72 13.89 -3.59
N ALA L 199 43.83 13.77 -4.92
CA ALA L 199 42.64 13.70 -5.76
C ALA L 199 41.75 12.53 -5.35
N ILE L 200 42.37 11.38 -5.09
CA ILE L 200 41.60 10.26 -4.57
C ILE L 200 40.93 10.62 -3.25
N LYS L 201 41.70 11.19 -2.32
CA LYS L 201 41.13 11.55 -1.02
C LYS L 201 39.94 12.47 -1.19
N GLU L 202 40.08 13.43 -2.10
CA GLU L 202 39.01 14.38 -2.35
C GLU L 202 37.77 13.69 -2.90
N SER L 203 37.96 12.61 -3.65
CA SER L 203 36.80 11.92 -4.22
C SER L 203 35.93 11.32 -3.13
N TYR L 204 36.54 10.88 -2.03
CA TYR L 204 35.77 10.31 -0.96
C TYR L 204 34.91 11.36 -0.25
N ASP L 205 35.45 12.57 -0.06
CA ASP L 205 34.77 13.64 0.64
C ASP L 205 33.63 14.29 -0.16
N TYR L 206 33.60 14.11 -1.48
CA TYR L 206 32.59 14.79 -2.30
C TYR L 206 31.19 14.28 -2.02
N ASN L 207 30.24 15.22 -1.85
CA ASN L 207 28.83 14.91 -1.66
C ASN L 207 27.99 15.85 -2.51
N PRO L 208 27.28 15.32 -3.52
CA PRO L 208 26.55 16.21 -4.43
C PRO L 208 25.38 16.90 -3.77
N ASN L 209 24.82 16.33 -2.70
CA ASN L 209 23.74 17.03 -2.00
C ASN L 209 24.26 18.25 -1.24
N LYS L 210 25.51 18.23 -0.78
CA LYS L 210 26.02 19.34 0.00
C LYS L 210 26.42 20.53 -0.86
N THR L 211 26.81 20.30 -2.10
CA THR L 211 27.28 21.42 -2.90
C THR L 211 26.76 21.35 -4.33
N ASN L 212 26.54 22.52 -4.90
CA ASN L 212 26.08 22.60 -6.28
C ASN L 212 27.16 22.19 -7.28
N ARG L 213 28.39 22.53 -6.99
CA ARG L 213 29.47 22.30 -7.95
C ARG L 213 29.74 20.81 -8.20
N PRO L 214 30.22 20.45 -9.38
CA PRO L 214 30.58 19.05 -9.64
C PRO L 214 31.95 18.72 -9.10
N PHE L 215 32.19 17.43 -8.98
CA PHE L 215 33.51 17.02 -8.57
C PHE L 215 34.48 17.35 -9.69
N ILE L 216 35.63 17.91 -9.32
CA ILE L 216 36.60 18.36 -10.29
C ILE L 216 37.57 17.20 -10.50
N SER L 217 37.43 16.55 -11.66
CA SER L 217 38.28 15.43 -12.02
C SER L 217 39.63 15.95 -12.47
N GLN L 218 40.69 15.26 -12.06
CA GLN L 218 42.05 15.54 -12.48
C GLN L 218 42.28 14.95 -13.87
N LYS L 219 42.70 15.76 -14.83
CA LYS L 219 43.13 15.19 -16.10
C LYS L 219 44.65 15.17 -16.14
N ILE L 220 45.22 13.99 -16.35
CA ILE L 220 46.66 13.83 -16.42
C ILE L 220 47.03 13.76 -17.90
N HIS L 221 47.70 14.82 -18.40
CA HIS L 221 48.11 14.78 -19.78
C HIS L 221 49.53 14.23 -19.94
N PHE L 222 50.28 14.11 -18.85
CA PHE L 222 51.70 13.81 -18.97
C PHE L 222 52.07 12.57 -18.16
N PRO L 223 52.43 11.48 -18.84
CA PRO L 223 52.82 10.26 -18.15
C PRO L 223 54.19 10.42 -17.53
N ASP L 224 54.47 9.61 -16.50
CA ASP L 224 55.77 9.69 -15.86
C ASP L 224 56.83 8.89 -16.61
N PHE L 225 56.44 8.16 -17.64
CA PHE L 225 57.39 7.55 -18.54
C PHE L 225 56.64 7.06 -19.75
N SER L 226 57.31 7.06 -20.89
CA SER L 226 56.68 6.61 -22.12
C SER L 226 57.74 6.10 -23.09
N THR L 227 57.39 5.06 -23.86
CA THR L 227 58.30 4.54 -24.86
C THR L 227 57.56 3.79 -25.96
N ARG L 228 58.18 3.79 -27.14
CA ARG L 228 57.70 3.02 -28.29
C ARG L 228 58.79 2.11 -28.84
N ASP L 229 59.84 1.89 -28.06
CA ASP L 229 60.97 1.11 -28.52
C ASP L 229 60.87 -0.36 -28.18
N ILE L 230 59.84 -0.79 -27.46
CA ILE L 230 59.74 -2.20 -27.08
C ILE L 230 59.12 -2.98 -28.22
N HIS L 231 57.95 -2.58 -28.66
CA HIS L 231 57.17 -3.31 -29.62
C HIS L 231 57.07 -2.54 -30.93
N ARG L 232 56.63 -3.27 -31.95
CA ARG L 232 56.54 -2.78 -33.33
C ARG L 232 55.12 -2.85 -33.88
N ASN L 233 54.11 -3.07 -33.02
CA ASN L 233 52.70 -3.07 -33.43
C ASN L 233 51.82 -2.82 -32.20
N TYR L 234 50.50 -2.98 -32.34
CA TYR L 234 49.61 -2.72 -31.21
C TYR L 234 50.08 -3.55 -30.04
N VAL L 235 50.21 -2.91 -28.89
CA VAL L 235 50.46 -3.65 -27.65
C VAL L 235 49.12 -3.91 -27.00
N ASP L 236 48.75 -5.19 -26.84
CA ASP L 236 47.40 -5.51 -26.38
C ASP L 236 47.35 -6.10 -24.99
N CYS L 237 48.47 -6.32 -24.31
CA CYS L 237 48.40 -6.77 -22.93
C CYS L 237 49.65 -6.34 -22.19
N VAL L 238 49.49 -5.73 -21.01
CA VAL L 238 50.63 -5.33 -20.21
C VAL L 238 50.34 -5.64 -18.74
N ARG L 239 51.34 -6.16 -18.04
CA ARG L 239 51.20 -6.51 -16.63
C ARG L 239 52.51 -6.23 -15.92
N TRP L 240 52.41 -5.94 -14.63
CA TRP L 240 53.55 -5.59 -13.80
C TRP L 240 54.16 -6.87 -13.24
N LEU L 241 55.42 -7.13 -13.55
CA LEU L 241 56.12 -8.26 -12.94
C LEU L 241 56.97 -7.65 -11.84
N GLY L 242 56.35 -7.44 -10.69
CA GLY L 242 57.03 -6.68 -9.67
C GLY L 242 57.35 -5.32 -10.25
N ASP L 243 58.64 -4.96 -10.22
CA ASP L 243 59.03 -3.68 -10.82
C ASP L 243 59.16 -3.78 -12.34
N LEU L 244 59.24 -4.99 -12.87
CA LEU L 244 59.48 -5.15 -14.30
C LEU L 244 58.17 -5.17 -15.03
N ILE L 245 58.23 -5.03 -16.34
CA ILE L 245 57.04 -4.98 -17.15
C ILE L 245 57.00 -6.18 -18.08
N LEU L 246 55.83 -6.82 -18.16
CA LEU L 246 55.60 -7.85 -19.17
C LEU L 246 54.58 -7.30 -20.15
N SER L 247 54.96 -7.21 -21.42
CA SER L 247 54.00 -6.76 -22.44
C SER L 247 54.22 -7.56 -23.71
N LYS L 248 53.16 -7.70 -24.47
CA LYS L 248 53.23 -8.46 -25.70
C LYS L 248 52.64 -7.65 -26.85
N SER L 249 53.10 -7.98 -28.06
CA SER L 249 52.61 -7.41 -29.29
C SER L 249 52.51 -8.57 -30.28
N CYS L 250 52.07 -8.25 -31.50
CA CYS L 250 51.99 -9.26 -32.55
C CYS L 250 53.37 -9.62 -33.11
N GLU L 251 54.34 -9.68 -32.19
CA GLU L 251 55.73 -10.02 -32.43
C GLU L 251 56.06 -11.47 -32.10
N ASN L 252 55.08 -12.25 -31.66
CA ASN L 252 55.19 -13.66 -31.27
C ASN L 252 55.96 -13.88 -29.98
N ALA L 253 56.08 -12.91 -29.09
CA ALA L 253 56.73 -13.15 -27.80
C ALA L 253 56.28 -12.11 -26.79
N ILE L 254 56.22 -12.53 -25.53
CA ILE L 254 55.99 -11.63 -24.40
C ILE L 254 57.33 -11.10 -23.96
N VAL L 255 57.49 -9.79 -23.88
CA VAL L 255 58.76 -9.19 -23.55
C VAL L 255 58.77 -8.72 -22.09
N CYS L 256 59.83 -9.06 -21.36
CA CYS L 256 60.06 -8.53 -20.02
C CYS L 256 61.10 -7.43 -20.13
N TRP L 257 60.72 -6.17 -19.86
CA TRP L 257 61.59 -5.00 -20.03
C TRP L 257 61.43 -4.06 -18.84
N LYS L 258 62.21 -2.99 -18.80
CA LYS L 258 62.09 -2.04 -17.69
C LYS L 258 62.48 -0.64 -18.17
N PRO L 259 61.88 0.41 -17.61
CA PRO L 259 62.32 1.76 -17.98
C PRO L 259 63.73 2.01 -17.47
N GLY L 260 64.54 2.62 -18.32
CA GLY L 260 65.86 3.10 -17.96
C GLY L 260 66.97 2.15 -18.38
N LYS L 261 68.17 2.49 -17.91
CA LYS L 261 69.31 1.60 -18.03
C LYS L 261 69.16 0.43 -17.06
N MET L 262 70.04 -0.56 -17.23
CA MET L 262 70.03 -1.79 -16.44
C MET L 262 69.93 -1.53 -14.94
N GLU L 263 70.61 -0.48 -14.45
CA GLU L 263 70.67 -0.19 -13.03
C GLU L 263 69.56 0.73 -12.52
N ASP L 264 68.85 1.43 -13.41
CA ASP L 264 67.96 2.53 -13.02
C ASP L 264 66.75 2.06 -12.20
N ASP L 265 66.52 2.69 -11.04
CA ASP L 265 65.39 2.33 -10.20
C ASP L 265 64.08 2.91 -10.76
N ILE L 266 62.99 2.15 -10.61
CA ILE L 266 61.71 2.52 -11.20
C ILE L 266 61.16 3.78 -10.55
N ASP L 267 61.49 4.00 -9.29
CA ASP L 267 61.03 5.17 -8.58
C ASP L 267 61.99 6.37 -8.73
N LYS L 268 63.04 6.25 -9.53
CA LYS L 268 63.86 7.41 -9.88
C LYS L 268 63.77 7.79 -11.36
N ILE L 269 62.77 7.28 -12.07
CA ILE L 269 62.69 7.49 -13.51
C ILE L 269 62.07 8.85 -13.79
N LYS L 270 62.78 9.66 -14.58
CA LYS L 270 62.19 10.95 -14.94
C LYS L 270 61.36 10.83 -16.22
N PRO L 271 60.28 11.63 -16.34
CA PRO L 271 59.43 11.55 -17.53
C PRO L 271 60.19 11.65 -18.83
N SER L 272 61.31 12.38 -18.85
CA SER L 272 62.13 12.57 -20.03
C SER L 272 62.90 11.33 -20.45
N GLU L 273 62.87 10.26 -19.65
CA GLU L 273 63.82 9.17 -19.83
C GLU L 273 63.66 8.50 -21.19
N SER L 274 64.81 8.28 -21.86
CA SER L 274 64.84 7.72 -23.20
C SER L 274 65.09 6.22 -23.26
N ASN L 275 65.68 5.62 -22.22
CA ASN L 275 66.23 4.28 -22.32
C ASN L 275 65.27 3.22 -21.76
N VAL L 276 65.27 2.05 -22.39
CA VAL L 276 64.62 0.85 -21.88
C VAL L 276 65.61 -0.31 -21.99
N THR L 277 65.47 -1.26 -21.08
CA THR L 277 66.33 -2.42 -21.06
C THR L 277 65.47 -3.67 -21.13
N ILE L 278 65.68 -4.49 -22.16
CA ILE L 278 64.95 -5.73 -22.32
C ILE L 278 65.72 -6.80 -21.55
N LEU L 279 65.09 -7.35 -20.51
CA LEU L 279 65.75 -8.34 -19.67
C LEU L 279 65.63 -9.74 -20.26
N GLY L 280 64.46 -10.09 -20.80
CA GLY L 280 64.17 -11.38 -21.40
C GLY L 280 62.87 -11.37 -22.15
N ARG L 281 62.65 -12.44 -22.97
CA ARG L 281 61.47 -12.60 -23.82
C ARG L 281 60.82 -13.99 -23.74
N PHE L 282 59.53 -14.10 -23.63
CA PHE L 282 58.92 -15.42 -23.59
C PHE L 282 58.38 -15.83 -24.96
N ASP L 283 59.04 -16.82 -25.57
CA ASP L 283 58.64 -17.22 -26.92
C ASP L 283 57.32 -17.99 -26.98
N TYR L 284 56.60 -17.75 -28.09
CA TYR L 284 55.36 -18.43 -28.43
C TYR L 284 55.20 -18.36 -29.95
N SER L 285 54.09 -18.91 -30.44
CA SER L 285 53.86 -18.90 -31.87
C SER L 285 52.37 -18.81 -32.22
N GLN L 286 52.10 -18.34 -33.45
CA GLN L 286 50.75 -18.29 -34.00
C GLN L 286 49.77 -17.47 -33.15
N CYS L 287 50.26 -16.30 -32.70
CA CYS L 287 49.39 -15.28 -32.09
C CYS L 287 49.61 -13.98 -32.86
N ASP L 288 48.88 -13.86 -33.99
CA ASP L 288 49.01 -12.75 -34.93
C ASP L 288 47.90 -11.71 -34.79
N ILE L 289 46.92 -11.98 -33.98
CA ILE L 289 45.80 -11.07 -33.78
C ILE L 289 45.97 -10.39 -32.44
N TRP L 290 45.41 -9.19 -32.34
CA TRP L 290 45.45 -8.44 -31.10
C TRP L 290 44.21 -8.74 -30.24
N TYR L 291 44.28 -8.28 -29.00
CA TYR L 291 43.29 -8.59 -27.98
C TYR L 291 43.38 -10.07 -27.58
N MET L 292 44.60 -10.57 -27.47
CA MET L 292 44.90 -11.86 -26.90
C MET L 292 45.64 -11.59 -25.59
N ARG L 293 44.97 -11.79 -24.48
CA ARG L 293 45.52 -11.36 -23.20
C ARG L 293 46.21 -12.54 -22.55
N PHE L 294 47.26 -12.27 -21.78
CA PHE L 294 47.87 -13.27 -20.92
C PHE L 294 47.58 -12.95 -19.46
N SER L 295 47.75 -13.93 -18.60
CA SER L 295 47.55 -13.67 -17.19
C SER L 295 48.62 -14.38 -16.38
N MET L 296 48.64 -14.10 -15.08
CA MET L 296 49.52 -14.74 -14.11
C MET L 296 48.69 -15.13 -12.90
N ASP L 297 49.25 -16.00 -12.07
CA ASP L 297 48.58 -16.33 -10.82
C ASP L 297 48.92 -15.32 -9.74
N PHE L 298 48.29 -15.47 -8.57
CA PHE L 298 48.40 -14.47 -7.52
C PHE L 298 49.84 -14.34 -7.02
N TRP L 299 50.50 -15.46 -6.76
CA TRP L 299 51.89 -15.38 -6.32
C TRP L 299 52.85 -15.12 -7.48
N GLN L 300 52.33 -14.97 -8.70
CA GLN L 300 53.15 -14.61 -9.88
C GLN L 300 54.28 -15.59 -10.11
N LYS L 301 53.94 -16.85 -9.97
CA LYS L 301 54.90 -17.88 -10.29
C LYS L 301 54.66 -18.45 -11.69
N MET L 302 53.43 -18.34 -12.19
CA MET L 302 53.08 -18.92 -13.48
C MET L 302 52.50 -17.86 -14.39
N LEU L 303 52.87 -17.93 -15.66
CA LEU L 303 52.43 -17.02 -16.72
C LEU L 303 51.74 -17.87 -17.78
N ALA L 304 50.61 -17.39 -18.29
CA ALA L 304 49.78 -18.17 -19.20
C ALA L 304 49.29 -17.26 -20.32
N LEU L 305 49.41 -17.74 -21.55
CA LEU L 305 48.92 -17.05 -22.72
C LEU L 305 48.38 -18.05 -23.72
N GLY L 306 47.20 -17.81 -24.25
CA GLY L 306 46.64 -18.60 -25.33
C GLY L 306 46.86 -17.97 -26.69
N ASN L 307 46.98 -18.79 -27.72
CA ASN L 307 47.16 -18.30 -29.08
C ASN L 307 45.90 -18.48 -29.90
N GLN L 308 45.99 -18.18 -31.18
CA GLN L 308 44.77 -18.15 -31.97
C GLN L 308 44.35 -19.51 -32.47
N VAL L 309 45.14 -20.55 -32.22
CA VAL L 309 44.79 -21.88 -32.71
C VAL L 309 44.59 -22.86 -31.57
N GLY L 310 44.15 -22.34 -30.43
CA GLY L 310 43.78 -23.16 -29.30
C GLY L 310 44.91 -23.79 -28.53
N LYS L 311 46.11 -23.24 -28.64
CA LYS L 311 47.26 -23.77 -27.93
C LYS L 311 47.52 -22.87 -26.73
N LEU L 312 47.66 -23.48 -25.59
CA LEU L 312 47.92 -22.73 -24.38
C LEU L 312 49.40 -22.80 -24.04
N TYR L 313 49.95 -21.68 -23.58
CA TYR L 313 51.34 -21.64 -23.17
C TYR L 313 51.41 -21.32 -21.68
N VAL L 314 52.19 -22.09 -20.92
CA VAL L 314 52.43 -21.79 -19.51
C VAL L 314 53.93 -21.75 -19.22
N TRP L 315 54.37 -20.74 -18.47
CA TRP L 315 55.78 -20.53 -18.16
C TRP L 315 56.01 -20.49 -16.66
N ASP L 316 57.23 -20.82 -16.29
CA ASP L 316 57.68 -20.70 -14.92
C ASP L 316 58.39 -19.36 -14.78
N LEU L 317 57.87 -18.50 -13.88
CA LEU L 317 58.41 -17.16 -13.67
C LEU L 317 59.61 -17.14 -12.73
N GLU L 318 60.08 -18.32 -12.31
CA GLU L 318 61.24 -18.39 -11.41
C GLU L 318 62.35 -19.36 -11.81
N VAL L 319 63.55 -18.83 -12.11
CA VAL L 319 63.83 -17.39 -12.19
C VAL L 319 64.80 -17.19 -13.41
N GLU L 320 65.50 -18.27 -13.81
CA GLU L 320 66.88 -18.07 -14.23
C GLU L 320 67.04 -17.86 -15.72
N ASP L 321 66.17 -18.46 -16.52
CA ASP L 321 66.50 -18.46 -17.92
C ASP L 321 66.38 -17.08 -18.56
N PRO L 322 65.27 -16.34 -18.33
CA PRO L 322 63.97 -16.77 -17.80
C PRO L 322 63.26 -17.44 -18.95
N HIS L 323 63.83 -17.24 -20.16
CA HIS L 323 62.97 -17.04 -21.29
C HIS L 323 63.16 -18.15 -22.33
N LYS L 324 64.38 -18.62 -22.44
CA LYS L 324 64.72 -19.64 -23.46
C LYS L 324 64.03 -20.97 -23.12
N ALA L 325 63.95 -21.30 -21.83
CA ALA L 325 63.39 -22.56 -21.30
C ALA L 325 62.88 -22.26 -19.86
N LYS L 326 61.81 -22.91 -19.40
CA LYS L 326 61.18 -23.93 -20.16
C LYS L 326 59.70 -23.65 -20.09
N CYS L 327 59.04 -23.99 -21.21
CA CYS L 327 57.64 -23.73 -21.43
C CYS L 327 56.85 -25.02 -21.55
N THR L 328 55.62 -24.98 -21.01
CA THR L 328 54.63 -26.03 -21.11
C THR L 328 53.49 -25.66 -22.05
N THR L 329 53.17 -26.53 -23.00
CA THR L 329 52.04 -26.30 -23.89
C THR L 329 50.92 -27.30 -23.57
N LEU L 330 49.70 -26.78 -23.39
CA LEU L 330 48.48 -27.54 -23.11
C LEU L 330 47.58 -27.39 -24.31
N THR L 331 47.23 -28.52 -24.95
CA THR L 331 46.38 -28.52 -26.12
C THR L 331 45.39 -29.67 -26.03
N HIS L 332 44.29 -29.52 -26.73
CA HIS L 332 43.20 -30.50 -26.78
C HIS L 332 42.70 -30.61 -28.21
N HIS L 333 42.21 -31.78 -28.55
CA HIS L 333 41.89 -31.97 -29.95
C HIS L 333 40.60 -31.33 -30.37
N LYS L 334 39.79 -30.87 -29.43
CA LYS L 334 38.57 -30.15 -29.74
C LYS L 334 38.68 -28.66 -29.48
N CYS L 335 39.81 -28.19 -28.99
CA CYS L 335 40.01 -26.79 -28.72
C CYS L 335 40.83 -26.20 -29.85
N GLY L 336 40.16 -25.58 -30.84
CA GLY L 336 40.86 -25.05 -32.02
C GLY L 336 40.70 -23.56 -32.31
N ALA L 337 39.72 -22.94 -31.68
CA ALA L 337 39.45 -21.52 -31.85
C ALA L 337 40.40 -20.67 -31.00
N ALA L 338 40.38 -19.36 -31.24
CA ALA L 338 41.31 -18.48 -30.57
C ALA L 338 41.01 -18.32 -29.08
N ILE L 339 42.07 -18.20 -28.27
CA ILE L 339 41.96 -18.09 -26.81
C ILE L 339 42.21 -16.65 -26.39
N ARG L 340 41.12 -15.94 -26.09
CA ARG L 340 41.20 -14.53 -25.77
C ARG L 340 41.85 -14.28 -24.41
N GLN L 341 41.46 -15.02 -23.36
CA GLN L 341 42.04 -14.74 -22.05
C GLN L 341 42.11 -16.00 -21.19
N THR L 342 43.02 -16.00 -20.22
CA THR L 342 43.13 -17.08 -19.27
C THR L 342 43.01 -16.52 -17.87
N SER L 343 42.80 -17.39 -16.88
CA SER L 343 42.60 -16.91 -15.52
C SER L 343 42.92 -18.01 -14.53
N PHE L 344 43.84 -17.73 -13.61
CA PHE L 344 44.15 -18.69 -12.57
C PHE L 344 43.31 -18.40 -11.34
N SER L 345 42.96 -19.45 -10.61
CA SER L 345 42.32 -19.29 -9.31
C SER L 345 43.35 -18.77 -8.30
N ARG L 346 42.88 -18.45 -7.07
CA ARG L 346 43.80 -17.82 -6.12
C ARG L 346 44.95 -18.76 -5.79
N ASP L 347 44.62 -20.01 -5.47
CA ASP L 347 45.57 -21.10 -5.54
C ASP L 347 45.81 -21.38 -7.02
N SER L 348 46.97 -21.91 -7.33
CA SER L 348 47.25 -22.16 -8.72
C SER L 348 46.58 -23.41 -9.28
N SER L 349 45.63 -23.99 -8.54
CA SER L 349 45.05 -25.28 -8.92
C SER L 349 44.34 -25.28 -10.27
N ILE L 350 43.53 -24.27 -10.54
CA ILE L 350 42.76 -24.29 -11.76
C ILE L 350 43.23 -23.18 -12.69
N LEU L 351 43.10 -23.44 -13.99
CA LEU L 351 43.43 -22.49 -15.06
C LEU L 351 42.32 -22.57 -16.12
N ILE L 352 41.47 -21.52 -16.19
CA ILE L 352 40.37 -21.44 -17.17
C ILE L 352 40.88 -20.71 -18.41
N ALA L 353 40.42 -21.15 -19.60
CA ALA L 353 40.74 -20.45 -20.84
C ALA L 353 39.46 -20.35 -21.64
N VAL L 354 39.23 -19.20 -22.29
CA VAL L 354 37.96 -18.93 -22.98
C VAL L 354 38.26 -18.57 -24.45
N CYS L 355 37.28 -18.81 -25.34
CA CYS L 355 37.61 -18.94 -26.76
C CYS L 355 36.65 -18.16 -27.68
N ASP L 356 37.05 -18.02 -28.96
CA ASP L 356 36.24 -17.30 -29.96
C ASP L 356 34.95 -18.01 -30.33
N ASP L 357 34.85 -19.33 -30.09
CA ASP L 357 33.68 -20.12 -30.45
C ASP L 357 32.78 -20.40 -29.25
N ALA L 358 32.87 -19.57 -28.21
CA ALA L 358 32.05 -19.64 -26.99
C ALA L 358 32.44 -20.76 -26.05
N SER L 359 33.61 -21.36 -26.24
CA SER L 359 34.03 -22.50 -25.42
C SER L 359 34.75 -22.00 -24.16
N ILE L 360 34.73 -22.84 -23.11
CA ILE L 360 35.47 -22.65 -21.86
C ILE L 360 36.25 -23.93 -21.61
N TRP L 361 37.49 -23.81 -21.14
CA TRP L 361 38.36 -24.97 -20.97
C TRP L 361 39.00 -24.95 -19.59
N ARG L 362 38.70 -25.97 -18.79
CA ARG L 362 39.21 -26.08 -17.44
C ARG L 362 40.42 -27.00 -17.42
N TRP L 363 41.53 -26.49 -16.88
CA TRP L 363 42.77 -27.24 -16.74
C TRP L 363 43.10 -27.28 -15.26
N ASP L 364 43.06 -28.47 -14.65
CA ASP L 364 43.49 -28.54 -13.26
C ASP L 364 44.98 -28.84 -13.22
N ARG L 365 45.63 -28.31 -12.18
CA ARG L 365 47.06 -28.45 -11.98
C ARG L 365 47.33 -29.68 -11.14
N LEU L 366 48.30 -30.49 -11.57
CA LEU L 366 48.57 -31.76 -10.93
C LEU L 366 49.53 -31.63 -9.75
N ARG L 367 50.56 -30.81 -9.90
CA ARG L 367 51.54 -30.55 -8.82
C ARG L 367 52.52 -29.43 -9.22
N HIS M 5 13.50 19.90 -17.94
CA HIS M 5 14.74 19.71 -18.67
C HIS M 5 14.69 20.40 -20.02
N ASN M 6 14.14 19.68 -21.01
CA ASN M 6 14.01 20.06 -22.42
C ASN M 6 15.33 19.85 -23.15
N ARG M 7 16.41 19.50 -22.45
CA ARG M 7 17.70 19.19 -23.05
C ARG M 7 18.59 18.85 -21.87
N LEU M 8 19.46 17.86 -22.10
CA LEU M 8 20.42 17.46 -21.08
C LEU M 8 21.80 17.98 -21.45
N TYR M 9 22.45 18.72 -20.54
CA TYR M 9 23.78 19.26 -20.83
C TYR M 9 24.81 18.46 -20.06
N PHE M 10 26.02 18.33 -20.62
CA PHE M 10 27.12 17.53 -20.08
C PHE M 10 28.40 18.36 -20.10
N HIS M 11 29.36 18.01 -19.24
CA HIS M 11 30.66 18.68 -19.22
C HIS M 11 31.48 18.41 -20.51
N SER M 12 32.33 19.36 -20.91
CA SER M 12 33.20 19.09 -22.05
C SER M 12 34.43 18.24 -21.68
N ASP M 13 35.00 18.46 -20.50
CA ASP M 13 36.22 17.73 -20.11
C ASP M 13 35.92 16.26 -19.85
N THR M 14 34.78 15.98 -19.24
CA THR M 14 34.30 14.64 -18.91
C THR M 14 32.91 14.51 -19.50
N CYS M 15 32.53 13.37 -19.98
CA CYS M 15 31.20 13.39 -20.57
C CYS M 15 30.08 13.14 -19.56
N LEU M 16 30.37 13.29 -18.27
CA LEU M 16 29.34 13.17 -17.22
C LEU M 16 28.29 14.29 -17.38
N PRO M 17 27.03 14.03 -17.07
CA PRO M 17 26.00 15.06 -17.21
C PRO M 17 26.10 16.15 -16.14
N LEU M 18 25.50 17.30 -16.46
CA LEU M 18 25.47 18.52 -15.65
C LEU M 18 24.21 18.59 -14.82
N ARG M 19 24.35 18.61 -13.48
CA ARG M 19 23.14 18.83 -12.67
C ARG M 19 22.63 20.26 -12.90
N PRO M 20 21.33 20.50 -12.80
CA PRO M 20 20.82 21.86 -13.01
C PRO M 20 21.34 22.88 -11.99
N GLN M 21 21.38 22.52 -10.71
CA GLN M 21 21.95 23.43 -9.70
C GLN M 21 23.41 23.79 -10.01
N GLU M 22 24.19 22.81 -10.42
CA GLU M 22 25.58 23.00 -10.82
C GLU M 22 25.79 23.74 -12.12
N MET M 23 24.71 24.05 -12.83
CA MET M 23 24.84 24.74 -14.09
C MET M 23 25.86 25.86 -13.93
N GLU M 24 26.76 26.01 -14.92
CA GLU M 24 27.89 26.95 -14.77
C GLU M 24 27.33 28.36 -14.83
N VAL M 25 26.76 28.78 -13.71
CA VAL M 25 26.16 30.11 -13.53
C VAL M 25 27.02 30.82 -12.49
N ASP M 26 27.21 32.15 -12.66
CA ASP M 26 28.14 32.76 -11.73
C ASP M 26 29.56 32.11 -11.58
N SER M 27 29.97 30.95 -12.23
CA SER M 27 31.43 30.63 -12.32
C SER M 27 32.21 31.72 -13.09
N GLU M 28 33.43 32.04 -12.56
CA GLU M 28 34.40 32.94 -13.22
C GLU M 28 35.35 32.15 -14.10
N ASP M 29 35.45 32.58 -15.35
CA ASP M 29 36.06 31.78 -16.38
C ASP M 29 36.13 32.66 -17.65
N GLU M 30 37.03 32.38 -18.60
CA GLU M 30 37.99 31.29 -18.60
C GLU M 30 39.07 31.57 -19.67
N LYS M 31 40.22 30.87 -19.61
CA LYS M 31 40.73 29.99 -18.53
C LYS M 31 42.20 29.93 -18.84
N ASP M 32 42.95 29.28 -17.95
CA ASP M 32 44.34 28.99 -18.26
C ASP M 32 44.54 27.48 -18.30
N PRO M 33 44.95 26.92 -19.44
CA PRO M 33 45.19 25.48 -19.54
C PRO M 33 46.42 25.06 -18.76
N GLU M 34 46.26 24.07 -17.89
CA GLU M 34 47.43 23.68 -17.10
C GLU M 34 48.48 22.97 -17.93
N TRP M 35 48.06 22.12 -18.87
CA TRP M 35 49.01 21.33 -19.62
C TRP M 35 49.95 22.19 -20.41
N LEU M 36 49.42 23.29 -20.94
CA LEU M 36 50.24 24.27 -21.63
C LEU M 36 51.31 24.82 -20.70
N ARG M 37 51.01 24.93 -19.41
CA ARG M 37 52.05 25.40 -18.49
C ARG M 37 53.12 24.35 -18.30
N GLU M 38 52.71 23.08 -18.18
CA GLU M 38 53.70 22.03 -18.06
C GLU M 38 54.50 21.87 -19.35
N LYS M 39 53.84 21.98 -20.50
CA LYS M 39 54.50 21.77 -21.80
C LYS M 39 55.66 22.73 -21.98
N THR M 40 55.45 24.01 -21.64
CA THR M 40 56.47 25.03 -21.80
C THR M 40 57.66 24.74 -20.90
N ILE M 41 57.42 24.31 -19.66
CA ILE M 41 58.52 23.98 -18.77
C ILE M 41 59.32 22.80 -19.31
N THR M 42 58.64 21.74 -19.73
CA THR M 42 59.37 20.60 -20.26
C THR M 42 60.02 20.91 -21.59
N GLN M 43 59.53 21.93 -22.31
CA GLN M 43 60.12 22.31 -23.59
C GLN M 43 61.31 23.25 -23.43
N ILE M 44 61.28 24.13 -22.42
CA ILE M 44 62.44 24.96 -22.13
C ILE M 44 63.60 24.12 -21.62
N GLU M 45 63.33 23.21 -20.70
CA GLU M 45 64.36 22.30 -20.22
C GLU M 45 64.99 21.52 -21.37
N GLU M 46 64.21 21.30 -22.43
CA GLU M 46 64.64 20.45 -23.54
C GLU M 46 65.91 20.96 -24.22
N PHE M 47 66.14 22.27 -24.19
CA PHE M 47 67.26 22.85 -24.91
C PHE M 47 68.59 22.41 -24.27
N SER M 48 69.43 21.73 -25.05
CA SER M 48 70.77 21.35 -24.57
C SER M 48 71.69 22.55 -24.37
N ASP M 49 71.69 23.48 -25.32
CA ASP M 49 72.62 24.58 -25.39
C ASP M 49 72.20 25.90 -24.73
N VAL M 50 71.08 25.94 -24.05
CA VAL M 50 70.72 27.14 -23.30
C VAL M 50 71.07 26.88 -21.86
N ASN M 51 71.48 27.91 -21.22
CA ASN M 51 71.89 27.82 -19.84
C ASN M 51 70.76 27.46 -18.88
N GLU M 52 71.13 26.74 -17.82
CA GLU M 52 70.14 26.31 -16.83
C GLU M 52 69.51 27.49 -16.08
N GLY M 53 70.32 28.43 -15.58
CA GLY M 53 69.81 29.70 -15.07
C GLY M 53 68.93 30.43 -16.08
N GLU M 54 69.42 30.57 -17.30
CA GLU M 54 68.63 31.15 -18.38
C GLU M 54 67.34 30.35 -18.61
N LYS M 55 67.40 29.01 -18.56
CA LYS M 55 66.18 28.23 -18.75
C LYS M 55 65.14 28.61 -17.70
N GLU M 56 65.56 28.71 -16.45
CA GLU M 56 64.63 29.00 -15.38
C GLU M 56 64.03 30.40 -15.52
N VAL M 57 64.84 31.39 -15.89
CA VAL M 57 64.28 32.73 -16.03
C VAL M 57 63.30 32.73 -17.19
N MET M 58 63.62 32.01 -18.26
CA MET M 58 62.68 31.94 -19.39
C MET M 58 61.38 31.29 -18.96
N LYS M 59 61.46 30.20 -18.20
CA LYS M 59 60.25 29.54 -17.74
C LYS M 59 59.41 30.48 -16.88
N LEU M 60 60.05 31.22 -15.98
CA LEU M 60 59.30 32.12 -15.13
C LEU M 60 58.57 33.15 -15.97
N TRP M 61 59.23 33.71 -16.97
CA TRP M 61 58.56 34.68 -17.81
C TRP M 61 57.41 34.05 -18.57
N ASN M 62 57.67 32.91 -19.22
CA ASN M 62 56.63 32.27 -20.04
C ASN M 62 55.39 32.03 -19.21
N LEU M 63 55.56 31.50 -18.01
CA LEU M 63 54.42 31.28 -17.12
C LEU M 63 53.71 32.61 -16.81
N HIS M 64 54.48 33.69 -16.66
CA HIS M 64 53.92 34.98 -16.26
C HIS M 64 53.06 35.57 -17.39
N VAL M 65 53.58 35.59 -18.61
CA VAL M 65 52.77 36.07 -19.72
C VAL M 65 51.63 35.12 -19.99
N MET M 66 51.83 33.80 -19.79
CA MET M 66 50.72 32.86 -19.89
C MET M 66 49.64 33.18 -18.87
N LYS M 67 50.06 33.60 -17.67
CA LYS M 67 49.13 33.89 -16.58
C LYS M 67 48.25 35.09 -16.87
N HIS M 68 48.86 36.19 -17.31
CA HIS M 68 48.10 37.41 -17.51
C HIS M 68 47.73 37.64 -18.97
N GLY M 69 48.37 36.92 -19.89
CA GLY M 69 47.97 36.97 -21.27
C GLY M 69 48.06 38.33 -21.90
N PHE M 70 49.24 38.93 -21.81
CA PHE M 70 49.45 40.25 -22.39
C PHE M 70 49.43 40.14 -23.90
N ILE M 71 48.65 41.01 -24.54
CA ILE M 71 48.50 40.99 -25.99
C ILE M 71 49.27 42.11 -26.68
N ALA M 72 49.64 43.18 -25.98
CA ALA M 72 50.18 44.38 -26.64
C ALA M 72 51.59 44.75 -26.18
N ASP M 73 52.26 45.56 -27.00
CA ASP M 73 53.61 45.98 -26.65
C ASP M 73 53.58 46.93 -25.47
N ASN M 74 52.60 47.84 -25.46
CA ASN M 74 52.49 48.82 -24.38
C ASN M 74 52.28 48.16 -23.04
N GLN M 75 51.79 46.92 -23.02
CA GLN M 75 51.67 46.22 -21.74
C GLN M 75 53.02 45.84 -21.15
N MET M 76 54.06 45.75 -21.98
CA MET M 76 55.32 45.12 -21.56
C MET M 76 56.06 45.89 -20.47
N ASN M 77 55.83 47.20 -20.35
CA ASN M 77 56.38 47.90 -19.20
C ASN M 77 55.65 47.50 -17.92
N HIS M 78 54.32 47.58 -17.94
CA HIS M 78 53.54 47.05 -16.82
C HIS M 78 53.89 45.60 -16.54
N ALA M 79 54.21 44.84 -17.58
CA ALA M 79 54.47 43.42 -17.42
C ALA M 79 55.80 43.17 -16.72
N CYS M 80 56.85 43.89 -17.12
CA CYS M 80 58.13 43.73 -16.45
C CYS M 80 58.07 44.18 -15.00
N MET M 81 57.17 45.12 -14.69
CA MET M 81 56.95 45.48 -13.30
C MET M 81 56.19 44.38 -12.55
N LEU M 82 55.08 43.87 -13.12
CA LEU M 82 54.39 42.74 -12.49
C LEU M 82 55.32 41.54 -12.29
N PHE M 83 56.28 41.34 -13.20
CA PHE M 83 57.12 40.17 -13.07
C PHE M 83 58.02 40.23 -11.84
N VAL M 84 58.30 41.43 -11.31
CA VAL M 84 59.06 41.49 -10.06
C VAL M 84 58.13 41.58 -8.86
N GLU M 85 56.96 42.19 -9.03
CA GLU M 85 55.95 42.18 -7.97
C GLU M 85 55.51 40.76 -7.64
N ASN M 86 55.53 39.84 -8.62
CA ASN M 86 55.09 38.48 -8.32
C ASN M 86 56.25 37.51 -8.23
N TYR M 87 56.98 37.33 -9.32
CA TYR M 87 57.99 36.29 -9.36
C TYR M 87 59.34 36.79 -8.91
N GLY M 88 59.43 38.05 -8.46
CA GLY M 88 60.70 38.59 -8.03
C GLY M 88 61.24 37.92 -6.79
N GLN M 89 60.37 37.63 -5.83
CA GLN M 89 60.79 36.94 -4.61
C GLN M 89 61.49 35.65 -4.94
N LYS M 90 60.89 34.85 -5.82
CA LYS M 90 61.46 33.56 -6.18
C LYS M 90 62.76 33.71 -6.94
N ILE M 91 62.93 34.83 -7.65
CA ILE M 91 64.14 35.03 -8.43
C ILE M 91 65.36 35.14 -7.53
N ILE M 92 65.21 35.79 -6.39
CA ILE M 92 66.30 35.93 -5.44
C ILE M 92 66.67 34.58 -4.83
N LYS M 93 65.66 33.75 -4.52
CA LYS M 93 65.92 32.45 -3.90
C LYS M 93 66.83 31.58 -4.77
N LYS M 94 66.67 31.66 -6.10
CA LYS M 94 67.47 30.86 -7.01
C LYS M 94 68.66 31.64 -7.59
N ASN M 95 68.85 32.90 -7.14
CA ASN M 95 69.93 33.80 -7.56
C ASN M 95 70.02 33.94 -9.07
N LEU M 96 68.87 34.22 -9.69
CA LEU M 96 68.80 34.51 -11.11
C LEU M 96 68.80 36.02 -11.39
N CYS M 97 69.35 36.81 -10.45
CA CYS M 97 69.17 38.25 -10.47
C CYS M 97 69.75 38.87 -11.75
N ARG M 98 70.96 38.44 -12.13
CA ARG M 98 71.64 38.99 -13.31
C ARG M 98 71.15 38.39 -14.61
N ASN M 99 70.72 37.13 -14.60
CA ASN M 99 70.04 36.59 -15.77
C ASN M 99 68.75 37.32 -16.04
N PHE M 100 68.06 37.73 -14.99
CA PHE M 100 66.90 38.60 -15.15
C PHE M 100 67.30 39.93 -15.73
N MET M 101 68.47 40.43 -15.33
CA MET M 101 68.98 41.65 -15.93
C MET M 101 69.20 41.46 -17.43
N LEU M 102 69.78 40.31 -17.81
CA LEU M 102 69.91 39.97 -19.22
C LEU M 102 68.56 39.95 -19.92
N HIS M 103 67.55 39.36 -19.27
CA HIS M 103 66.21 39.34 -19.86
C HIS M 103 65.73 40.76 -20.15
N LEU M 104 65.87 41.67 -19.18
CA LEU M 104 65.42 43.03 -19.37
C LEU M 104 66.12 43.69 -20.56
N VAL M 105 67.42 43.48 -20.70
CA VAL M 105 68.16 44.02 -21.84
C VAL M 105 67.65 43.41 -23.13
N SER M 106 67.44 42.10 -23.12
CA SER M 106 66.81 41.42 -24.25
C SER M 106 65.50 42.10 -24.61
N MET M 107 64.61 42.24 -23.61
CA MET M 107 63.33 42.91 -23.80
C MET M 107 63.50 44.32 -24.31
N HIS M 108 64.54 45.03 -23.86
CA HIS M 108 64.78 46.38 -24.35
C HIS M 108 65.30 46.37 -25.77
N ASP M 109 66.19 45.43 -26.09
CA ASP M 109 66.68 45.32 -27.45
C ASP M 109 65.52 45.10 -28.41
N PHE M 110 64.58 44.24 -28.05
CA PHE M 110 63.45 44.02 -28.93
C PHE M 110 62.51 45.21 -29.05
N ASN M 111 62.82 46.32 -28.36
CA ASN M 111 62.06 47.56 -28.36
C ASN M 111 60.79 47.50 -27.54
N LEU M 112 60.63 46.52 -26.65
CA LEU M 112 59.37 46.39 -25.92
C LEU M 112 59.28 47.31 -24.71
N ILE M 113 60.38 47.54 -24.02
CA ILE M 113 60.39 48.37 -22.82
C ILE M 113 61.29 49.58 -23.03
N SER M 114 60.92 50.70 -22.40
CA SER M 114 61.78 51.87 -22.30
C SER M 114 62.98 51.57 -21.42
N ILE M 115 64.04 52.34 -21.61
CA ILE M 115 65.27 52.07 -20.86
C ILE M 115 65.17 52.49 -19.39
N MET M 116 64.39 53.52 -19.06
CA MET M 116 64.22 53.82 -17.64
C MET M 116 63.40 52.76 -16.90
N SER M 117 62.88 51.75 -17.61
CA SER M 117 62.18 50.66 -16.96
C SER M 117 63.12 49.54 -16.52
N ILE M 118 64.28 49.43 -17.16
CA ILE M 118 65.30 48.53 -16.64
C ILE M 118 65.76 49.00 -15.26
N ASP M 119 66.15 50.27 -15.16
CA ASP M 119 66.63 50.82 -13.90
C ASP M 119 65.54 50.75 -12.83
N LYS M 120 64.30 51.13 -13.19
CA LYS M 120 63.19 51.07 -12.24
C LYS M 120 62.89 49.62 -11.80
N ALA M 121 63.19 48.64 -12.66
CA ALA M 121 62.89 47.27 -12.31
C ALA M 121 63.99 46.67 -11.45
N VAL M 122 65.25 46.82 -11.86
CA VAL M 122 66.34 46.35 -11.03
C VAL M 122 66.36 47.10 -9.71
N THR M 123 65.87 48.34 -9.70
CA THR M 123 65.75 49.06 -8.45
C THR M 123 64.70 48.41 -7.54
N LYS M 124 63.50 48.16 -8.08
CA LYS M 124 62.44 47.57 -7.26
C LYS M 124 62.83 46.19 -6.77
N LEU M 125 63.47 45.39 -7.62
CA LEU M 125 63.90 44.07 -7.22
C LEU M 125 64.94 44.14 -6.11
N ARG M 126 65.96 45.00 -6.26
CA ARG M 126 66.95 45.06 -5.20
C ARG M 126 66.41 45.77 -3.97
N GLU M 127 65.37 46.58 -4.16
CA GLU M 127 64.72 47.19 -3.00
C GLU M 127 63.90 46.18 -2.22
N MET M 128 63.35 45.17 -2.89
CA MET M 128 62.52 44.26 -2.12
C MET M 128 63.38 43.23 -1.43
N GLN M 129 64.52 42.92 -2.04
CA GLN M 129 65.55 42.05 -1.49
C GLN M 129 65.70 42.22 0.03
N THR N 2 43.25 13.08 -53.32
CA THR N 2 44.13 12.93 -52.17
C THR N 2 43.96 14.16 -51.26
N LYS N 3 42.87 14.90 -51.45
CA LYS N 3 42.64 16.13 -50.70
C LYS N 3 41.46 15.93 -49.78
N ALA N 4 41.71 16.06 -48.48
CA ALA N 4 40.67 15.90 -47.50
C ALA N 4 39.69 17.05 -47.51
N ALA N 5 38.42 16.74 -47.32
CA ALA N 5 37.41 17.78 -47.23
C ALA N 5 37.73 18.71 -46.06
N ARG N 6 37.58 20.00 -46.30
CA ARG N 6 37.90 20.98 -45.27
C ARG N 6 36.83 22.06 -45.23
N MET N 7 36.66 22.60 -44.04
CA MET N 7 35.74 23.71 -43.86
C MET N 7 36.38 24.97 -44.44
N SER N 8 35.56 25.80 -45.08
CA SER N 8 36.07 26.97 -45.76
C SER N 8 35.21 28.17 -45.41
N ALA N 9 35.78 29.42 -45.67
CA ALA N 9 35.10 30.63 -45.26
C ALA N 9 34.70 31.47 -46.47
N PRO N 10 33.52 32.11 -46.42
CA PRO N 10 33.06 33.01 -47.48
C PRO N 10 33.68 34.40 -47.41
N GLN O 3 51.93 -5.82 -41.27
CA GLN O 3 50.92 -4.89 -41.78
C GLN O 3 49.78 -4.59 -40.77
N ALA O 4 48.54 -4.50 -41.28
CA ALA O 4 47.38 -4.26 -40.43
C ALA O 4 47.06 -5.54 -39.67
N GLN O 5 47.28 -5.52 -38.35
CA GLN O 5 46.86 -6.63 -37.50
C GLN O 5 45.35 -6.75 -37.52
N ARG O 6 44.86 -7.97 -37.58
CA ARG O 6 43.45 -8.17 -37.58
C ARG O 6 43.03 -8.64 -36.18
N M3L O 7 41.73 -8.57 -35.86
CA M3L O 7 41.23 -9.06 -34.59
CB M3L O 7 40.02 -8.28 -34.11
CG M3L O 7 39.96 -8.23 -32.59
CD M3L O 7 38.69 -7.50 -32.14
CE M3L O 7 38.64 -7.57 -30.62
NZ M3L O 7 37.65 -6.67 -29.94
C M3L O 7 40.77 -10.52 -34.59
O M3L O 7 40.59 -11.23 -33.58
CM1 M3L O 7 37.30 -7.08 -28.54
CM2 M3L O 7 36.43 -6.44 -30.78
CM3 M3L O 7 38.37 -5.39 -29.80
N PHE O 8 40.53 -10.99 -35.81
CA PHE O 8 40.11 -12.35 -36.06
C PHE O 8 40.89 -13.01 -37.19
N ALA O 9 41.08 -14.34 -37.09
CA ALA O 9 41.64 -15.12 -38.18
C ALA O 9 40.60 -15.32 -39.27
N GLN O 10 40.97 -14.97 -40.52
CA GLN O 10 39.99 -14.68 -41.58
C GLN O 10 39.01 -15.83 -41.75
N SER O 11 39.51 -17.07 -41.77
CA SER O 11 38.68 -18.27 -41.78
C SER O 11 39.51 -19.52 -41.46
N PRO P 12 -2.98 57.28 42.26
CA PRO P 12 -3.14 56.77 43.66
C PRO P 12 -3.60 55.36 43.80
N VAL P 13 -3.55 54.83 45.04
CA VAL P 13 -4.03 53.49 45.36
C VAL P 13 -5.47 53.36 44.85
N CYS P 14 -6.18 54.49 44.65
CA CYS P 14 -7.50 54.38 44.04
C CYS P 14 -7.45 54.22 42.51
N TRP P 15 -6.33 54.48 41.81
CA TRP P 15 -6.24 53.92 40.46
C TRP P 15 -6.08 52.41 40.52
N ARG P 16 -5.08 51.92 41.27
CA ARG P 16 -4.63 50.56 41.12
C ARG P 16 -5.63 49.56 41.68
N LYS P 17 -6.30 49.91 42.78
CA LYS P 17 -7.38 49.06 43.29
C LYS P 17 -8.54 48.97 42.29
N ARG P 18 -8.89 50.09 41.66
CA ARG P 18 -9.87 50.08 40.58
C ARG P 18 -9.39 49.26 39.37
N VAL P 19 -8.10 49.35 39.03
CA VAL P 19 -7.57 48.60 37.91
C VAL P 19 -7.71 47.09 38.14
N LYS P 20 -7.36 46.62 39.35
CA LYS P 20 -7.51 45.21 39.70
C LYS P 20 -8.98 44.79 39.62
N SER P 21 -9.89 45.64 40.09
CA SER P 21 -11.32 45.34 40.03
C SER P 21 -11.79 45.25 38.58
N GLU P 22 -11.34 46.18 37.74
CA GLU P 22 -11.69 46.12 36.33
C GLU P 22 -11.16 44.84 35.69
N TYR P 23 -9.95 44.44 36.05
CA TYR P 23 -9.33 43.26 35.46
C TYR P 23 -10.12 42.00 35.80
N MET P 24 -10.59 41.87 37.05
CA MET P 24 -11.34 40.69 37.44
C MET P 24 -12.63 40.54 36.62
N ARG P 25 -13.36 41.63 36.45
CA ARG P 25 -14.62 41.56 35.70
C ARG P 25 -14.40 41.28 34.24
N LEU P 26 -13.43 41.94 33.61
CA LEU P 26 -13.14 41.65 32.20
C LEU P 26 -12.80 40.18 32.01
N ARG P 27 -12.02 39.60 32.92
CA ARG P 27 -11.71 38.18 32.81
C ARG P 27 -12.95 37.32 32.95
N GLN P 28 -13.84 37.65 33.89
CA GLN P 28 -15.04 36.85 34.09
C GLN P 28 -15.96 36.98 32.89
N LEU P 29 -16.07 38.22 32.37
CA LEU P 29 -16.88 38.56 31.20
C LEU P 29 -16.36 37.89 29.96
N LYS P 30 -15.02 37.85 29.83
CA LYS P 30 -14.39 37.13 28.72
C LYS P 30 -14.73 35.64 28.75
N ARG P 31 -14.59 35.03 29.94
CA ARG P 31 -14.85 33.61 30.08
C ARG P 31 -16.31 33.30 29.77
N PHE P 32 -17.25 34.12 30.26
CA PHE P 32 -18.68 33.92 29.98
C PHE P 32 -18.95 33.84 28.47
N ARG P 33 -18.46 34.82 27.72
CA ARG P 33 -18.73 34.83 26.29
C ARG P 33 -18.10 33.63 25.59
N ARG P 34 -16.93 33.22 26.05
CA ARG P 34 -16.12 32.26 25.32
C ARG P 34 -16.60 30.83 25.48
N ALA P 35 -17.21 30.54 26.64
CA ALA P 35 -17.53 29.19 27.06
C ALA P 35 -18.09 28.35 25.92
N ASP P 36 -19.00 28.94 25.13
CA ASP P 36 -19.51 28.22 23.97
C ASP P 36 -18.39 27.90 23.01
N GLU P 37 -17.52 28.88 22.78
CA GLU P 37 -16.47 28.69 21.78
C GLU P 37 -15.43 27.69 22.29
N VAL P 38 -14.99 27.82 23.55
CA VAL P 38 -13.96 26.94 24.07
C VAL P 38 -14.45 25.51 24.09
N LYS P 39 -15.72 25.34 24.45
CA LYS P 39 -16.30 24.01 24.47
C LYS P 39 -16.35 23.42 23.06
N SER P 40 -16.66 24.26 22.06
CA SER P 40 -16.68 23.77 20.70
C SER P 40 -15.28 23.43 20.20
N MET P 41 -14.26 24.16 20.65
CA MET P 41 -12.86 23.89 20.29
C MET P 41 -12.34 22.62 20.96
N PHE P 42 -12.69 22.36 22.22
CA PHE P 42 -12.27 21.11 22.87
C PHE P 42 -12.75 19.90 22.08
N SER P 43 -14.02 19.94 21.63
CA SER P 43 -14.61 18.87 20.86
C SER P 43 -13.88 18.63 19.54
N SER P 44 -13.64 19.71 18.80
CA SER P 44 -12.91 19.59 17.54
C SER P 44 -11.50 19.04 17.79
N ASN P 45 -10.87 19.48 18.88
CA ASN P 45 -9.57 18.97 19.24
C ASN P 45 -9.63 17.48 19.59
N ARG P 46 -10.65 17.09 20.36
CA ARG P 46 -10.84 15.68 20.68
C ARG P 46 -11.01 14.85 19.41
N GLN P 47 -11.71 15.38 18.41
CA GLN P 47 -11.85 14.63 17.16
C GLN P 47 -10.50 14.45 16.50
N LYS P 48 -9.64 15.48 16.53
CA LYS P 48 -8.31 15.35 15.96
C LYS P 48 -7.48 14.32 16.73
N ILE P 49 -7.58 14.31 18.07
CA ILE P 49 -6.88 13.34 18.91
C ILE P 49 -7.30 11.91 18.56
N LEU P 50 -8.61 11.69 18.42
CA LEU P 50 -9.11 10.39 18.03
C LEU P 50 -8.48 9.91 16.73
N GLU P 51 -8.47 10.76 15.71
CA GLU P 51 -7.86 10.36 14.46
C GLU P 51 -6.41 9.98 14.62
N ARG P 52 -5.65 10.83 15.31
CA ARG P 52 -4.22 10.62 15.34
C ARG P 52 -3.82 9.43 16.19
N THR P 53 -4.44 9.26 17.34
CA THR P 53 -4.15 8.05 18.11
C THR P 53 -4.48 6.80 17.31
N GLU P 54 -5.54 6.87 16.51
CA GLU P 54 -5.92 5.71 15.70
C GLU P 54 -4.81 5.34 14.76
N ILE P 55 -4.22 6.35 14.12
CA ILE P 55 -3.13 6.10 13.21
C ILE P 55 -1.95 5.45 13.94
N LEU P 56 -1.57 6.01 15.08
CA LEU P 56 -0.47 5.46 15.86
C LEU P 56 -0.79 4.04 16.32
N ASN P 57 -2.05 3.78 16.69
CA ASN P 57 -2.43 2.46 17.18
C ASN P 57 -2.33 1.43 16.05
N GLN P 58 -2.80 1.80 14.85
CA GLN P 58 -2.68 0.93 13.68
C GLN P 58 -1.21 0.56 13.45
N GLU P 59 -0.34 1.57 13.54
CA GLU P 59 1.10 1.35 13.41
C GLU P 59 1.62 0.42 14.50
N TRP P 60 1.04 0.49 15.71
CA TRP P 60 1.51 -0.37 16.78
C TRP P 60 1.14 -1.82 16.51
N LYS P 61 -0.05 -2.03 15.95
CA LYS P 61 -0.53 -3.37 15.67
C LYS P 61 0.36 -4.10 14.67
N GLN P 62 0.93 -3.39 13.68
CA GLN P 62 1.79 -4.04 12.69
C GLN P 62 3.03 -4.67 13.32
N ARG P 63 3.52 -4.08 14.40
CA ARG P 63 4.77 -4.49 15.03
C ARG P 63 4.56 -5.64 16.00
N ARG P 64 5.56 -6.53 16.06
CA ARG P 64 5.61 -7.70 16.95
C ARG P 64 6.89 -7.60 17.84
N ILE P 65 6.87 -6.71 18.83
CA ILE P 65 8.04 -6.44 19.66
C ILE P 65 8.10 -7.46 20.80
N GLN P 66 9.28 -8.05 21.00
CA GLN P 66 9.37 -9.14 22.00
C GLN P 66 9.46 -8.63 23.42
N PRO P 67 8.95 -9.39 24.37
CA PRO P 67 8.89 -8.92 25.74
C PRO P 67 10.20 -9.06 26.49
N VAL P 68 10.27 -8.33 27.59
CA VAL P 68 11.40 -8.39 28.51
C VAL P 68 11.26 -9.58 29.45
N HIS P 69 12.42 -10.13 29.86
CA HIS P 69 12.58 -11.28 30.73
C HIS P 69 13.81 -11.01 31.61
N ILE P 70 14.09 -11.89 32.56
CA ILE P 70 15.12 -11.69 33.55
C ILE P 70 16.25 -12.71 33.34
N LEU P 71 17.39 -12.24 32.82
CA LEU P 71 18.64 -12.96 33.02
C LEU P 71 18.48 -14.34 32.28
N THR P 72 18.87 -15.53 32.78
CA THR P 72 19.51 -15.88 34.07
C THR P 72 20.76 -16.75 33.90
N SER P 73 20.80 -17.56 32.83
CA SER P 73 21.90 -18.50 32.65
C SER P 73 22.98 -17.90 31.76
N VAL P 74 23.67 -16.89 32.29
CA VAL P 74 24.98 -16.53 31.73
C VAL P 74 25.95 -17.76 31.57
N SER P 75 26.18 -18.58 32.61
CA SER P 75 25.67 -18.46 33.98
C SER P 75 26.70 -17.86 34.94
N SER P 76 27.61 -18.67 35.50
CA SER P 76 28.62 -18.14 36.43
C SER P 76 27.98 -17.27 37.51
N LEU P 77 26.94 -17.85 38.15
CA LEU P 77 25.75 -17.10 38.55
C LEU P 77 26.04 -15.91 39.46
N ARG P 78 26.88 -16.08 40.47
CA ARG P 78 26.80 -15.18 41.59
C ARG P 78 28.17 -14.91 42.16
N GLY P 79 28.18 -14.31 43.35
CA GLY P 79 29.35 -13.59 43.80
C GLY P 79 29.38 -12.17 43.31
N THR P 80 28.29 -11.67 42.76
CA THR P 80 28.23 -10.31 42.24
C THR P 80 27.41 -9.45 43.18
N ARG P 81 27.29 -8.18 42.82
CA ARG P 81 26.53 -7.26 43.64
C ARG P 81 25.04 -7.38 43.28
N GLU P 82 24.19 -6.93 44.19
CA GLU P 82 22.77 -7.19 44.03
C GLU P 82 21.89 -6.02 44.44
N CYS P 83 20.70 -6.03 43.85
CA CYS P 83 19.64 -5.06 44.03
C CYS P 83 18.52 -5.78 44.76
N SER P 84 18.04 -5.18 45.85
CA SER P 84 16.99 -5.77 46.67
C SER P 84 15.78 -4.84 46.67
N VAL P 85 14.60 -5.41 46.43
CA VAL P 85 13.33 -4.68 46.35
C VAL P 85 12.32 -5.26 47.33
N THR P 86 11.75 -4.42 48.15
CA THR P 86 10.80 -4.82 49.17
C THR P 86 9.39 -4.40 48.75
N SER P 87 8.42 -5.12 49.29
CA SER P 87 7.02 -4.82 48.99
C SER P 87 6.18 -4.80 50.27
N ASP P 88 5.15 -3.97 50.26
CA ASP P 88 4.11 -4.00 51.30
C ASP P 88 3.12 -5.16 51.08
N LEU P 89 3.36 -5.99 50.06
CA LEU P 89 2.35 -6.94 49.59
C LEU P 89 2.28 -8.20 50.43
N ASP P 90 3.33 -8.45 51.24
CA ASP P 90 3.56 -9.67 52.05
C ASP P 90 4.25 -10.69 51.14
N PHE P 91 4.73 -10.30 49.95
CA PHE P 91 5.44 -11.29 49.08
C PHE P 91 6.94 -11.23 49.32
N PRO P 92 7.64 -12.38 49.24
CA PRO P 92 9.06 -12.40 49.48
C PRO P 92 9.72 -11.26 48.72
N THR P 93 10.70 -10.64 49.38
CA THR P 93 11.47 -9.56 48.81
C THR P 93 12.25 -10.12 47.64
N GLN P 94 12.37 -9.36 46.58
CA GLN P 94 13.01 -9.86 45.38
C GLN P 94 14.43 -9.30 45.34
N VAL P 95 15.37 -10.15 44.94
CA VAL P 95 16.78 -9.80 44.83
C VAL P 95 17.22 -10.20 43.44
N ILE P 96 17.95 -9.31 42.78
CA ILE P 96 18.45 -9.48 41.41
C ILE P 96 19.91 -9.08 41.43
N PRO P 97 20.75 -9.75 40.65
CA PRO P 97 22.13 -9.29 40.51
C PRO P 97 22.13 -7.92 39.82
N LEU P 98 23.13 -7.12 40.13
CA LEU P 98 23.23 -5.79 39.55
C LEU P 98 24.05 -5.81 38.28
N LYS P 99 23.49 -5.39 37.16
CA LYS P 99 24.26 -5.32 35.93
C LYS P 99 24.89 -3.94 35.83
N THR P 100 26.22 -3.91 35.88
CA THR P 100 26.97 -2.66 35.82
C THR P 100 27.17 -2.20 34.38
N LEU P 101 27.08 -0.90 34.19
CA LEU P 101 27.30 -0.19 32.93
C LEU P 101 28.70 0.43 32.99
N ASN P 102 29.55 0.11 32.00
CA ASN P 102 30.93 0.57 31.98
C ASN P 102 31.09 1.98 31.36
N ALA P 103 32.27 2.54 31.59
CA ALA P 103 32.99 3.46 30.69
C ALA P 103 32.21 4.76 30.59
N VAL P 104 31.91 5.27 29.36
CA VAL P 104 31.31 6.55 28.99
C VAL P 104 31.81 7.72 29.85
N ALA P 105 33.01 8.15 29.51
CA ALA P 105 33.69 9.27 30.13
C ALA P 105 33.02 10.60 29.78
N SER P 106 33.12 11.54 30.70
CA SER P 106 32.53 12.87 30.61
C SER P 106 33.38 13.86 29.81
N VAL P 107 32.72 14.94 29.40
CA VAL P 107 33.28 16.19 28.86
C VAL P 107 32.88 17.30 29.83
N PRO P 108 33.68 18.36 29.91
CA PRO P 108 33.41 19.44 30.84
C PRO P 108 32.08 20.13 30.53
N ILE P 109 31.47 20.70 31.57
CA ILE P 109 30.19 21.34 31.37
C ILE P 109 30.33 22.50 30.38
N MET P 110 29.34 22.67 29.50
CA MET P 110 29.32 23.78 28.55
C MET P 110 27.89 24.20 28.25
N TYR P 111 27.52 25.42 28.62
CA TYR P 111 26.22 25.95 28.23
C TYR P 111 26.28 26.49 26.82
N SER P 112 25.15 26.42 26.14
CA SER P 112 25.15 26.66 24.71
C SER P 112 25.29 28.16 24.40
N TRP P 113 25.97 28.47 23.28
CA TRP P 113 26.32 29.82 22.82
C TRP P 113 26.30 29.90 21.31
N SER P 114 25.83 31.06 20.76
CA SER P 114 25.79 31.20 19.29
C SER P 114 27.09 31.78 18.73
N PRO P 115 27.47 31.42 17.51
CA PRO P 115 28.75 31.87 17.00
C PRO P 115 28.64 33.27 16.44
N LEU P 116 29.75 34.03 16.58
CA LEU P 116 29.86 35.41 16.10
C LEU P 116 31.22 35.61 15.45
N GLN P 117 31.21 36.38 14.36
CA GLN P 117 32.42 36.87 13.73
C GLN P 117 32.71 38.35 14.02
N GLN P 118 31.72 39.14 14.51
CA GLN P 118 31.90 40.51 14.98
C GLN P 118 31.02 40.72 16.19
N ASN P 119 31.36 41.70 17.01
CA ASN P 119 30.58 41.89 18.22
C ASN P 119 29.13 42.21 17.89
N PHE P 120 28.27 42.01 18.88
CA PHE P 120 26.83 42.17 18.79
C PHE P 120 26.38 43.15 19.87
N MET P 121 25.65 44.20 19.50
CA MET P 121 25.09 45.18 20.43
C MET P 121 23.77 44.61 20.98
N VAL P 122 23.61 44.63 22.31
CA VAL P 122 22.44 44.08 22.98
C VAL P 122 21.94 45.09 24.02
N GLU P 123 20.65 45.41 23.96
CA GLU P 123 20.08 46.34 24.91
C GLU P 123 20.03 45.75 26.31
N ASP P 124 20.02 46.62 27.30
CA ASP P 124 19.91 46.17 28.67
C ASP P 124 18.56 45.52 28.93
N GLU P 125 18.53 44.47 29.78
CA GLU P 125 17.29 43.85 30.23
C GLU P 125 17.00 44.38 31.64
N THR P 126 15.81 44.98 31.80
CA THR P 126 15.48 45.67 33.04
C THR P 126 15.06 44.68 34.13
N VAL P 127 14.35 43.61 33.75
CA VAL P 127 13.89 42.58 34.67
C VAL P 127 14.49 41.23 34.28
N LEU P 128 15.13 40.57 35.24
CA LEU P 128 15.63 39.21 34.98
C LEU P 128 14.42 38.30 34.91
N HIS P 129 14.39 37.45 33.89
CA HIS P 129 13.20 36.65 33.62
C HIS P 129 13.34 35.25 34.14
N ASN P 130 14.23 35.11 35.12
CA ASN P 130 14.60 33.83 35.64
C ASN P 130 15.28 34.03 36.97
N ILE P 131 15.02 33.12 37.90
CA ILE P 131 15.84 33.07 39.10
C ILE P 131 16.81 31.90 38.92
N PRO P 132 18.10 32.13 38.97
CA PRO P 132 19.06 31.06 38.81
C PRO P 132 18.87 30.03 39.88
N TYR P 133 18.81 28.77 39.47
CA TYR P 133 18.75 27.66 40.40
C TYR P 133 20.17 27.17 40.56
N MET P 134 20.78 27.51 41.70
CA MET P 134 22.16 27.14 42.03
C MET P 134 22.66 26.23 43.17
N GLY P 135 21.88 26.01 44.21
CA GLY P 135 20.47 26.35 44.28
C GLY P 135 19.96 24.98 44.67
N ASP P 136 19.33 24.89 45.83
CA ASP P 136 18.81 23.67 46.48
C ASP P 136 19.96 22.71 46.87
N GLU P 137 21.24 23.11 46.70
CA GLU P 137 22.36 22.24 47.07
C GLU P 137 23.56 22.94 47.70
N VAL P 138 23.58 24.28 47.76
CA VAL P 138 24.73 24.96 48.39
C VAL P 138 24.92 24.53 49.88
N LEU P 139 23.91 24.56 50.77
CA LEU P 139 22.57 25.16 50.62
C LEU P 139 22.18 25.87 51.94
N ASP P 140 21.52 27.04 51.90
CA ASP P 140 21.11 27.82 50.71
C ASP P 140 22.22 28.30 49.73
N GLN P 141 23.39 28.76 50.23
CA GLN P 141 23.62 29.00 51.67
C GLN P 141 23.52 30.49 51.96
N ASP P 142 23.82 31.28 50.94
CA ASP P 142 23.70 32.73 51.02
C ASP P 142 22.24 33.08 50.77
N GLY P 143 21.45 33.20 51.84
CA GLY P 143 20.06 33.59 51.64
C GLY P 143 19.97 35.00 51.11
N THR P 144 21.00 35.81 51.37
CA THR P 144 20.97 37.18 50.89
C THR P 144 21.23 37.29 49.40
N PHE P 145 21.76 36.24 48.76
CA PHE P 145 22.20 36.36 47.37
C PHE P 145 21.03 36.57 46.42
N ILE P 146 19.96 35.80 46.60
CA ILE P 146 18.79 36.02 45.76
C ILE P 146 18.25 37.42 45.99
N GLU P 147 18.22 37.86 47.24
CA GLU P 147 17.70 39.20 47.50
C GLU P 147 18.61 40.25 46.86
N GLU P 148 19.92 40.02 46.90
CA GLU P 148 20.83 41.01 46.30
C GLU P 148 20.63 41.04 44.80
N LEU P 149 20.41 39.88 44.19
CA LEU P 149 20.15 39.82 42.75
C LEU P 149 18.86 40.56 42.40
N ILE P 150 17.86 40.46 43.27
CA ILE P 150 16.63 41.20 43.04
C ILE P 150 16.90 42.68 43.19
N LYS P 151 17.75 43.03 44.16
CA LYS P 151 18.13 44.41 44.36
C LYS P 151 18.81 44.97 43.13
N ASN P 152 19.72 44.20 42.52
CA ASN P 152 20.40 44.71 41.36
C ASN P 152 19.44 44.86 40.18
N TYR P 153 18.44 44.00 40.10
CA TYR P 153 17.47 44.10 39.03
C TYR P 153 16.28 44.98 39.37
N ASP P 154 16.46 45.79 40.42
CA ASP P 154 15.52 46.79 40.92
C ASP P 154 14.26 46.19 41.54
N GLY P 155 14.36 44.97 42.06
CA GLY P 155 13.26 44.25 42.65
C GLY P 155 12.21 43.65 41.74
N LYS P 156 12.41 43.64 40.43
CA LYS P 156 11.42 43.09 39.50
C LYS P 156 11.99 41.89 38.72
N VAL P 157 11.27 40.76 38.77
CA VAL P 157 11.60 39.53 38.05
C VAL P 157 10.37 39.13 37.28
N HIS P 158 10.59 38.36 36.21
CA HIS P 158 9.47 38.04 35.34
C HIS P 158 8.30 37.40 36.09
N GLY P 159 8.58 36.59 37.11
CA GLY P 159 7.48 35.90 37.75
C GLY P 159 6.66 36.80 38.64
N ASP P 160 7.30 37.79 39.23
CA ASP P 160 6.80 38.30 40.48
C ASP P 160 5.93 39.51 40.20
N ARG P 161 4.65 39.34 40.52
CA ARG P 161 3.62 40.37 40.48
C ARG P 161 2.49 39.81 41.35
N GLU P 162 1.72 40.70 41.99
CA GLU P 162 0.59 40.16 42.77
C GLU P 162 -0.39 39.45 41.85
N CYS P 163 -0.63 40.02 40.69
CA CYS P 163 -1.50 39.51 39.65
C CYS P 163 -0.61 39.68 38.46
N GLY P 164 -0.72 38.83 37.43
CA GLY P 164 -1.76 37.83 37.25
C GLY P 164 -1.66 37.48 35.78
N PHE P 165 -2.48 36.57 35.26
CA PHE P 165 -2.32 36.22 33.86
C PHE P 165 -2.70 37.39 32.97
N ILE P 166 -1.95 37.58 31.89
CA ILE P 166 -2.23 38.66 30.96
C ILE P 166 -1.73 38.28 29.57
N ASN P 167 -2.46 38.76 28.59
CA ASN P 167 -2.18 38.54 27.19
C ASN P 167 -2.53 39.82 26.45
N ASP P 168 -2.02 39.92 25.22
CA ASP P 168 -2.12 41.17 24.45
C ASP P 168 -3.56 41.59 24.28
N GLU P 169 -4.42 40.63 23.96
CA GLU P 169 -5.83 40.93 23.76
C GLU P 169 -6.48 41.40 25.07
N ILE P 170 -6.18 40.74 26.20
CA ILE P 170 -6.72 41.19 27.49
C ILE P 170 -6.22 42.60 27.79
N PHE P 171 -4.96 42.87 27.42
CA PHE P 171 -4.34 44.19 27.56
C PHE P 171 -5.16 45.26 26.84
N VAL P 172 -5.52 45.01 25.57
CA VAL P 172 -6.36 45.94 24.81
C VAL P 172 -7.73 46.09 25.46
N GLU P 173 -8.36 44.98 25.89
CA GLU P 173 -9.72 45.06 26.42
C GLU P 173 -9.77 45.97 27.65
N LEU P 174 -8.73 45.89 28.50
CA LEU P 174 -8.62 46.63 29.76
C LEU P 174 -8.40 48.13 29.54
N VAL P 175 -7.54 48.49 28.58
CA VAL P 175 -7.34 49.90 28.31
C VAL P 175 -8.65 50.54 27.87
N ASN P 176 -9.46 49.81 27.11
CA ASN P 176 -10.77 50.33 26.75
C ASN P 176 -11.60 50.52 28.01
N ALA P 177 -11.70 49.46 28.80
CA ALA P 177 -12.56 49.45 29.99
C ALA P 177 -12.10 50.48 31.01
N LEU P 178 -10.78 50.55 31.25
CA LEU P 178 -10.26 51.53 32.21
C LEU P 178 -10.48 52.96 31.73
N GLY P 179 -10.31 53.21 30.44
CA GLY P 179 -10.42 54.57 29.94
C GLY P 179 -11.76 55.23 30.26
N GLN P 180 -12.85 54.51 30.01
CA GLN P 180 -14.15 55.00 30.47
C GLN P 180 -14.42 54.56 31.92
N PRO P 219 -4.19 56.74 23.54
CA PRO P 219 -4.64 58.13 23.68
C PRO P 219 -4.64 58.64 25.13
N SER P 220 -4.45 57.73 26.09
CA SER P 220 -4.41 58.08 27.51
C SER P 220 -3.02 57.81 28.06
N ASP P 221 -2.47 58.81 28.77
CA ASP P 221 -1.09 58.77 29.24
C ASP P 221 -0.96 58.38 30.70
N LYS P 222 -2.06 58.09 31.39
CA LYS P 222 -2.02 57.81 32.82
C LYS P 222 -2.43 56.39 33.17
N ILE P 223 -2.88 55.61 32.20
CA ILE P 223 -3.28 54.25 32.55
C ILE P 223 -2.10 53.32 32.50
N PHE P 224 -1.15 53.53 31.59
CA PHE P 224 0.03 52.68 31.57
C PHE P 224 0.85 52.83 32.82
N GLU P 225 0.85 54.02 33.39
CA GLU P 225 1.50 54.18 34.67
C GLU P 225 0.75 53.41 35.73
N ALA P 226 -0.58 53.38 35.59
CA ALA P 226 -1.43 52.72 36.58
C ALA P 226 -1.25 51.21 36.59
N ILE P 227 -1.18 50.57 35.41
CA ILE P 227 -1.07 49.10 35.34
C ILE P 227 0.34 48.62 35.68
N SER P 228 1.37 49.44 35.42
CA SER P 228 2.76 49.04 35.58
C SER P 228 3.10 48.75 37.03
N SER P 229 2.41 49.38 37.98
CA SER P 229 2.60 48.97 39.37
C SER P 229 2.11 47.53 39.58
N MET P 230 1.09 47.11 38.83
CA MET P 230 0.54 45.77 39.01
C MET P 230 1.36 44.72 38.26
N PHE P 231 2.02 45.14 37.19
CA PHE P 231 2.79 44.25 36.34
C PHE P 231 4.21 44.78 36.21
N PRO P 232 5.08 44.54 37.20
CA PRO P 232 6.49 44.90 37.04
C PRO P 232 7.19 44.05 35.98
N ASP P 233 6.55 43.00 35.42
CA ASP P 233 7.19 42.21 34.36
C ASP P 233 7.49 43.11 33.16
N LYS P 234 6.61 44.09 32.94
CA LYS P 234 6.78 45.17 31.98
C LYS P 234 6.80 46.43 32.86
N GLY P 235 7.84 46.51 33.69
CA GLY P 235 7.94 47.56 34.72
C GLY P 235 7.88 48.97 34.16
N THR P 236 8.61 49.22 33.10
CA THR P 236 8.50 50.45 32.33
C THR P 236 7.05 50.84 32.15
N ALA P 237 6.65 52.04 32.63
CA ALA P 237 5.31 52.53 32.30
C ALA P 237 5.26 53.05 30.84
N GLU P 238 6.35 53.68 30.39
CA GLU P 238 6.47 54.16 29.01
C GLU P 238 6.45 53.01 27.99
N GLU P 239 7.14 51.88 28.27
CA GLU P 239 7.12 50.73 27.36
C GLU P 239 5.76 50.11 27.22
N LEU P 240 5.00 50.03 28.31
CA LEU P 240 3.63 49.58 28.17
C LEU P 240 2.86 50.54 27.28
N LYS P 241 3.07 51.85 27.47
CA LYS P 241 2.43 52.82 26.58
C LYS P 241 2.84 52.58 25.13
N GLU P 242 4.13 52.34 24.89
CA GLU P 242 4.58 51.91 23.58
C GLU P 242 3.87 50.64 23.13
N LYS P 243 3.76 49.63 24.00
CA LYS P 243 3.13 48.37 23.58
C LYS P 243 1.68 48.59 23.15
N TYR P 244 0.92 49.42 23.85
CA TYR P 244 -0.46 49.67 23.44
C TYR P 244 -0.55 50.44 22.14
N LYS P 245 0.39 51.35 21.91
CA LYS P 245 0.42 52.05 20.63
C LYS P 245 0.65 51.05 19.49
N GLU P 246 1.56 50.09 19.72
CA GLU P 246 1.90 49.12 18.69
C GLU P 246 0.72 48.21 18.34
N LEU P 247 0.01 47.73 19.36
CA LEU P 247 -1.12 46.82 19.13
C LEU P 247 -2.25 47.49 18.34
N THR P 248 -2.54 48.76 18.64
CA THR P 248 -3.62 49.51 17.95
C THR P 248 -3.05 50.48 16.85
N GLU P 259 4.06 55.06 8.96
CA GLU P 259 3.96 56.13 7.98
C GLU P 259 4.11 55.55 6.59
N CYS P 260 3.99 56.42 5.61
CA CYS P 260 4.05 56.10 4.19
C CYS P 260 5.51 56.04 3.80
N THR P 261 5.85 55.58 2.60
CA THR P 261 4.99 55.52 1.42
C THR P 261 4.84 54.11 0.93
N PRO P 262 3.82 53.85 0.13
CA PRO P 262 3.68 52.55 -0.52
C PRO P 262 4.74 52.36 -1.60
N ASN P 263 4.71 51.17 -2.19
CA ASN P 263 5.71 50.82 -3.19
C ASN P 263 5.55 51.71 -4.42
N ILE P 264 6.68 52.13 -4.95
CA ILE P 264 6.80 53.00 -6.11
C ILE P 264 6.20 52.57 -7.50
N ASP P 265 6.35 51.34 -8.08
CA ASP P 265 6.61 49.97 -7.57
C ASP P 265 5.44 49.33 -6.88
N GLY P 266 4.35 50.09 -6.79
CA GLY P 266 3.14 49.63 -6.15
C GLY P 266 1.90 50.22 -6.79
N PRO P 267 0.75 49.59 -6.62
CA PRO P 267 -0.46 50.19 -7.21
C PRO P 267 -0.89 51.46 -6.50
N ASN P 268 -0.47 51.61 -5.26
CA ASN P 268 -0.92 52.72 -4.42
C ASN P 268 0.09 53.87 -4.37
N ALA P 269 0.98 53.87 -5.36
CA ALA P 269 2.07 54.83 -5.44
C ALA P 269 1.55 56.26 -5.46
N LYS P 270 2.26 57.14 -4.76
CA LYS P 270 1.86 58.52 -4.59
C LYS P 270 2.99 59.47 -4.99
N SER P 271 2.57 60.68 -5.41
CA SER P 271 3.47 61.82 -5.70
C SER P 271 3.83 62.47 -4.39
N VAL P 272 5.12 62.39 -4.06
CA VAL P 272 5.54 62.64 -2.69
C VAL P 272 6.95 63.27 -2.70
N GLN P 273 7.21 64.11 -1.69
CA GLN P 273 8.47 64.87 -1.67
C GLN P 273 9.69 63.97 -1.52
N ARG P 274 10.85 64.44 -1.99
CA ARG P 274 12.07 63.61 -2.02
C ARG P 274 12.45 63.10 -0.65
N GLU P 275 12.48 63.98 0.36
CA GLU P 275 12.85 63.56 1.71
C GLU P 275 11.91 62.50 2.26
N GLN P 276 10.73 62.39 1.70
CA GLN P 276 9.79 61.44 2.26
C GLN P 276 10.02 60.05 1.62
N SER P 277 10.31 60.00 0.33
CA SER P 277 10.61 58.73 -0.33
C SER P 277 11.88 58.08 0.22
N LEU P 278 12.86 58.87 0.61
CA LEU P 278 14.11 58.34 1.11
C LEU P 278 14.16 58.33 2.61
N HIS P 279 13.11 58.84 3.27
CA HIS P 279 13.11 58.90 4.72
C HIS P 279 13.42 57.55 5.31
N SER P 280 12.86 56.49 4.71
CA SER P 280 13.06 55.16 5.26
C SER P 280 14.51 54.73 5.13
N PHE P 281 15.09 54.93 3.95
CA PHE P 281 16.48 54.56 3.75
C PHE P 281 17.41 55.46 4.57
N HIS P 282 17.18 56.78 4.53
CA HIS P 282 18.03 57.70 5.30
C HIS P 282 18.02 57.35 6.79
N THR P 283 16.86 57.16 7.38
CA THR P 283 16.85 56.89 8.81
C THR P 283 17.47 55.53 9.14
N LEU P 284 17.35 54.56 8.25
CA LEU P 284 17.67 53.20 8.69
C LEU P 284 19.11 52.81 8.34
N PHE P 285 19.65 53.40 7.30
CA PHE P 285 20.98 53.01 6.85
C PHE P 285 22.06 53.42 7.82
N CYS P 286 23.05 52.53 8.01
CA CYS P 286 24.25 52.77 8.82
C CYS P 286 25.43 53.07 7.91
N ARG P 287 25.99 54.28 8.04
CA ARG P 287 27.15 54.68 7.25
C ARG P 287 28.39 53.84 7.58
N ARG P 288 28.59 53.50 8.86
CA ARG P 288 29.82 52.83 9.27
C ARG P 288 29.95 51.40 8.71
N CYS P 289 28.86 50.63 8.68
CA CYS P 289 28.94 49.23 8.26
C CYS P 289 28.05 48.82 7.08
N PHE P 290 27.32 49.79 6.47
CA PHE P 290 26.70 49.70 5.14
C PHE P 290 25.49 48.80 5.08
N LYS P 291 24.90 48.48 6.22
CA LYS P 291 23.70 47.66 6.30
C LYS P 291 22.58 48.48 6.91
N TYR P 292 21.36 48.00 6.80
CA TYR P 292 20.23 48.68 7.42
C TYR P 292 19.88 48.07 8.77
N ASP P 293 19.63 48.95 9.76
CA ASP P 293 19.35 48.50 11.13
C ASP P 293 20.42 47.53 11.60
N CYS P 294 21.67 48.00 11.54
CA CYS P 294 22.83 47.17 11.85
C CYS P 294 22.75 46.64 13.28
N PHE P 295 23.54 45.61 13.54
CA PHE P 295 23.60 44.97 14.85
C PHE P 295 24.62 45.56 15.77
N LEU P 296 25.41 46.51 15.30
CA LEU P 296 26.55 46.97 16.06
C LEU P 296 26.50 48.44 16.47
N HIS P 297 25.75 49.27 15.73
CA HIS P 297 25.72 50.72 15.97
C HIS P 297 24.35 51.23 16.38
N PRO P 298 24.19 51.71 17.61
CA PRO P 298 22.85 52.04 18.06
C PRO P 298 22.30 53.33 17.45
N PHE P 299 23.15 54.31 17.24
CA PHE P 299 22.65 55.62 16.88
C PHE P 299 22.34 55.79 15.40
N HIS P 300 21.40 56.66 15.14
CA HIS P 300 20.94 56.87 13.77
C HIS P 300 21.85 57.84 13.03
N ALA P 301 21.33 58.34 11.93
CA ALA P 301 22.02 59.29 11.07
C ALA P 301 22.30 60.63 11.80
N THR P 302 23.31 61.36 11.30
CA THR P 302 23.82 62.59 11.91
C THR P 302 22.96 63.90 12.04
N PRO P 303 22.13 64.24 11.03
CA PRO P 303 21.86 63.56 9.79
C PRO P 303 22.47 64.33 8.60
N ASN P 304 23.44 65.22 8.86
CA ASN P 304 24.09 65.86 7.73
C ASN P 304 24.87 64.86 6.86
N THR P 305 25.04 63.62 7.34
CA THR P 305 25.84 62.63 6.61
C THR P 305 25.26 62.32 5.23
N TYR P 306 23.94 62.27 5.10
CA TYR P 306 23.38 62.03 3.78
C TYR P 306 23.42 63.22 2.83
N LYS P 307 23.34 64.47 3.31
CA LYS P 307 23.55 65.56 2.34
C LYS P 307 24.98 65.49 1.80
N ARG P 308 25.13 65.71 0.49
CA ARG P 308 26.40 65.59 -0.22
C ARG P 308 26.89 66.97 -0.66
N LYS P 309 28.03 66.98 -1.36
CA LYS P 309 28.48 68.17 -2.08
C LYS P 309 27.50 68.43 -3.22
N ASN P 310 26.66 69.47 -3.10
CA ASN P 310 25.60 69.70 -4.07
C ASN P 310 26.10 70.40 -5.32
N THR P 311 27.41 70.46 -5.51
CA THR P 311 28.01 70.93 -6.76
C THR P 311 29.01 69.87 -7.19
N GLU P 312 28.51 68.88 -7.90
CA GLU P 312 29.22 68.27 -9.02
C GLU P 312 28.53 68.87 -10.24
N THR P 313 28.89 70.13 -10.55
CA THR P 313 28.26 70.85 -11.66
C THR P 313 28.61 70.19 -12.98
N ALA P 314 27.61 70.07 -13.83
CA ALA P 314 27.79 69.54 -15.17
C ALA P 314 27.76 70.69 -16.16
N LEU P 315 28.76 70.74 -17.03
CA LEU P 315 28.72 71.66 -18.16
C LEU P 315 27.58 71.27 -19.09
N ASP P 316 27.20 72.20 -19.96
CA ASP P 316 26.26 71.87 -21.01
C ASP P 316 26.82 70.74 -21.87
N ASN P 317 26.03 69.70 -22.09
CA ASN P 317 26.35 68.73 -23.13
C ASN P 317 25.05 68.36 -23.82
N LYS P 318 25.07 68.46 -25.14
CA LYS P 318 23.92 68.20 -25.98
C LYS P 318 24.39 67.46 -27.22
N PRO P 319 23.48 66.73 -27.87
CA PRO P 319 22.06 66.58 -27.58
C PRO P 319 21.83 65.42 -26.62
N CYS P 320 20.65 65.44 -26.00
CA CYS P 320 20.13 64.32 -25.23
C CYS P 320 20.39 62.88 -25.75
N GLY P 321 20.00 62.50 -26.95
CA GLY P 321 19.13 63.25 -27.85
C GLY P 321 18.26 62.29 -28.64
N PRO P 322 17.43 62.83 -29.53
CA PRO P 322 17.26 64.26 -29.77
C PRO P 322 16.07 64.89 -29.08
N GLN P 323 15.17 64.06 -28.57
CA GLN P 323 14.02 64.60 -27.86
C GLN P 323 14.48 65.42 -26.66
N CYS P 324 14.11 66.69 -26.66
CA CYS P 324 14.69 67.55 -25.65
C CYS P 324 13.96 68.88 -25.59
N TYR P 325 14.26 69.64 -24.53
CA TYR P 325 13.80 71.00 -24.27
C TYR P 325 14.63 72.06 -25.02
N GLN P 326 15.43 71.63 -26.01
CA GLN P 326 16.46 72.47 -26.63
C GLN P 326 15.96 73.73 -27.34
N HIS P 327 16.81 74.76 -27.28
CA HIS P 327 16.74 75.97 -28.13
C HIS P 327 15.42 76.70 -28.07
N LEU P 328 14.83 76.78 -26.88
CA LEU P 328 14.03 77.94 -26.52
C LEU P 328 15.00 78.99 -25.96
N GLU P 329 14.70 80.28 -26.27
CA GLU P 329 15.45 81.33 -25.57
C GLU P 329 15.49 81.05 -24.07
N GLY P 330 14.51 80.38 -23.51
CA GLY P 330 14.52 79.86 -22.16
C GLY P 330 14.54 78.34 -22.08
N ALA P 331 15.43 77.68 -22.82
CA ALA P 331 15.52 76.25 -22.59
C ALA P 331 16.47 75.99 -21.43
N LYS P 332 17.75 76.05 -21.72
CA LYS P 332 18.75 75.91 -20.69
C LYS P 332 18.81 77.18 -19.85
N GLU P 333 18.50 78.32 -20.47
CA GLU P 333 18.55 79.57 -19.75
C GLU P 333 17.47 79.63 -18.68
N PHE P 334 16.23 79.25 -19.03
CA PHE P 334 15.13 79.25 -18.07
C PHE P 334 15.35 78.24 -16.94
N ALA P 335 15.98 77.11 -17.26
CA ALA P 335 16.38 76.19 -16.21
C ALA P 335 17.33 76.87 -15.23
N ALA P 336 18.39 77.49 -15.75
CA ALA P 336 19.34 78.21 -14.89
C ALA P 336 18.67 79.35 -14.12
N ALA P 337 17.65 80.00 -14.70
CA ALA P 337 16.99 81.07 -13.94
C ALA P 337 16.22 80.46 -12.78
N LEU P 338 15.54 79.36 -13.06
CA LEU P 338 14.77 78.64 -12.07
C LEU P 338 15.63 78.23 -10.90
N THR P 339 16.84 77.74 -11.18
CA THR P 339 17.75 77.32 -10.11
C THR P 339 18.26 78.48 -9.28
N ALA P 340 18.48 79.62 -9.90
CA ALA P 340 18.91 80.78 -9.13
C ALA P 340 17.76 81.28 -8.27
N GLU P 341 16.53 81.15 -8.75
CA GLU P 341 15.41 81.54 -7.90
C GLU P 341 15.24 80.54 -6.78
N ARG P 342 15.48 79.26 -7.07
CA ARG P 342 15.48 78.22 -6.05
C ARG P 342 16.48 78.51 -4.93
N ILE P 343 17.66 79.09 -5.28
CA ILE P 343 18.69 79.34 -4.27
C ILE P 343 18.19 80.37 -3.24
N LYS P 344 17.79 81.54 -3.74
CA LYS P 344 17.02 82.54 -2.99
C LYS P 344 17.68 82.84 -1.65
N THR P 345 18.92 83.30 -1.72
CA THR P 345 19.58 83.69 -0.49
C THR P 345 20.59 84.84 -0.72
N GLU P 425 8.20 78.01 -26.01
CA GLU P 425 7.91 76.85 -26.86
C GLU P 425 6.49 76.33 -26.57
N PRO P 426 5.98 75.43 -27.41
CA PRO P 426 4.65 74.88 -27.17
C PRO P 426 4.65 74.05 -25.90
N PRO P 427 3.57 74.15 -25.10
CA PRO P 427 3.49 73.35 -23.86
C PRO P 427 2.54 72.17 -24.05
N GLU P 428 2.93 70.96 -23.66
CA GLU P 428 2.06 69.81 -23.84
C GLU P 428 1.86 69.08 -22.52
N ASN P 429 0.60 68.94 -22.11
CA ASN P 429 0.30 68.22 -20.88
C ASN P 429 0.59 66.72 -21.06
N VAL P 430 0.88 66.06 -19.93
CA VAL P 430 1.25 64.65 -19.87
C VAL P 430 0.74 64.05 -18.55
N GLU P 431 0.84 62.72 -18.41
CA GLU P 431 0.38 62.01 -17.20
C GLU P 431 1.54 61.86 -16.22
N TRP P 432 1.61 62.79 -15.23
CA TRP P 432 2.64 62.91 -14.19
C TRP P 432 2.01 62.54 -12.87
N SER P 433 2.22 61.32 -12.36
CA SER P 433 1.63 61.01 -11.06
C SER P 433 2.27 59.79 -10.42
N GLY P 434 2.21 59.77 -9.10
CA GLY P 434 2.71 58.69 -8.27
C GLY P 434 4.21 58.58 -8.27
N ALA P 435 4.69 57.47 -8.82
CA ALA P 435 6.12 57.18 -8.88
C ALA P 435 6.88 58.23 -9.63
N GLU P 436 6.39 58.52 -10.83
CA GLU P 436 7.13 59.37 -11.75
C GLU P 436 7.37 60.73 -11.15
N ALA P 437 6.36 61.28 -10.45
CA ALA P 437 6.52 62.57 -9.78
C ALA P 437 7.47 62.44 -8.58
N SER P 438 7.24 61.43 -7.74
CA SER P 438 8.09 61.20 -6.59
C SER P 438 9.53 60.90 -7.00
N MET P 439 9.71 60.09 -8.05
CA MET P 439 11.04 59.77 -8.56
C MET P 439 11.77 61.02 -9.06
N PHE P 440 11.07 61.82 -9.89
CA PHE P 440 11.64 63.08 -10.34
C PHE P 440 12.11 63.91 -9.16
N ARG P 441 11.24 64.10 -8.19
CA ARG P 441 11.61 64.94 -7.05
C ARG P 441 12.84 64.40 -6.35
N VAL P 442 12.99 63.09 -6.28
CA VAL P 442 14.18 62.52 -5.69
C VAL P 442 15.39 62.83 -6.56
N LEU P 443 15.26 62.59 -7.86
CA LEU P 443 16.40 62.72 -8.74
C LEU P 443 16.89 64.14 -8.84
N ILE P 444 15.97 65.11 -8.85
CA ILE P 444 16.36 66.51 -8.94
C ILE P 444 17.16 66.93 -7.72
N GLY P 445 16.99 66.26 -6.59
CA GLY P 445 17.91 66.51 -5.49
C GLY P 445 19.32 66.01 -5.75
N THR P 446 19.48 64.86 -6.42
CA THR P 446 20.82 64.30 -6.65
C THR P 446 21.37 64.62 -8.03
N TYR P 447 20.51 64.78 -9.03
CA TYR P 447 20.85 65.30 -10.35
C TYR P 447 20.21 66.68 -10.44
N TYR P 448 21.01 67.73 -10.35
CA TYR P 448 20.50 69.09 -10.42
C TYR P 448 20.31 69.51 -11.87
N ASP P 449 19.05 69.70 -12.26
CA ASP P 449 18.67 69.98 -13.64
C ASP P 449 19.17 68.80 -14.43
N ASN P 450 20.06 69.01 -15.40
CA ASN P 450 20.68 67.88 -16.09
C ASN P 450 19.61 66.86 -16.48
N PHE P 451 18.47 67.38 -16.95
CA PHE P 451 17.29 66.56 -17.21
C PHE P 451 17.58 65.41 -18.18
N CYS P 452 18.56 65.57 -19.08
CA CYS P 452 18.98 64.46 -19.94
C CYS P 452 19.14 63.18 -19.12
N ALA P 453 19.85 63.29 -18.00
CA ALA P 453 20.07 62.11 -17.17
C ALA P 453 18.80 61.67 -16.45
N ILE P 454 18.02 62.63 -15.94
CA ILE P 454 16.80 62.28 -15.19
C ILE P 454 15.82 61.50 -16.07
N ALA P 455 15.58 61.99 -17.28
CA ALA P 455 14.69 61.29 -18.20
C ALA P 455 15.20 59.88 -18.49
N ARG P 456 16.52 59.75 -18.62
CA ARG P 456 17.14 58.46 -18.90
C ARG P 456 16.81 57.42 -17.83
N LEU P 457 17.09 57.74 -16.56
CA LEU P 457 16.93 56.69 -15.57
C LEU P 457 15.46 56.54 -15.16
N ILE P 458 14.69 57.64 -15.17
CA ILE P 458 13.25 57.58 -14.86
C ILE P 458 12.58 56.70 -15.88
N GLY P 459 13.14 56.65 -17.09
CA GLY P 459 12.90 55.58 -18.02
C GLY P 459 11.66 55.71 -18.85
N THR P 460 10.62 56.31 -18.30
CA THR P 460 9.43 56.33 -19.11
C THR P 460 9.19 57.64 -19.81
N LYS P 461 10.18 58.54 -19.87
CA LYS P 461 9.91 59.91 -20.27
C LYS P 461 11.04 60.61 -21.03
N THR P 462 10.69 61.78 -21.55
CA THR P 462 11.63 62.49 -22.39
C THR P 462 12.16 63.70 -21.68
N CYS P 463 13.29 64.11 -22.20
CA CYS P 463 14.03 65.19 -21.61
C CYS P 463 13.17 66.44 -21.55
N ARG P 464 12.41 66.69 -22.62
CA ARG P 464 11.47 67.81 -22.69
C ARG P 464 10.35 67.67 -21.67
N GLN P 465 9.79 66.46 -21.50
CA GLN P 465 8.74 66.27 -20.50
C GLN P 465 9.27 66.52 -19.09
N VAL P 466 10.53 66.14 -18.84
CA VAL P 466 11.11 66.39 -17.54
C VAL P 466 11.23 67.87 -17.27
N TYR P 467 11.71 68.63 -18.26
CA TYR P 467 11.80 70.08 -18.09
C TYR P 467 10.42 70.68 -17.84
N GLU P 468 9.41 70.24 -18.60
CA GLU P 468 8.07 70.75 -18.40
C GLU P 468 7.54 70.45 -17.00
N PHE P 469 7.77 69.24 -16.50
CA PHE P 469 7.39 69.00 -15.12
C PHE P 469 8.13 69.90 -14.14
N ARG P 470 9.44 70.05 -14.33
CA ARG P 470 10.18 70.94 -13.44
C ARG P 470 9.57 72.34 -13.40
N VAL P 471 9.29 72.94 -14.57
CA VAL P 471 8.76 74.29 -14.55
C VAL P 471 7.39 74.31 -13.88
N LYS P 472 6.54 73.34 -14.17
CA LYS P 472 5.26 73.29 -13.49
C LYS P 472 5.45 73.16 -11.98
N GLU P 473 6.43 72.37 -11.55
CA GLU P 473 6.65 72.18 -10.13
C GLU P 473 7.16 73.47 -9.47
N SER P 474 8.05 74.19 -10.15
CA SER P 474 8.54 75.46 -9.64
C SER P 474 7.39 76.45 -9.48
N SER P 475 6.39 76.34 -10.35
CA SER P 475 5.36 77.35 -10.35
C SER P 475 4.28 77.08 -9.31
N ILE P 476 4.30 75.89 -8.72
CA ILE P 476 3.33 75.54 -7.70
C ILE P 476 3.65 76.21 -6.35
N ILE P 477 2.63 76.27 -5.51
CA ILE P 477 2.66 76.98 -4.24
C ILE P 477 3.78 76.45 -3.35
N ALA P 478 4.38 77.35 -2.60
CA ALA P 478 5.40 77.08 -1.58
C ALA P 478 5.20 75.78 -0.79
N ASN P 515 38.27 55.21 33.60
CA ASN P 515 37.75 56.54 33.26
C ASN P 515 38.54 57.21 32.11
N HIS P 516 39.17 56.42 31.25
CA HIS P 516 40.10 56.96 30.27
C HIS P 516 39.62 56.86 28.84
N VAL P 517 39.25 55.68 28.34
CA VAL P 517 38.88 55.52 26.92
C VAL P 517 37.36 55.41 26.79
N TYR P 518 36.80 56.13 25.82
CA TYR P 518 35.37 56.18 25.56
C TYR P 518 35.06 55.68 24.15
N ASN P 519 33.86 55.12 23.97
CA ASN P 519 33.48 54.61 22.66
C ASN P 519 33.36 55.77 21.66
N TYR P 520 33.79 55.56 20.42
CA TYR P 520 33.69 56.60 19.41
C TYR P 520 32.27 56.76 18.86
N GLN P 521 31.86 58.01 18.64
CA GLN P 521 30.61 58.37 17.97
C GLN P 521 30.94 59.51 17.02
N PRO P 522 30.35 59.54 15.82
CA PRO P 522 30.58 60.66 14.91
C PRO P 522 29.92 61.92 15.46
N CYS P 523 30.54 63.04 15.14
CA CYS P 523 30.09 64.37 15.56
C CYS P 523 29.59 65.12 14.32
N ASP P 524 28.56 65.97 14.51
CA ASP P 524 27.95 66.69 13.39
C ASP P 524 27.39 68.05 13.81
N HIS P 525 28.23 69.07 13.73
CA HIS P 525 27.94 70.48 13.97
C HIS P 525 28.27 71.32 12.73
N PRO P 526 27.24 71.80 12.03
CA PRO P 526 27.47 72.37 10.71
C PRO P 526 28.27 73.68 10.69
N ARG P 527 27.92 74.64 11.53
CA ARG P 527 28.58 75.94 11.44
C ARG P 527 29.67 76.20 12.48
N GLN P 528 30.07 75.22 13.27
CA GLN P 528 31.10 75.44 14.28
C GLN P 528 32.17 74.35 14.17
N PRO P 529 33.48 74.64 14.53
CA PRO P 529 34.51 73.60 14.40
C PRO P 529 34.61 72.58 15.53
N CYS P 530 35.48 71.59 15.42
CA CYS P 530 35.65 70.65 16.53
C CYS P 530 36.54 71.24 17.62
N ASP P 531 35.99 72.23 18.30
CA ASP P 531 36.72 72.79 19.43
C ASP P 531 36.25 72.06 20.68
N SER P 532 36.66 72.52 21.86
CA SER P 532 36.41 71.76 23.11
C SER P 532 34.94 71.45 23.38
N SER P 533 34.02 72.04 22.64
CA SER P 533 32.62 71.67 22.71
C SER P 533 32.25 70.38 21.96
N CYS P 534 33.13 69.90 21.03
CA CYS P 534 32.90 68.70 20.19
C CYS P 534 32.89 67.45 21.05
N PRO P 535 31.89 66.53 20.88
CA PRO P 535 31.86 65.28 21.68
C PRO P 535 33.12 64.44 21.57
N CYS P 536 33.76 64.45 20.40
CA CYS P 536 35.01 63.72 20.21
C CYS P 536 36.09 64.24 21.15
N VAL P 537 36.29 65.57 21.19
CA VAL P 537 37.40 66.09 22.01
C VAL P 537 37.06 65.90 23.49
N ILE P 538 35.79 66.01 23.84
CA ILE P 538 35.40 65.66 25.19
C ILE P 538 35.75 64.20 25.44
N ALA P 539 35.41 63.32 24.47
CA ALA P 539 35.70 61.89 24.61
C ALA P 539 37.21 61.59 24.56
N GLN P 540 37.99 62.47 23.93
CA GLN P 540 39.44 62.32 23.81
C GLN P 540 39.81 61.34 22.71
N ASN P 541 38.89 61.11 21.77
CA ASN P 541 39.17 60.29 20.62
C ASN P 541 39.07 61.15 19.39
N PHE P 542 39.94 60.86 18.43
CA PHE P 542 40.04 61.55 17.15
C PHE P 542 38.72 61.51 16.39
N CYS P 543 38.47 62.53 15.59
CA CYS P 543 37.42 62.43 14.60
C CYS P 543 37.86 61.40 13.56
N GLU P 544 36.90 60.77 12.91
CA GLU P 544 37.17 59.72 11.95
C GLU P 544 36.49 60.10 10.64
N LYS P 545 36.62 59.22 9.64
CA LYS P 545 35.96 59.45 8.37
C LYS P 545 34.45 59.62 8.51
N PHE P 546 33.87 59.07 9.56
CA PHE P 546 32.44 59.18 9.79
C PHE P 546 32.02 60.56 10.32
N CYS P 547 32.93 61.34 10.87
CA CYS P 547 32.50 62.64 11.37
C CYS P 547 32.12 63.56 10.20
N GLN P 548 31.11 64.40 10.42
CA GLN P 548 30.64 65.37 9.43
C GLN P 548 31.35 66.71 9.57
N CYS P 549 32.42 66.77 10.36
CA CYS P 549 33.15 68.01 10.52
C CYS P 549 34.01 68.26 9.26
N SER P 550 34.74 69.37 9.26
CA SER P 550 35.50 69.74 8.07
C SER P 550 36.58 68.73 7.72
N SER P 551 36.84 68.62 6.41
CA SER P 551 37.85 67.70 5.91
C SER P 551 39.20 67.97 6.54
N GLU P 552 39.51 69.23 6.74
CA GLU P 552 40.79 69.59 7.31
C GLU P 552 40.72 69.76 8.80
N CYS P 553 39.76 69.09 9.46
CA CYS P 553 39.64 69.19 10.91
C CYS P 553 40.96 68.77 11.55
N GLN P 554 41.38 69.56 12.54
CA GLN P 554 42.64 69.24 13.19
C GLN P 554 42.61 67.99 14.05
N ASN P 555 41.42 67.49 14.37
CA ASN P 555 41.33 66.33 15.26
C ASN P 555 41.18 65.02 14.50
N ARG P 556 41.11 65.04 13.18
CA ARG P 556 41.01 63.79 12.47
C ARG P 556 42.32 63.03 12.56
N PHE P 557 42.22 61.75 12.56
CA PHE P 557 43.43 60.99 12.43
C PHE P 557 43.79 60.95 10.95
N PRO P 558 45.02 61.27 10.61
CA PRO P 558 45.43 61.33 9.20
C PRO P 558 45.47 59.99 8.49
N GLY P 559 45.86 58.92 9.16
CA GLY P 559 46.17 57.66 8.52
C GLY P 559 47.68 57.47 8.51
N CYS P 560 48.16 56.44 7.79
CA CYS P 560 49.60 56.23 7.70
C CYS P 560 50.04 56.19 6.24
N ARG P 561 51.30 56.49 6.00
CA ARG P 561 51.86 56.50 4.66
C ARG P 561 52.83 55.32 4.43
N CYS P 562 52.64 54.22 5.17
CA CYS P 562 53.72 53.30 5.48
C CYS P 562 54.27 52.50 4.29
N LYS P 563 53.40 51.99 3.41
CA LYS P 563 53.78 50.96 2.38
C LYS P 563 54.45 49.73 2.99
N ALA P 564 54.18 49.44 4.23
CA ALA P 564 54.94 48.35 4.80
C ALA P 564 54.05 47.59 5.74
N GLN P 565 54.65 46.75 6.56
CA GLN P 565 53.87 45.84 7.38
C GLN P 565 53.00 46.57 8.41
N CYS P 566 53.43 47.76 8.85
CA CYS P 566 52.80 48.58 9.87
C CYS P 566 52.87 47.91 11.23
N ASN P 567 53.88 47.12 11.51
CA ASN P 567 53.92 46.43 12.79
C ASN P 567 54.95 47.02 13.75
N THR P 568 55.42 48.23 13.47
CA THR P 568 56.38 48.93 14.33
C THR P 568 55.87 50.32 14.68
N LYS P 569 56.51 50.91 15.69
CA LYS P 569 56.05 52.20 16.19
C LYS P 569 56.07 53.32 15.16
N GLN P 570 56.96 53.25 14.18
CA GLN P 570 57.03 54.29 13.16
C GLN P 570 55.72 54.41 12.39
N CYS P 571 54.87 53.39 12.41
CA CYS P 571 53.56 53.57 11.81
C CYS P 571 52.65 54.33 12.79
N PRO P 572 52.19 55.53 12.46
CA PRO P 572 51.33 56.27 13.41
C PRO P 572 50.04 55.58 13.73
N CYS P 573 49.48 54.79 12.82
CA CYS P 573 48.33 54.00 13.19
C CYS P 573 48.70 52.99 14.27
N TYR P 574 49.69 52.13 13.98
CA TYR P 574 50.10 51.14 14.97
C TYR P 574 50.43 51.83 16.28
N LEU P 575 51.10 52.97 16.21
CA LEU P 575 51.51 53.66 17.43
C LEU P 575 50.32 54.16 18.25
N ALA P 576 49.24 54.57 17.59
CA ALA P 576 48.02 55.02 18.26
C ALA P 576 47.11 53.90 18.66
N VAL P 577 47.60 52.67 18.58
CA VAL P 577 46.81 51.48 18.82
C VAL P 577 45.56 51.54 17.93
N ARG P 578 45.74 51.77 16.66
CA ARG P 578 44.64 51.68 15.71
C ARG P 578 45.07 50.74 14.59
N GLU P 579 44.16 49.89 14.09
CA GLU P 579 44.45 49.20 12.83
C GLU P 579 44.37 50.20 11.67
N CYS P 580 45.07 49.90 10.58
CA CYS P 580 45.03 50.82 9.45
C CYS P 580 43.60 50.94 8.91
N ASP P 581 43.32 52.06 8.26
CA ASP P 581 42.01 52.35 7.71
C ASP P 581 42.03 52.08 6.23
N PRO P 582 41.12 51.25 5.75
CA PRO P 582 41.13 50.92 4.33
C PRO P 582 40.80 52.08 3.43
N ASP P 583 40.19 53.10 3.99
CA ASP P 583 39.87 54.26 3.19
C ASP P 583 40.95 55.33 3.25
N LEU P 584 41.75 55.30 4.31
CA LEU P 584 42.80 56.29 4.52
C LEU P 584 44.22 55.76 4.32
N CYS P 585 44.52 54.54 4.81
CA CYS P 585 45.87 53.98 4.70
C CYS P 585 46.05 53.36 3.31
N LEU P 586 46.27 54.23 2.33
CA LEU P 586 46.39 53.84 0.94
C LEU P 586 47.80 53.48 0.48
N THR P 587 48.81 53.61 1.33
CA THR P 587 50.15 53.19 0.93
C THR P 587 50.49 51.76 1.39
N CYS P 588 50.06 51.38 2.60
CA CYS P 588 50.55 50.13 3.18
C CYS P 588 49.93 48.90 2.54
N GLY P 589 48.78 49.04 1.91
CA GLY P 589 48.13 47.94 1.27
C GLY P 589 46.90 47.44 1.99
N ALA P 590 46.46 48.11 3.05
CA ALA P 590 45.21 47.76 3.73
C ALA P 590 44.02 47.87 2.79
N ALA P 591 44.03 48.84 1.88
CA ALA P 591 42.91 48.95 0.93
C ALA P 591 42.96 47.90 -0.18
N ASP P 592 44.14 47.43 -0.56
CA ASP P 592 44.16 46.60 -1.74
C ASP P 592 43.95 45.13 -1.39
N HIS P 593 43.74 44.33 -2.43
CA HIS P 593 43.55 42.88 -2.32
C HIS P 593 42.50 42.50 -1.27
N TRP P 594 41.25 42.90 -1.52
CA TRP P 594 40.22 42.61 -0.52
C TRP P 594 39.94 41.12 -0.39
N ASP P 595 39.88 40.40 -1.50
CA ASP P 595 39.56 38.98 -1.40
C ASP P 595 40.67 38.20 -0.70
N SER P 596 41.91 38.56 -0.94
CA SER P 596 43.01 37.95 -0.20
C SER P 596 42.96 38.39 1.26
N LYS P 597 43.20 37.45 2.18
CA LYS P 597 43.20 37.76 3.60
C LYS P 597 44.60 37.97 4.16
N ASN P 598 45.64 37.67 3.35
CA ASN P 598 47.03 38.04 3.57
C ASN P 598 47.45 39.19 2.64
N VAL P 599 48.07 40.22 3.22
CA VAL P 599 48.43 41.43 2.49
C VAL P 599 49.65 42.04 3.15
N SER P 600 50.29 42.95 2.42
CA SER P 600 51.49 43.64 2.89
C SER P 600 51.26 44.36 4.22
N CYS P 601 50.06 44.89 4.44
CA CYS P 601 49.80 45.51 5.73
C CYS P 601 49.45 44.43 6.75
N LYS P 602 50.21 44.36 7.83
CA LYS P 602 49.91 43.39 8.85
C LYS P 602 49.19 44.02 10.03
N ASN P 603 48.68 45.23 9.86
CA ASN P 603 47.90 45.90 10.88
C ASN P 603 46.43 46.05 10.49
N CYS P 604 45.91 45.13 9.67
CA CYS P 604 44.48 45.11 9.39
C CYS P 604 43.87 43.74 9.66
N SER P 605 44.47 42.94 10.56
CA SER P 605 43.98 41.57 10.74
C SER P 605 42.57 41.55 11.34
N ILE P 606 42.34 42.35 12.38
CA ILE P 606 41.04 42.31 13.02
C ILE P 606 39.93 42.67 12.04
N GLN P 607 40.13 43.69 11.20
CA GLN P 607 39.10 44.06 10.22
C GLN P 607 38.75 42.90 9.30
N ARG P 608 39.77 42.20 8.84
CA ARG P 608 39.59 41.17 7.83
C ARG P 608 39.33 39.81 8.42
N GLY P 609 39.29 39.69 9.76
CA GLY P 609 39.09 38.40 10.41
C GLY P 609 40.13 37.38 9.97
N SER P 610 41.37 37.81 9.91
CA SER P 610 42.42 36.91 9.50
C SER P 610 42.84 36.08 10.71
N LYS P 611 41.90 35.34 11.29
CA LYS P 611 42.21 34.62 12.52
C LYS P 611 42.80 33.26 12.20
N LYS P 612 43.56 32.75 13.16
CA LYS P 612 44.16 31.44 13.03
C LYS P 612 43.13 30.34 13.35
N HIS P 613 43.42 29.12 12.90
CA HIS P 613 42.60 27.95 13.21
C HIS P 613 42.80 27.50 14.65
N LEU P 614 41.70 27.34 15.37
CA LEU P 614 41.68 27.00 16.77
C LEU P 614 40.99 25.65 16.98
N LEU P 615 41.45 24.93 18.00
CA LEU P 615 40.97 23.58 18.30
C LEU P 615 40.43 23.52 19.73
N LEU P 616 39.23 22.99 19.87
CA LEU P 616 38.57 22.86 21.16
C LEU P 616 38.84 21.49 21.74
N ALA P 617 39.22 21.45 23.02
CA ALA P 617 39.49 20.20 23.70
C ALA P 617 39.57 20.50 25.17
N PRO P 618 39.36 19.50 26.03
CA PRO P 618 39.40 19.80 27.46
C PRO P 618 40.75 20.35 27.86
N SER P 619 40.69 21.46 28.61
CA SER P 619 41.88 22.14 29.09
C SER P 619 42.66 21.28 30.04
N ASP P 620 43.98 21.42 30.01
CA ASP P 620 44.75 20.82 31.08
C ASP P 620 44.51 21.56 32.41
N VAL P 621 44.04 22.79 32.37
CA VAL P 621 43.91 23.51 33.62
C VAL P 621 42.51 23.45 34.16
N ALA P 622 41.52 23.74 33.32
CA ALA P 622 40.16 23.79 33.84
C ALA P 622 39.15 23.72 32.71
N GLY P 623 38.16 22.85 32.88
CA GLY P 623 37.04 22.78 31.96
C GLY P 623 37.52 22.66 30.54
N TRP P 624 36.84 23.38 29.65
CA TRP P 624 37.26 23.42 28.26
C TRP P 624 38.43 24.38 28.11
N GLY P 625 39.23 24.13 27.09
CA GLY P 625 40.31 25.00 26.73
C GLY P 625 40.39 25.09 25.22
N ILE P 626 41.26 25.96 24.74
CA ILE P 626 41.45 26.09 23.31
C ILE P 626 42.91 26.00 22.92
N PHE P 627 43.15 25.35 21.79
CA PHE P 627 44.46 24.96 21.30
C PHE P 627 44.65 25.44 19.86
N ILE P 628 45.88 25.82 19.54
CA ILE P 628 46.18 26.35 18.23
C ILE P 628 46.66 25.21 17.34
N LYS P 629 46.15 25.16 16.12
CA LYS P 629 46.48 24.08 15.20
C LYS P 629 47.92 24.17 14.69
N ASP P 630 48.25 25.23 14.01
CA ASP P 630 49.56 25.39 13.39
C ASP P 630 50.35 26.48 14.11
N PRO P 631 51.68 26.51 14.03
CA PRO P 631 52.43 27.40 14.90
C PRO P 631 52.28 28.85 14.47
N VAL P 632 52.59 29.74 15.41
CA VAL P 632 52.53 31.18 15.17
C VAL P 632 53.74 31.81 15.87
N GLN P 633 54.21 32.91 15.31
CA GLN P 633 55.37 33.59 15.85
C GLN P 633 54.94 34.76 16.74
N LYS P 634 55.91 35.37 17.40
CA LYS P 634 55.63 36.36 18.44
C LYS P 634 54.88 37.57 17.86
N ASN P 635 53.90 38.07 18.62
CA ASN P 635 53.07 39.23 18.26
C ASN P 635 52.27 39.01 16.98
N GLU P 636 52.10 37.77 16.57
CA GLU P 636 51.22 37.46 15.47
C GLU P 636 49.79 37.48 15.96
N PHE P 637 48.86 37.77 15.06
CA PHE P 637 47.46 37.83 15.43
C PHE P 637 46.86 36.43 15.48
N ILE P 638 46.16 36.12 16.58
CA ILE P 638 45.50 34.82 16.77
C ILE P 638 44.01 34.95 16.46
N SER P 639 43.31 35.81 17.21
CA SER P 639 41.91 36.02 16.89
C SER P 639 41.40 37.21 17.66
N GLU P 640 40.26 37.74 17.18
CA GLU P 640 39.49 38.76 17.91
C GLU P 640 38.60 38.08 18.94
N TYR P 641 38.52 38.68 20.12
CA TYR P 641 37.65 38.16 21.17
C TYR P 641 36.26 38.73 20.98
N CYS P 642 35.43 38.07 20.19
CA CYS P 642 34.09 38.52 19.86
C CYS P 642 33.04 38.12 20.90
N GLY P 643 31.91 38.82 20.85
CA GLY P 643 30.79 38.53 21.73
C GLY P 643 29.75 39.64 21.70
N GLU P 644 28.77 39.52 22.59
CA GLU P 644 27.85 40.62 22.84
C GLU P 644 28.57 41.80 23.44
N ILE P 645 28.10 42.99 23.06
CA ILE P 645 28.53 44.26 23.64
C ILE P 645 27.39 44.79 24.51
N ILE P 646 27.70 45.12 25.76
CA ILE P 646 26.67 45.50 26.72
C ILE P 646 27.24 46.59 27.63
N SER P 647 26.34 47.40 28.20
CA SER P 647 26.68 48.48 29.12
C SER P 647 27.37 47.93 30.36
N GLN P 648 28.06 48.82 31.07
CA GLN P 648 28.73 48.43 32.31
C GLN P 648 27.71 47.97 33.35
N ASP P 649 26.54 48.63 33.42
CA ASP P 649 25.52 48.19 34.34
C ASP P 649 25.02 46.79 34.01
N GLU P 650 24.68 46.55 32.75
CA GLU P 650 24.21 45.21 32.39
C GLU P 650 25.30 44.19 32.67
N ALA P 651 26.55 44.56 32.44
CA ALA P 651 27.63 43.65 32.76
C ALA P 651 27.69 43.37 34.26
N ASP P 652 27.39 44.35 35.10
CA ASP P 652 27.46 44.11 36.53
C ASP P 652 26.43 43.09 36.99
N ARG P 653 25.20 43.17 36.44
CA ARG P 653 24.14 42.24 36.82
C ARG P 653 24.48 40.84 36.36
N ARG P 654 24.81 40.71 35.08
CA ARG P 654 25.24 39.42 34.60
C ARG P 654 26.43 38.94 35.39
N GLY P 655 27.30 39.86 35.79
CA GLY P 655 28.52 39.48 36.49
C GLY P 655 28.25 38.88 37.85
N LYS P 656 27.26 39.44 38.54
CA LYS P 656 26.88 38.91 39.85
C LYS P 656 26.47 37.43 39.77
N VAL P 657 25.62 37.09 38.80
CA VAL P 657 25.29 35.71 38.62
C VAL P 657 26.50 34.92 38.15
N TYR P 658 27.33 35.47 37.23
CA TYR P 658 28.49 34.72 36.74
C TYR P 658 29.43 34.32 37.86
N ASP P 659 29.67 35.23 38.81
CA ASP P 659 30.58 34.93 39.92
C ASP P 659 30.08 33.77 40.76
N LYS P 660 28.76 33.71 40.98
CA LYS P 660 28.16 32.60 41.72
C LYS P 660 28.33 31.29 40.96
N TYR P 661 28.10 31.31 39.63
CA TYR P 661 28.37 30.18 38.75
C TYR P 661 29.87 29.86 38.77
N MET P 662 30.70 30.85 39.11
CA MET P 662 32.17 30.78 39.24
C MET P 662 32.90 30.87 37.89
N CYS P 663 32.18 31.09 36.79
CA CYS P 663 32.74 31.22 35.47
C CYS P 663 32.17 32.47 34.82
N SER P 664 33.03 33.33 34.28
CA SER P 664 32.57 34.51 33.58
C SER P 664 33.32 34.61 32.28
N PHE P 665 32.59 34.95 31.24
CA PHE P 665 33.21 35.29 29.98
C PHE P 665 33.25 36.82 29.75
N LEU P 666 33.16 37.65 30.80
CA LEU P 666 33.17 39.09 30.58
C LEU P 666 34.56 39.63 30.30
N PHE P 667 34.63 40.60 29.38
CA PHE P 667 35.85 41.29 28.98
C PHE P 667 35.58 42.78 28.82
N ASN P 668 36.41 43.60 29.46
CA ASN P 668 36.26 45.05 29.48
C ASN P 668 36.80 45.65 28.18
N LEU P 669 35.93 46.35 27.45
CA LEU P 669 36.24 46.99 26.17
C LEU P 669 36.66 48.45 26.32
N ASN P 670 35.83 49.26 26.98
CA ASN P 670 36.11 50.65 27.24
C ASN P 670 35.21 51.05 28.39
N ASN P 671 35.24 52.33 28.77
CA ASN P 671 34.33 52.76 29.81
C ASN P 671 32.87 52.53 29.44
N ASP P 672 32.52 52.69 28.17
CA ASP P 672 31.11 52.64 27.82
C ASP P 672 30.56 51.23 27.74
N PHE P 673 31.38 50.27 27.34
CA PHE P 673 30.86 48.93 27.08
C PHE P 673 31.78 47.84 27.60
N VAL P 674 31.19 46.67 27.80
CA VAL P 674 31.87 45.43 28.14
C VAL P 674 31.45 44.42 27.09
N VAL P 675 32.38 43.56 26.69
CA VAL P 675 32.09 42.53 25.71
C VAL P 675 31.91 41.25 26.48
N ASP P 676 30.75 40.61 26.28
CA ASP P 676 30.38 39.37 26.95
C ASP P 676 30.22 38.24 25.95
N ALA P 677 31.16 37.30 25.98
CA ALA P 677 31.10 36.18 25.06
C ALA P 677 30.25 35.00 25.55
N THR P 678 29.50 35.13 26.67
CA THR P 678 28.78 33.97 27.18
C THR P 678 27.67 33.54 26.21
N ARG P 679 26.75 34.44 25.92
CA ARG P 679 25.60 34.09 25.08
C ARG P 679 26.02 33.95 23.63
N LYS P 680 26.90 34.86 23.17
CA LYS P 680 27.40 34.78 21.81
C LYS P 680 28.88 35.08 21.79
N GLY P 681 29.61 34.37 20.95
CA GLY P 681 31.05 34.61 20.90
C GLY P 681 31.72 33.79 19.83
N ASN P 682 33.00 33.50 20.03
CA ASN P 682 33.82 32.75 19.08
C ASN P 682 34.81 31.92 19.87
N LYS P 683 35.56 31.08 19.14
CA LYS P 683 36.32 29.99 19.75
C LYS P 683 37.36 30.47 20.76
N ILE P 684 38.01 31.60 20.53
CA ILE P 684 39.00 32.05 21.48
C ILE P 684 38.41 32.32 22.86
N ARG P 685 37.07 32.31 22.98
CA ARG P 685 36.44 32.52 24.29
C ARG P 685 36.83 31.45 25.31
N PHE P 686 37.17 30.25 24.84
CA PHE P 686 37.56 29.17 25.74
C PHE P 686 38.97 29.30 26.31
N ALA P 687 39.78 30.24 25.83
CA ALA P 687 41.14 30.43 26.35
C ALA P 687 41.13 30.74 27.85
N ASN P 688 41.98 30.03 28.57
CA ASN P 688 42.05 30.07 30.02
C ASN P 688 43.06 31.09 30.53
N HIS P 689 43.13 31.21 31.87
CA HIS P 689 44.05 32.09 32.61
C HIS P 689 45.43 31.50 32.79
N SER P 690 46.42 32.35 32.71
CA SER P 690 47.72 31.92 33.17
C SER P 690 48.50 33.17 33.50
N VAL P 691 49.21 33.13 34.61
CA VAL P 691 50.01 34.29 34.97
C VAL P 691 51.18 34.40 34.01
N ASN P 692 51.71 33.25 33.58
CA ASN P 692 52.76 33.18 32.58
C ASN P 692 52.10 32.77 31.29
N PRO P 693 51.46 33.65 30.60
CA PRO P 693 50.74 33.21 29.42
C PRO P 693 51.60 33.21 28.16
N ASN P 694 51.05 32.64 27.11
CA ASN P 694 51.66 32.74 25.80
C ASN P 694 50.85 33.64 24.88
N CYS P 695 49.86 34.34 25.44
CA CYS P 695 49.04 35.26 24.66
C CYS P 695 48.74 36.51 25.48
N TYR P 696 48.54 37.60 24.76
CA TYR P 696 48.17 38.87 25.38
C TYR P 696 47.04 39.47 24.58
N ALA P 697 46.39 40.47 25.16
CA ALA P 697 45.22 41.08 24.56
C ALA P 697 45.45 42.57 24.38
N LYS P 698 45.12 43.08 23.19
CA LYS P 698 45.14 44.50 22.86
C LYS P 698 43.74 44.93 22.51
N VAL P 699 43.27 46.01 23.14
CA VAL P 699 42.03 46.65 22.71
C VAL P 699 42.39 47.68 21.65
N MET P 700 42.27 47.31 20.40
CA MET P 700 42.50 48.24 19.30
C MET P 700 41.20 48.93 18.93
N MET P 701 41.35 50.05 18.20
CA MET P 701 40.28 50.84 17.62
C MET P 701 40.35 50.59 16.12
N VAL P 702 39.28 50.03 15.57
CA VAL P 702 39.25 49.51 14.21
C VAL P 702 38.03 50.10 13.52
N ASN P 703 38.27 51.09 12.67
CA ASN P 703 37.22 51.76 11.88
C ASN P 703 36.04 52.24 12.72
N GLY P 704 36.32 52.93 13.83
CA GLY P 704 35.21 53.45 14.60
C GLY P 704 34.73 52.52 15.69
N ASP P 705 35.12 51.25 15.61
CA ASP P 705 34.74 50.28 16.59
C ASP P 705 35.95 49.88 17.42
N HIS P 706 35.71 49.61 18.69
CA HIS P 706 36.70 49.02 19.57
C HIS P 706 36.61 47.51 19.44
N ARG P 707 37.76 46.86 19.24
CA ARG P 707 37.83 45.43 19.09
C ARG P 707 38.94 44.86 19.94
N ILE P 708 38.74 43.66 20.47
CA ILE P 708 39.73 43.00 21.32
C ILE P 708 40.59 42.09 20.46
N GLY P 709 41.91 42.21 20.61
CA GLY P 709 42.78 41.39 19.78
C GLY P 709 43.60 40.47 20.65
N ILE P 710 43.65 39.18 20.28
CA ILE P 710 44.42 38.17 21.00
C ILE P 710 45.66 37.86 20.17
N PHE P 711 46.83 38.12 20.75
CA PHE P 711 48.09 37.93 20.05
C PHE P 711 48.97 36.98 20.82
N ALA P 712 49.89 36.36 20.08
CA ALA P 712 50.88 35.46 20.66
C ALA P 712 51.96 36.27 21.35
N LYS P 713 52.12 36.02 22.65
CA LYS P 713 53.13 36.73 23.42
C LYS P 713 54.54 36.22 23.13
N ARG P 714 54.66 35.05 22.52
CA ARG P 714 55.93 34.43 22.22
C ARG P 714 55.65 33.46 21.08
N ALA P 715 56.69 32.78 20.60
CA ALA P 715 56.48 31.70 19.65
C ALA P 715 55.66 30.57 20.28
N ILE P 716 54.71 30.03 19.52
CA ILE P 716 53.82 28.97 19.98
C ILE P 716 53.92 27.79 19.02
N GLN P 717 54.18 26.59 19.56
CA GLN P 717 54.28 25.38 18.75
C GLN P 717 52.91 24.80 18.47
N THR P 718 52.87 23.88 17.50
CA THR P 718 51.64 23.18 17.16
C THR P 718 51.00 22.56 18.39
N GLY P 719 49.68 22.71 18.52
CA GLY P 719 48.92 22.03 19.56
C GLY P 719 49.08 22.54 20.97
N GLU P 720 49.78 23.66 21.16
CA GLU P 720 49.88 24.26 22.49
C GLU P 720 48.53 24.80 22.95
N GLU P 721 48.31 24.78 24.27
CA GLU P 721 47.11 25.38 24.83
C GLU P 721 47.36 26.87 25.03
N LEU P 722 46.38 27.68 24.65
CA LEU P 722 46.49 29.14 24.71
C LEU P 722 46.00 29.66 26.05
N PHE P 723 46.75 30.58 26.62
CA PHE P 723 46.41 31.24 27.85
C PHE P 723 46.73 32.71 27.72
N PHE P 724 45.92 33.54 28.38
CA PHE P 724 46.19 34.95 28.48
C PHE P 724 45.87 35.41 29.89
N ASP P 725 46.44 36.56 30.25
CA ASP P 725 46.30 37.09 31.60
C ASP P 725 44.99 37.84 31.76
N TYR P 726 44.17 37.35 32.66
CA TYR P 726 42.88 38.00 32.86
C TYR P 726 43.00 39.36 33.55
N ARG P 727 44.08 39.58 34.34
CA ARG P 727 44.31 40.84 35.07
C ARG P 727 43.45 40.99 36.30
N TYR P 728 43.00 39.91 36.86
CA TYR P 728 42.18 39.99 38.03
C TYR P 728 43.08 40.29 39.24
N SER P 729 42.48 40.47 40.42
CA SER P 729 43.30 40.78 41.63
C SER P 729 44.33 39.72 42.14
N GLN P 730 44.02 38.44 42.36
CA GLN P 730 42.72 37.78 42.32
C GLN P 730 42.61 36.49 43.10
N ALA P 731 41.40 36.26 43.56
CA ALA P 731 41.09 34.99 44.13
C ALA P 731 40.14 34.08 43.32
N ASP P 732 39.13 34.56 42.61
CA ASP P 732 38.22 33.57 41.94
C ASP P 732 38.11 33.70 40.41
N ALA P 733 38.27 32.58 39.73
CA ALA P 733 38.70 31.32 40.32
C ALA P 733 39.87 30.77 39.50
N LEU P 734 41.05 31.39 39.56
CA LEU P 734 42.12 31.06 38.64
C LEU P 734 43.37 30.58 39.38
N LYS P 735 43.90 29.43 38.97
CA LYS P 735 45.13 28.87 39.54
C LYS P 735 46.13 28.58 38.43
N TYR P 736 47.39 28.55 38.83
CA TYR P 736 48.49 28.39 37.90
C TYR P 736 48.61 26.94 37.45
N VAL P 737 49.20 26.75 36.26
CA VAL P 737 49.27 25.44 35.61
C VAL P 737 50.23 24.51 36.35
N GLY P 738 51.46 24.96 36.53
CA GLY P 738 52.56 24.14 36.98
C GLY P 738 53.74 24.32 36.04
N ILE P 739 54.93 24.45 36.61
CA ILE P 739 56.22 24.55 35.87
C ILE P 739 56.13 25.31 34.55
N LYS Q 3 -18.66 13.28 40.96
CA LYS Q 3 -18.90 12.55 39.71
C LYS Q 3 -17.60 12.40 38.92
N CYS Q 4 -16.86 11.31 39.19
CA CYS Q 4 -15.55 11.05 38.62
C CYS Q 4 -15.63 9.75 37.85
N LYS Q 5 -15.30 9.78 36.56
CA LYS Q 5 -15.58 8.58 35.79
C LYS Q 5 -14.62 7.45 36.13
N TYR Q 6 -13.37 7.78 36.49
CA TYR Q 6 -12.34 6.78 36.62
C TYR Q 6 -11.99 6.58 38.09
N SER Q 7 -11.95 5.32 38.51
CA SER Q 7 -11.69 4.92 39.89
C SER Q 7 -10.50 3.97 39.90
N PHE Q 8 -9.62 4.12 40.89
CA PHE Q 8 -8.43 3.26 41.04
C PHE Q 8 -8.35 2.75 42.46
N LYS Q 9 -7.59 1.66 42.68
CA LYS Q 9 -7.27 1.25 44.04
C LYS Q 9 -5.81 0.83 44.11
N CYS Q 10 -5.19 1.07 45.26
CA CYS Q 10 -3.76 0.83 45.42
C CYS Q 10 -3.54 -0.64 45.76
N VAL Q 11 -3.07 -1.41 44.76
CA VAL Q 11 -2.88 -2.84 44.93
C VAL Q 11 -1.51 -3.24 45.46
N ASN Q 12 -0.45 -2.48 45.19
CA ASN Q 12 0.87 -2.88 45.67
C ASN Q 12 1.72 -1.62 45.83
N SER Q 13 2.74 -1.68 46.69
CA SER Q 13 3.75 -0.62 46.84
C SER Q 13 5.09 -1.29 47.03
N LEU Q 14 6.13 -0.80 46.34
CA LEU Q 14 7.47 -1.36 46.39
C LEU Q 14 8.43 -0.25 46.71
N LYS Q 15 9.53 -0.60 47.36
CA LYS Q 15 10.56 0.38 47.70
C LYS Q 15 11.95 -0.09 47.26
N GLU Q 16 12.68 0.76 46.56
CA GLU Q 16 14.02 0.36 46.19
C GLU Q 16 14.97 0.52 47.39
N ASP Q 17 16.12 -0.14 47.29
CA ASP Q 17 17.10 -0.22 48.38
C ASP Q 17 18.05 0.97 48.53
N HIS Q 18 18.12 1.91 47.57
CA HIS Q 18 19.10 3.00 47.59
C HIS Q 18 18.61 4.25 48.31
N ASN Q 19 17.29 4.41 48.44
CA ASN Q 19 16.67 5.49 49.19
C ASN Q 19 16.94 6.86 48.55
N GLN Q 20 17.42 6.84 47.37
CA GLN Q 20 17.40 8.08 46.62
C GLN Q 20 16.09 8.20 45.85
N PRO Q 21 15.71 9.43 45.48
CA PRO Q 21 14.44 9.63 44.79
C PRO Q 21 14.43 8.93 43.46
N LEU Q 22 13.27 8.44 43.09
CA LEU Q 22 12.99 7.96 41.75
C LEU Q 22 12.43 9.12 40.93
N PHE Q 23 13.20 9.59 39.93
CA PHE Q 23 12.82 10.78 39.16
C PHE Q 23 12.03 10.48 37.88
N GLY Q 24 11.95 9.24 37.44
CA GLY Q 24 11.27 8.97 36.19
C GLY Q 24 10.75 7.55 36.19
N VAL Q 25 9.65 7.34 35.47
CA VAL Q 25 9.07 6.01 35.33
C VAL Q 25 8.38 5.94 33.97
N GLN Q 26 8.47 4.79 33.31
CA GLN Q 26 7.89 4.68 31.97
C GLN Q 26 7.39 3.27 31.74
N PHE Q 27 6.11 3.12 31.44
CA PHE Q 27 5.62 1.86 30.92
C PHE Q 27 6.13 1.66 29.50
N ASN Q 28 6.39 0.42 29.13
CA ASN Q 28 6.83 0.10 27.78
C ASN Q 28 5.59 0.02 26.90
N TRP Q 29 5.25 1.12 26.22
CA TRP Q 29 4.08 1.09 25.33
C TRP Q 29 4.32 0.32 24.04
N HIS Q 30 5.48 -0.34 23.83
CA HIS Q 30 5.73 -1.04 22.58
C HIS Q 30 5.44 -2.52 22.63
N SER Q 31 5.41 -3.10 23.81
CA SER Q 31 5.19 -4.53 23.88
C SER Q 31 3.83 -4.86 23.29
N LYS Q 32 3.75 -6.01 22.60
CA LYS Q 32 2.56 -6.40 21.86
C LYS Q 32 1.41 -6.81 22.78
N GLU Q 33 0.21 -6.83 22.21
CA GLU Q 33 -0.97 -7.18 22.99
C GLU Q 33 -0.90 -8.65 23.43
N GLY Q 34 -1.22 -8.91 24.69
CA GLY Q 34 -1.00 -10.27 25.11
C GLY Q 34 0.35 -10.56 25.70
N ASP Q 35 1.20 -9.52 25.87
CA ASP Q 35 2.48 -9.66 26.59
C ASP Q 35 2.33 -8.93 27.94
N PRO Q 36 3.05 -9.35 28.98
CA PRO Q 36 2.88 -8.71 30.29
C PRO Q 36 3.25 -7.24 30.24
N LEU Q 37 2.68 -6.45 31.16
CA LEU Q 37 2.97 -5.02 31.21
C LEU Q 37 4.27 -4.81 31.98
N VAL Q 38 5.28 -4.26 31.29
CA VAL Q 38 6.58 -3.94 31.85
C VAL Q 38 6.70 -2.43 32.01
N PHE Q 39 7.36 -2.01 33.09
CA PHE Q 39 7.69 -0.61 33.27
C PHE Q 39 9.08 -0.49 33.85
N ALA Q 40 9.74 0.63 33.54
CA ALA Q 40 11.10 0.93 33.97
C ALA Q 40 11.12 2.16 34.89
N THR Q 41 12.05 2.15 35.85
CA THR Q 41 12.26 3.29 36.73
C THR Q 41 13.73 3.68 36.73
N VAL Q 42 13.99 4.99 36.78
CA VAL Q 42 15.33 5.53 36.90
C VAL Q 42 15.43 6.31 38.20
N GLY Q 43 16.52 6.09 38.92
CA GLY Q 43 16.74 6.79 40.16
C GLY Q 43 18.13 6.50 40.64
N SER Q 44 18.66 7.41 41.48
CA SER Q 44 20.05 7.31 41.94
C SER Q 44 20.88 7.03 40.70
N ASN Q 45 21.83 6.08 40.72
CA ASN Q 45 22.66 5.84 39.54
C ASN Q 45 22.31 4.55 38.83
N ARG Q 46 21.06 4.11 38.99
CA ARG Q 46 20.61 2.83 38.48
C ARG Q 46 19.26 2.93 37.79
N VAL Q 47 19.02 1.93 36.95
CA VAL Q 47 17.80 1.73 36.19
C VAL Q 47 17.23 0.37 36.56
N THR Q 48 15.94 0.32 36.88
CA THR Q 48 15.33 -0.91 37.30
C THR Q 48 14.09 -1.21 36.44
N LEU Q 49 13.93 -2.46 36.04
CA LEU Q 49 12.82 -2.94 35.22
C LEU Q 49 11.91 -3.85 36.03
N TYR Q 50 10.59 -3.67 35.89
CA TYR Q 50 9.57 -4.42 36.62
C TYR Q 50 8.48 -4.93 35.69
N GLU Q 51 7.84 -6.03 36.09
CA GLU Q 51 6.78 -6.64 35.30
C GLU Q 51 5.51 -6.73 36.14
N CYS Q 52 4.39 -6.21 35.61
CA CYS Q 52 3.13 -6.20 36.34
C CYS Q 52 2.33 -7.45 36.03
N HIS Q 53 1.90 -8.12 37.08
CA HIS Q 53 1.17 -9.38 37.06
C HIS Q 53 -0.11 -9.26 37.87
N SER Q 54 -0.92 -10.31 37.77
CA SER Q 54 -2.21 -10.36 38.43
C SER Q 54 -2.08 -10.22 39.95
N GLN Q 55 -3.21 -9.92 40.59
CA GLN Q 55 -3.35 -9.85 42.04
C GLN Q 55 -2.50 -8.75 42.65
N GLY Q 56 -1.98 -7.84 41.84
CA GLY Q 56 -1.16 -6.74 42.28
C GLY Q 56 0.32 -7.05 42.36
N GLU Q 57 0.74 -8.25 41.99
CA GLU Q 57 2.14 -8.59 42.16
C GLU Q 57 2.94 -7.84 41.11
N ILE Q 58 4.08 -7.31 41.53
CA ILE Q 58 4.99 -6.63 40.62
C ILE Q 58 6.31 -7.37 40.69
N ARG Q 59 6.78 -7.85 39.54
CA ARG Q 59 7.97 -8.68 39.46
C ARG Q 59 9.19 -7.92 39.01
N LEU Q 60 10.23 -7.97 39.84
CA LEU Q 60 11.49 -7.27 39.57
C LEU Q 60 12.23 -8.00 38.47
N LEU Q 61 12.46 -7.34 37.33
CA LEU Q 61 13.11 -8.08 36.23
C LEU Q 61 14.61 -7.82 36.13
N GLN Q 62 15.04 -6.56 36.10
CA GLN Q 62 16.44 -6.26 35.83
C GLN Q 62 16.76 -4.97 36.54
N SER Q 63 18.02 -4.81 36.87
CA SER Q 63 18.51 -3.60 37.51
C SER Q 63 19.90 -3.37 36.98
N TYR Q 64 20.14 -2.17 36.49
CA TYR Q 64 21.41 -1.79 35.92
C TYR Q 64 22.00 -0.67 36.76
N VAL Q 65 23.32 -0.65 36.90
CA VAL Q 65 24.02 0.39 37.67
C VAL Q 65 25.09 1.00 36.80
N ASP Q 66 25.24 2.29 36.95
CA ASP Q 66 26.34 2.94 36.26
C ASP Q 66 27.63 2.68 37.02
N ALA Q 67 28.72 2.50 36.25
CA ALA Q 67 30.03 2.38 36.86
C ALA Q 67 30.43 3.61 37.65
N ASP Q 68 29.91 4.78 37.28
CA ASP Q 68 30.24 6.02 37.97
C ASP Q 68 29.28 6.21 39.12
N ALA Q 69 29.80 6.31 40.33
CA ALA Q 69 28.91 6.53 41.46
C ALA Q 69 28.24 7.90 41.40
N ASP Q 70 28.87 8.85 40.72
CA ASP Q 70 28.36 10.23 40.77
C ASP Q 70 27.13 10.40 39.88
N GLU Q 71 27.00 9.58 38.85
CA GLU Q 71 25.88 9.68 37.92
C GLU Q 71 24.54 9.56 38.64
N ASN Q 72 23.55 10.26 38.13
CA ASN Q 72 22.23 10.21 38.70
C ASN Q 72 21.21 10.31 37.58
N PHE Q 73 20.51 9.22 37.32
CA PHE Q 73 19.62 9.20 36.18
C PHE Q 73 18.37 9.98 36.49
N TYR Q 74 17.91 10.76 35.53
CA TYR Q 74 16.69 11.54 35.73
C TYR Q 74 15.53 11.02 34.90
N THR Q 75 15.79 10.42 33.74
CA THR Q 75 14.72 10.17 32.79
C THR Q 75 15.02 8.95 31.93
N CYS Q 76 13.96 8.36 31.42
CA CYS Q 76 14.11 7.20 30.59
C CYS Q 76 13.04 7.24 29.53
N ALA Q 77 13.23 6.49 28.46
CA ALA Q 77 12.23 6.52 27.40
C ALA Q 77 12.38 5.25 26.59
N TRP Q 78 11.25 4.64 26.23
CA TRP Q 78 11.27 3.36 25.56
C TRP Q 78 11.24 3.54 24.05
N THR Q 79 11.92 2.64 23.34
CA THR Q 79 11.84 2.56 21.90
C THR Q 79 12.20 1.14 21.51
N TYR Q 80 12.30 0.86 20.21
CA TYR Q 80 12.66 -0.46 19.70
C TYR Q 80 13.64 -0.36 18.55
N ASP Q 81 14.28 -1.48 18.25
CA ASP Q 81 15.11 -1.63 17.05
C ASP Q 81 14.27 -2.34 15.98
N SER Q 82 13.89 -1.59 14.93
CA SER Q 82 12.96 -2.11 13.93
C SER Q 82 13.46 -3.32 13.16
N ASN Q 83 14.77 -3.63 13.21
CA ASN Q 83 15.41 -4.81 12.65
C ASN Q 83 15.29 -6.04 13.54
N THR Q 84 15.74 -5.92 14.77
CA THR Q 84 15.69 -7.06 15.68
C THR Q 84 14.37 -7.14 16.47
N SER Q 85 13.50 -6.15 16.38
CA SER Q 85 12.23 -6.08 17.13
C SER Q 85 12.42 -6.13 18.65
N HIS Q 86 13.69 -5.87 19.11
CA HIS Q 86 14.08 -5.78 20.51
C HIS Q 86 13.55 -4.48 21.08
N PRO Q 87 13.10 -4.50 22.33
CA PRO Q 87 12.70 -3.26 22.99
C PRO Q 87 13.96 -2.58 23.47
N LEU Q 88 13.98 -1.26 23.40
CA LEU Q 88 15.14 -0.49 23.84
C LEU Q 88 14.71 0.56 24.85
N LEU Q 89 15.56 0.77 25.85
CA LEU Q 89 15.35 1.75 26.90
C LEU Q 89 16.50 2.75 26.93
N ALA Q 90 16.17 4.04 26.93
CA ALA Q 90 17.15 5.15 26.94
C ALA Q 90 17.12 5.84 28.31
N VAL Q 91 18.31 6.08 28.90
CA VAL Q 91 18.41 6.72 30.22
C VAL Q 91 19.44 7.84 30.17
N ALA Q 92 19.20 8.91 30.90
CA ALA Q 92 20.11 10.04 30.92
C ALA Q 92 19.97 10.75 32.27
N GLY Q 93 20.96 11.56 32.62
CA GLY Q 93 20.87 12.15 33.95
C GLY Q 93 21.78 13.32 34.25
N SER Q 94 22.25 13.39 35.50
CA SER Q 94 23.06 14.52 35.93
C SER Q 94 24.29 14.70 35.04
N ARG Q 95 24.98 13.60 34.69
CA ARG Q 95 26.21 13.66 33.89
C ARG Q 95 25.96 14.02 32.44
N GLY Q 96 24.73 14.24 32.02
CA GLY Q 96 24.46 14.66 30.65
C GLY Q 96 24.81 13.67 29.57
N ILE Q 97 24.90 12.39 29.91
CA ILE Q 97 25.25 11.35 28.97
C ILE Q 97 24.03 10.47 28.77
N ILE Q 98 23.74 10.16 27.53
CA ILE Q 98 22.66 9.26 27.20
C ILE Q 98 23.24 7.89 27.04
N ARG Q 99 22.61 6.89 27.66
CA ARG Q 99 22.93 5.49 27.42
C ARG Q 99 21.74 4.78 26.80
N ILE Q 100 21.99 3.84 25.91
CA ILE Q 100 20.93 3.01 25.39
C ILE Q 100 21.10 1.60 25.94
N ILE Q 101 20.10 1.10 26.68
CA ILE Q 101 20.11 -0.26 27.21
C ILE Q 101 19.30 -1.17 26.29
N ASN Q 102 19.84 -2.36 25.99
CA ASN Q 102 19.07 -3.40 25.31
C ASN Q 102 18.68 -4.46 26.32
N PRO Q 103 17.44 -4.45 26.80
CA PRO Q 103 17.08 -5.37 27.89
C PRO Q 103 17.02 -6.84 27.46
N ILE Q 104 16.93 -7.12 26.15
CA ILE Q 104 16.99 -8.51 25.70
C ILE Q 104 18.40 -9.07 25.89
N THR Q 105 19.42 -8.36 25.44
CA THR Q 105 20.80 -8.78 25.60
C THR Q 105 21.47 -8.32 26.89
N MET Q 106 20.77 -7.56 27.73
CA MET Q 106 21.36 -7.03 28.97
C MET Q 106 22.67 -6.27 28.78
N GLN Q 107 22.72 -5.41 27.77
CA GLN Q 107 23.90 -4.61 27.49
C GLN Q 107 23.55 -3.17 27.13
N CYS Q 108 24.49 -2.27 27.45
CA CYS Q 108 24.41 -0.88 27.01
C CYS Q 108 25.04 -0.89 25.63
N ILE Q 109 24.17 -0.81 24.61
CA ILE Q 109 24.64 -0.94 23.24
C ILE Q 109 25.26 0.36 22.74
N LYS Q 110 24.69 1.49 23.12
CA LYS Q 110 25.11 2.79 22.62
C LYS Q 110 25.13 3.78 23.77
N HIS Q 111 25.98 4.79 23.62
CA HIS Q 111 26.06 5.93 24.52
C HIS Q 111 26.40 7.18 23.69
N TYR Q 112 25.88 8.33 24.12
CA TYR Q 112 26.11 9.62 23.47
C TYR Q 112 26.57 10.68 24.46
N VAL Q 113 27.66 11.39 24.15
CA VAL Q 113 28.27 12.29 25.15
C VAL Q 113 28.19 13.77 24.75
N GLY Q 114 27.28 14.18 23.87
CA GLY Q 114 27.35 15.57 23.38
C GLY Q 114 26.87 16.70 24.30
N HIS Q 115 25.92 16.44 25.17
CA HIS Q 115 25.32 17.54 25.93
C HIS Q 115 26.29 18.24 26.90
N GLY Q 116 26.12 19.54 27.04
CA GLY Q 116 26.95 20.32 27.95
C GLY Q 116 26.69 20.11 29.43
N ASN Q 117 25.47 19.78 29.79
CA ASN Q 117 25.10 19.63 31.19
C ASN Q 117 24.02 18.56 31.25
N ALA Q 118 23.46 18.35 32.43
CA ALA Q 118 22.47 17.31 32.73
C ALA Q 118 21.31 17.24 31.75
N ILE Q 119 20.81 16.02 31.48
CA ILE Q 119 19.69 15.81 30.59
C ILE Q 119 18.45 15.62 31.43
N ASN Q 120 17.54 16.59 31.41
CA ASN Q 120 16.28 16.59 32.18
C ASN Q 120 15.21 15.68 31.57
N GLU Q 121 15.12 15.59 30.25
CA GLU Q 121 14.10 14.70 29.70
C GLU Q 121 14.52 14.05 28.41
N LEU Q 122 13.98 12.87 28.15
CA LEU Q 122 14.23 12.11 26.93
C LEU Q 122 12.89 11.73 26.32
N LYS Q 123 12.78 11.82 25.00
CA LYS Q 123 11.55 11.43 24.33
C LYS Q 123 11.89 10.83 22.99
N PHE Q 124 11.04 9.95 22.50
CA PHE Q 124 11.26 9.33 21.21
C PHE Q 124 10.18 9.75 20.22
N HIS Q 125 10.61 9.95 18.99
CA HIS Q 125 9.69 10.27 17.91
C HIS Q 125 8.62 9.17 17.82
N PRO Q 126 7.33 9.53 17.79
CA PRO Q 126 6.30 8.48 17.66
C PRO Q 126 6.39 7.66 16.38
N ARG Q 127 6.63 8.30 15.24
CA ARG Q 127 6.65 7.52 13.99
C ARG Q 127 8.02 6.88 13.72
N ASP Q 128 9.11 7.52 14.13
CA ASP Q 128 10.44 7.00 13.80
C ASP Q 128 11.13 6.54 15.08
N PRO Q 129 11.33 5.24 15.31
CA PRO Q 129 11.88 4.81 16.59
C PRO Q 129 13.33 5.20 16.82
N ASN Q 130 14.04 5.64 15.78
CA ASN Q 130 15.45 5.98 15.86
C ASN Q 130 15.73 7.41 16.29
N LEU Q 131 14.74 8.29 16.27
CA LEU Q 131 14.92 9.71 16.54
C LEU Q 131 14.65 9.98 18.02
N LEU Q 132 15.71 10.19 18.77
CA LEU Q 132 15.65 10.46 20.21
C LEU Q 132 15.88 11.95 20.45
N LEU Q 133 15.01 12.57 21.25
CA LEU Q 133 15.10 13.98 21.57
C LEU Q 133 15.50 14.12 23.02
N SER Q 134 16.60 14.83 23.26
CA SER Q 134 17.11 15.09 24.60
C SER Q 134 17.04 16.58 24.90
N VAL Q 135 16.70 16.83 26.14
CA VAL Q 135 16.50 18.15 26.71
C VAL Q 135 17.54 18.36 27.79
N SER Q 136 18.16 19.52 27.82
CA SER Q 136 19.27 19.64 28.74
C SER Q 136 19.32 20.91 29.55
N LYS Q 137 20.11 20.83 30.60
CA LYS Q 137 20.47 21.94 31.43
C LYS Q 137 21.35 22.95 30.67
N ASP Q 138 21.98 22.54 29.57
CA ASP Q 138 22.84 23.45 28.81
C ASP Q 138 22.05 24.48 27.98
N HIS Q 139 20.73 24.46 28.12
CA HIS Q 139 19.76 25.28 27.42
C HIS Q 139 19.44 24.85 26.00
N ALA Q 140 19.88 23.68 25.55
CA ALA Q 140 19.60 23.26 24.17
C ALA Q 140 18.86 21.94 24.15
N LEU Q 141 18.08 21.74 23.10
CA LEU Q 141 17.53 20.43 22.76
C LEU Q 141 18.29 19.83 21.59
N ARG Q 142 18.62 18.54 21.68
CA ARG Q 142 19.30 17.82 20.60
C ARG Q 142 18.44 16.67 20.11
N LEU Q 143 18.42 16.47 18.80
CA LEU Q 143 17.69 15.38 18.17
C LEU Q 143 18.68 14.38 17.60
N TRP Q 144 18.69 13.15 18.11
CA TRP Q 144 19.67 12.19 17.67
C TRP Q 144 19.03 11.10 16.82
N ASN Q 145 19.79 10.65 15.82
CA ASN Q 145 19.42 9.46 15.06
C ASN Q 145 20.27 8.34 15.60
N ILE Q 146 19.67 7.49 16.44
CA ILE Q 146 20.39 6.44 17.16
C ILE Q 146 20.68 5.25 16.26
N GLN Q 147 20.22 5.25 15.01
CA GLN Q 147 20.62 4.20 14.07
C GLN Q 147 22.03 4.48 13.51
N THR Q 148 22.28 5.71 13.02
CA THR Q 148 23.57 6.10 12.45
C THR Q 148 24.49 6.82 13.42
N ASP Q 149 24.10 6.94 14.68
CA ASP Q 149 24.86 7.64 15.71
C ASP Q 149 25.17 9.09 15.32
N THR Q 150 24.20 9.77 14.71
CA THR Q 150 24.38 11.14 14.24
C THR Q 150 23.48 12.11 15.03
N LEU Q 151 24.00 13.31 15.27
CA LEU Q 151 23.24 14.39 15.90
C LEU Q 151 22.52 15.16 14.82
N VAL Q 152 21.22 14.98 14.68
CA VAL Q 152 20.55 15.62 13.55
C VAL Q 152 20.45 17.12 13.75
N ALA Q 153 20.09 17.57 14.93
CA ALA Q 153 19.79 18.98 15.08
C ALA Q 153 20.02 19.38 16.53
N ILE Q 154 20.28 20.66 16.72
CA ILE Q 154 20.35 21.25 18.04
C ILE Q 154 19.38 22.40 18.07
N PHE Q 155 18.52 22.44 19.09
CA PHE Q 155 17.50 23.47 19.25
C PHE Q 155 17.96 24.38 20.39
N GLY Q 156 18.64 25.47 20.01
CA GLY Q 156 19.15 26.48 20.93
C GLY Q 156 19.82 27.61 20.17
N GLY Q 157 20.12 28.68 20.88
CA GLY Q 157 20.77 29.79 20.21
C GLY Q 157 20.17 31.13 20.62
N VAL Q 158 20.09 32.06 19.66
CA VAL Q 158 19.66 33.40 20.01
C VAL Q 158 18.23 33.41 20.56
N GLU Q 159 17.35 32.61 19.96
CA GLU Q 159 15.98 32.45 20.40
C GLU Q 159 15.74 31.11 21.11
N GLY Q 160 16.81 30.38 21.41
CA GLY Q 160 16.68 29.21 22.26
C GLY Q 160 16.46 29.57 23.71
N HIS Q 161 16.36 28.56 24.54
CA HIS Q 161 16.11 28.82 25.94
C HIS Q 161 17.30 29.54 26.57
N ARG Q 162 16.99 30.38 27.54
CA ARG Q 162 17.94 31.14 28.33
C ARG Q 162 18.36 30.43 29.60
N ASP Q 163 17.59 29.44 30.07
CA ASP Q 163 18.04 28.61 31.21
C ASP Q 163 17.69 27.15 30.91
N GLU Q 164 17.82 26.28 31.92
CA GLU Q 164 17.68 24.83 31.73
C GLU Q 164 16.41 24.53 30.94
N VAL Q 165 16.49 23.61 29.99
CA VAL Q 165 15.26 23.12 29.36
C VAL Q 165 14.80 21.95 30.22
N LEU Q 166 13.57 22.02 30.74
CA LEU Q 166 13.08 21.01 31.68
C LEU Q 166 12.24 19.92 31.03
N SER Q 167 11.47 20.20 30.00
CA SER Q 167 10.61 19.16 29.44
C SER Q 167 10.36 19.46 27.97
N ALA Q 168 9.97 18.44 27.23
CA ALA Q 168 9.58 18.64 25.84
C ALA Q 168 8.73 17.45 25.43
N ASP Q 169 7.98 17.62 24.34
CA ASP Q 169 7.12 16.52 23.90
C ASP Q 169 6.84 16.65 22.41
N TYR Q 170 6.87 15.54 21.70
CA TYR Q 170 6.40 15.59 20.33
C TYR Q 170 4.88 15.70 20.26
N ASP Q 171 4.39 16.21 19.14
CA ASP Q 171 2.96 16.04 18.97
C ASP Q 171 2.71 14.60 18.51
N LEU Q 172 1.42 14.22 18.46
CA LEU Q 172 1.05 12.84 18.14
C LEU Q 172 1.62 12.38 16.81
N LEU Q 173 1.49 13.19 15.77
CA LEU Q 173 1.98 12.82 14.46
C LEU Q 173 3.50 12.95 14.32
N GLY Q 174 4.18 13.52 15.34
CA GLY Q 174 5.61 13.73 15.29
C GLY Q 174 6.06 14.86 14.36
N GLU Q 175 5.18 15.81 14.07
CA GLU Q 175 5.55 16.91 13.17
C GLU Q 175 6.08 18.15 13.88
N LYS Q 176 5.96 18.22 15.21
CA LYS Q 176 6.47 19.38 15.92
C LYS Q 176 6.78 19.01 17.36
N ILE Q 177 7.66 19.82 17.97
CA ILE Q 177 8.11 19.70 19.35
C ILE Q 177 7.71 20.94 20.12
N MET Q 178 7.37 20.77 21.38
CA MET Q 178 7.20 21.87 22.29
C MET Q 178 8.15 21.63 23.45
N SER Q 179 8.82 22.66 23.90
CA SER Q 179 9.76 22.56 25.00
C SER Q 179 9.51 23.68 25.98
N CYS Q 180 10.10 23.52 27.15
CA CYS Q 180 9.90 24.50 28.20
C CYS Q 180 11.05 24.38 29.17
N GLY Q 181 11.17 25.37 30.03
CA GLY Q 181 12.33 25.25 30.87
C GLY Q 181 12.32 26.29 31.96
N MET Q 182 13.46 26.43 32.62
CA MET Q 182 13.41 27.32 33.74
C MET Q 182 13.10 28.76 33.35
N ASP Q 183 13.43 29.20 32.13
CA ASP Q 183 13.26 30.61 31.73
C ASP Q 183 11.80 31.10 31.64
N HIS Q 184 10.83 30.27 32.00
CA HIS Q 184 9.41 30.58 32.04
C HIS Q 184 8.85 30.59 30.63
N SER Q 185 9.62 30.21 29.62
CA SER Q 185 9.16 30.30 28.25
C SER Q 185 8.91 28.91 27.69
N LEU Q 186 7.86 28.80 26.91
CA LEU Q 186 7.52 27.58 26.18
C LEU Q 186 7.72 27.83 24.70
N LYS Q 187 8.43 26.91 24.04
CA LYS Q 187 8.82 27.12 22.65
C LYS Q 187 8.43 25.96 21.77
N LEU Q 188 7.81 26.28 20.65
CA LEU Q 188 7.42 25.30 19.65
C LEU Q 188 8.50 25.26 18.58
N TRP Q 189 8.94 24.05 18.22
CA TRP Q 189 9.93 23.84 17.18
C TRP Q 189 9.32 22.91 16.15
N ARG Q 190 8.99 23.45 14.95
CA ARG Q 190 8.49 22.67 13.81
C ARG Q 190 9.64 21.86 13.21
N ILE Q 191 9.39 20.58 12.90
CA ILE Q 191 10.37 19.68 12.30
C ILE Q 191 9.81 18.92 11.11
N ASN Q 192 8.65 19.31 10.58
CA ASN Q 192 8.28 18.82 9.26
C ASN Q 192 8.75 19.80 8.18
N SER Q 193 9.48 20.87 8.55
CA SER Q 193 10.05 21.79 7.55
C SER Q 193 11.02 21.06 6.63
N LYS Q 194 11.10 21.49 5.36
CA LYS Q 194 12.03 20.88 4.41
C LYS Q 194 13.43 20.73 5.02
N ARG Q 195 13.88 21.73 5.78
CA ARG Q 195 15.22 21.70 6.34
C ARG Q 195 15.40 20.52 7.30
N MET Q 196 14.42 20.26 8.18
CA MET Q 196 14.53 19.19 9.18
C MET Q 196 14.36 17.81 8.56
N MET Q 197 13.39 17.67 7.67
CA MET Q 197 13.22 16.45 6.90
C MET Q 197 14.50 16.13 6.12
N ASN Q 198 15.11 17.15 5.49
CA ASN Q 198 16.36 16.84 4.81
C ASN Q 198 17.38 16.38 5.82
N ALA Q 199 17.48 17.08 6.95
CA ALA Q 199 18.47 16.74 7.94
C ALA Q 199 18.31 15.32 8.40
N ILE Q 200 17.09 14.89 8.66
CA ILE Q 200 16.84 13.52 9.06
C ILE Q 200 17.27 12.55 7.96
N LYS Q 201 16.90 12.84 6.71
CA LYS Q 201 17.29 11.95 5.63
C LYS Q 201 18.80 11.84 5.56
N GLU Q 202 19.52 12.97 5.68
CA GLU Q 202 20.97 12.96 5.59
C GLU Q 202 21.59 12.20 6.75
N SER Q 203 20.96 12.24 7.91
CA SER Q 203 21.47 11.48 9.04
C SER Q 203 21.43 9.99 8.76
N TYR Q 204 20.38 9.53 8.08
CA TYR Q 204 20.32 8.14 7.72
C TYR Q 204 21.39 7.80 6.68
N ASP Q 205 21.64 8.69 5.72
CA ASP Q 205 22.64 8.37 4.70
C ASP Q 205 24.07 8.42 5.23
N TYR Q 206 24.32 9.12 6.30
CA TYR Q 206 25.72 9.33 6.67
C TYR Q 206 26.40 8.04 7.06
N ASN Q 207 27.62 7.84 6.56
CA ASN Q 207 28.35 6.70 7.10
C ASN Q 207 29.79 7.14 7.35
N PRO Q 208 30.28 7.08 8.59
CA PRO Q 208 31.62 7.61 8.85
C PRO Q 208 32.74 6.84 8.16
N ASN Q 209 32.55 5.57 7.86
CA ASN Q 209 33.59 4.85 7.10
C ASN Q 209 33.65 5.34 5.67
N LYS Q 210 32.53 5.83 5.15
CA LYS Q 210 32.47 6.23 3.76
C LYS Q 210 33.15 7.57 3.53
N THR Q 211 33.17 8.45 4.54
CA THR Q 211 33.71 9.77 4.32
C THR Q 211 34.50 10.28 5.53
N ASN Q 212 35.52 11.08 5.24
CA ASN Q 212 36.36 11.69 6.27
C ASN Q 212 35.67 12.84 6.98
N ARG Q 213 34.81 13.53 6.28
CA ARG Q 213 34.19 14.71 6.85
C ARG Q 213 33.16 14.31 7.90
N PRO Q 214 32.89 15.16 8.89
CA PRO Q 214 31.84 14.85 9.86
C PRO Q 214 30.45 15.21 9.37
N PHE Q 215 29.47 14.59 9.98
CA PHE Q 215 28.09 14.89 9.67
C PHE Q 215 27.79 16.29 10.21
N ILE Q 216 27.16 17.14 9.40
CA ILE Q 216 26.85 18.50 9.81
C ILE Q 216 25.44 18.57 10.36
N SER Q 217 25.40 18.80 11.66
CA SER Q 217 24.18 18.89 12.44
C SER Q 217 23.48 20.23 12.19
N GLN Q 218 22.17 20.21 12.11
CA GLN Q 218 21.48 21.48 11.93
C GLN Q 218 21.49 22.24 13.24
N LYS Q 219 21.66 23.53 13.16
CA LYS Q 219 21.70 24.33 14.36
C LYS Q 219 20.55 25.34 14.24
N ILE Q 220 19.46 25.08 14.97
CA ILE Q 220 18.24 25.83 14.85
C ILE Q 220 18.21 26.84 15.99
N HIS Q 221 18.35 28.13 15.67
CA HIS Q 221 18.34 29.13 16.70
C HIS Q 221 16.95 29.70 16.91
N PHE Q 222 16.02 29.41 16.01
CA PHE Q 222 14.74 30.12 15.96
C PHE Q 222 13.54 29.19 16.06
N PRO Q 223 12.80 29.26 17.17
CA PRO Q 223 11.57 28.49 17.27
C PRO Q 223 10.51 29.07 16.39
N ASP Q 224 9.57 28.22 16.05
CA ASP Q 224 8.45 28.61 15.22
C ASP Q 224 7.35 29.25 16.05
N PHE Q 225 7.52 29.29 17.36
CA PHE Q 225 6.62 30.00 18.28
C PHE Q 225 7.28 30.06 19.66
N SER Q 226 6.97 31.10 20.41
CA SER Q 226 7.55 31.26 21.74
C SER Q 226 6.69 32.21 22.56
N THR Q 227 6.60 31.94 23.86
CA THR Q 227 5.80 32.75 24.78
C THR Q 227 6.30 32.64 26.21
N ARG Q 228 6.09 33.71 26.97
CA ARG Q 228 6.30 33.74 28.41
C ARG Q 228 5.05 34.23 29.13
N ASP Q 229 3.92 34.27 28.42
CA ASP Q 229 2.68 34.82 28.94
C ASP Q 229 1.75 33.74 29.52
N ILE Q 230 2.19 32.49 29.60
CA ILE Q 230 1.37 31.43 30.19
C ILE Q 230 1.66 31.22 31.67
N HIS Q 231 2.91 31.00 32.04
CA HIS Q 231 3.27 30.68 33.41
C HIS Q 231 4.15 31.78 33.97
N ARG Q 232 4.33 31.79 35.28
CA ARG Q 232 5.05 32.84 35.97
C ARG Q 232 6.29 32.30 36.66
N ASN Q 233 6.72 31.10 36.27
CA ASN Q 233 7.86 30.48 36.91
C ASN Q 233 8.38 29.31 36.05
N TYR Q 234 9.27 28.48 36.60
CA TYR Q 234 9.79 27.37 35.81
C TYR Q 234 8.68 26.50 35.26
N VAL Q 235 8.74 26.18 33.97
CA VAL Q 235 7.83 25.22 33.37
C VAL Q 235 8.56 23.87 33.25
N ASP Q 236 8.09 22.84 33.98
CA ASP Q 236 8.77 21.57 34.10
C ASP Q 236 8.08 20.41 33.41
N CYS Q 237 6.89 20.59 32.85
CA CYS Q 237 6.29 19.49 32.10
C CYS Q 237 5.40 20.09 31.02
N VAL Q 238 5.52 19.59 29.80
CA VAL Q 238 4.67 20.08 28.72
C VAL Q 238 4.28 18.89 27.87
N ARG Q 239 3.00 18.79 27.54
CA ARG Q 239 2.53 17.73 26.66
C ARG Q 239 1.54 18.31 25.65
N TRP Q 240 1.47 17.67 24.50
CA TRP Q 240 0.59 18.08 23.43
C TRP Q 240 -0.71 17.33 23.63
N LEU Q 241 -1.80 18.07 23.82
CA LEU Q 241 -3.11 17.47 23.86
C LEU Q 241 -3.76 17.67 22.49
N GLY Q 242 -3.19 16.97 21.51
CA GLY Q 242 -3.63 16.91 20.14
C GLY Q 242 -3.95 18.27 19.53
N ASP Q 243 -2.96 19.14 19.42
CA ASP Q 243 -2.94 20.54 18.91
C ASP Q 243 -3.18 21.58 20.00
N LEU Q 244 -3.60 21.22 21.22
CA LEU Q 244 -3.52 22.13 22.38
C LEU Q 244 -2.29 21.76 23.22
N ILE Q 245 -1.97 22.66 24.14
CA ILE Q 245 -0.80 22.51 24.99
C ILE Q 245 -1.25 22.40 26.43
N LEU Q 246 -0.64 21.47 27.16
CA LEU Q 246 -0.77 21.31 28.59
C LEU Q 246 0.59 21.55 29.19
N SER Q 247 0.71 22.54 30.06
CA SER Q 247 1.96 22.84 30.72
C SER Q 247 1.65 23.15 32.17
N LYS Q 248 2.60 22.87 33.05
CA LYS Q 248 2.39 23.13 34.46
C LYS Q 248 3.55 23.94 35.00
N SER Q 249 3.28 24.66 36.07
CA SER Q 249 4.33 25.38 36.75
C SER Q 249 3.99 25.30 38.23
N CYS Q 250 4.70 26.08 39.01
CA CYS Q 250 4.51 26.12 40.46
C CYS Q 250 3.28 26.92 40.83
N GLU Q 251 2.49 27.29 39.81
CA GLU Q 251 1.28 28.07 40.01
C GLU Q 251 0.17 27.25 40.66
N ASN Q 252 0.42 25.95 40.85
CA ASN Q 252 -0.55 24.95 41.32
C ASN Q 252 -1.64 24.54 40.34
N ALA Q 253 -1.43 24.61 39.03
CA ALA Q 253 -2.47 24.10 38.13
C ALA Q 253 -1.85 23.81 36.77
N ILE Q 254 -2.40 22.81 36.09
CA ILE Q 254 -2.02 22.53 34.70
C ILE Q 254 -2.90 23.40 33.79
N VAL Q 255 -2.27 24.20 32.93
CA VAL Q 255 -2.98 25.12 32.05
C VAL Q 255 -3.09 24.50 30.67
N CYS Q 256 -4.28 24.54 30.10
CA CYS Q 256 -4.50 24.17 28.70
C CYS Q 256 -4.64 25.45 27.90
N TRP Q 257 -3.71 25.67 26.98
CA TRP Q 257 -3.66 26.90 26.20
C TRP Q 257 -3.36 26.56 24.75
N LYS Q 258 -3.37 27.57 23.89
CA LYS Q 258 -3.05 27.38 22.48
C LYS Q 258 -2.38 28.63 21.95
N PRO Q 259 -1.49 28.48 20.99
CA PRO Q 259 -0.89 29.66 20.37
C PRO Q 259 -1.91 30.41 19.55
N GLY Q 260 -1.83 31.72 19.64
CA GLY Q 260 -2.62 32.57 18.78
C GLY Q 260 -3.89 33.05 19.42
N LYS Q 261 -4.71 33.67 18.59
CA LYS Q 261 -6.06 33.96 19.03
C LYS Q 261 -6.87 32.67 19.11
N MET Q 262 -8.07 32.77 19.63
CA MET Q 262 -8.93 31.61 19.77
C MET Q 262 -9.05 30.78 18.49
N GLU Q 263 -9.19 31.42 17.34
CA GLU Q 263 -9.45 30.75 16.06
C GLU Q 263 -8.20 30.29 15.33
N ASP Q 264 -7.03 30.76 15.74
CA ASP Q 264 -5.84 30.59 14.91
C ASP Q 264 -5.41 29.13 14.83
N ASP Q 265 -5.24 28.64 13.61
CA ASP Q 265 -4.74 27.29 13.41
C ASP Q 265 -3.27 27.18 13.77
N ILE Q 266 -2.89 26.02 14.30
CA ILE Q 266 -1.51 25.81 14.76
C ILE Q 266 -0.53 25.71 13.58
N ASP Q 267 -0.93 25.24 12.41
CA ASP Q 267 -0.02 25.13 11.29
C ASP Q 267 0.04 26.41 10.46
N LYS Q 268 -0.71 27.43 10.86
CA LYS Q 268 -0.66 28.74 10.25
C LYS Q 268 -0.01 29.79 11.15
N ILE Q 269 0.62 29.39 12.24
CA ILE Q 269 1.18 30.31 13.23
C ILE Q 269 2.56 30.74 12.78
N LYS Q 270 2.78 32.06 12.70
CA LYS Q 270 4.10 32.58 12.38
C LYS Q 270 4.90 32.83 13.64
N PRO Q 271 6.23 32.66 13.54
CA PRO Q 271 7.10 32.86 14.70
C PRO Q 271 6.91 34.19 15.38
N SER Q 272 6.48 35.23 14.66
CA SER Q 272 6.32 36.55 15.27
C SER Q 272 5.15 36.63 16.24
N GLU Q 273 4.29 35.60 16.30
CA GLU Q 273 2.97 35.69 16.93
C GLU Q 273 3.05 36.04 18.40
N SER Q 274 2.27 37.06 18.79
CA SER Q 274 2.28 37.59 20.15
C SER Q 274 1.22 36.99 21.06
N ASN Q 275 0.15 36.43 20.52
CA ASN Q 275 -1.05 36.12 21.28
C ASN Q 275 -1.06 34.69 21.77
N VAL Q 276 -1.60 34.49 22.97
CA VAL Q 276 -1.90 33.17 23.49
C VAL Q 276 -3.32 33.19 24.01
N THR Q 277 -3.98 32.04 23.94
CA THR Q 277 -5.33 31.87 24.45
C THR Q 277 -5.36 30.73 25.45
N ILE Q 278 -5.77 31.02 26.67
CA ILE Q 278 -5.98 30.01 27.70
C ILE Q 278 -7.38 29.46 27.55
N LEU Q 279 -7.49 28.12 27.40
CA LEU Q 279 -8.78 27.43 27.34
C LEU Q 279 -9.27 26.94 28.70
N GLY Q 280 -8.39 26.40 29.55
CA GLY Q 280 -8.82 25.97 30.88
C GLY Q 280 -7.69 25.56 31.81
N ARG Q 281 -7.97 25.40 33.10
CA ARG Q 281 -6.97 24.99 34.09
C ARG Q 281 -7.47 23.74 34.81
N PHE Q 282 -6.53 22.85 35.17
CA PHE Q 282 -6.81 21.66 35.96
C PHE Q 282 -6.15 21.94 37.31
N ASP Q 283 -6.97 22.20 38.32
CA ASP Q 283 -6.55 22.60 39.66
C ASP Q 283 -6.03 21.44 40.52
N TYR Q 284 -5.05 21.72 41.35
CA TYR Q 284 -4.46 20.79 42.30
C TYR Q 284 -3.87 21.64 43.42
N SER Q 285 -3.26 21.00 44.41
CA SER Q 285 -2.67 21.73 45.52
C SER Q 285 -1.36 21.10 45.97
N GLN Q 286 -0.59 21.91 46.69
CA GLN Q 286 0.62 21.46 47.37
C GLN Q 286 1.62 20.79 46.42
N CYS Q 287 1.83 21.37 45.24
CA CYS Q 287 2.90 20.96 44.34
C CYS Q 287 3.69 22.22 43.98
N ASP Q 288 4.59 22.60 44.90
CA ASP Q 288 5.31 23.86 44.81
C ASP Q 288 6.75 23.71 44.35
N ILE Q 289 7.21 22.48 44.18
CA ILE Q 289 8.57 22.24 43.75
C ILE Q 289 8.52 21.93 42.28
N TRP Q 290 9.63 22.16 41.58
CA TRP Q 290 9.68 21.85 40.15
C TRP Q 290 10.19 20.44 39.90
N TYR Q 291 10.10 20.02 38.63
CA TYR Q 291 10.45 18.66 38.23
C TYR Q 291 9.44 17.67 38.79
N MET Q 292 8.18 18.04 38.76
CA MET Q 292 7.08 17.15 39.04
C MET Q 292 6.29 16.99 37.75
N ARG Q 293 6.42 15.85 37.08
CA ARG Q 293 5.81 15.71 35.78
C ARG Q 293 4.45 15.00 35.87
N PHE Q 294 3.57 15.32 34.93
CA PHE Q 294 2.32 14.60 34.75
C PHE Q 294 2.35 13.73 33.49
N SER Q 295 1.46 12.75 33.41
CA SER Q 295 1.39 11.94 32.20
C SER Q 295 -0.05 11.76 31.75
N MET Q 296 -0.20 11.18 30.58
CA MET Q 296 -1.51 10.79 30.11
C MET Q 296 -1.43 9.35 29.63
N ASP Q 297 -2.61 8.78 29.38
CA ASP Q 297 -2.70 7.46 28.77
C ASP Q 297 -2.59 7.61 27.26
N PHE Q 298 -2.48 6.48 26.55
CA PHE Q 298 -2.21 6.53 25.11
C PHE Q 298 -3.34 7.20 24.32
N TRP Q 299 -4.59 6.92 24.67
CA TRP Q 299 -5.73 7.52 23.99
C TRP Q 299 -5.99 8.94 24.47
N GLN Q 300 -5.21 9.40 25.44
CA GLN Q 300 -5.31 10.76 25.96
C GLN Q 300 -6.71 11.05 26.49
N LYS Q 301 -7.26 10.09 27.24
CA LYS Q 301 -8.54 10.24 27.93
C LYS Q 301 -8.39 10.57 29.42
N MET Q 302 -7.27 10.23 30.03
CA MET Q 302 -7.05 10.54 31.45
C MET Q 302 -5.69 11.18 31.64
N LEU Q 303 -5.64 12.10 32.60
CA LEU Q 303 -4.46 12.90 32.93
C LEU Q 303 -4.12 12.67 34.40
N ALA Q 304 -2.84 12.51 34.73
CA ALA Q 304 -2.44 12.16 36.09
C ALA Q 304 -1.23 12.98 36.54
N LEU Q 305 -1.27 13.52 37.75
CA LEU Q 305 -0.15 14.28 38.31
C LEU Q 305 -0.06 14.03 39.81
N GLY Q 306 1.13 13.67 40.27
CA GLY Q 306 1.36 13.53 41.70
C GLY Q 306 1.93 14.81 42.27
N ASN Q 307 1.60 15.09 43.54
CA ASN Q 307 2.14 16.27 44.21
C ASN Q 307 3.22 15.88 45.20
N GLN Q 308 3.70 16.88 45.93
CA GLN Q 308 4.90 16.72 46.73
C GLN Q 308 4.65 16.03 48.07
N VAL Q 309 3.38 15.75 48.39
CA VAL Q 309 2.95 15.13 49.64
C VAL Q 309 2.18 13.83 49.40
N GLY Q 310 2.49 13.13 48.30
CA GLY Q 310 1.93 11.82 48.05
C GLY Q 310 0.48 11.72 47.63
N LYS Q 311 -0.10 12.80 47.09
CA LYS Q 311 -1.48 12.78 46.60
C LYS Q 311 -1.49 12.75 45.08
N LEU Q 312 -2.24 11.82 44.52
CA LEU Q 312 -2.34 11.62 43.09
C LEU Q 312 -3.62 12.23 42.57
N TYR Q 313 -3.53 12.94 41.46
CA TYR Q 313 -4.66 13.59 40.82
C TYR Q 313 -4.89 12.96 39.47
N VAL Q 314 -6.13 12.59 39.18
CA VAL Q 314 -6.48 12.04 37.88
C VAL Q 314 -7.68 12.79 37.32
N TRP Q 315 -7.62 13.11 36.04
CA TRP Q 315 -8.68 13.89 35.41
C TRP Q 315 -9.24 13.14 34.22
N ASP Q 316 -10.49 13.46 33.91
CA ASP Q 316 -11.13 13.00 32.70
C ASP Q 316 -10.92 14.09 31.65
N LEU Q 317 -10.29 13.73 30.54
CA LEU Q 317 -10.06 14.72 29.50
C LEU Q 317 -11.28 14.89 28.61
N GLU Q 318 -12.37 14.24 28.98
CA GLU Q 318 -13.62 14.27 28.24
C GLU Q 318 -14.80 14.52 29.21
N VAL Q 319 -15.75 15.41 28.87
CA VAL Q 319 -15.79 16.19 27.64
C VAL Q 319 -16.11 17.66 27.97
N GLU Q 320 -17.02 17.88 28.92
CA GLU Q 320 -17.81 19.12 28.87
C GLU Q 320 -17.13 20.27 29.59
N ASP Q 321 -16.68 20.06 30.82
CA ASP Q 321 -16.02 21.16 31.51
C ASP Q 321 -14.78 21.61 30.70
N PRO Q 322 -13.88 20.67 30.31
CA PRO Q 322 -13.78 19.27 30.66
C PRO Q 322 -13.07 19.04 31.99
N HIS Q 323 -12.42 20.07 32.57
CA HIS Q 323 -11.16 20.05 33.35
C HIS Q 323 -11.33 20.38 34.81
N LYS Q 324 -11.88 21.59 35.12
CA LYS Q 324 -11.98 22.10 36.50
C LYS Q 324 -12.83 21.18 37.38
N ALA Q 325 -13.98 20.75 36.87
CA ALA Q 325 -14.72 19.67 37.48
C ALA Q 325 -14.62 18.45 36.55
N LYS Q 326 -14.35 17.27 37.09
CA LYS Q 326 -14.02 17.05 38.51
C LYS Q 326 -12.86 16.04 38.57
N CYS Q 327 -11.97 16.20 39.55
CA CYS Q 327 -10.79 15.35 39.57
C CYS Q 327 -10.95 14.25 40.59
N THR Q 328 -10.26 13.15 40.34
CA THR Q 328 -10.23 12.00 41.20
C THR Q 328 -8.94 12.01 42.01
N THR Q 329 -9.03 11.98 43.33
CA THR Q 329 -7.82 12.03 44.15
C THR Q 329 -7.59 10.68 44.81
N LEU Q 330 -6.38 10.16 44.69
CA LEU Q 330 -5.98 8.87 45.25
C LEU Q 330 -4.91 9.07 46.30
N THR Q 331 -5.16 8.65 47.52
CA THR Q 331 -4.14 8.85 48.53
C THR Q 331 -3.94 7.53 49.27
N HIS Q 332 -2.78 7.38 49.89
CA HIS Q 332 -2.50 6.21 50.69
C HIS Q 332 -1.89 6.66 52.00
N HIS Q 333 -2.14 5.92 53.06
CA HIS Q 333 -1.73 6.41 54.36
C HIS Q 333 -0.25 6.22 54.63
N LYS Q 334 0.46 5.44 53.80
CA LYS Q 334 1.92 5.30 53.91
C LYS Q 334 2.69 6.04 52.83
N CYS Q 335 1.98 6.64 51.86
CA CYS Q 335 2.58 7.34 50.73
C CYS Q 335 2.55 8.82 51.04
N GLY Q 336 3.66 9.34 51.53
CA GLY Q 336 3.73 10.73 51.96
C GLY Q 336 4.80 11.57 51.28
N ALA Q 337 5.75 10.92 50.59
CA ALA Q 337 6.83 11.62 49.92
C ALA Q 337 6.38 12.18 48.57
N ALA Q 338 7.22 13.02 47.96
CA ALA Q 338 6.87 13.67 46.70
C ALA Q 338 6.84 12.69 45.54
N ILE Q 339 5.86 12.84 44.64
CA ILE Q 339 5.62 11.93 43.51
C ILE Q 339 6.19 12.57 42.24
N ARG Q 340 7.37 12.10 41.77
CA ARG Q 340 8.08 12.74 40.65
C ARG Q 340 7.37 12.54 39.31
N GLN Q 341 6.99 11.33 38.99
CA GLN Q 341 6.41 11.08 37.67
C GLN Q 341 5.36 9.98 37.77
N THR Q 342 4.42 9.97 36.82
CA THR Q 342 3.43 8.90 36.71
C THR Q 342 3.53 8.28 35.33
N SER Q 343 2.89 7.12 35.17
CA SER Q 343 2.91 6.41 33.89
C SER Q 343 1.71 5.49 33.82
N PHE Q 344 0.94 5.60 32.75
CA PHE Q 344 -0.13 4.66 32.51
C PHE Q 344 0.37 3.52 31.65
N SER Q 345 -0.19 2.33 31.86
CA SER Q 345 0.14 1.28 30.91
C SER Q 345 -0.54 1.61 29.59
N ARG Q 346 -0.24 0.82 28.55
CA ARG Q 346 -0.79 1.16 27.24
C ARG Q 346 -2.29 1.13 27.31
N ASP Q 347 -2.85 0.06 27.89
CA ASP Q 347 -4.22 0.06 28.36
C ASP Q 347 -4.27 0.92 29.60
N SER Q 348 -5.43 1.47 29.89
CA SER Q 348 -5.48 2.34 31.04
C SER Q 348 -5.54 1.55 32.37
N SER Q 349 -5.28 0.25 32.33
CA SER Q 349 -5.51 -0.60 33.49
C SER Q 349 -4.67 -0.24 34.73
N ILE Q 350 -3.38 0.05 34.56
CA ILE Q 350 -2.49 0.30 35.69
C ILE Q 350 -1.93 1.71 35.62
N LEU Q 351 -1.68 2.28 36.80
CA LEU Q 351 -1.13 3.63 36.96
C LEU Q 351 -0.03 3.57 38.01
N ILE Q 352 1.21 3.66 37.57
CA ILE Q 352 2.36 3.65 38.47
C ILE Q 352 2.72 5.09 38.84
N ALA Q 353 3.21 5.29 40.07
CA ALA Q 353 3.74 6.55 40.55
C ALA Q 353 5.01 6.25 41.35
N VAL Q 354 6.05 7.09 41.23
CA VAL Q 354 7.33 6.88 41.90
C VAL Q 354 7.67 8.11 42.74
N CYS Q 355 8.48 7.92 43.78
CA CYS Q 355 8.52 8.92 44.86
C CYS Q 355 9.94 9.29 45.24
N ASP Q 356 10.06 10.38 46.01
CA ASP Q 356 11.36 10.83 46.52
C ASP Q 356 11.96 9.84 47.51
N ASP Q 357 11.15 9.00 48.15
CA ASP Q 357 11.66 8.08 49.16
C ASP Q 357 11.95 6.69 48.58
N ALA Q 358 12.07 6.61 47.25
CA ALA Q 358 12.39 5.43 46.46
C ALA Q 358 11.24 4.45 46.35
N SER Q 359 10.04 4.85 46.77
CA SER Q 359 8.87 3.97 46.77
C SER Q 359 8.15 4.03 45.42
N ILE Q 360 7.42 2.95 45.09
CA ILE Q 360 6.63 2.82 43.87
C ILE Q 360 5.21 2.47 44.29
N TRP Q 361 4.22 3.04 43.62
CA TRP Q 361 2.84 2.86 44.02
C TRP Q 361 2.04 2.44 42.79
N ARG Q 362 1.47 1.25 42.85
CA ARG Q 362 0.70 0.73 41.74
C ARG Q 362 -0.77 1.00 42.00
N TRP Q 363 -1.45 1.65 41.08
CA TRP Q 363 -2.87 1.89 41.20
C TRP Q 363 -3.56 1.23 40.02
N ASP Q 364 -4.32 0.18 40.28
CA ASP Q 364 -5.08 -0.44 39.20
C ASP Q 364 -6.42 0.28 39.12
N ARG Q 365 -6.90 0.42 37.89
CA ARG Q 365 -8.15 1.09 37.61
C ARG Q 365 -9.25 0.06 37.70
N LEU Q 366 -10.12 0.22 38.68
CA LEU Q 366 -11.19 -0.75 38.86
C LEU Q 366 -12.27 -0.49 37.81
N ARG Q 367 -12.88 -1.58 37.33
CA ARG Q 367 -13.86 -1.57 36.23
C ARG Q 367 -13.24 -1.27 34.87
N HIS R 5 48.29 11.59 18.55
CA HIS R 5 49.17 12.56 19.23
C HIS R 5 49.42 12.52 20.77
N ASN R 6 48.41 12.22 21.59
CA ASN R 6 47.10 11.82 21.13
C ASN R 6 46.00 12.72 21.66
N ARG R 7 46.23 14.02 21.80
CA ARG R 7 45.20 14.87 22.37
C ARG R 7 43.97 14.79 21.49
N LEU R 8 42.82 14.61 22.10
CA LEU R 8 41.61 14.46 21.33
C LEU R 8 40.88 15.79 21.27
N TYR R 9 40.52 16.21 20.07
CA TYR R 9 39.86 17.50 19.86
C TYR R 9 38.38 17.30 19.58
N PHE R 10 37.61 18.37 19.81
CA PHE R 10 36.16 18.31 19.71
C PHE R 10 35.63 19.46 18.87
N HIS R 11 34.47 19.24 18.24
CA HIS R 11 33.88 20.28 17.41
C HIS R 11 33.36 21.40 18.31
N SER R 12 33.35 22.61 17.78
CA SER R 12 32.95 23.74 18.57
C SER R 12 31.45 23.84 18.69
N ASP R 13 30.73 23.53 17.61
CA ASP R 13 29.27 23.64 17.59
C ASP R 13 28.60 22.52 18.38
N THR R 14 29.12 21.32 18.26
CA THR R 14 28.60 20.14 18.92
C THR R 14 29.78 19.61 19.70
N CYS R 15 29.56 19.12 20.91
CA CYS R 15 30.80 18.76 21.59
C CYS R 15 31.31 17.38 21.26
N LEU R 16 30.82 16.83 20.15
CA LEU R 16 31.24 15.52 19.69
C LEU R 16 32.75 15.51 19.38
N PRO R 17 33.44 14.40 19.57
CA PRO R 17 34.88 14.38 19.32
C PRO R 17 35.21 14.42 17.84
N LEU R 18 36.43 14.87 17.57
CA LEU R 18 36.93 15.07 16.22
C LEU R 18 37.82 13.90 15.84
N ARG R 19 37.39 13.17 14.81
CA ARG R 19 38.15 12.08 14.22
C ARG R 19 39.35 12.62 13.44
N PRO R 20 40.42 11.83 13.32
CA PRO R 20 41.62 12.30 12.62
C PRO R 20 41.38 12.59 11.13
N GLN R 21 40.66 11.72 10.43
CA GLN R 21 40.38 11.97 9.01
C GLN R 21 39.61 13.27 8.77
N GLU R 22 38.93 13.77 9.79
CA GLU R 22 38.29 15.08 9.75
C GLU R 22 39.28 16.23 9.82
N MET R 23 40.48 15.99 10.33
CA MET R 23 41.37 17.10 10.68
C MET R 23 41.77 17.95 9.47
N GLU R 24 41.64 17.43 8.25
CA GLU R 24 42.19 18.06 7.07
C GLU R 24 41.08 18.71 6.23
N VAL R 25 41.18 20.03 6.10
CA VAL R 25 40.24 20.82 5.32
C VAL R 25 41.13 21.99 4.80
N ASP R 26 40.98 22.59 3.60
CA ASP R 26 40.07 22.41 2.41
C ASP R 26 38.73 23.19 2.46
N SER R 27 38.61 24.17 3.36
CA SER R 27 37.42 25.01 3.51
C SER R 27 37.85 26.47 3.50
N GLU R 28 37.22 27.27 2.65
CA GLU R 28 37.76 28.60 2.40
C GLU R 28 37.36 29.58 3.48
N ASP R 29 36.10 29.57 3.90
CA ASP R 29 35.57 30.64 4.75
C ASP R 29 34.72 30.10 5.89
N GLU R 30 35.04 30.56 7.10
CA GLU R 30 34.26 30.20 8.28
C GLU R 30 32.95 30.95 8.35
N LYS R 31 32.94 32.20 7.92
CA LYS R 31 31.76 33.04 8.07
C LYS R 31 30.69 32.64 7.01
N ASP R 32 29.48 33.19 7.09
CA ASP R 32 29.01 34.05 8.18
C ASP R 32 27.85 33.33 8.88
N PRO R 33 27.70 33.55 10.18
CA PRO R 33 26.73 32.76 10.93
C PRO R 33 25.37 32.87 10.28
N GLU R 34 24.75 31.71 10.05
CA GLU R 34 23.51 31.74 9.32
C GLU R 34 22.43 32.41 10.16
N TRP R 35 22.50 32.26 11.49
CA TRP R 35 21.49 32.88 12.34
C TRP R 35 21.47 34.38 12.19
N LEU R 36 22.64 34.99 11.97
CA LEU R 36 22.71 36.42 11.71
C LEU R 36 21.91 36.79 10.47
N ARG R 37 21.90 35.93 9.46
CA ARG R 37 21.13 36.23 8.25
C ARG R 37 19.63 36.19 8.53
N GLU R 38 19.17 35.17 9.25
CA GLU R 38 17.77 35.08 9.64
C GLU R 38 17.39 36.15 10.65
N LYS R 39 18.33 36.57 11.51
CA LYS R 39 18.06 37.65 12.44
C LYS R 39 17.73 38.95 11.71
N THR R 40 18.53 39.32 10.69
CA THR R 40 18.26 40.58 9.99
C THR R 40 16.95 40.54 9.28
N ILE R 41 16.70 39.42 8.61
CA ILE R 41 15.47 39.34 7.86
C ILE R 41 14.28 39.51 8.80
N THR R 42 14.31 38.86 9.96
CA THR R 42 13.19 39.00 10.89
C THR R 42 13.18 40.36 11.59
N GLN R 43 14.31 41.05 11.64
CA GLN R 43 14.35 42.36 12.26
C GLN R 43 13.92 43.47 11.29
N ILE R 44 14.19 43.32 10.00
CA ILE R 44 13.68 44.27 9.02
C ILE R 44 12.16 44.17 8.96
N GLU R 45 11.63 42.95 8.87
CA GLU R 45 10.18 42.75 8.86
C GLU R 45 9.54 43.36 10.11
N GLU R 46 10.28 43.41 11.21
CA GLU R 46 9.72 43.94 12.44
C GLU R 46 9.28 45.39 12.34
N PHE R 47 9.95 46.21 11.53
CA PHE R 47 9.65 47.64 11.53
C PHE R 47 8.23 47.92 11.05
N SER R 48 7.40 48.54 11.89
CA SER R 48 6.05 48.89 11.46
C SER R 48 6.04 49.98 10.38
N ASP R 49 6.89 51.00 10.49
CA ASP R 49 6.76 52.13 9.59
C ASP R 49 7.33 51.87 8.19
N VAL R 50 8.41 51.11 8.06
CA VAL R 50 8.92 50.83 6.72
C VAL R 50 7.91 50.04 5.89
N ASN R 51 7.75 50.40 4.62
CA ASN R 51 6.88 49.65 3.71
C ASN R 51 7.48 48.27 3.38
N GLU R 52 6.64 47.33 2.94
CA GLU R 52 7.14 45.98 2.64
C GLU R 52 8.17 46.00 1.51
N GLY R 53 7.95 46.83 0.48
CA GLY R 53 8.86 46.94 -0.65
C GLY R 53 10.26 47.33 -0.26
N GLU R 54 10.39 48.43 0.49
CA GLU R 54 11.69 48.85 1.02
C GLU R 54 12.24 47.77 1.95
N LYS R 55 11.39 47.08 2.72
CA LYS R 55 11.90 46.00 3.53
C LYS R 55 12.58 44.96 2.66
N GLU R 56 11.95 44.53 1.57
CA GLU R 56 12.56 43.46 0.79
C GLU R 56 13.90 43.91 0.21
N VAL R 57 13.98 45.13 -0.31
CA VAL R 57 15.25 45.60 -0.86
C VAL R 57 16.29 45.80 0.26
N MET R 58 15.90 46.32 1.42
CA MET R 58 16.88 46.49 2.50
C MET R 58 17.45 45.14 2.93
N LYS R 59 16.58 44.12 3.07
CA LYS R 59 17.03 42.78 3.43
C LYS R 59 17.99 42.23 2.40
N LEU R 60 17.68 42.42 1.11
CA LEU R 60 18.54 41.90 0.05
C LEU R 60 19.91 42.54 0.12
N TRP R 61 19.94 43.87 0.32
CA TRP R 61 21.22 44.55 0.46
C TRP R 61 21.98 44.01 1.66
N ASN R 62 21.30 43.94 2.82
CA ASN R 62 21.93 43.44 4.03
C ASN R 62 22.52 42.06 3.81
N LEU R 63 21.78 41.17 3.15
CA LEU R 63 22.30 39.84 2.91
C LEU R 63 23.55 39.92 2.04
N HIS R 64 23.53 40.81 1.06
CA HIS R 64 24.65 40.93 0.15
C HIS R 64 25.89 41.45 0.87
N VAL R 65 25.72 42.47 1.70
CA VAL R 65 26.87 43.00 2.41
C VAL R 65 27.43 41.96 3.36
N MET R 66 26.55 41.18 4.00
CA MET R 66 26.97 40.10 4.87
C MET R 66 27.73 39.00 4.15
N LYS R 67 27.34 38.69 2.91
CA LYS R 67 27.96 37.59 2.19
C LYS R 67 29.41 37.87 1.85
N HIS R 68 29.69 39.08 1.35
CA HIS R 68 31.02 39.47 0.90
C HIS R 68 31.82 40.24 1.95
N GLY R 69 31.19 40.70 3.02
CA GLY R 69 31.94 41.32 4.08
C GLY R 69 32.70 42.55 3.67
N PHE R 70 31.98 43.52 3.11
CA PHE R 70 32.60 44.76 2.72
C PHE R 70 33.00 45.57 3.94
N ILE R 71 34.25 46.01 3.96
CA ILE R 71 34.74 46.83 5.06
C ILE R 71 34.92 48.30 4.69
N ALA R 72 35.24 48.63 3.43
CA ALA R 72 35.70 49.98 3.10
C ALA R 72 34.70 50.76 2.25
N ASP R 73 34.87 52.07 2.26
CA ASP R 73 34.03 52.95 1.47
C ASP R 73 34.26 52.75 -0.02
N ASN R 74 35.51 52.59 -0.43
CA ASN R 74 35.77 52.43 -1.86
C ASN R 74 35.12 51.18 -2.44
N GLN R 75 34.84 50.18 -1.59
CA GLN R 75 34.22 48.95 -2.11
C GLN R 75 32.82 49.19 -2.63
N MET R 76 32.14 50.25 -2.18
CA MET R 76 30.70 50.39 -2.41
C MET R 76 30.35 50.59 -3.88
N ASN R 77 31.28 51.05 -4.71
CA ASN R 77 31.02 51.05 -6.16
C ASN R 77 31.01 49.64 -6.70
N HIS R 78 32.07 48.89 -6.43
CA HIS R 78 32.08 47.48 -6.76
C HIS R 78 30.90 46.73 -6.11
N ALA R 79 30.44 47.20 -4.94
CA ALA R 79 29.37 46.50 -4.23
C ALA R 79 28.03 46.67 -4.93
N CYS R 80 27.72 47.89 -5.35
CA CYS R 80 26.46 48.09 -6.05
C CYS R 80 26.42 47.35 -7.38
N MET R 81 27.57 47.25 -8.05
CA MET R 81 27.64 46.48 -9.28
C MET R 81 27.43 44.98 -9.03
N LEU R 82 28.11 44.43 -8.03
CA LEU R 82 27.85 43.04 -7.65
C LEU R 82 26.39 42.82 -7.25
N PHE R 83 25.75 43.82 -6.66
CA PHE R 83 24.39 43.65 -6.16
C PHE R 83 23.37 43.47 -7.27
N VAL R 84 23.65 43.91 -8.50
CA VAL R 84 22.77 43.61 -9.62
C VAL R 84 23.27 42.38 -10.39
N GLU R 85 24.59 42.16 -10.44
CA GLU R 85 25.11 40.93 -11.05
C GLU R 85 24.62 39.69 -10.29
N ASN R 86 24.44 39.79 -8.97
CA ASN R 86 24.01 38.69 -8.12
C ASN R 86 22.56 38.76 -7.70
N TYR R 87 22.07 39.90 -7.21
CA TYR R 87 20.71 39.96 -6.74
C TYR R 87 19.76 40.68 -7.70
N GLY R 88 20.21 41.08 -8.90
CA GLY R 88 19.35 41.85 -9.78
C GLY R 88 18.17 41.07 -10.35
N GLN R 89 18.43 39.81 -10.77
CA GLN R 89 17.38 38.98 -11.34
C GLN R 89 16.20 38.89 -10.39
N LYS R 90 16.47 38.60 -9.13
CA LYS R 90 15.38 38.49 -8.18
C LYS R 90 14.68 39.81 -8.01
N ILE R 91 15.41 40.93 -8.15
CA ILE R 91 14.81 42.24 -8.00
C ILE R 91 13.87 42.51 -9.17
N ILE R 92 14.26 42.09 -10.37
CA ILE R 92 13.39 42.28 -11.51
C ILE R 92 12.10 41.46 -11.31
N LYS R 93 12.24 40.24 -10.77
CA LYS R 93 11.10 39.34 -10.59
C LYS R 93 10.06 39.91 -9.63
N LYS R 94 10.49 40.54 -8.56
CA LYS R 94 9.63 41.15 -7.55
C LYS R 94 9.33 42.62 -7.80
N ASN R 95 9.80 43.14 -8.94
CA ASN R 95 9.62 44.55 -9.32
C ASN R 95 10.10 45.54 -8.27
N LEU R 96 11.26 45.32 -7.65
CA LEU R 96 11.74 46.31 -6.69
C LEU R 96 12.69 47.32 -7.33
N CYS R 97 12.52 47.49 -8.65
CA CYS R 97 13.47 48.27 -9.42
C CYS R 97 13.53 49.71 -8.98
N ARG R 98 12.38 50.31 -8.70
CA ARG R 98 12.42 51.71 -8.31
C ARG R 98 12.80 51.90 -6.84
N ASN R 99 12.44 50.95 -5.96
CA ASN R 99 12.97 51.01 -4.60
C ASN R 99 14.47 50.79 -4.59
N PHE R 100 14.97 49.97 -5.52
CA PHE R 100 16.42 49.85 -5.68
C PHE R 100 17.04 51.16 -6.15
N MET R 101 16.35 51.88 -7.02
CA MET R 101 16.83 53.20 -7.44
C MET R 101 16.92 54.11 -6.24
N LEU R 102 15.86 54.12 -5.43
CA LEU R 102 15.89 54.89 -4.18
C LEU R 102 17.09 54.48 -3.32
N HIS R 103 17.39 53.19 -3.24
CA HIS R 103 18.56 52.74 -2.50
C HIS R 103 19.83 53.37 -3.06
N LEU R 104 20.00 53.32 -4.39
CA LEU R 104 21.19 53.88 -5.02
C LEU R 104 21.33 55.35 -4.69
N VAL R 105 20.22 56.08 -4.69
CA VAL R 105 20.24 57.50 -4.35
C VAL R 105 20.63 57.70 -2.89
N SER R 106 20.05 56.94 -1.97
CA SER R 106 20.49 57.00 -0.58
C SER R 106 21.96 56.65 -0.48
N MET R 107 22.39 55.57 -1.12
CA MET R 107 23.82 55.27 -1.12
C MET R 107 24.64 56.43 -1.69
N HIS R 108 24.09 57.16 -2.66
CA HIS R 108 24.79 58.32 -3.18
C HIS R 108 24.77 59.47 -2.18
N ASP R 109 23.63 59.68 -1.54
CA ASP R 109 23.57 60.71 -0.51
C ASP R 109 24.57 60.41 0.58
N PHE R 110 24.63 59.16 1.03
CA PHE R 110 25.59 58.90 2.09
C PHE R 110 27.05 59.05 1.64
N ASN R 111 27.33 59.45 0.39
CA ASN R 111 28.68 59.75 -0.10
C ASN R 111 29.53 58.52 -0.36
N LEU R 112 28.89 57.36 -0.52
CA LEU R 112 29.57 56.11 -0.78
C LEU R 112 29.87 55.84 -2.25
N ILE R 113 28.97 56.19 -3.18
CA ILE R 113 29.12 55.84 -4.59
C ILE R 113 29.18 57.09 -5.47
N SER R 114 29.96 56.98 -6.56
CA SER R 114 29.98 58.02 -7.59
C SER R 114 28.64 58.06 -8.32
N ILE R 115 28.32 59.21 -8.90
CA ILE R 115 27.02 59.34 -9.52
C ILE R 115 26.93 58.59 -10.86
N MET R 116 28.02 58.49 -11.62
CA MET R 116 27.97 57.71 -12.85
C MET R 116 27.86 56.21 -12.57
N SER R 117 27.80 55.81 -11.29
CA SER R 117 27.52 54.42 -10.96
C SER R 117 26.03 54.15 -10.83
N ILE R 118 25.25 55.16 -10.44
CA ILE R 118 23.79 55.02 -10.48
C ILE R 118 23.36 54.75 -11.91
N ASP R 119 23.82 55.59 -12.84
CA ASP R 119 23.51 55.41 -14.25
C ASP R 119 23.99 54.04 -14.74
N LYS R 120 25.23 53.71 -14.41
CA LYS R 120 25.80 52.43 -14.82
C LYS R 120 25.08 51.26 -14.17
N ALA R 121 24.46 51.47 -13.02
CA ALA R 121 23.80 50.34 -12.36
C ALA R 121 22.42 50.09 -12.92
N VAL R 122 21.58 51.12 -12.99
CA VAL R 122 20.27 50.95 -13.60
C VAL R 122 20.40 50.51 -15.05
N THR R 123 21.54 50.83 -15.68
CA THR R 123 21.83 50.32 -17.02
C THR R 123 22.02 48.81 -17.00
N LYS R 124 22.87 48.31 -16.10
CA LYS R 124 23.09 46.88 -16.01
C LYS R 124 21.80 46.14 -15.64
N LEU R 125 20.99 46.72 -14.74
CA LEU R 125 19.73 46.09 -14.33
C LEU R 125 18.75 46.01 -15.49
N ARG R 126 18.54 47.13 -16.19
CA ARG R 126 17.62 47.15 -17.32
C ARG R 126 18.20 46.48 -18.56
N GLU R 127 19.50 46.21 -18.58
CA GLU R 127 20.09 45.42 -19.65
C GLU R 127 19.71 43.94 -19.58
N MET R 128 19.41 43.44 -18.38
CA MET R 128 18.92 42.08 -18.16
C MET R 128 17.40 41.98 -18.01
N GLN R 129 16.67 43.11 -18.11
CA GLN R 129 15.21 43.02 -18.24
C GLN R 129 14.82 42.41 -19.60
N THR S 2 29.69 44.27 44.33
CA THR S 2 28.61 44.27 43.33
C THR S 2 29.18 44.30 41.93
N LYS S 3 30.25 45.07 41.74
CA LYS S 3 30.94 45.11 40.46
C LYS S 3 31.42 43.72 40.03
N ALA S 4 30.98 43.34 38.84
CA ALA S 4 31.35 42.08 38.21
C ALA S 4 32.78 42.07 37.72
N ALA S 5 33.47 40.97 37.96
CA ALA S 5 34.83 40.78 37.50
C ALA S 5 34.93 40.79 35.98
N ARG S 6 35.96 41.46 35.46
CA ARG S 6 36.14 41.58 34.03
C ARG S 6 37.61 41.41 33.70
N MET S 7 37.86 40.87 32.52
CA MET S 7 39.22 40.66 32.03
C MET S 7 39.77 41.97 31.47
N SER S 8 40.78 42.53 32.13
CA SER S 8 41.33 43.80 31.64
C SER S 8 42.42 43.55 30.61
N ALA S 9 42.72 44.58 29.84
CA ALA S 9 43.74 44.48 28.82
C ALA S 9 44.88 45.44 29.12
N PRO S 10 46.13 45.08 28.80
CA PRO S 10 47.28 45.95 29.03
C PRO S 10 47.20 47.27 28.30
N LEU T 2 5.92 32.21 47.39
CA LEU T 2 6.35 32.73 46.09
C LEU T 2 7.85 32.39 45.93
N GLN T 3 8.65 33.43 45.62
CA GLN T 3 10.14 33.54 45.59
C GLN T 3 10.71 32.49 44.63
N ALA T 4 11.91 31.94 44.89
CA ALA T 4 12.65 30.93 44.12
C ALA T 4 12.20 29.48 44.31
N GLN T 5 12.23 28.71 43.25
CA GLN T 5 11.81 27.32 43.37
C GLN T 5 12.85 26.45 44.02
N ARG T 6 12.38 25.49 44.79
CA ARG T 6 13.27 24.54 45.36
C ARG T 6 12.88 23.22 44.70
N M3L T 7 13.86 22.37 44.39
CA M3L T 7 13.59 21.08 43.81
CB M3L T 7 14.83 20.44 43.15
CG M3L T 7 14.46 19.53 42.02
CD M3L T 7 15.72 18.82 41.56
CE M3L T 7 15.40 17.96 40.34
NZ M3L T 7 16.46 17.21 39.56
C M3L T 7 13.01 20.03 44.78
O M3L T 7 12.24 19.13 44.42
CM1 M3L T 7 15.92 16.02 38.84
CM2 M3L T 7 17.74 16.93 40.30
CM3 M3L T 7 16.80 18.07 38.41
N PHE T 8 13.39 20.14 46.05
CA PHE T 8 12.86 19.23 47.07
C PHE T 8 12.34 19.98 48.31
N ALA T 9 11.40 19.41 49.06
CA ALA T 9 11.00 20.06 50.30
C ALA T 9 12.07 19.81 51.37
N GLN T 10 12.16 20.70 52.36
CA GLN T 10 13.23 20.54 53.36
C GLN T 10 13.10 19.22 54.10
N SER T 11 11.88 18.86 54.52
CA SER T 11 11.54 17.61 55.22
C SER T 11 10.12 17.68 55.78
ZN ZN U . -6.48 -25.39 -17.31
ZN ZN V . -18.37 9.80 -5.65
ZN ZN W . 6.00 -13.81 -27.75
ZN ZN X . 8.41 -15.03 -25.18
ZN ZN Y . 5.35 -17.17 -25.96
ZN ZN Z . -11.86 -20.24 -39.08
ZN ZN AA . -8.55 -19.05 -38.22
ZN ZN BA . -9.55 -19.55 -41.35
N SAH CA . -11.01 -53.75 -31.16
CA SAH CA . -10.88 -53.19 -29.81
CB SAH CA . -10.93 -51.66 -29.79
CG SAH CA . -9.69 -51.03 -30.41
SD SAH CA . -8.42 -50.68 -29.17
C SAH CA . -11.93 -53.77 -28.89
O SAH CA . -12.01 -53.45 -27.71
OXT SAH CA . -12.70 -54.61 -29.33
C5' SAH CA . -7.05 -51.32 -30.16
C4' SAH CA . -6.68 -52.78 -29.87
O4' SAH CA . -7.74 -53.61 -30.33
C3' SAH CA . -5.40 -53.30 -30.52
O3' SAH CA . -4.26 -53.18 -29.68
C2' SAH CA . -5.78 -54.74 -30.81
O2' SAH CA . -5.60 -55.54 -29.68
C1' SAH CA . -7.28 -54.73 -31.02
N9 SAH CA . -7.48 -54.47 -32.44
C8 SAH CA . -7.81 -53.28 -33.03
N7 SAH CA . -7.87 -53.44 -34.37
C5 SAH CA . -7.54 -54.72 -34.64
C6 SAH CA . -7.45 -55.43 -35.83
N6 SAH CA . -7.68 -54.81 -36.99
N1 SAH CA . -7.10 -56.76 -35.79
C2 SAH CA . -6.85 -57.39 -34.59
N3 SAH CA . -6.96 -56.69 -33.42
C4 SAH CA . -7.30 -55.37 -33.45
ZN ZN DA . -62.36 -21.15 19.59
ZN ZN EA . -41.86 -54.59 22.38
ZN ZN FA . -75.74 -32.88 28.70
ZN ZN GA . -74.73 -30.58 31.57
ZN ZN HA . -74.20 -29.12 28.08
ZN ZN IA . -78.27 -30.84 6.47
ZN ZN JA . -79.06 -31.58 10.03
ZN ZN KA . -81.49 -32.18 7.96
N SAH LA . -75.92 2.89 3.89
CA SAH LA . -74.82 2.88 4.85
CB SAH LA . -74.49 1.47 5.32
CG SAH LA . -75.43 0.92 6.37
SD SAH LA . -74.74 1.10 8.03
C SAH LA . -73.64 3.69 4.31
O SAH LA . -73.88 4.52 3.44
OXT SAH LA . -72.48 3.57 4.73
C5' SAH LA . -76.36 1.73 8.53
C4' SAH LA . -76.48 3.25 8.59
O4' SAH LA . -76.56 3.76 7.27
C3' SAH LA . -77.74 3.77 9.27
O3' SAH LA . -77.59 4.00 10.66
C2' SAH LA . -77.99 5.07 8.53
O2' SAH LA . -77.20 6.09 9.08
C1' SAH LA . -77.51 4.78 7.13
N9 SAH LA . -78.67 4.19 6.46
C8 SAH LA . -78.96 2.87 6.27
N7 SAH LA . -80.16 2.73 5.66
C5 SAH LA . -80.65 3.94 5.48
C6 SAH LA . -81.82 4.35 4.90
N6 SAH LA . -82.68 3.44 4.42
N1 SAH LA . -82.07 5.71 4.85
C2 SAH LA . -81.15 6.61 5.36
N3 SAH LA . -79.97 6.20 5.93
C4 SAH LA . -79.74 4.87 5.98
ZN ZN MA . 55.08 33.66 -31.20
ZN ZN NA . 78.83 58.55 -12.47
ZN ZN OA . 57.42 47.34 -45.15
ZN ZN PA . 59.52 44.37 -46.53
ZN ZN QA . 56.76 43.37 -44.20
ZN ZN RA . 38.71 49.16 -32.80
ZN ZN SA . 41.28 49.40 -35.86
ZN ZN TA . 38.28 51.17 -36.12
N SAH UA . 29.23 16.60 -35.16
CA SAH UA . 30.50 16.27 -34.53
CB SAH UA . 31.28 17.48 -34.06
CG SAH UA . 31.67 18.30 -35.26
SD SAH UA . 33.08 17.60 -36.12
C SAH UA . 30.26 15.30 -33.39
O SAH UA . 31.20 14.92 -32.67
OXT SAH UA . 29.11 14.88 -33.22
C5' SAH UA . 32.01 17.59 -37.56
C4' SAH UA . 31.70 16.17 -38.05
O4' SAH UA . 30.40 15.81 -37.61
C3' SAH UA . 31.68 15.95 -39.57
O3' SAH UA . 32.93 15.52 -40.09
C2' SAH UA . 30.57 14.91 -39.80
O2' SAH UA . 31.09 13.60 -39.91
C1' SAH UA . 29.68 15.06 -38.57
N9 SAH UA . 28.54 15.91 -38.94
C8 SAH UA . 28.39 17.24 -38.64
N7 SAH UA . 27.24 17.69 -39.18
C5 SAH UA . 26.64 16.66 -39.83
C6 SAH UA . 25.45 16.56 -40.56
N6 SAH UA . 24.65 17.61 -40.71
N1 SAH UA . 25.09 15.35 -41.12
C2 SAH UA . 25.91 14.26 -40.96
N3 SAH UA . 27.09 14.37 -40.25
C4 SAH UA . 27.45 15.55 -39.69
ZN ZN VA . 26.49 49.91 11.84
ZN ZN WA . 17.82 65.49 -23.31
ZN ZN XA . 36.28 66.91 13.61
ZN ZN YA . 33.43 67.46 16.26
ZN ZN ZA . 34.40 63.86 15.34
ZN ZN AB . 49.17 49.65 7.10
ZN ZN BB . 47.94 53.16 8.94
ZN ZN CB . 51.18 52.15 8.57
N SAH DB . 38.04 26.88 30.26
CA SAH DB . 36.81 27.62 30.54
CB SAH DB . 36.66 28.77 29.53
CG SAH DB . 37.24 30.10 29.98
SD SAH DB . 36.01 31.34 30.40
C SAH DB . 35.63 26.64 30.65
O SAH DB . 34.70 26.65 29.85
OXT SAH DB . 35.62 25.82 31.57
C5' SAH DB . 36.97 31.66 31.89
C4' SAH DB . 36.54 30.86 33.13
O4' SAH DB . 37.13 29.58 33.14
C3' SAH DB . 36.92 31.45 34.49
O3' SAH DB . 35.89 32.23 35.02
C2' SAH DB . 37.14 30.27 35.41
O2' SAH DB . 35.94 29.93 36.08
C1' SAH DB . 37.59 29.21 34.43
N9 SAH DB . 39.07 29.32 34.39
C8 SAH DB . 39.86 29.93 33.44
N7 SAH DB . 41.16 29.83 33.80
C5 SAH DB . 41.20 29.16 34.97
C6 SAH DB . 42.26 28.78 35.77
N6 SAH DB . 43.51 29.06 35.44
N1 SAH DB . 42.01 28.10 36.94
C2 SAH DB . 40.71 27.81 37.29
N3 SAH DB . 39.65 28.19 36.50
C4 SAH DB . 39.90 28.84 35.35
#